data_4AB7
#
_entry.id   4AB7
#
_cell.length_a   92.883
_cell.length_b   103.269
_cell.length_c   111.313
_cell.angle_alpha   77.31
_cell.angle_beta   89.27
_cell.angle_gamma   70.43
#
_symmetry.space_group_name_H-M   'P 1'
#
loop_
_entity.id
_entity.type
_entity.pdbx_description
1 polymer 'PROTEIN ARG5,6, MITOCHONDRIAL'
2 non-polymer N-ACETYL-L-GLUTAMATE
#
_entity_poly.entity_id   1
_entity_poly.type   'polypeptide(L)'
_entity_poly.pdbx_seq_one_letter_code
;MGHHHHHHVSSTNGFSATRSTVIQLLNNISTKREVEQYLKYFTSVSQQQFAVIKVGGAIISDNLHELASCLAFLYHVGLY
PIVLHGTGPQVNGRLEAQGIEPDYIDGIRITDEHTMAVVRKCFLEQNLKLVTALEQLGVRARPITSGVFTADYLDKDKYK
LVGNIKSVTKEPIEASIKAGALPILTSLAETASGQMLNVNADVAAGELARVFEPLKIVYLNEKGGIINGSTGEKISMINL
DEEYDDLMKQSWVKYGTKLKIREIKELLDYLPRSSSVAIINVQDLQKELFTDSGAGTMIRRGYKLVKRSSIGEFPSADAL
RKALQRDAGISSGKESVASYLRYLENSDFVSYADEPLEAVAIVKKDTNVPTLDKFVCSDAAWLNNVTDNVFNVLRRDFPA
LQWVVSENDANIAWHFDKSQGSYLKGGKVLFWYGIDDINTISELVENFVKSCDTASTLNSSASS
;
_entity_poly.pdbx_strand_id   A,B,C,D,E,F,G,H
#
loop_
_chem_comp.id
_chem_comp.type
_chem_comp.name
_chem_comp.formula
NLG non-polymer N-ACETYL-L-GLUTAMATE 'C7 H11 N O5'
#
# COMPACT_ATOMS: atom_id res chain seq x y z
N GLN A 49 -25.18 17.37 -8.29
CA GLN A 49 -25.30 18.31 -7.08
C GLN A 49 -26.76 18.31 -6.61
N PHE A 50 -27.11 18.53 -5.34
CA PHE A 50 -28.39 17.96 -4.90
C PHE A 50 -29.70 18.71 -5.17
N ALA A 51 -29.89 19.87 -4.55
CA ALA A 51 -31.15 20.60 -4.70
C ALA A 51 -31.01 22.07 -4.39
N VAL A 52 -31.78 22.88 -5.12
CA VAL A 52 -32.06 24.29 -4.76
C VAL A 52 -33.52 24.33 -4.27
N ILE A 53 -33.74 24.86 -3.08
CA ILE A 53 -35.07 24.91 -2.50
C ILE A 53 -35.43 26.36 -2.26
N LYS A 54 -36.42 26.86 -2.99
CA LYS A 54 -36.96 28.20 -2.75
C LYS A 54 -38.06 28.12 -1.69
N VAL A 55 -37.87 28.85 -0.60
CA VAL A 55 -38.83 28.88 0.48
C VAL A 55 -39.53 30.21 0.52
N GLY A 56 -40.85 30.17 0.41
CA GLY A 56 -41.66 31.37 0.63
C GLY A 56 -41.48 31.89 2.05
N GLY A 57 -41.45 33.19 2.25
CA GLY A 57 -41.29 33.77 3.61
C GLY A 57 -42.38 33.33 4.57
N ALA A 58 -43.60 33.22 4.05
CA ALA A 58 -44.76 32.75 4.81
C ALA A 58 -44.48 31.52 5.66
N ILE A 59 -43.58 30.67 5.16
CA ILE A 59 -43.28 29.34 5.74
C ILE A 59 -42.38 29.49 6.95
N ILE A 60 -41.46 30.42 6.88
CA ILE A 60 -40.53 30.61 7.99
C ILE A 60 -41.28 31.12 9.17
N SER A 61 -42.36 31.86 8.94
CA SER A 61 -43.17 32.36 10.02
C SER A 61 -44.07 31.26 10.57
N ASP A 62 -44.70 30.49 9.68
CA ASP A 62 -45.83 29.63 10.06
C ASP A 62 -45.53 28.14 10.10
N ASN A 63 -44.34 27.75 9.71
CA ASN A 63 -43.98 26.34 9.73
C ASN A 63 -42.50 26.13 9.92
N LEU A 64 -41.89 26.92 10.80
CA LEU A 64 -40.47 26.81 11.00
C LEU A 64 -40.06 25.38 11.39
N HIS A 65 -40.84 24.72 12.25
CA HIS A 65 -40.47 23.35 12.72
C HIS A 65 -40.59 22.36 11.61
N GLU A 66 -41.77 22.33 10.98
CA GLU A 66 -42.01 21.46 9.82
C GLU A 66 -40.82 21.57 8.84
N LEU A 67 -40.49 22.80 8.46
CA LEU A 67 -39.45 23.09 7.48
C LEU A 67 -38.09 22.66 7.98
N ALA A 68 -37.74 23.14 9.18
CA ALA A 68 -36.42 22.88 9.76
C ALA A 68 -36.16 21.39 9.93
N SER A 69 -37.12 20.67 10.50
CA SER A 69 -36.95 19.25 10.77
C SER A 69 -36.73 18.52 9.45
N CYS A 70 -37.43 18.98 8.44
CA CYS A 70 -37.33 18.40 7.15
C CYS A 70 -35.96 18.63 6.45
N LEU A 71 -35.47 19.86 6.48
CA LEU A 71 -34.11 20.13 5.98
C LEU A 71 -33.09 19.33 6.80
N ALA A 72 -33.32 19.28 8.11
CA ALA A 72 -32.46 18.55 9.06
C ALA A 72 -32.34 17.09 8.66
N PHE A 73 -33.43 16.51 8.19
CA PHE A 73 -33.40 15.15 7.70
C PHE A 73 -32.48 14.99 6.50
N LEU A 74 -32.58 15.90 5.56
CA LEU A 74 -31.70 15.87 4.42
C LEU A 74 -30.26 16.00 4.89
N TYR A 75 -30.01 16.95 5.77
CA TYR A 75 -28.65 17.15 6.31
C TYR A 75 -28.13 15.86 6.92
N HIS A 76 -29.01 15.11 7.58
CA HIS A 76 -28.60 13.92 8.30
C HIS A 76 -28.25 12.82 7.37
N VAL A 77 -29.05 12.59 6.35
CA VAL A 77 -28.70 11.57 5.36
C VAL A 77 -27.57 12.02 4.42
N GLY A 78 -26.88 13.12 4.74
CA GLY A 78 -25.72 13.56 3.98
C GLY A 78 -25.98 14.44 2.73
N LEU A 79 -27.22 14.90 2.56
CA LEU A 79 -27.54 15.77 1.43
C LEU A 79 -27.47 17.28 1.86
N TYR A 80 -27.09 18.18 0.93
CA TYR A 80 -26.84 19.60 1.24
C TYR A 80 -27.62 20.49 0.26
N PRO A 81 -28.88 20.72 0.58
CA PRO A 81 -29.65 21.61 -0.24
C PRO A 81 -29.19 23.05 -0.14
N ILE A 82 -29.17 23.78 -1.24
CA ILE A 82 -29.03 25.22 -1.24
C ILE A 82 -30.39 25.83 -0.96
N VAL A 83 -30.53 26.61 0.10
CA VAL A 83 -31.84 27.12 0.50
C VAL A 83 -31.90 28.61 0.32
N LEU A 84 -32.92 29.08 -0.36
CA LEU A 84 -33.05 30.47 -0.72
C LEU A 84 -34.45 30.90 -0.32
N HIS A 85 -34.57 31.96 0.48
CA HIS A 85 -35.89 32.38 0.94
C HIS A 85 -36.27 33.81 0.72
N GLY A 86 -37.57 34.05 0.66
CA GLY A 86 -38.12 35.40 0.63
C GLY A 86 -38.50 35.93 2.00
N THR A 87 -39.32 36.98 1.99
CA THR A 87 -39.92 37.56 3.19
C THR A 87 -41.06 38.46 2.73
N GLY A 88 -42.21 37.86 2.50
CA GLY A 88 -43.33 38.61 1.92
C GLY A 88 -44.21 39.19 3.01
N PRO A 89 -45.03 38.34 3.64
CA PRO A 89 -46.04 38.73 4.63
C PRO A 89 -45.53 39.62 5.77
N GLN A 90 -44.44 39.18 6.37
CA GLN A 90 -43.83 39.85 7.51
C GLN A 90 -43.67 41.36 7.24
N VAL A 91 -43.18 41.66 6.04
CA VAL A 91 -42.77 43.00 5.67
C VAL A 91 -43.91 43.95 5.57
N ASN A 92 -44.98 43.54 4.93
CA ASN A 92 -46.15 44.43 4.83
C ASN A 92 -46.68 44.84 6.21
N GLY A 93 -46.68 43.90 7.15
CA GLY A 93 -47.13 44.18 8.51
C GLY A 93 -46.29 45.26 9.18
N ARG A 94 -44.99 45.22 8.93
CA ARG A 94 -44.08 46.23 9.48
C ARG A 94 -44.23 47.58 8.83
N LEU A 95 -44.27 47.61 7.50
CA LEU A 95 -44.48 48.89 6.78
C LEU A 95 -45.77 49.59 7.25
N GLU A 96 -46.81 48.81 7.55
CA GLU A 96 -48.03 49.35 8.11
C GLU A 96 -47.72 49.90 9.49
N ALA A 97 -47.06 49.08 10.31
CA ALA A 97 -46.64 49.45 11.68
C ALA A 97 -45.84 50.76 11.75
N GLN A 98 -45.19 51.12 10.64
CA GLN A 98 -44.48 52.40 10.51
C GLN A 98 -45.20 53.42 9.63
N GLY A 99 -46.43 53.10 9.21
CA GLY A 99 -47.27 54.02 8.43
C GLY A 99 -46.76 54.30 7.03
N ILE A 100 -46.26 53.25 6.38
CA ILE A 100 -45.85 53.27 4.96
C ILE A 100 -46.85 52.39 4.21
N GLU A 101 -47.44 52.86 3.12
CA GLU A 101 -48.38 52.02 2.37
C GLU A 101 -47.55 51.08 1.53
N PRO A 102 -47.76 49.76 1.71
CA PRO A 102 -47.10 48.85 0.79
C PRO A 102 -47.53 49.17 -0.64
N ASP A 103 -46.62 49.02 -1.59
CA ASP A 103 -46.80 49.60 -2.92
C ASP A 103 -46.25 48.71 -4.04
N TYR A 104 -47.12 48.34 -4.98
CA TYR A 104 -46.75 47.46 -6.08
C TYR A 104 -47.18 48.05 -7.41
N ILE A 105 -46.36 47.89 -8.44
CA ILE A 105 -46.85 47.90 -9.83
C ILE A 105 -46.37 46.62 -10.48
N ASP A 106 -47.22 46.04 -11.33
CA ASP A 106 -46.83 44.90 -12.16
C ASP A 106 -46.43 43.69 -11.33
N GLY A 107 -47.04 43.55 -10.16
CA GLY A 107 -46.70 42.46 -9.25
C GLY A 107 -45.33 42.58 -8.60
N ILE A 108 -44.65 43.71 -8.78
CA ILE A 108 -43.33 43.98 -8.18
C ILE A 108 -43.50 45.00 -7.06
N ARG A 109 -42.75 44.86 -5.97
CA ARG A 109 -42.80 45.84 -4.90
C ARG A 109 -41.96 47.07 -5.24
N ILE A 110 -42.61 48.22 -5.30
CA ILE A 110 -41.86 49.47 -5.42
C ILE A 110 -41.09 49.65 -4.11
N THR A 111 -39.80 49.36 -4.13
CA THR A 111 -38.98 49.39 -2.94
C THR A 111 -38.23 50.72 -2.88
N ASP A 112 -38.82 51.73 -2.25
CA ASP A 112 -38.14 53.02 -2.10
C ASP A 112 -37.12 52.93 -0.97
N GLU A 113 -36.50 54.05 -0.66
CA GLU A 113 -35.40 54.10 0.28
C GLU A 113 -35.81 53.59 1.68
N HIS A 114 -36.93 54.08 2.22
CA HIS A 114 -37.39 53.66 3.55
C HIS A 114 -37.87 52.24 3.57
N THR A 115 -38.61 51.86 2.55
CA THR A 115 -39.14 50.53 2.50
C THR A 115 -38.02 49.53 2.46
N MET A 116 -36.90 49.88 1.84
CA MET A 116 -35.76 48.93 1.74
C MET A 116 -35.25 48.62 3.12
N ALA A 117 -35.17 49.62 3.97
CA ALA A 117 -34.75 49.42 5.36
C ALA A 117 -35.62 48.41 6.07
N VAL A 118 -36.93 48.44 5.86
CA VAL A 118 -37.80 47.44 6.48
C VAL A 118 -37.61 46.07 5.87
N VAL A 119 -37.54 46.04 4.55
CA VAL A 119 -37.28 44.79 3.81
C VAL A 119 -35.95 44.12 4.23
N ARG A 120 -34.90 44.92 4.39
CA ARG A 120 -33.60 44.38 4.72
C ARG A 120 -33.63 43.74 6.08
N LYS A 121 -34.20 44.45 7.04
CA LYS A 121 -34.31 44.00 8.42
C LYS A 121 -35.08 42.68 8.45
N CYS A 122 -36.14 42.58 7.70
CA CYS A 122 -36.97 41.37 7.69
C CYS A 122 -36.29 40.23 7.09
N PHE A 123 -35.60 40.48 6.00
CA PHE A 123 -34.79 39.42 5.42
C PHE A 123 -33.78 38.85 6.42
N LEU A 124 -33.04 39.73 7.07
CA LEU A 124 -32.00 39.26 7.94
C LEU A 124 -32.59 38.46 9.10
N GLU A 125 -33.76 38.89 9.61
CA GLU A 125 -34.36 38.24 10.77
C GLU A 125 -34.86 36.87 10.39
N GLN A 126 -35.72 36.85 9.39
CA GLN A 126 -36.25 35.62 8.86
C GLN A 126 -35.13 34.63 8.63
N ASN A 127 -34.02 35.12 8.12
CA ASN A 127 -32.88 34.28 7.78
C ASN A 127 -32.18 33.68 9.02
N LEU A 128 -31.90 34.47 10.06
CA LEU A 128 -31.39 33.88 11.30
C LEU A 128 -32.36 32.94 11.90
N LYS A 129 -33.63 33.30 11.82
CA LYS A 129 -34.65 32.46 12.43
C LYS A 129 -34.49 31.03 11.94
N LEU A 130 -34.30 30.89 10.62
CA LEU A 130 -34.20 29.58 9.99
C LEU A 130 -32.89 28.95 10.36
N VAL A 131 -31.82 29.73 10.32
CA VAL A 131 -30.50 29.21 10.67
C VAL A 131 -30.54 28.70 12.12
N THR A 132 -30.84 29.58 13.06
CA THR A 132 -31.00 29.16 14.46
C THR A 132 -31.82 27.86 14.58
N ALA A 133 -32.98 27.83 13.93
CA ALA A 133 -33.89 26.68 13.98
C ALA A 133 -33.16 25.43 13.63
N LEU A 134 -32.49 25.46 12.51
CA LEU A 134 -31.70 24.35 12.05
C LEU A 134 -30.57 23.95 13.00
N GLU A 135 -29.88 24.95 13.54
CA GLU A 135 -28.79 24.67 14.47
C GLU A 135 -29.33 23.89 15.65
N GLN A 136 -30.44 24.36 16.22
CA GLN A 136 -31.08 23.66 17.31
C GLN A 136 -31.32 22.19 17.03
N LEU A 137 -31.54 21.80 15.77
CA LEU A 137 -31.71 20.38 15.42
C LEU A 137 -30.39 19.69 15.03
N GLY A 138 -29.26 20.37 15.30
CA GLY A 138 -27.94 19.79 15.07
C GLY A 138 -27.37 19.98 13.66
N VAL A 139 -27.98 20.88 12.89
CA VAL A 139 -27.63 21.07 11.50
C VAL A 139 -26.82 22.33 11.37
N ARG A 140 -25.62 22.22 10.82
CA ARG A 140 -24.73 23.38 10.63
C ARG A 140 -25.33 24.23 9.49
N ALA A 141 -25.73 25.46 9.81
CA ALA A 141 -26.22 26.39 8.82
C ALA A 141 -25.34 27.61 8.78
N ARG A 142 -25.36 28.26 7.63
CA ARG A 142 -24.50 29.39 7.40
C ARG A 142 -25.26 30.47 6.69
N PRO A 143 -25.57 31.54 7.40
CA PRO A 143 -26.36 32.56 6.76
C PRO A 143 -25.52 33.29 5.73
N ILE A 144 -26.09 33.47 4.55
CA ILE A 144 -25.41 34.13 3.46
C ILE A 144 -26.33 35.25 2.93
N THR A 145 -26.22 36.41 3.55
CA THR A 145 -27.18 37.49 3.37
C THR A 145 -26.73 38.53 2.36
N SER A 146 -25.54 38.32 1.81
CA SER A 146 -25.03 39.14 0.71
C SER A 146 -23.88 38.44 0.00
N GLY A 147 -23.58 38.85 -1.22
CA GLY A 147 -22.34 38.46 -1.89
C GLY A 147 -22.50 37.30 -2.83
N VAL A 148 -23.76 36.95 -3.08
CA VAL A 148 -24.03 35.89 -4.00
C VAL A 148 -24.61 36.44 -5.30
N PHE A 149 -25.63 37.27 -5.22
CA PHE A 149 -26.20 37.87 -6.44
C PHE A 149 -25.73 39.31 -6.71
N THR A 150 -25.25 39.59 -7.92
CA THR A 150 -25.00 40.98 -8.35
C THR A 150 -26.06 41.39 -9.39
N ALA A 151 -26.58 42.61 -9.30
CA ALA A 151 -27.74 43.06 -10.10
C ALA A 151 -27.60 44.50 -10.60
N ASP A 152 -28.33 44.86 -11.68
CA ASP A 152 -28.53 46.29 -12.11
C ASP A 152 -29.91 46.65 -11.59
N TYR A 153 -30.29 47.91 -11.78
CA TYR A 153 -31.61 48.29 -11.40
C TYR A 153 -32.54 47.71 -12.45
N LEU A 154 -33.70 47.21 -12.04
CA LEU A 154 -34.67 46.69 -13.00
C LEU A 154 -35.28 47.87 -13.74
N ASP A 155 -35.74 48.88 -13.01
CA ASP A 155 -36.11 50.17 -13.59
C ASP A 155 -36.09 51.21 -12.46
N LYS A 156 -35.14 52.14 -12.52
CA LYS A 156 -34.83 52.91 -11.34
C LYS A 156 -35.96 53.84 -10.92
N ASP A 157 -36.83 54.25 -11.84
CA ASP A 157 -37.88 55.21 -11.44
C ASP A 157 -39.22 54.52 -11.24
N LYS A 158 -39.39 53.38 -11.88
CA LYS A 158 -40.61 52.62 -11.74
C LYS A 158 -40.57 51.91 -10.39
N TYR A 159 -39.51 51.16 -10.14
CA TYR A 159 -39.43 50.29 -8.98
C TYR A 159 -38.50 50.78 -7.88
N LYS A 160 -37.77 51.85 -8.14
CA LYS A 160 -36.74 52.31 -7.22
C LYS A 160 -35.75 51.16 -6.92
N LEU A 161 -35.54 50.79 -5.67
CA LEU A 161 -34.47 49.85 -5.32
C LEU A 161 -34.77 48.37 -5.58
N VAL A 162 -35.35 48.04 -6.73
CA VAL A 162 -35.53 46.64 -7.18
C VAL A 162 -34.47 46.32 -8.22
N GLY A 163 -33.93 45.12 -8.11
CA GLY A 163 -32.81 44.70 -8.89
C GLY A 163 -33.19 43.77 -10.02
N ASN A 164 -32.19 43.49 -10.85
CA ASN A 164 -32.28 42.56 -11.97
C ASN A 164 -31.00 41.75 -12.06
N ILE A 165 -31.05 40.45 -11.75
CA ILE A 165 -29.82 39.71 -11.47
C ILE A 165 -28.95 39.57 -12.66
N LYS A 166 -27.72 40.08 -12.60
CA LYS A 166 -26.80 39.98 -13.70
C LYS A 166 -25.86 38.81 -13.57
N SER A 167 -25.53 38.41 -12.36
CA SER A 167 -24.73 37.17 -12.16
C SER A 167 -24.76 36.56 -10.73
N VAL A 168 -24.32 35.31 -10.61
CA VAL A 168 -24.30 34.57 -9.35
C VAL A 168 -22.87 34.21 -9.02
N THR A 169 -22.45 34.51 -7.80
CA THR A 169 -21.10 34.12 -7.36
C THR A 169 -21.14 32.83 -6.54
N LYS A 170 -20.55 31.77 -7.04
CA LYS A 170 -20.67 30.49 -6.40
C LYS A 170 -19.92 30.38 -5.03
N GLU A 171 -18.79 31.06 -4.90
CA GLU A 171 -17.76 30.70 -3.90
C GLU A 171 -18.30 30.56 -2.48
N PRO A 172 -19.14 31.49 -2.03
CA PRO A 172 -19.75 31.40 -0.71
C PRO A 172 -20.57 30.13 -0.49
N ILE A 173 -21.36 29.76 -1.49
CA ILE A 173 -22.27 28.60 -1.40
C ILE A 173 -21.44 27.34 -1.40
N GLU A 174 -20.39 27.34 -2.20
CA GLU A 174 -19.51 26.18 -2.24
C GLU A 174 -18.75 26.06 -0.90
N ALA A 175 -18.11 27.13 -0.49
CA ALA A 175 -17.36 27.12 0.74
C ALA A 175 -18.18 26.52 1.84
N SER A 176 -19.45 26.86 1.85
CA SER A 176 -20.32 26.50 2.95
C SER A 176 -20.49 25.00 2.92
N ILE A 177 -20.86 24.51 1.76
CA ILE A 177 -21.12 23.08 1.61
C ILE A 177 -19.84 22.32 1.93
N LYS A 178 -18.73 22.73 1.32
CA LYS A 178 -17.43 22.13 1.62
C LYS A 178 -17.16 22.12 3.13
N ALA A 179 -17.53 23.17 3.85
CA ALA A 179 -17.34 23.23 5.30
C ALA A 179 -18.43 22.49 6.06
N GLY A 180 -19.36 21.83 5.36
CA GLY A 180 -20.33 20.96 6.01
C GLY A 180 -21.53 21.66 6.60
N ALA A 181 -21.78 22.88 6.09
CA ALA A 181 -22.93 23.67 6.53
C ALA A 181 -23.94 23.87 5.38
N LEU A 182 -25.23 23.83 5.69
CA LEU A 182 -26.26 24.26 4.77
C LEU A 182 -26.15 25.74 4.54
N PRO A 183 -26.10 26.17 3.28
CA PRO A 183 -26.18 27.58 2.99
C PRO A 183 -27.63 28.09 2.89
N ILE A 184 -27.91 29.17 3.59
CA ILE A 184 -29.22 29.74 3.64
C ILE A 184 -29.10 31.16 3.09
N LEU A 185 -29.49 31.30 1.84
CA LEU A 185 -29.45 32.56 1.09
C LEU A 185 -30.70 33.39 1.24
N THR A 186 -30.52 34.70 1.38
CA THR A 186 -31.61 35.68 1.17
C THR A 186 -31.59 36.06 -0.29
N SER A 187 -32.78 36.35 -0.86
CA SER A 187 -32.89 36.75 -2.26
C SER A 187 -32.72 38.25 -2.35
N LEU A 188 -31.48 38.68 -2.26
CA LEU A 188 -31.16 40.08 -2.10
C LEU A 188 -29.90 40.25 -2.89
N ALA A 189 -29.98 41.04 -3.96
CA ALA A 189 -28.82 41.24 -4.82
C ALA A 189 -28.13 42.54 -4.41
N GLU A 190 -27.10 42.92 -5.18
CA GLU A 190 -26.40 44.17 -4.91
C GLU A 190 -25.52 44.60 -6.07
N THR A 191 -25.61 45.88 -6.38
CA THR A 191 -24.86 46.48 -7.45
C THR A 191 -23.38 46.40 -7.16
N ALA A 192 -22.55 46.63 -8.16
CA ALA A 192 -21.12 46.55 -7.94
C ALA A 192 -20.79 47.49 -6.82
N SER A 193 -21.27 48.73 -6.93
CA SER A 193 -20.97 49.81 -5.97
C SER A 193 -21.45 49.52 -4.54
N GLY A 194 -22.37 48.57 -4.41
CA GLY A 194 -22.75 48.06 -3.12
C GLY A 194 -24.10 48.51 -2.63
N GLN A 195 -25.00 48.96 -3.49
CA GLN A 195 -26.38 49.26 -3.04
C GLN A 195 -27.16 47.95 -3.14
N MET A 196 -27.87 47.61 -2.07
CA MET A 196 -28.59 46.37 -2.04
C MET A 196 -29.86 46.60 -2.75
N LEU A 197 -30.23 45.66 -3.59
CA LEU A 197 -31.44 45.74 -4.38
C LEU A 197 -32.34 44.53 -4.04
N ASN A 198 -33.62 44.81 -3.87
CA ASN A 198 -34.64 43.78 -3.69
C ASN A 198 -34.88 43.07 -5.03
N VAL A 199 -34.95 41.74 -4.98
CA VAL A 199 -35.02 40.88 -6.15
C VAL A 199 -35.97 39.72 -5.91
N ASN A 200 -36.78 39.39 -6.92
CA ASN A 200 -37.76 38.29 -6.82
C ASN A 200 -37.20 36.90 -6.46
N ALA A 201 -37.68 36.34 -5.33
CA ALA A 201 -37.25 35.00 -4.80
C ALA A 201 -37.32 33.87 -5.82
N ASP A 202 -38.38 33.88 -6.62
CA ASP A 202 -38.57 32.85 -7.62
C ASP A 202 -37.55 32.98 -8.74
N VAL A 203 -37.14 34.20 -9.06
CA VAL A 203 -36.17 34.38 -10.14
C VAL A 203 -34.76 34.13 -9.67
N ALA A 204 -34.47 34.55 -8.47
CA ALA A 204 -33.21 34.20 -7.79
C ALA A 204 -33.00 32.68 -7.82
N ALA A 205 -34.05 31.95 -7.45
CA ALA A 205 -34.00 30.51 -7.34
C ALA A 205 -33.59 29.96 -8.66
N GLY A 206 -34.21 30.47 -9.69
CA GLY A 206 -33.88 30.01 -11.02
C GLY A 206 -32.43 30.27 -11.40
N GLU A 207 -31.94 31.44 -11.04
CA GLU A 207 -30.60 31.81 -11.39
C GLU A 207 -29.64 30.85 -10.74
N LEU A 208 -29.96 30.42 -9.52
CA LEU A 208 -29.10 29.44 -8.81
C LEU A 208 -29.15 28.14 -9.55
N ALA A 209 -30.36 27.69 -9.84
CA ALA A 209 -30.51 26.40 -10.49
C ALA A 209 -29.70 26.35 -11.76
N ARG A 210 -29.76 27.42 -12.51
CA ARG A 210 -29.02 27.48 -13.72
C ARG A 210 -27.52 27.24 -13.49
N VAL A 211 -26.95 27.87 -12.46
CA VAL A 211 -25.53 27.80 -12.18
C VAL A 211 -25.13 26.47 -11.59
N PHE A 212 -25.93 25.96 -10.67
CA PHE A 212 -25.58 24.77 -9.88
C PHE A 212 -26.14 23.46 -10.42
N GLU A 213 -26.96 23.53 -11.45
CA GLU A 213 -27.53 22.35 -12.10
C GLU A 213 -27.83 21.24 -11.12
N PRO A 214 -28.64 21.55 -10.14
CA PRO A 214 -29.03 20.57 -9.16
C PRO A 214 -30.06 19.61 -9.69
N LEU A 215 -30.25 18.49 -9.00
CA LEU A 215 -31.15 17.43 -9.46
C LEU A 215 -32.58 17.79 -9.16
N LYS A 216 -32.82 18.41 -8.02
CA LYS A 216 -34.16 18.78 -7.68
C LYS A 216 -34.23 20.28 -7.52
N ILE A 217 -35.33 20.85 -7.95
CA ILE A 217 -35.58 22.26 -7.74
C ILE A 217 -36.94 22.38 -7.12
N VAL A 218 -36.99 22.61 -5.84
CA VAL A 218 -38.22 22.54 -5.16
C VAL A 218 -38.70 23.94 -4.91
N TYR A 219 -39.96 24.18 -5.24
CA TYR A 219 -40.60 25.44 -4.95
C TYR A 219 -41.63 25.22 -3.83
N LEU A 220 -41.29 25.56 -2.60
CA LEU A 220 -42.25 25.36 -1.50
C LEU A 220 -43.33 26.43 -1.47
N ASN A 221 -44.58 26.01 -1.63
CA ASN A 221 -45.67 26.95 -1.46
C ASN A 221 -46.69 26.52 -0.41
N GLU A 222 -47.75 27.30 -0.26
CA GLU A 222 -48.82 26.97 0.67
C GLU A 222 -49.76 26.03 -0.07
N LYS A 223 -50.26 26.50 -1.21
CA LYS A 223 -51.22 25.77 -2.03
C LYS A 223 -51.01 24.24 -2.06
N GLY A 224 -49.77 23.81 -2.29
CA GLY A 224 -49.46 22.42 -2.60
C GLY A 224 -49.23 22.33 -4.10
N GLY A 225 -49.53 21.19 -4.68
CA GLY A 225 -49.36 20.94 -6.15
C GLY A 225 -50.20 21.77 -7.13
N ILE A 226 -50.41 21.24 -8.34
CA ILE A 226 -51.29 21.82 -9.36
C ILE A 226 -52.49 20.87 -9.48
N ILE A 227 -53.70 21.43 -9.43
CA ILE A 227 -54.92 20.62 -9.55
C ILE A 227 -55.54 20.86 -10.92
N ASN A 228 -55.76 19.76 -11.64
CA ASN A 228 -56.55 19.76 -12.86
C ASN A 228 -57.91 20.40 -12.58
N GLY A 229 -58.08 21.64 -13.03
CA GLY A 229 -59.29 22.42 -12.77
C GLY A 229 -60.61 21.87 -13.31
N SER A 230 -60.55 20.89 -14.22
CA SER A 230 -61.76 20.30 -14.80
C SER A 230 -62.18 18.95 -14.18
N THR A 231 -61.26 18.30 -13.44
CA THR A 231 -61.59 17.06 -12.72
C THR A 231 -61.08 16.98 -11.27
N GLY A 232 -60.44 18.03 -10.77
CA GLY A 232 -59.89 18.04 -9.41
C GLY A 232 -58.76 17.05 -9.17
N GLU A 233 -58.26 16.44 -10.25
CA GLU A 233 -57.23 15.42 -10.15
C GLU A 233 -55.91 16.09 -9.87
N LYS A 234 -55.44 16.00 -8.64
CA LYS A 234 -54.12 16.55 -8.33
C LYS A 234 -53.10 15.99 -9.35
N ILE A 235 -52.51 16.87 -10.16
CA ILE A 235 -51.54 16.46 -11.16
C ILE A 235 -50.25 16.16 -10.45
N SER A 236 -49.87 14.89 -10.38
CA SER A 236 -48.65 14.53 -9.65
C SER A 236 -47.39 14.53 -10.51
N MET A 237 -47.56 14.51 -11.83
CA MET A 237 -46.47 14.39 -12.76
C MET A 237 -46.73 15.17 -14.04
N ILE A 238 -45.68 15.73 -14.63
CA ILE A 238 -45.76 16.27 -15.99
C ILE A 238 -44.46 15.97 -16.76
N ASN A 239 -44.52 15.19 -17.83
CA ASN A 239 -43.40 15.06 -18.78
C ASN A 239 -43.59 16.07 -19.89
N LEU A 240 -42.85 17.17 -19.84
CA LEU A 240 -43.02 18.25 -20.78
C LEU A 240 -42.87 17.81 -22.24
N ASP A 241 -41.84 17.04 -22.57
CA ASP A 241 -41.62 16.72 -23.95
C ASP A 241 -42.88 16.13 -24.55
N GLU A 242 -43.60 15.33 -23.81
CA GLU A 242 -44.87 14.73 -24.30
C GLU A 242 -46.10 15.62 -24.07
N GLU A 243 -46.26 16.12 -22.86
CA GLU A 243 -47.52 16.66 -22.42
C GLU A 243 -47.68 18.16 -22.57
N TYR A 244 -46.59 18.89 -22.75
CA TYR A 244 -46.59 20.37 -22.61
C TYR A 244 -47.58 21.08 -23.49
N ASP A 245 -47.57 20.73 -24.77
CA ASP A 245 -48.39 21.44 -25.77
C ASP A 245 -49.85 21.35 -25.51
N ASP A 246 -50.31 20.16 -25.16
CA ASP A 246 -51.72 19.90 -25.00
C ASP A 246 -52.21 20.37 -23.64
N LEU A 247 -51.28 20.54 -22.72
CA LEU A 247 -51.63 21.05 -21.39
C LEU A 247 -51.84 22.56 -21.45
N MET A 248 -51.03 23.23 -22.25
CA MET A 248 -51.16 24.67 -22.42
C MET A 248 -52.40 25.04 -23.19
N LYS A 249 -52.83 24.14 -24.08
CA LYS A 249 -54.09 24.30 -24.80
C LYS A 249 -55.37 24.17 -23.97
N GLN A 250 -55.27 23.68 -22.73
CA GLN A 250 -56.47 23.38 -21.92
C GLN A 250 -57.32 24.58 -21.46
N SER A 251 -58.65 24.40 -21.49
CA SER A 251 -59.62 25.38 -20.99
C SER A 251 -59.30 25.86 -19.59
N TRP A 252 -59.02 24.91 -18.70
CA TRP A 252 -58.87 25.19 -17.27
C TRP A 252 -57.55 25.80 -16.85
N VAL A 253 -56.46 25.50 -17.56
CA VAL A 253 -55.14 26.04 -17.20
C VAL A 253 -55.16 27.57 -17.24
N LYS A 254 -55.23 28.15 -16.03
CA LYS A 254 -55.29 29.60 -15.87
C LYS A 254 -53.98 30.25 -16.27
N TYR A 255 -54.02 31.57 -16.46
CA TYR A 255 -52.88 32.34 -16.93
C TYR A 255 -51.69 32.18 -16.00
N GLY A 256 -51.95 32.28 -14.69
CA GLY A 256 -50.90 32.09 -13.68
C GLY A 256 -50.23 30.73 -13.79
N THR A 257 -50.99 29.70 -14.13
CA THR A 257 -50.44 28.36 -14.30
C THR A 257 -49.59 28.32 -15.56
N LYS A 258 -50.16 28.78 -16.68
CA LYS A 258 -49.42 28.82 -17.95
C LYS A 258 -48.03 29.42 -17.72
N LEU A 259 -47.99 30.58 -17.10
CA LEU A 259 -46.71 31.25 -16.92
C LEU A 259 -45.71 30.47 -16.04
N LYS A 260 -46.23 29.71 -15.07
CA LYS A 260 -45.38 28.95 -14.18
C LYS A 260 -44.83 27.79 -14.95
N ILE A 261 -45.70 27.03 -15.62
CA ILE A 261 -45.26 25.87 -16.39
C ILE A 261 -44.29 26.30 -17.49
N ARG A 262 -44.54 27.45 -18.10
CA ARG A 262 -43.68 27.91 -19.15
C ARG A 262 -42.31 28.24 -18.60
N GLU A 263 -42.26 28.88 -17.46
CA GLU A 263 -40.98 29.27 -16.89
C GLU A 263 -40.21 28.06 -16.41
N ILE A 264 -40.93 26.99 -16.07
CA ILE A 264 -40.30 25.75 -15.66
C ILE A 264 -39.70 25.06 -16.85
N LYS A 265 -40.42 25.07 -17.95
CA LYS A 265 -39.89 24.50 -19.19
C LYS A 265 -38.60 25.20 -19.53
N GLU A 266 -38.65 26.51 -19.55
CA GLU A 266 -37.49 27.29 -19.96
C GLU A 266 -36.26 26.93 -19.11
N LEU A 267 -36.50 26.67 -17.82
CA LEU A 267 -35.41 26.30 -16.94
C LEU A 267 -34.89 24.93 -17.29
N LEU A 268 -35.81 23.97 -17.39
CA LEU A 268 -35.40 22.58 -17.58
C LEU A 268 -34.78 22.29 -18.94
N ASP A 269 -35.06 23.15 -19.94
CA ASP A 269 -34.47 22.99 -21.31
C ASP A 269 -33.00 23.10 -21.33
N TYR A 270 -32.46 23.62 -20.28
CA TYR A 270 -31.05 23.56 -20.38
C TYR A 270 -30.31 22.78 -19.35
N LEU A 271 -30.98 22.45 -18.25
CA LEU A 271 -30.39 21.61 -17.24
C LEU A 271 -30.49 20.22 -17.81
N PRO A 272 -29.76 19.30 -17.21
CA PRO A 272 -29.81 17.90 -17.48
C PRO A 272 -31.21 17.33 -17.55
N ARG A 273 -31.32 16.15 -18.14
CA ARG A 273 -32.56 15.39 -18.11
C ARG A 273 -32.81 14.86 -16.72
N SER A 274 -31.73 14.64 -15.97
CA SER A 274 -31.84 14.14 -14.60
C SER A 274 -32.63 15.10 -13.68
N SER A 275 -32.64 16.38 -14.00
CA SER A 275 -33.18 17.37 -13.10
C SER A 275 -34.69 17.44 -13.22
N SER A 276 -35.30 17.99 -12.18
CA SER A 276 -36.76 18.11 -12.09
C SER A 276 -37.19 19.18 -11.13
N VAL A 277 -38.42 19.64 -11.31
CA VAL A 277 -38.95 20.74 -10.51
C VAL A 277 -40.11 20.17 -9.73
N ALA A 278 -40.19 20.48 -8.46
CA ALA A 278 -41.26 20.01 -7.63
C ALA A 278 -41.98 21.21 -7.07
N ILE A 279 -43.29 21.24 -7.22
CA ILE A 279 -44.11 22.24 -6.57
C ILE A 279 -44.83 21.50 -5.46
N ILE A 280 -44.38 21.69 -4.23
CA ILE A 280 -45.05 21.04 -3.11
C ILE A 280 -45.32 21.97 -1.92
N ASN A 281 -46.20 21.50 -1.06
CA ASN A 281 -46.47 22.06 0.24
C ASN A 281 -45.35 21.56 1.16
N VAL A 282 -45.09 22.27 2.25
CA VAL A 282 -43.96 21.94 3.10
C VAL A 282 -44.06 20.53 3.67
N GLN A 283 -45.22 20.13 4.16
CA GLN A 283 -45.32 18.84 4.87
C GLN A 283 -44.96 17.62 4.02
N ASP A 284 -45.39 17.62 2.78
CA ASP A 284 -45.17 16.44 1.98
C ASP A 284 -43.86 16.57 1.22
N LEU A 285 -42.88 17.25 1.84
CA LEU A 285 -41.62 17.49 1.18
C LEU A 285 -40.73 16.24 1.16
N GLN A 286 -40.42 15.71 2.34
CA GLN A 286 -39.58 14.49 2.43
C GLN A 286 -40.05 13.42 1.44
N LYS A 287 -41.37 13.25 1.37
CA LYS A 287 -42.05 12.37 0.41
C LYS A 287 -41.74 12.74 -1.05
N GLU A 288 -42.25 13.88 -1.53
CA GLU A 288 -42.05 14.26 -2.96
C GLU A 288 -40.58 14.30 -3.47
N LEU A 289 -39.60 14.42 -2.58
CA LEU A 289 -38.18 14.48 -3.01
C LEU A 289 -37.61 13.17 -3.55
N PHE A 290 -38.17 12.04 -3.12
CA PHE A 290 -37.71 10.74 -3.57
C PHE A 290 -38.81 9.89 -4.23
N THR A 291 -40.04 9.95 -3.72
CA THR A 291 -41.16 9.25 -4.37
C THR A 291 -41.67 10.13 -5.55
N ASP A 292 -41.93 9.47 -6.67
CA ASP A 292 -42.33 10.14 -7.92
C ASP A 292 -43.76 10.67 -7.85
N SER A 293 -44.58 10.05 -7.00
CA SER A 293 -45.93 10.51 -6.75
C SER A 293 -45.97 11.67 -5.74
N GLY A 294 -45.72 11.35 -4.47
CA GLY A 294 -45.89 12.31 -3.38
C GLY A 294 -47.32 12.86 -3.35
N ALA A 295 -47.48 14.07 -2.83
CA ALA A 295 -48.74 14.80 -2.88
C ALA A 295 -48.52 16.23 -3.45
N GLY A 296 -47.58 16.36 -4.38
CA GLY A 296 -47.41 17.60 -5.10
C GLY A 296 -47.10 17.30 -6.53
N THR A 297 -47.04 18.34 -7.35
CA THR A 297 -46.71 18.20 -8.76
C THR A 297 -45.23 18.15 -8.98
N MET A 298 -44.79 17.19 -9.76
CA MET A 298 -43.43 17.11 -10.17
C MET A 298 -43.33 17.23 -11.69
N ILE A 299 -42.62 18.24 -12.16
CA ILE A 299 -42.40 18.44 -13.57
C ILE A 299 -40.99 18.07 -13.95
N ARG A 300 -40.85 17.54 -15.16
CA ARG A 300 -39.56 17.28 -15.77
C ARG A 300 -39.67 17.11 -17.27
N ARG A 301 -38.54 17.08 -17.95
CA ARG A 301 -38.57 17.14 -19.42
C ARG A 301 -39.05 15.86 -20.03
N GLY A 302 -38.55 14.77 -19.48
CA GLY A 302 -38.95 13.45 -19.94
C GLY A 302 -37.92 12.98 -20.95
N TYR A 303 -37.66 11.69 -20.93
CA TYR A 303 -36.42 11.15 -21.41
C TYR A 303 -36.57 10.75 -22.84
N LYS A 304 -35.45 10.67 -23.59
CA LYS A 304 -35.40 10.39 -25.02
C LYS A 304 -34.72 9.06 -25.36
N LEU A 305 -35.37 8.24 -26.21
CA LEU A 305 -34.74 7.16 -26.98
C LEU A 305 -34.79 7.45 -28.46
N VAL A 306 -33.73 7.07 -29.18
CA VAL A 306 -33.58 7.41 -30.59
C VAL A 306 -33.42 6.16 -31.45
N LYS A 307 -34.38 5.97 -32.33
CA LYS A 307 -34.46 4.75 -33.13
C LYS A 307 -33.60 4.94 -34.36
N ARG A 308 -32.58 4.12 -34.55
CA ARG A 308 -31.73 4.24 -35.72
C ARG A 308 -31.58 2.92 -36.44
N SER A 309 -31.45 2.99 -37.76
CA SER A 309 -31.38 1.79 -38.60
C SER A 309 -30.10 1.61 -39.40
N SER A 310 -29.09 2.39 -39.09
CA SER A 310 -27.81 2.27 -39.74
C SER A 310 -26.74 2.99 -38.93
N ILE A 311 -25.53 2.46 -38.91
CA ILE A 311 -24.40 3.12 -38.26
C ILE A 311 -24.32 4.60 -38.69
N GLY A 312 -24.74 4.86 -39.92
CA GLY A 312 -24.74 6.21 -40.48
C GLY A 312 -25.42 7.24 -39.61
N GLU A 313 -26.51 6.83 -38.99
CA GLU A 313 -27.35 7.75 -38.25
C GLU A 313 -26.81 8.07 -36.87
N PHE A 314 -25.90 7.25 -36.35
CA PHE A 314 -25.27 7.56 -35.09
C PHE A 314 -24.36 8.77 -35.24
N PRO A 315 -24.47 9.73 -34.32
CA PRO A 315 -23.75 10.98 -34.47
C PRO A 315 -22.24 10.81 -34.28
N SER A 316 -21.84 9.91 -33.39
CA SER A 316 -20.45 9.54 -33.21
C SER A 316 -20.35 8.03 -33.24
N ALA A 317 -19.56 7.56 -34.21
CA ALA A 317 -19.30 6.14 -34.32
C ALA A 317 -18.42 5.77 -33.14
N ASP A 318 -17.53 6.67 -32.73
CA ASP A 318 -16.68 6.43 -31.56
C ASP A 318 -17.50 6.29 -30.25
N ALA A 319 -18.58 7.07 -30.13
CA ALA A 319 -19.48 6.95 -28.98
C ALA A 319 -20.10 5.56 -28.93
N LEU A 320 -20.47 5.05 -30.10
CA LEU A 320 -21.06 3.71 -30.21
C LEU A 320 -20.04 2.70 -29.75
N ARG A 321 -18.79 2.90 -30.17
CA ARG A 321 -17.71 1.94 -29.87
C ARG A 321 -17.59 1.78 -28.40
N LYS A 322 -17.49 2.92 -27.71
CA LYS A 322 -17.36 2.93 -26.25
C LYS A 322 -18.54 2.24 -25.60
N ALA A 323 -19.73 2.55 -26.11
CA ALA A 323 -20.96 1.98 -25.60
C ALA A 323 -20.94 0.44 -25.64
N LEU A 324 -20.46 -0.11 -26.75
CA LEU A 324 -20.50 -1.54 -26.98
C LEU A 324 -19.41 -2.27 -26.23
N GLN A 325 -18.39 -1.56 -25.78
CA GLN A 325 -17.24 -2.21 -25.13
C GLN A 325 -17.60 -2.82 -23.78
N ARG A 326 -18.76 -2.47 -23.22
CA ARG A 326 -19.14 -2.97 -21.91
C ARG A 326 -19.80 -4.33 -22.00
N ASP A 327 -20.03 -4.81 -23.21
CA ASP A 327 -20.57 -6.14 -23.48
C ASP A 327 -19.75 -7.26 -22.82
N ALA A 328 -20.43 -8.37 -22.46
CA ALA A 328 -19.77 -9.50 -21.79
C ALA A 328 -18.89 -10.32 -22.74
N GLY A 329 -19.20 -10.23 -24.04
CA GLY A 329 -18.47 -10.93 -25.07
C GLY A 329 -17.71 -10.00 -26.00
N ILE A 330 -17.43 -8.79 -25.53
CA ILE A 330 -16.49 -7.89 -26.23
C ILE A 330 -15.46 -7.26 -25.27
N SER A 331 -15.86 -6.98 -24.01
CA SER A 331 -14.97 -6.38 -23.00
C SER A 331 -13.67 -7.15 -22.84
N SER A 332 -13.73 -8.46 -23.09
CA SER A 332 -12.57 -9.21 -23.54
C SER A 332 -12.98 -10.52 -24.23
N GLY A 333 -14.19 -10.54 -24.80
CA GLY A 333 -14.68 -11.73 -25.51
C GLY A 333 -14.08 -11.79 -26.90
N LYS A 334 -14.32 -12.91 -27.58
CA LYS A 334 -13.63 -13.22 -28.85
C LYS A 334 -14.32 -12.60 -30.08
N GLU A 335 -14.81 -11.37 -29.95
CA GLU A 335 -15.43 -10.66 -31.06
C GLU A 335 -15.20 -9.18 -30.87
N SER A 336 -14.23 -8.62 -31.59
CA SER A 336 -13.89 -7.19 -31.42
C SER A 336 -14.99 -6.32 -31.98
N VAL A 337 -15.26 -5.21 -31.28
CA VAL A 337 -16.28 -4.23 -31.67
C VAL A 337 -16.08 -3.82 -33.10
N ALA A 338 -14.83 -3.69 -33.46
CA ALA A 338 -14.47 -3.46 -34.82
C ALA A 338 -15.23 -4.35 -35.79
N SER A 339 -15.10 -5.66 -35.60
CA SER A 339 -15.66 -6.60 -36.56
C SER A 339 -17.18 -6.73 -36.39
N TYR A 340 -17.68 -6.51 -35.17
CA TYR A 340 -19.13 -6.53 -34.97
C TYR A 340 -19.81 -5.45 -35.77
N LEU A 341 -19.26 -4.23 -35.72
CA LEU A 341 -19.81 -3.12 -36.48
C LEU A 341 -19.70 -3.35 -38.00
N ARG A 342 -18.71 -4.12 -38.44
CA ARG A 342 -18.65 -4.56 -39.85
C ARG A 342 -19.93 -5.30 -40.21
N TYR A 343 -20.29 -6.32 -39.42
CA TYR A 343 -21.50 -7.11 -39.65
C TYR A 343 -22.78 -6.28 -39.61
N LEU A 344 -22.87 -5.31 -38.72
CA LEU A 344 -24.04 -4.44 -38.67
C LEU A 344 -24.29 -3.65 -39.96
N GLU A 345 -23.28 -2.97 -40.47
CA GLU A 345 -23.45 -2.17 -41.70
C GLU A 345 -24.23 -2.94 -42.77
N ASN A 346 -24.02 -4.25 -42.85
CA ASN A 346 -24.68 -5.14 -43.82
C ASN A 346 -25.67 -6.04 -43.12
N SER A 347 -26.72 -5.42 -42.60
CA SER A 347 -27.60 -6.11 -41.69
C SER A 347 -28.89 -5.35 -41.62
N ASP A 348 -29.97 -6.09 -41.68
CA ASP A 348 -31.27 -5.48 -41.43
C ASP A 348 -31.43 -5.33 -39.92
N PHE A 349 -31.36 -4.11 -39.39
CA PHE A 349 -31.47 -3.90 -37.92
C PHE A 349 -32.14 -2.60 -37.48
N VAL A 350 -32.67 -2.62 -36.27
CA VAL A 350 -33.19 -1.42 -35.60
C VAL A 350 -32.46 -1.26 -34.28
N SER A 351 -32.06 -0.05 -33.94
CA SER A 351 -31.34 0.20 -32.69
C SER A 351 -32.16 1.17 -31.89
N TYR A 352 -32.03 1.15 -30.57
CA TYR A 352 -32.65 2.17 -29.72
C TYR A 352 -31.65 2.60 -28.67
N ALA A 353 -31.40 3.90 -28.57
CA ALA A 353 -30.45 4.37 -27.57
C ALA A 353 -30.81 5.76 -27.12
N ASP A 354 -30.58 5.99 -25.85
CA ASP A 354 -30.64 7.33 -25.31
C ASP A 354 -29.49 8.17 -25.87
N GLU A 355 -29.57 9.47 -25.66
CA GLU A 355 -28.56 10.35 -26.23
C GLU A 355 -27.15 9.99 -25.75
N PRO A 356 -26.98 9.66 -24.44
CA PRO A 356 -25.63 9.40 -23.93
C PRO A 356 -25.16 7.98 -24.17
N LEU A 357 -25.96 7.18 -24.88
CA LEU A 357 -25.63 5.80 -25.14
C LEU A 357 -25.29 5.07 -23.83
N GLU A 358 -26.09 5.36 -22.80
CA GLU A 358 -25.97 4.69 -21.53
C GLU A 358 -26.67 3.35 -21.64
N ALA A 359 -27.65 3.27 -22.55
CA ALA A 359 -28.32 1.99 -22.93
C ALA A 359 -28.49 1.91 -24.45
N VAL A 360 -28.09 0.78 -25.03
CA VAL A 360 -28.17 0.60 -26.46
C VAL A 360 -28.73 -0.80 -26.71
N ALA A 361 -29.91 -0.86 -27.33
CA ALA A 361 -30.52 -2.14 -27.72
C ALA A 361 -30.44 -2.22 -29.26
N ILE A 362 -30.23 -3.44 -29.74
CA ILE A 362 -30.09 -3.69 -31.16
C ILE A 362 -30.91 -4.92 -31.52
N VAL A 363 -31.92 -4.74 -32.35
CA VAL A 363 -32.78 -5.86 -32.76
C VAL A 363 -32.42 -6.29 -34.17
N LYS A 364 -31.93 -7.50 -34.34
CA LYS A 364 -31.64 -8.01 -35.69
C LYS A 364 -32.89 -8.63 -36.26
N LYS A 365 -33.28 -8.20 -37.44
CA LYS A 365 -34.64 -8.38 -37.91
C LYS A 365 -34.85 -9.63 -38.79
N ASP A 366 -33.77 -10.20 -39.30
CA ASP A 366 -33.84 -11.50 -39.97
C ASP A 366 -34.30 -12.59 -38.98
N THR A 367 -34.67 -13.77 -39.51
CA THR A 367 -35.32 -14.86 -38.73
C THR A 367 -36.60 -14.38 -38.04
N ASN A 368 -37.75 -14.83 -38.53
CA ASN A 368 -39.03 -14.50 -37.87
C ASN A 368 -38.86 -14.83 -36.39
N VAL A 369 -39.47 -13.99 -35.55
CA VAL A 369 -38.99 -13.76 -34.17
C VAL A 369 -37.61 -13.13 -34.23
N PRO A 370 -37.59 -11.81 -34.36
CA PRO A 370 -36.37 -11.07 -34.35
C PRO A 370 -35.63 -11.25 -33.05
N THR A 371 -34.31 -11.11 -33.13
CA THR A 371 -33.44 -11.25 -31.97
C THR A 371 -32.95 -9.92 -31.45
N LEU A 372 -33.09 -9.73 -30.13
CA LEU A 372 -32.46 -8.63 -29.43
C LEU A 372 -31.02 -9.11 -29.30
N ASP A 373 -30.16 -8.55 -30.14
CA ASP A 373 -28.82 -9.07 -30.39
C ASP A 373 -27.84 -8.53 -29.38
N LYS A 374 -27.96 -7.24 -29.12
CA LYS A 374 -27.19 -6.59 -28.08
C LYS A 374 -28.19 -5.76 -27.24
N PHE A 375 -27.85 -5.64 -25.96
CA PHE A 375 -28.60 -4.81 -25.00
C PHE A 375 -27.57 -4.47 -23.98
N VAL A 376 -26.90 -3.35 -24.20
CA VAL A 376 -25.72 -3.03 -23.43
C VAL A 376 -26.01 -1.79 -22.65
N CYS A 377 -26.32 -1.96 -21.36
CA CYS A 377 -26.72 -0.83 -20.53
C CYS A 377 -25.85 -0.77 -19.28
N SER A 378 -25.33 0.41 -19.01
CA SER A 378 -24.44 0.60 -17.86
C SER A 378 -25.25 0.53 -16.57
N ASP A 379 -24.56 0.42 -15.46
CA ASP A 379 -25.25 0.24 -14.19
C ASP A 379 -26.11 1.47 -13.95
N ALA A 380 -25.54 2.64 -14.22
CA ALA A 380 -26.30 3.91 -14.17
C ALA A 380 -27.68 3.69 -14.82
N ALA A 381 -27.68 3.11 -16.03
CA ALA A 381 -28.90 2.85 -16.79
C ALA A 381 -29.88 1.86 -16.06
N TRP A 382 -29.37 0.75 -15.53
CA TRP A 382 -30.20 -0.18 -14.74
C TRP A 382 -30.90 0.49 -13.59
N LEU A 383 -30.18 1.30 -12.82
CA LEU A 383 -30.76 1.93 -11.64
C LEU A 383 -31.85 2.96 -11.98
N ASN A 384 -31.71 3.68 -13.10
CA ASN A 384 -32.72 4.68 -13.51
C ASN A 384 -33.81 4.12 -14.42
N ASN A 385 -34.04 2.81 -14.34
CA ASN A 385 -34.82 2.05 -15.33
C ASN A 385 -34.94 2.72 -16.71
N VAL A 386 -33.79 2.94 -17.35
CA VAL A 386 -33.77 3.22 -18.77
C VAL A 386 -33.94 1.87 -19.46
N THR A 387 -33.51 0.80 -18.79
CA THR A 387 -33.76 -0.53 -19.30
C THR A 387 -35.25 -0.79 -19.48
N ASP A 388 -36.10 -0.32 -18.54
CA ASP A 388 -37.56 -0.50 -18.70
C ASP A 388 -38.05 0.35 -19.85
N ASN A 389 -37.51 1.55 -19.98
CA ASN A 389 -37.84 2.42 -21.07
C ASN A 389 -37.61 1.74 -22.41
N VAL A 390 -36.42 1.20 -22.56
CA VAL A 390 -36.01 0.60 -23.81
C VAL A 390 -36.86 -0.66 -24.12
N PHE A 391 -37.16 -1.47 -23.12
CA PHE A 391 -38.03 -2.58 -23.40
C PHE A 391 -39.45 -2.16 -23.75
N ASN A 392 -39.94 -1.12 -23.14
CA ASN A 392 -41.26 -0.69 -23.47
C ASN A 392 -41.34 -0.35 -24.97
N VAL A 393 -40.34 0.35 -25.45
CA VAL A 393 -40.34 0.77 -26.81
C VAL A 393 -40.24 -0.43 -27.73
N LEU A 394 -39.29 -1.30 -27.44
CA LEU A 394 -39.21 -2.60 -28.10
C LEU A 394 -40.53 -3.37 -28.17
N ARG A 395 -41.27 -3.38 -27.05
CA ARG A 395 -42.44 -4.24 -26.97
C ARG A 395 -43.50 -3.71 -27.94
N ARG A 396 -43.45 -2.41 -28.19
CA ARG A 396 -44.44 -1.80 -29.07
C ARG A 396 -44.03 -1.97 -30.53
N ASP A 397 -42.75 -1.80 -30.81
CA ASP A 397 -42.27 -1.91 -32.18
C ASP A 397 -42.00 -3.34 -32.64
N PHE A 398 -41.93 -4.28 -31.71
CA PHE A 398 -41.67 -5.69 -32.04
C PHE A 398 -42.59 -6.52 -31.21
N PRO A 399 -43.72 -6.91 -31.78
CA PRO A 399 -44.70 -7.63 -31.01
C PRO A 399 -44.27 -9.05 -30.71
N ALA A 400 -43.35 -9.61 -31.48
CA ALA A 400 -42.69 -10.84 -31.05
C ALA A 400 -41.18 -10.68 -31.10
N LEU A 401 -40.47 -11.18 -30.07
CA LEU A 401 -39.04 -10.96 -29.88
C LEU A 401 -38.45 -12.11 -29.04
N GLN A 402 -37.22 -12.49 -29.39
CA GLN A 402 -36.46 -13.46 -28.60
C GLN A 402 -35.11 -12.91 -28.21
N TRP A 403 -34.58 -13.40 -27.10
CA TRP A 403 -33.26 -12.96 -26.63
C TRP A 403 -32.68 -13.95 -25.63
N VAL A 404 -31.37 -13.89 -25.43
CA VAL A 404 -30.69 -14.82 -24.54
C VAL A 404 -29.87 -14.16 -23.47
N VAL A 405 -30.01 -14.61 -22.24
CA VAL A 405 -29.28 -14.06 -21.14
C VAL A 405 -28.54 -15.16 -20.44
N SER A 406 -27.40 -14.80 -19.84
CA SER A 406 -26.60 -15.80 -19.12
C SER A 406 -27.35 -16.27 -17.89
N GLU A 407 -27.21 -17.55 -17.60
CA GLU A 407 -27.96 -18.16 -16.49
C GLU A 407 -27.82 -17.37 -15.21
N ASN A 408 -26.65 -16.81 -14.99
CA ASN A 408 -26.41 -16.03 -13.79
C ASN A 408 -25.99 -14.62 -14.16
N ASP A 409 -26.82 -13.99 -14.94
CA ASP A 409 -26.74 -12.57 -15.14
C ASP A 409 -27.29 -11.93 -13.89
N ALA A 410 -26.74 -10.78 -13.54
CA ALA A 410 -27.11 -10.05 -12.34
C ALA A 410 -28.63 -9.88 -12.20
N ASN A 411 -29.27 -9.46 -13.27
CA ASN A 411 -30.72 -9.21 -13.23
C ASN A 411 -31.48 -10.15 -14.17
N ILE A 412 -31.18 -11.44 -14.04
CA ILE A 412 -31.90 -12.46 -14.80
C ILE A 412 -33.38 -12.40 -14.44
N ALA A 413 -33.67 -12.13 -13.17
CA ALA A 413 -35.05 -12.04 -12.67
C ALA A 413 -35.89 -11.05 -13.47
N TRP A 414 -35.23 -9.98 -13.90
CA TRP A 414 -35.89 -8.90 -14.58
C TRP A 414 -36.30 -9.36 -15.93
N HIS A 415 -35.37 -10.00 -16.63
CA HIS A 415 -35.67 -10.56 -17.93
C HIS A 415 -36.85 -11.51 -17.85
N PHE A 416 -36.92 -12.32 -16.80
CA PHE A 416 -38.03 -13.28 -16.68
C PHE A 416 -39.34 -12.59 -16.64
N ASP A 417 -39.35 -11.46 -15.93
CA ASP A 417 -40.59 -10.73 -15.77
C ASP A 417 -41.05 -10.13 -17.09
N LYS A 418 -40.08 -9.79 -17.96
CA LYS A 418 -40.40 -9.18 -19.25
C LYS A 418 -40.74 -10.24 -20.30
N SER A 419 -40.45 -11.53 -20.03
CA SER A 419 -40.73 -12.61 -21.02
C SER A 419 -42.15 -13.18 -20.91
N GLN A 420 -42.54 -13.98 -21.92
CA GLN A 420 -43.69 -14.89 -21.83
C GLN A 420 -43.27 -16.34 -21.68
N GLY A 421 -42.01 -16.62 -22.00
CA GLY A 421 -41.48 -17.98 -21.90
C GLY A 421 -39.98 -18.00 -21.78
N SER A 422 -39.48 -19.08 -21.19
CA SER A 422 -38.08 -19.23 -20.96
C SER A 422 -37.65 -20.67 -21.20
N TYR A 423 -36.42 -20.86 -21.69
CA TYR A 423 -35.81 -22.20 -21.74
C TYR A 423 -34.36 -22.15 -21.34
N LEU A 424 -33.98 -23.00 -20.41
CA LEU A 424 -32.61 -23.02 -19.91
C LEU A 424 -31.85 -24.14 -20.58
N LYS A 425 -30.64 -23.85 -21.02
CA LYS A 425 -29.71 -24.87 -21.48
C LYS A 425 -28.29 -24.29 -21.52
N GLY A 426 -27.34 -25.11 -21.14
CA GLY A 426 -25.93 -24.76 -21.19
C GLY A 426 -25.65 -23.42 -20.57
N GLY A 427 -26.23 -23.17 -19.41
CA GLY A 427 -25.94 -21.93 -18.70
C GLY A 427 -26.38 -20.68 -19.43
N LYS A 428 -27.34 -20.84 -20.34
CA LYS A 428 -27.96 -19.69 -20.97
C LYS A 428 -29.48 -19.86 -20.97
N VAL A 429 -30.22 -18.76 -20.90
CA VAL A 429 -31.69 -18.81 -20.91
C VAL A 429 -32.21 -18.11 -22.14
N LEU A 430 -33.00 -18.85 -22.92
CA LEU A 430 -33.72 -18.28 -24.05
C LEU A 430 -34.98 -17.67 -23.47
N PHE A 431 -35.21 -16.40 -23.84
CA PHE A 431 -36.40 -15.68 -23.49
C PHE A 431 -37.11 -15.23 -24.76
N TRP A 432 -38.43 -15.30 -24.74
CA TRP A 432 -39.22 -14.70 -25.82
C TRP A 432 -40.53 -14.16 -25.34
N TYR A 433 -41.09 -13.28 -26.15
CA TYR A 433 -42.41 -12.77 -25.86
C TYR A 433 -43.24 -12.67 -27.11
N GLY A 434 -44.54 -12.79 -26.90
CA GLY A 434 -45.50 -12.56 -27.94
C GLY A 434 -45.63 -13.63 -28.99
N ILE A 435 -44.96 -14.78 -28.83
CA ILE A 435 -45.16 -15.84 -29.81
C ILE A 435 -45.75 -17.05 -29.15
N ASP A 436 -47.04 -16.94 -28.90
CA ASP A 436 -47.80 -18.06 -28.34
C ASP A 436 -48.37 -19.00 -29.44
N ASP A 437 -47.69 -19.07 -30.59
CA ASP A 437 -47.89 -20.16 -31.54
C ASP A 437 -47.05 -21.38 -31.12
N ILE A 438 -47.71 -22.37 -30.53
CA ILE A 438 -47.08 -23.62 -30.07
C ILE A 438 -45.90 -24.08 -30.94
N ASN A 439 -46.00 -23.81 -32.23
CA ASN A 439 -45.13 -24.38 -33.23
C ASN A 439 -43.85 -23.60 -33.40
N THR A 440 -43.97 -22.29 -33.62
CA THR A 440 -42.78 -21.44 -33.77
C THR A 440 -41.94 -21.42 -32.49
N ILE A 441 -42.54 -21.87 -31.38
CA ILE A 441 -41.81 -22.06 -30.11
C ILE A 441 -40.81 -23.20 -30.26
N SER A 442 -41.28 -24.34 -30.76
CA SER A 442 -40.40 -25.47 -31.05
C SER A 442 -39.24 -25.02 -31.91
N GLU A 443 -39.54 -24.36 -33.01
CA GLU A 443 -38.51 -23.86 -33.91
C GLU A 443 -37.51 -23.07 -33.09
N LEU A 444 -38.02 -22.09 -32.37
CA LEU A 444 -37.20 -21.22 -31.55
C LEU A 444 -36.23 -22.00 -30.64
N VAL A 445 -36.77 -22.92 -29.85
CA VAL A 445 -36.00 -23.65 -28.87
C VAL A 445 -34.97 -24.53 -29.53
N GLU A 446 -35.36 -25.10 -30.65
CA GLU A 446 -34.51 -26.08 -31.30
C GLU A 446 -33.27 -25.38 -31.81
N ASN A 447 -33.45 -24.19 -32.39
CA ASN A 447 -32.32 -23.44 -32.94
C ASN A 447 -31.39 -22.98 -31.87
N PHE A 448 -31.96 -22.60 -30.74
CA PHE A 448 -31.21 -22.16 -29.57
C PHE A 448 -30.33 -23.29 -29.00
N VAL A 449 -30.89 -24.51 -28.97
CA VAL A 449 -30.15 -25.64 -28.50
C VAL A 449 -29.08 -25.98 -29.52
N LYS A 450 -29.49 -25.98 -30.78
CA LYS A 450 -28.59 -26.23 -31.91
C LYS A 450 -27.28 -25.41 -31.80
N SER A 451 -27.40 -24.20 -31.28
CA SER A 451 -26.26 -23.30 -31.12
C SER A 451 -25.68 -23.27 -29.69
N CYS A 452 -25.44 -24.45 -29.12
CA CYS A 452 -24.46 -24.60 -28.05
C CYS A 452 -23.41 -25.52 -28.69
N ASP A 453 -22.80 -24.99 -29.76
CA ASP A 453 -22.15 -25.76 -30.78
C ASP A 453 -20.70 -25.28 -30.92
N THR B 18 -8.18 18.03 24.01
CA THR B 18 -7.14 17.93 22.84
C THR B 18 -5.59 18.07 23.20
N ARG B 19 -4.80 17.01 22.92
CA ARG B 19 -3.32 17.06 22.93
C ARG B 19 -2.82 18.31 22.22
N SER B 20 -3.48 18.61 21.12
CA SER B 20 -3.11 19.72 20.26
C SER B 20 -3.02 20.99 21.07
N THR B 21 -4.13 21.34 21.70
CA THR B 21 -4.29 22.56 22.48
C THR B 21 -3.31 22.64 23.59
N VAL B 22 -3.27 21.59 24.42
CA VAL B 22 -2.41 21.55 25.63
C VAL B 22 -0.94 21.90 25.31
N ILE B 23 -0.45 21.29 24.23
CA ILE B 23 0.91 21.52 23.73
C ILE B 23 1.08 23.00 23.47
N GLN B 24 0.16 23.60 22.72
CA GLN B 24 0.28 25.02 22.36
C GLN B 24 0.03 25.94 23.56
N LEU B 25 -0.75 25.49 24.55
CA LEU B 25 -0.93 26.26 25.78
C LEU B 25 0.43 26.34 26.38
N LEU B 26 0.97 25.18 26.69
CA LEU B 26 2.18 25.07 27.48
C LEU B 26 3.38 25.76 26.86
N ASN B 27 3.43 25.80 25.52
CA ASN B 27 4.51 26.52 24.81
C ASN B 27 4.53 27.98 25.20
N ASN B 28 3.36 28.55 25.47
CA ASN B 28 3.26 29.96 25.70
C ASN B 28 3.15 30.30 27.20
N ILE B 29 3.72 29.45 28.06
CA ILE B 29 3.78 29.71 29.49
C ILE B 29 5.24 29.61 29.99
N SER B 30 5.56 30.45 30.95
CA SER B 30 6.89 30.47 31.54
C SER B 30 6.78 30.72 33.05
N THR B 31 6.37 31.92 33.46
CA THR B 31 6.07 32.15 34.89
C THR B 31 4.75 31.55 35.38
N LYS B 32 4.63 31.40 36.69
CA LYS B 32 3.39 30.99 37.27
C LYS B 32 2.38 32.09 37.11
N ARG B 33 2.86 33.31 37.18
CA ARG B 33 1.95 34.44 37.05
C ARG B 33 1.21 34.36 35.70
N GLU B 34 1.80 33.70 34.70
CA GLU B 34 1.11 33.41 33.44
C GLU B 34 0.02 32.36 33.69
N VAL B 35 0.42 31.24 34.30
CA VAL B 35 -0.52 30.19 34.69
C VAL B 35 -1.72 30.72 35.49
N GLU B 36 -1.47 31.57 36.49
CA GLU B 36 -2.54 32.10 37.34
C GLU B 36 -3.48 33.01 36.55
N GLN B 37 -2.93 33.77 35.60
CA GLN B 37 -3.75 34.60 34.75
C GLN B 37 -4.60 33.71 33.81
N TYR B 38 -3.99 32.73 33.17
CA TYR B 38 -4.75 31.81 32.32
C TYR B 38 -5.92 31.22 33.12
N LEU B 39 -5.62 30.74 34.32
CA LEU B 39 -6.63 30.10 35.14
C LEU B 39 -7.78 31.05 35.37
N LYS B 40 -7.46 32.32 35.53
CA LYS B 40 -8.47 33.31 35.88
C LYS B 40 -9.41 33.55 34.72
N TYR B 41 -8.89 33.43 33.50
CA TYR B 41 -9.74 33.59 32.33
C TYR B 41 -10.59 32.39 32.05
N PHE B 42 -10.08 31.21 32.39
CA PHE B 42 -10.88 29.99 32.26
C PHE B 42 -11.91 29.82 33.37
N THR B 43 -11.63 30.33 34.56
CA THR B 43 -12.62 30.31 35.63
C THR B 43 -13.21 31.72 35.82
N SER B 44 -13.29 32.47 34.72
CA SER B 44 -14.36 33.44 34.52
C SER B 44 -15.69 32.73 34.59
N VAL B 45 -16.34 32.75 35.76
CA VAL B 45 -17.72 32.23 35.92
C VAL B 45 -18.68 33.20 35.24
N SER B 46 -18.18 34.42 35.09
CA SER B 46 -18.82 35.48 34.32
C SER B 46 -19.04 35.09 32.87
N GLN B 47 -20.30 35.06 32.41
CA GLN B 47 -20.65 35.29 30.99
C GLN B 47 -20.77 36.81 30.71
N GLN B 48 -19.68 37.51 31.06
CA GLN B 48 -19.11 38.60 30.24
C GLN B 48 -18.48 38.10 28.91
N GLN B 49 -18.60 38.95 27.90
CA GLN B 49 -18.13 38.71 26.52
C GLN B 49 -16.60 38.59 26.50
N PHE B 50 -16.05 37.71 25.66
CA PHE B 50 -14.61 37.39 25.82
C PHE B 50 -13.59 38.37 25.24
N ALA B 51 -13.60 38.56 23.93
CA ALA B 51 -12.66 39.50 23.32
C ALA B 51 -13.10 39.94 21.92
N VAL B 52 -12.79 41.19 21.57
CA VAL B 52 -12.88 41.70 20.20
C VAL B 52 -11.44 41.77 19.74
N ILE B 53 -11.14 41.18 18.60
CA ILE B 53 -9.81 41.20 18.02
C ILE B 53 -9.86 41.89 16.65
N LYS B 54 -9.24 43.07 16.54
CA LYS B 54 -9.13 43.78 15.26
C LYS B 54 -7.89 43.27 14.59
N VAL B 55 -8.11 42.70 13.40
CA VAL B 55 -7.03 42.19 12.56
C VAL B 55 -6.81 43.07 11.33
N GLY B 56 -5.59 43.59 11.22
CA GLY B 56 -5.24 44.35 10.03
C GLY B 56 -5.35 43.42 8.84
N GLY B 57 -5.75 43.93 7.68
CA GLY B 57 -5.83 43.11 6.47
C GLY B 57 -4.50 42.47 6.10
N ALA B 58 -3.44 43.24 6.33
CA ALA B 58 -2.07 42.83 6.03
C ALA B 58 -1.76 41.43 6.58
N ILE B 59 -2.43 41.07 7.68
CA ILE B 59 -2.19 39.85 8.47
C ILE B 59 -2.87 38.68 7.80
N ILE B 60 -4.05 38.91 7.22
CA ILE B 60 -4.73 37.83 6.52
C ILE B 60 -3.97 37.37 5.29
N SER B 61 -3.24 38.29 4.67
CA SER B 61 -2.41 37.97 3.51
C SER B 61 -1.13 37.30 3.94
N ASP B 62 -0.48 37.83 4.98
CA ASP B 62 0.90 37.47 5.31
C ASP B 62 1.11 36.55 6.53
N ASN B 63 0.04 36.23 7.25
CA ASN B 63 0.15 35.39 8.42
C ASN B 63 -1.09 34.58 8.69
N LEU B 64 -1.73 34.08 7.64
CA LEU B 64 -3.04 33.43 7.82
C LEU B 64 -2.93 32.27 8.78
N HIS B 65 -1.83 31.51 8.71
CA HIS B 65 -1.66 30.36 9.62
C HIS B 65 -1.46 30.80 11.03
N GLU B 66 -0.47 31.66 11.23
CA GLU B 66 -0.19 32.20 12.55
C GLU B 66 -1.53 32.64 13.20
N LEU B 67 -2.28 33.44 12.49
CA LEU B 67 -3.51 34.02 13.00
C LEU B 67 -4.55 32.96 13.24
N ALA B 68 -4.79 32.12 12.23
CA ALA B 68 -5.86 31.08 12.28
C ALA B 68 -5.59 30.10 13.40
N SER B 69 -4.34 29.64 13.54
CA SER B 69 -4.01 28.62 14.54
C SER B 69 -4.25 29.20 15.92
N CYS B 70 -3.94 30.48 16.02
CA CYS B 70 -4.09 31.16 17.25
C CYS B 70 -5.56 31.37 17.67
N LEU B 71 -6.40 31.79 16.74
CA LEU B 71 -7.84 31.87 17.01
C LEU B 71 -8.39 30.49 17.33
N ALA B 72 -7.92 29.50 16.58
CA ALA B 72 -8.29 28.11 16.79
C ALA B 72 -8.05 27.64 18.23
N PHE B 73 -6.93 28.06 18.82
CA PHE B 73 -6.59 27.74 20.22
C PHE B 73 -7.65 28.29 21.15
N LEU B 74 -8.04 29.52 20.91
CA LEU B 74 -9.08 30.15 21.75
C LEU B 74 -10.40 29.41 21.60
N TYR B 75 -10.73 29.11 20.36
CA TYR B 75 -11.92 28.33 20.08
C TYR B 75 -11.90 27.02 20.82
N HIS B 76 -10.73 26.38 20.89
CA HIS B 76 -10.63 25.05 21.47
C HIS B 76 -10.83 25.11 22.95
N VAL B 77 -10.20 26.08 23.60
CA VAL B 77 -10.36 26.24 25.03
C VAL B 77 -11.72 26.81 25.41
N GLY B 78 -12.63 26.89 24.44
CA GLY B 78 -14.00 27.35 24.71
C GLY B 78 -14.25 28.87 24.70
N LEU B 79 -13.27 29.67 24.25
CA LEU B 79 -13.44 31.13 24.20
C LEU B 79 -13.82 31.54 22.78
N TYR B 80 -14.62 32.60 22.65
CA TYR B 80 -15.23 32.93 21.35
C TYR B 80 -14.98 34.38 21.03
N PRO B 81 -13.83 34.64 20.42
CA PRO B 81 -13.52 36.01 20.12
C PRO B 81 -14.38 36.49 18.98
N ILE B 82 -14.81 37.75 19.04
CA ILE B 82 -15.35 38.45 17.89
C ILE B 82 -14.19 38.97 17.05
N VAL B 83 -14.09 38.56 15.80
CA VAL B 83 -12.98 38.99 14.98
C VAL B 83 -13.45 39.94 13.90
N LEU B 84 -12.78 41.08 13.79
CA LEU B 84 -13.15 42.14 12.88
C LEU B 84 -11.92 42.45 12.11
N HIS B 85 -12.00 42.39 10.77
CA HIS B 85 -10.82 42.67 9.95
C HIS B 85 -10.97 43.69 8.86
N GLY B 86 -9.85 44.31 8.52
CA GLY B 86 -9.81 45.24 7.42
C GLY B 86 -9.37 44.56 6.15
N THR B 87 -8.96 45.41 5.22
CA THR B 87 -8.41 45.00 3.93
C THR B 87 -7.73 46.24 3.35
N GLY B 88 -6.51 46.50 3.80
CA GLY B 88 -5.84 47.74 3.45
C GLY B 88 -4.99 47.53 2.22
N PRO B 89 -3.83 46.86 2.40
CA PRO B 89 -2.81 46.66 1.38
C PRO B 89 -3.33 46.07 0.07
N GLN B 90 -4.10 44.99 0.20
CA GLN B 90 -4.65 44.24 -0.93
C GLN B 90 -5.35 45.18 -1.92
N VAL B 91 -6.14 46.10 -1.38
CA VAL B 91 -6.98 47.00 -2.18
C VAL B 91 -6.19 48.00 -2.99
N ASN B 92 -5.22 48.65 -2.39
CA ASN B 92 -4.39 49.60 -3.15
C ASN B 92 -3.67 48.91 -4.32
N GLY B 93 -3.20 47.67 -4.11
CA GLY B 93 -2.53 46.90 -5.15
C GLY B 93 -3.44 46.62 -6.34
N ARG B 94 -4.71 46.35 -6.06
CA ARG B 94 -5.71 46.16 -7.10
C ARG B 94 -6.03 47.46 -7.84
N LEU B 95 -6.29 48.54 -7.13
CA LEU B 95 -6.59 49.82 -7.78
C LEU B 95 -5.46 50.27 -8.70
N GLU B 96 -4.22 49.98 -8.30
CA GLU B 96 -3.05 50.24 -9.16
C GLU B 96 -3.10 49.33 -10.38
N ALA B 97 -3.31 48.05 -10.13
CA ALA B 97 -3.46 47.04 -11.18
C ALA B 97 -4.54 47.39 -12.23
N GLN B 98 -5.54 48.21 -11.84
CA GLN B 98 -6.57 48.72 -12.76
C GLN B 98 -6.33 50.17 -13.17
N GLY B 99 -5.21 50.76 -12.75
CA GLY B 99 -4.86 52.13 -13.13
C GLY B 99 -5.74 53.20 -12.51
N ILE B 100 -6.11 53.00 -11.25
CA ILE B 100 -6.85 53.98 -10.48
C ILE B 100 -5.88 54.44 -9.40
N GLU B 101 -5.76 55.75 -9.19
CA GLU B 101 -4.90 56.26 -8.13
C GLU B 101 -5.61 56.11 -6.80
N PRO B 102 -4.99 55.39 -5.84
CA PRO B 102 -5.60 55.39 -4.50
C PRO B 102 -5.64 56.81 -3.97
N ASP B 103 -6.70 57.16 -3.24
CA ASP B 103 -7.03 58.56 -3.01
C ASP B 103 -7.53 58.83 -1.58
N TYR B 104 -6.81 59.71 -0.87
CA TYR B 104 -7.12 60.02 0.52
C TYR B 104 -7.18 61.52 0.72
N ILE B 105 -8.13 61.99 1.53
CA ILE B 105 -7.98 63.27 2.24
C ILE B 105 -8.18 62.98 3.72
N ASP B 106 -7.40 63.66 4.55
CA ASP B 106 -7.59 63.63 5.99
C ASP B 106 -7.43 62.22 6.56
N GLY B 107 -6.58 61.41 5.93
CA GLY B 107 -6.37 60.03 6.38
C GLY B 107 -7.53 59.08 6.08
N ILE B 108 -8.53 59.56 5.34
CA ILE B 108 -9.71 58.77 4.97
C ILE B 108 -9.63 58.47 3.48
N ARG B 109 -10.05 57.26 3.08
CA ARG B 109 -10.07 56.90 1.65
C ARG B 109 -11.28 57.49 0.95
N ILE B 110 -11.05 58.34 -0.03
CA ILE B 110 -12.16 58.82 -0.85
C ILE B 110 -12.68 57.64 -1.67
N THR B 111 -13.78 57.08 -1.21
CA THR B 111 -14.29 55.83 -1.79
C THR B 111 -15.42 56.14 -2.75
N ASP B 112 -15.08 56.33 -4.01
CA ASP B 112 -16.10 56.63 -5.01
C ASP B 112 -16.78 55.34 -5.40
N GLU B 113 -17.65 55.42 -6.39
CA GLU B 113 -18.46 54.28 -6.85
C GLU B 113 -17.60 53.08 -7.27
N HIS B 114 -16.60 53.29 -8.13
CA HIS B 114 -15.77 52.20 -8.66
C HIS B 114 -14.91 51.66 -7.59
N THR B 115 -14.32 52.54 -6.81
CA THR B 115 -13.41 52.11 -5.77
C THR B 115 -14.12 51.24 -4.74
N MET B 116 -15.39 51.52 -4.50
CA MET B 116 -16.16 50.72 -3.55
C MET B 116 -16.25 49.30 -4.05
N ALA B 117 -16.49 49.13 -5.34
CA ALA B 117 -16.57 47.81 -5.89
C ALA B 117 -15.27 47.04 -5.63
N VAL B 118 -14.11 47.68 -5.75
CA VAL B 118 -12.83 46.99 -5.45
C VAL B 118 -12.71 46.65 -3.97
N VAL B 119 -13.04 47.62 -3.14
CA VAL B 119 -13.01 47.42 -1.70
C VAL B 119 -13.93 46.29 -1.26
N ARG B 120 -15.13 46.22 -1.84
CA ARG B 120 -16.11 45.24 -1.39
C ARG B 120 -15.61 43.85 -1.74
N LYS B 121 -15.12 43.69 -2.97
CA LYS B 121 -14.60 42.43 -3.45
C LYS B 121 -13.48 41.97 -2.54
N CYS B 122 -12.59 42.87 -2.17
CA CYS B 122 -11.45 42.48 -1.36
C CYS B 122 -11.87 42.09 0.01
N PHE B 123 -12.81 42.82 0.58
CA PHE B 123 -13.34 42.44 1.87
C PHE B 123 -13.92 41.05 1.85
N LEU B 124 -14.73 40.75 0.86
CA LEU B 124 -15.39 39.47 0.84
C LEU B 124 -14.38 38.32 0.64
N GLU B 125 -13.35 38.55 -0.17
CA GLU B 125 -12.35 37.54 -0.40
C GLU B 125 -11.53 37.28 0.85
N GLN B 126 -10.89 38.34 1.35
CA GLN B 126 -10.12 38.29 2.58
C GLN B 126 -10.89 37.58 3.68
N ASN B 127 -12.19 37.85 3.74
CA ASN B 127 -13.04 37.27 4.73
C ASN B 127 -13.26 35.73 4.60
N LEU B 128 -13.58 35.23 3.40
CA LEU B 128 -13.66 33.78 3.22
C LEU B 128 -12.36 33.15 3.47
N LYS B 129 -11.29 33.82 3.05
CA LYS B 129 -9.94 33.24 3.17
C LYS B 129 -9.71 32.83 4.61
N LEU B 130 -10.06 33.71 5.52
CA LEU B 130 -9.92 33.43 6.94
C LEU B 130 -10.91 32.42 7.47
N VAL B 131 -12.17 32.53 7.08
CA VAL B 131 -13.16 31.53 7.47
C VAL B 131 -12.75 30.13 6.99
N THR B 132 -12.62 29.93 5.68
CA THR B 132 -12.08 28.65 5.15
C THR B 132 -10.85 28.10 5.91
N ALA B 133 -9.86 28.96 6.12
CA ALA B 133 -8.66 28.60 6.90
C ALA B 133 -9.01 27.98 8.21
N LEU B 134 -9.80 28.70 8.98
CA LEU B 134 -10.26 28.25 10.27
C LEU B 134 -11.07 26.96 10.22
N GLU B 135 -11.95 26.84 9.23
CA GLU B 135 -12.75 25.61 9.09
C GLU B 135 -11.81 24.46 8.93
N GLN B 136 -10.85 24.60 8.04
CA GLN B 136 -9.87 23.55 7.84
C GLN B 136 -9.22 23.08 9.10
N LEU B 137 -9.10 23.94 10.09
CA LEU B 137 -8.50 23.53 11.36
C LEU B 137 -9.55 23.09 12.39
N GLY B 138 -10.79 22.88 11.94
CA GLY B 138 -11.85 22.37 12.80
C GLY B 138 -12.62 23.41 13.60
N VAL B 139 -12.46 24.67 13.22
CA VAL B 139 -13.13 25.75 13.91
C VAL B 139 -14.33 26.21 13.13
N ARG B 140 -15.51 26.19 13.74
CA ARG B 140 -16.71 26.66 13.08
C ARG B 140 -16.62 28.16 12.94
N ALA B 141 -16.63 28.64 11.71
CA ALA B 141 -16.61 30.09 11.47
C ALA B 141 -17.86 30.49 10.72
N ARG B 142 -18.22 31.74 10.89
CA ARG B 142 -19.42 32.25 10.28
C ARG B 142 -19.16 33.63 9.70
N PRO B 143 -19.07 33.75 8.38
CA PRO B 143 -18.74 35.04 7.83
C PRO B 143 -19.93 35.97 8.03
N ILE B 144 -19.67 37.19 8.47
CA ILE B 144 -20.70 38.21 8.73
C ILE B 144 -20.28 39.49 8.02
N THR B 145 -20.64 39.57 6.75
CA THR B 145 -20.11 40.58 5.88
C THR B 145 -21.03 41.80 5.80
N SER B 146 -22.18 41.72 6.45
CA SER B 146 -23.13 42.83 6.51
C SER B 146 -24.15 42.63 7.61
N GLY B 147 -24.77 43.71 8.04
CA GLY B 147 -25.92 43.62 8.94
C GLY B 147 -25.56 43.82 10.40
N VAL B 148 -24.31 44.24 10.64
CA VAL B 148 -23.87 44.52 11.98
C VAL B 148 -23.78 46.02 12.18
N PHE B 149 -23.04 46.72 11.31
CA PHE B 149 -22.90 48.19 11.46
C PHE B 149 -23.83 49.01 10.57
N THR B 150 -24.57 49.97 11.13
CA THR B 150 -25.36 50.94 10.33
C THR B 150 -24.70 52.33 10.46
N ALA B 151 -24.63 53.06 9.35
CA ALA B 151 -23.92 54.34 9.31
C ALA B 151 -24.67 55.41 8.55
N ASP B 152 -24.25 56.66 8.76
CA ASP B 152 -24.61 57.75 7.87
C ASP B 152 -23.40 57.98 6.99
N TYR B 153 -23.54 58.88 6.02
CA TYR B 153 -22.39 59.26 5.25
C TYR B 153 -21.56 60.15 6.16
N LEU B 154 -20.25 59.99 6.11
CA LEU B 154 -19.40 60.84 6.90
C LEU B 154 -19.42 62.22 6.30
N ASP B 155 -19.21 62.30 5.00
CA ASP B 155 -19.44 63.53 4.22
C ASP B 155 -19.57 63.13 2.75
N LYS B 156 -20.77 63.30 2.19
CA LYS B 156 -21.08 62.65 0.95
C LYS B 156 -20.28 63.21 -0.24
N ASP B 157 -19.80 64.44 -0.20
CA ASP B 157 -19.08 65.00 -1.36
C ASP B 157 -17.58 65.02 -1.15
N LYS B 158 -17.15 65.02 0.11
CA LYS B 158 -15.74 64.95 0.44
C LYS B 158 -15.23 63.52 0.25
N TYR B 159 -15.92 62.57 0.88
CA TYR B 159 -15.46 61.18 0.91
C TYR B 159 -16.26 60.20 0.04
N LYS B 160 -17.37 60.66 -0.52
CA LYS B 160 -18.27 59.80 -1.26
C LYS B 160 -18.73 58.64 -0.35
N LEU B 161 -18.54 57.39 -0.77
CA LEU B 161 -19.11 56.26 -0.04
C LEU B 161 -18.35 55.83 1.25
N VAL B 162 -17.96 56.80 2.08
CA VAL B 162 -17.37 56.53 3.39
C VAL B 162 -18.42 56.80 4.46
N GLY B 163 -18.46 55.90 5.43
CA GLY B 163 -19.51 55.90 6.41
C GLY B 163 -19.09 56.45 7.74
N ASN B 164 -20.08 56.60 8.60
CA ASN B 164 -19.89 57.03 9.97
C ASN B 164 -20.83 56.26 10.91
N ILE B 165 -20.27 55.37 11.74
CA ILE B 165 -21.10 54.36 12.35
C ILE B 165 -22.07 54.95 13.36
N LYS B 166 -23.35 54.76 13.14
CA LYS B 166 -24.36 55.27 14.04
C LYS B 166 -24.78 54.20 15.04
N SER B 167 -24.71 52.92 14.69
CA SER B 167 -25.04 51.84 15.65
C SER B 167 -24.54 50.45 15.26
N VAL B 168 -24.55 49.55 16.25
CA VAL B 168 -24.13 48.15 16.06
C VAL B 168 -25.24 47.15 16.42
N THR B 169 -25.56 46.22 15.53
CA THR B 169 -26.65 45.27 15.77
C THR B 169 -26.09 43.95 16.27
N LYS B 170 -26.42 43.59 17.50
CA LYS B 170 -25.77 42.46 18.16
C LYS B 170 -26.18 41.10 17.59
N GLU B 171 -27.43 40.99 17.14
CA GLU B 171 -28.08 39.66 16.98
C GLU B 171 -27.24 38.64 16.17
N PRO B 172 -26.62 39.05 15.06
CA PRO B 172 -25.83 38.15 14.23
C PRO B 172 -24.64 37.61 14.94
N ILE B 173 -23.96 38.48 15.68
CA ILE B 173 -22.76 38.10 16.40
C ILE B 173 -23.13 37.17 17.54
N GLU B 174 -24.25 37.45 18.20
CA GLU B 174 -24.67 36.62 19.30
C GLU B 174 -25.08 35.27 18.78
N ALA B 175 -25.95 35.28 17.80
CA ALA B 175 -26.44 34.04 17.29
C ALA B 175 -25.30 33.16 16.94
N SER B 176 -24.24 33.75 16.41
CA SER B 176 -23.09 32.98 15.90
C SER B 176 -22.43 32.28 17.06
N ILE B 177 -22.13 33.08 18.07
CA ILE B 177 -21.49 32.56 19.29
C ILE B 177 -22.37 31.51 19.94
N LYS B 178 -23.61 31.84 20.19
CA LYS B 178 -24.55 30.88 20.72
C LYS B 178 -24.56 29.56 19.92
N ALA B 179 -24.46 29.63 18.60
CA ALA B 179 -24.46 28.36 17.80
C ALA B 179 -23.07 27.75 17.68
N GLY B 180 -22.10 28.32 18.39
CA GLY B 180 -20.81 27.70 18.51
C GLY B 180 -19.83 28.02 17.43
N ALA B 181 -20.04 29.12 16.75
CA ALA B 181 -19.18 29.55 15.67
C ALA B 181 -18.49 30.85 15.99
N LEU B 182 -17.22 30.97 15.60
CA LEU B 182 -16.54 32.24 15.63
C LEU B 182 -17.16 33.18 14.60
N PRO B 183 -17.47 34.43 15.02
CA PRO B 183 -17.95 35.39 14.05
C PRO B 183 -16.79 36.14 13.45
N ILE B 184 -16.75 36.22 12.12
CA ILE B 184 -15.71 36.93 11.43
C ILE B 184 -16.34 38.10 10.68
N LEU B 185 -16.22 39.30 11.26
CA LEU B 185 -16.82 40.53 10.74
C LEU B 185 -15.89 41.25 9.76
N THR B 186 -16.45 41.77 8.67
CA THR B 186 -15.81 42.83 7.86
C THR B 186 -16.21 44.18 8.47
N SER B 187 -15.32 45.19 8.39
CA SER B 187 -15.60 46.56 8.87
C SER B 187 -16.25 47.38 7.77
N LEU B 188 -17.53 47.11 7.55
CA LEU B 188 -18.23 47.58 6.41
C LEU B 188 -19.60 47.88 6.91
N ALA B 189 -19.98 49.14 6.89
CA ALA B 189 -21.27 49.54 7.43
C ALA B 189 -22.25 49.64 6.31
N GLU B 190 -23.46 50.10 6.62
CA GLU B 190 -24.47 50.31 5.59
C GLU B 190 -25.63 51.15 6.05
N THR B 191 -26.02 52.07 5.19
CA THR B 191 -27.08 52.96 5.47
C THR B 191 -28.36 52.18 5.69
N ALA B 192 -29.35 52.80 6.27
CA ALA B 192 -30.61 52.11 6.47
C ALA B 192 -31.09 51.59 5.12
N SER B 193 -31.10 52.47 4.11
CA SER B 193 -31.55 52.13 2.76
C SER B 193 -30.75 51.00 2.09
N GLY B 194 -29.56 50.71 2.58
CA GLY B 194 -28.81 49.57 2.13
C GLY B 194 -27.59 49.80 1.24
N GLN B 195 -27.04 51.02 1.22
CA GLN B 195 -25.79 51.25 0.47
C GLN B 195 -24.69 50.99 1.42
N MET B 196 -23.74 50.22 0.98
CA MET B 196 -22.64 49.87 1.83
C MET B 196 -21.71 51.02 1.85
N LEU B 197 -21.23 51.37 3.04
CA LEU B 197 -20.26 52.41 3.22
C LEU B 197 -18.98 51.88 3.85
N ASN B 198 -17.85 52.36 3.33
CA ASN B 198 -16.54 52.03 3.86
C ASN B 198 -16.31 52.78 5.15
N VAL B 199 -15.76 52.07 6.14
CA VAL B 199 -15.61 52.55 7.49
C VAL B 199 -14.31 52.05 8.10
N ASN B 200 -13.60 52.92 8.85
CA ASN B 200 -12.33 52.56 9.52
C ASN B 200 -12.38 51.33 10.48
N ALA B 201 -11.58 50.31 10.17
CA ALA B 201 -11.48 49.10 10.99
C ALA B 201 -11.20 49.34 12.50
N ASP B 202 -10.33 50.30 12.81
CA ASP B 202 -10.01 50.60 14.20
C ASP B 202 -11.17 51.22 14.92
N VAL B 203 -11.97 52.00 14.21
CA VAL B 203 -13.13 52.64 14.83
C VAL B 203 -14.28 51.65 14.98
N ALA B 204 -14.50 50.83 13.98
CA ALA B 204 -15.44 49.76 14.07
C ALA B 204 -15.16 48.87 15.28
N ALA B 205 -13.89 48.54 15.50
CA ALA B 205 -13.49 47.68 16.61
C ALA B 205 -13.87 48.30 17.91
N GLY B 206 -13.64 49.59 18.03
CA GLY B 206 -14.10 50.32 19.19
C GLY B 206 -15.60 50.35 19.39
N GLU B 207 -16.35 50.51 18.32
CA GLU B 207 -17.79 50.49 18.48
C GLU B 207 -18.32 49.15 18.92
N LEU B 208 -17.68 48.07 18.51
CA LEU B 208 -18.07 46.74 19.01
C LEU B 208 -17.77 46.65 20.47
N ALA B 209 -16.56 47.01 20.82
CA ALA B 209 -16.14 46.90 22.16
C ALA B 209 -17.12 47.68 23.07
N ARG B 210 -17.55 48.85 22.65
CA ARG B 210 -18.47 49.65 23.44
C ARG B 210 -19.78 48.94 23.72
N VAL B 211 -20.31 48.28 22.71
CA VAL B 211 -21.58 47.57 22.81
C VAL B 211 -21.47 46.20 23.53
N PHE B 212 -20.39 45.43 23.29
CA PHE B 212 -20.23 44.10 23.89
C PHE B 212 -19.43 44.01 25.16
N GLU B 213 -18.85 45.13 25.57
CA GLU B 213 -18.03 45.20 26.78
C GLU B 213 -17.24 43.91 27.05
N PRO B 214 -16.39 43.52 26.10
CA PRO B 214 -15.61 42.34 26.23
C PRO B 214 -14.47 42.53 27.20
N LEU B 215 -13.86 41.44 27.67
CA LEU B 215 -12.77 41.53 28.60
C LEU B 215 -11.48 41.96 27.95
N LYS B 216 -11.22 41.46 26.77
CA LYS B 216 -10.02 41.85 26.08
C LYS B 216 -10.36 42.58 24.78
N ILE B 217 -9.56 43.57 24.43
CA ILE B 217 -9.69 44.20 23.13
C ILE B 217 -8.29 44.21 22.51
N VAL B 218 -8.03 43.32 21.54
CA VAL B 218 -6.69 43.16 21.00
C VAL B 218 -6.65 43.84 19.68
N TYR B 219 -5.65 44.68 19.53
CA TYR B 219 -5.40 45.36 18.28
C TYR B 219 -4.14 44.79 17.62
N LEU B 220 -4.26 43.93 16.64
CA LEU B 220 -3.05 43.41 16.01
C LEU B 220 -2.41 44.40 15.09
N ASN B 221 -1.18 44.76 15.38
CA ASN B 221 -0.39 45.58 14.47
C ASN B 221 0.95 44.96 14.02
N GLU B 222 1.73 45.69 13.21
CA GLU B 222 3.05 45.21 12.75
C GLU B 222 4.05 45.56 13.84
N LYS B 223 4.10 46.85 14.17
CA LYS B 223 5.03 47.39 15.15
C LYS B 223 5.31 46.46 16.34
N GLY B 224 4.25 45.92 16.93
CA GLY B 224 4.36 45.19 18.21
C GLY B 224 3.89 46.18 19.28
N GLY B 225 4.40 46.03 20.49
CA GLY B 225 4.09 46.92 21.65
C GLY B 225 4.58 48.35 21.59
N ILE B 226 4.78 48.95 22.77
CA ILE B 226 5.36 50.31 22.92
C ILE B 226 6.69 50.15 23.62
N ILE B 227 7.73 50.73 23.06
CA ILE B 227 9.06 50.69 23.69
C ILE B 227 9.40 52.04 24.28
N ASN B 228 9.73 52.06 25.57
CA ASN B 228 10.25 53.24 26.24
C ASN B 228 11.47 53.78 25.53
N GLY B 229 11.29 54.87 24.79
CA GLY B 229 12.34 55.42 23.92
C GLY B 229 13.61 55.90 24.59
N SER B 230 13.59 56.04 25.91
CA SER B 230 14.75 56.52 26.67
C SER B 230 15.54 55.40 27.35
N THR B 231 14.94 54.22 27.52
CA THR B 231 15.66 53.06 28.08
C THR B 231 15.45 51.74 27.34
N GLY B 232 14.71 51.76 26.23
CA GLY B 232 14.49 50.55 25.43
C GLY B 232 13.67 49.49 26.14
N GLU B 233 13.09 49.83 27.28
CA GLU B 233 12.34 48.90 28.09
C GLU B 233 10.99 48.66 27.47
N LYS B 234 10.79 47.51 26.82
CA LYS B 234 9.49 47.26 26.26
C LYS B 234 8.47 47.46 27.40
N ILE B 235 7.53 48.41 27.23
CA ILE B 235 6.47 48.67 28.21
C ILE B 235 5.39 47.60 28.07
N SER B 236 5.32 46.70 29.03
CA SER B 236 4.42 45.60 28.90
C SER B 236 3.05 45.87 29.53
N MET B 237 2.95 46.89 30.37
CA MET B 237 1.76 47.19 31.16
C MET B 237 1.60 48.67 31.38
N ILE B 238 0.37 49.12 31.42
CA ILE B 238 0.07 50.49 31.75
C ILE B 238 -1.23 50.54 32.57
N ASN B 239 -1.16 50.95 33.83
CA ASN B 239 -2.38 51.33 34.58
C ASN B 239 -2.63 52.80 34.42
N LEU B 240 -3.62 53.13 33.61
CA LEU B 240 -3.87 54.51 33.24
C LEU B 240 -4.17 55.40 34.45
N ASP B 241 -5.05 54.99 35.35
CA ASP B 241 -5.40 55.86 36.44
C ASP B 241 -4.16 56.35 37.18
N GLU B 242 -3.14 55.50 37.34
CA GLU B 242 -1.85 55.94 37.96
C GLU B 242 -0.87 56.58 36.98
N GLU B 243 -0.63 55.92 35.87
CA GLU B 243 0.52 56.22 35.05
C GLU B 243 0.27 57.20 33.90
N TYR B 244 -0.98 57.38 33.50
CA TYR B 244 -1.31 58.07 32.28
C TYR B 244 -0.67 59.43 32.16
N ASP B 245 -0.88 60.28 33.16
CA ASP B 245 -0.51 61.69 33.07
C ASP B 245 0.96 61.90 32.88
N ASP B 246 1.74 61.13 33.62
CA ASP B 246 3.19 61.34 33.65
C ASP B 246 3.84 60.64 32.48
N LEU B 247 3.11 59.70 31.88
CA LEU B 247 3.61 59.05 30.70
C LEU B 247 3.45 59.97 29.49
N MET B 248 2.33 60.69 29.43
CA MET B 248 2.09 61.61 28.33
C MET B 248 3.06 62.80 28.42
N LYS B 249 3.47 63.16 29.63
CA LYS B 249 4.44 64.22 29.86
C LYS B 249 5.86 63.90 29.38
N GLN B 250 6.16 62.64 29.07
CA GLN B 250 7.56 62.24 28.76
C GLN B 250 8.18 62.82 27.47
N SER B 251 9.48 63.11 27.54
CA SER B 251 10.27 63.57 26.40
C SER B 251 10.13 62.64 25.21
N TRP B 252 10.29 61.35 25.45
CA TRP B 252 10.41 60.35 24.37
C TRP B 252 9.11 60.02 23.70
N VAL B 253 8.01 60.11 24.43
CA VAL B 253 6.69 59.76 23.84
C VAL B 253 6.28 60.64 22.64
N LYS B 254 6.17 60.00 21.47
CA LYS B 254 5.79 60.67 20.20
C LYS B 254 4.28 60.86 20.04
N TYR B 255 3.94 61.72 19.10
CA TYR B 255 2.57 62.09 18.90
C TYR B 255 1.68 60.87 18.58
N GLY B 256 2.19 60.01 17.68
CA GLY B 256 1.45 58.82 17.27
C GLY B 256 1.10 57.95 18.46
N THR B 257 2.02 57.88 19.41
CA THR B 257 1.80 57.11 20.61
C THR B 257 0.73 57.79 21.45
N LYS B 258 0.92 59.10 21.72
CA LYS B 258 -0.04 59.90 22.51
C LYS B 258 -1.46 59.63 22.02
N LEU B 259 -1.67 59.78 20.72
CA LEU B 259 -3.01 59.58 20.15
C LEU B 259 -3.57 58.17 20.37
N LYS B 260 -2.69 57.15 20.35
CA LYS B 260 -3.16 55.77 20.50
C LYS B 260 -3.55 55.53 21.93
N ILE B 261 -2.66 55.92 22.84
CA ILE B 261 -2.94 55.76 24.26
C ILE B 261 -4.16 56.59 24.66
N ARG B 262 -4.33 57.78 24.07
CA ARG B 262 -5.45 58.66 24.42
C ARG B 262 -6.73 57.95 24.03
N GLU B 263 -6.73 57.39 22.83
CA GLU B 263 -7.94 56.78 22.32
C GLU B 263 -8.28 55.48 23.05
N ILE B 264 -7.26 54.82 23.60
CA ILE B 264 -7.48 53.65 24.43
C ILE B 264 -8.03 54.03 25.80
N LYS B 265 -7.54 55.14 26.39
CA LYS B 265 -8.09 55.63 27.64
C LYS B 265 -9.56 55.92 27.43
N GLU B 266 -9.88 56.67 26.39
CA GLU B 266 -11.25 57.08 26.15
C GLU B 266 -12.15 55.88 26.05
N LEU B 267 -11.64 54.80 25.48
CA LEU B 267 -12.40 53.57 25.39
C LEU B 267 -12.60 52.92 26.74
N LEU B 268 -11.51 52.72 27.46
CA LEU B 268 -11.56 52.00 28.72
C LEU B 268 -12.32 52.75 29.81
N ASP B 269 -12.45 54.08 29.67
CA ASP B 269 -13.26 54.89 30.60
C ASP B 269 -14.74 54.55 30.51
N TYR B 270 -15.11 53.93 29.41
CA TYR B 270 -16.47 53.57 29.07
C TYR B 270 -16.80 52.19 29.59
N LEU B 271 -15.82 51.29 29.49
CA LEU B 271 -16.00 49.91 29.86
C LEU B 271 -15.69 49.64 31.33
N PRO B 272 -16.12 48.49 31.84
CA PRO B 272 -15.67 47.93 33.09
C PRO B 272 -14.19 48.05 33.41
N ARG B 273 -13.89 47.90 34.70
CA ARG B 273 -12.53 47.81 35.16
C ARG B 273 -11.92 46.48 34.73
N SER B 274 -12.76 45.47 34.57
CA SER B 274 -12.34 44.15 34.14
C SER B 274 -11.72 44.15 32.73
N SER B 275 -12.08 45.13 31.90
CA SER B 275 -11.65 45.11 30.52
C SER B 275 -10.28 45.73 30.31
N SER B 276 -9.67 45.39 29.18
CA SER B 276 -8.30 45.80 28.87
C SER B 276 -7.98 45.73 27.39
N VAL B 277 -6.97 46.48 27.00
CA VAL B 277 -6.64 46.61 25.58
C VAL B 277 -5.21 46.13 25.38
N ALA B 278 -4.96 45.35 24.32
CA ALA B 278 -3.62 44.86 24.02
C ALA B 278 -3.21 45.35 22.71
N ILE B 279 -2.02 45.92 22.63
CA ILE B 279 -1.41 46.23 21.32
C ILE B 279 -0.27 45.24 21.13
N ILE B 280 -0.49 44.24 20.26
CA ILE B 280 0.58 43.30 19.97
C ILE B 280 0.77 43.01 18.51
N ASN B 281 1.91 42.40 18.25
CA ASN B 281 2.23 41.86 16.98
C ASN B 281 1.51 40.53 16.87
N VAL B 282 1.29 40.04 15.66
CA VAL B 282 0.51 38.79 15.46
C VAL B 282 1.12 37.59 16.16
N GLN B 283 2.43 37.36 16.03
CA GLN B 283 3.01 36.13 16.58
C GLN B 283 2.87 35.96 18.08
N ASP B 284 3.02 37.03 18.84
CA ASP B 284 2.96 36.89 20.28
C ASP B 284 1.52 37.13 20.77
N LEU B 285 0.55 36.70 19.96
CA LEU B 285 -0.85 36.92 20.30
C LEU B 285 -1.33 35.94 21.35
N GLN B 286 -1.23 34.63 21.08
CA GLN B 286 -1.71 33.60 22.05
C GLN B 286 -1.22 33.95 23.43
N LYS B 287 0.05 34.38 23.47
CA LYS B 287 0.74 34.81 24.70
C LYS B 287 0.05 36.00 25.35
N GLU B 288 0.10 37.15 24.71
CA GLU B 288 -0.47 38.37 25.33
C GLU B 288 -1.96 38.35 25.70
N LEU B 289 -2.73 37.45 25.11
CA LEU B 289 -4.17 37.31 25.46
C LEU B 289 -4.46 36.75 26.91
N PHE B 290 -3.54 35.99 27.48
CA PHE B 290 -3.72 35.48 28.82
C PHE B 290 -2.61 35.88 29.77
N THR B 291 -1.36 35.90 29.30
CA THR B 291 -0.26 36.30 30.17
C THR B 291 -0.21 37.83 30.20
N ASP B 292 0.00 38.35 31.41
CA ASP B 292 -0.03 39.80 31.70
C ASP B 292 1.19 40.52 31.11
N SER B 293 2.31 39.79 30.99
CA SER B 293 3.53 40.34 30.36
C SER B 293 3.45 40.21 28.81
N GLY B 294 3.52 38.99 28.27
CA GLY B 294 3.62 38.82 26.81
C GLY B 294 4.80 39.60 26.25
N ALA B 295 4.74 39.96 24.97
CA ALA B 295 5.75 40.79 24.31
C ALA B 295 5.08 41.98 23.61
N GLY B 296 3.97 42.45 24.18
CA GLY B 296 3.32 43.65 23.70
C GLY B 296 2.86 44.44 24.87
N THR B 297 2.38 45.64 24.58
CA THR B 297 1.84 46.50 25.60
C THR B 297 0.36 46.21 25.93
N MET B 298 0.06 46.07 27.21
CA MET B 298 -1.30 45.88 27.66
C MET B 298 -1.74 47.05 28.54
N ILE B 299 -2.78 47.76 28.10
CA ILE B 299 -3.28 48.89 28.85
C ILE B 299 -4.58 48.53 29.54
N ARG B 300 -4.79 49.11 30.72
CA ARG B 300 -6.06 49.03 31.46
C ARG B 300 -6.16 50.17 32.48
N ARG B 301 -7.34 50.37 33.06
CA ARG B 301 -7.56 51.57 33.85
C ARG B 301 -6.87 51.53 35.16
N GLY B 302 -6.98 50.39 35.79
CA GLY B 302 -6.36 50.24 37.13
C GLY B 302 -7.05 51.11 38.18
N TYR B 303 -6.36 51.49 39.23
CA TYR B 303 -6.84 52.40 40.25
C TYR B 303 -5.59 53.22 40.56
N LYS B 304 -5.77 54.40 41.13
CA LYS B 304 -4.65 55.27 41.52
C LYS B 304 -4.18 54.96 42.91
N LEU B 305 -2.88 55.12 43.16
CA LEU B 305 -2.31 54.86 44.47
C LEU B 305 -2.44 56.14 45.26
N VAL B 306 -2.69 56.02 46.57
CA VAL B 306 -2.99 57.17 47.41
C VAL B 306 -2.00 57.19 48.59
N LYS B 307 -1.20 58.24 48.64
CA LYS B 307 -0.14 58.36 49.65
C LYS B 307 -0.81 58.94 50.90
N ARG B 308 -0.78 58.23 52.02
CA ARG B 308 -1.32 58.76 53.29
C ARG B 308 -0.32 58.67 54.44
N SER B 309 -0.39 59.62 55.37
CA SER B 309 0.56 59.72 56.50
C SER B 309 -0.07 59.62 57.88
N SER B 310 -1.34 59.21 57.96
CA SER B 310 -1.96 58.95 59.25
C SER B 310 -3.20 58.10 59.08
N ILE B 311 -3.52 57.24 60.05
CA ILE B 311 -4.71 56.42 60.01
C ILE B 311 -5.90 57.30 59.69
N GLY B 312 -5.82 58.55 60.14
CA GLY B 312 -6.88 59.54 59.92
C GLY B 312 -7.34 59.66 58.50
N GLU B 313 -6.38 59.57 57.58
CA GLU B 313 -6.62 59.84 56.18
C GLU B 313 -7.23 58.66 55.47
N PHE B 314 -7.14 57.47 56.03
CA PHE B 314 -7.81 56.29 55.46
C PHE B 314 -9.32 56.40 55.63
N PRO B 315 -10.07 56.15 54.57
CA PRO B 315 -11.49 56.36 54.62
C PRO B 315 -12.18 55.32 55.53
N SER B 316 -11.63 54.10 55.56
CA SER B 316 -12.09 53.07 56.48
C SER B 316 -10.89 52.46 57.17
N ALA B 317 -10.88 52.57 58.49
CA ALA B 317 -9.87 51.95 59.29
C ALA B 317 -10.09 50.45 59.23
N ASP B 318 -11.34 50.02 59.24
CA ASP B 318 -11.64 48.59 59.13
C ASP B 318 -11.11 48.02 57.83
N ALA B 319 -11.17 48.80 56.75
CA ALA B 319 -10.63 48.38 55.44
C ALA B 319 -9.16 48.16 55.53
N LEU B 320 -8.48 48.99 56.29
CA LEU B 320 -7.04 48.85 56.50
C LEU B 320 -6.76 47.56 57.24
N ARG B 321 -7.57 47.30 58.24
CA ARG B 321 -7.29 46.15 59.07
C ARG B 321 -7.43 44.91 58.23
N LYS B 322 -8.47 44.83 57.42
CA LYS B 322 -8.69 43.69 56.57
C LYS B 322 -7.55 43.46 55.65
N ALA B 323 -7.08 44.58 55.08
CA ALA B 323 -5.95 44.57 54.13
C ALA B 323 -4.71 43.95 54.71
N LEU B 324 -4.39 44.31 55.95
CA LEU B 324 -3.20 43.84 56.63
C LEU B 324 -3.30 42.40 57.16
N GLN B 325 -4.51 41.86 57.29
CA GLN B 325 -4.71 40.53 57.85
C GLN B 325 -4.22 39.39 56.97
N ARG B 326 -3.92 39.67 55.69
CA ARG B 326 -3.47 38.62 54.76
C ARG B 326 -1.98 38.36 54.90
N ASP B 327 -1.29 39.17 55.70
CA ASP B 327 0.14 39.04 55.98
C ASP B 327 0.52 37.64 56.50
N ALA B 328 1.76 37.21 56.22
CA ALA B 328 2.27 35.89 56.68
C ALA B 328 2.59 35.86 58.19
N GLY B 329 2.87 37.03 58.76
CA GLY B 329 3.16 37.16 60.20
C GLY B 329 2.09 37.90 60.99
N ILE B 330 0.87 37.95 60.45
CA ILE B 330 -0.30 38.44 61.17
C ILE B 330 -1.53 37.55 61.04
N SER B 331 -1.72 36.91 59.87
CA SER B 331 -2.84 35.99 59.61
C SER B 331 -2.94 34.91 60.70
N SER B 332 -1.79 34.55 61.29
CA SER B 332 -1.75 34.01 62.66
C SER B 332 -0.35 34.16 63.29
N GLY B 333 0.42 35.15 62.83
CA GLY B 333 1.75 35.43 63.36
C GLY B 333 1.67 36.19 64.68
N LYS B 334 2.80 36.31 65.37
CA LYS B 334 2.83 36.86 66.75
C LYS B 334 2.87 38.40 66.81
N GLU B 335 2.12 39.07 65.94
CA GLU B 335 1.89 40.51 66.03
C GLU B 335 0.52 40.79 65.47
N SER B 336 -0.49 40.93 66.34
CA SER B 336 -1.85 41.11 65.87
C SER B 336 -1.94 42.48 65.20
N VAL B 337 -2.66 42.51 64.09
CA VAL B 337 -2.91 43.73 63.40
C VAL B 337 -3.44 44.78 64.37
N ALA B 338 -4.25 44.34 65.33
CA ALA B 338 -4.76 45.20 66.35
C ALA B 338 -3.64 46.04 66.90
N SER B 339 -2.60 45.37 67.37
CA SER B 339 -1.57 46.07 68.12
C SER B 339 -0.68 46.82 67.17
N TYR B 340 -0.57 46.33 65.96
CA TYR B 340 0.23 47.05 64.99
C TYR B 340 -0.38 48.42 64.71
N LEU B 341 -1.68 48.47 64.47
CA LEU B 341 -2.37 49.72 64.15
C LEU B 341 -2.33 50.70 65.33
N ARG B 342 -2.24 50.17 66.55
CA ARG B 342 -1.95 51.02 67.70
C ARG B 342 -0.60 51.74 67.51
N TYR B 343 0.47 51.01 67.20
CA TYR B 343 1.79 51.60 66.99
C TYR B 343 1.78 52.62 65.88
N LEU B 344 1.02 52.38 64.83
CA LEU B 344 1.01 53.31 63.68
C LEU B 344 0.54 54.69 64.07
N GLU B 345 -0.58 54.77 64.78
CA GLU B 345 -1.13 56.07 65.22
C GLU B 345 -0.08 57.01 65.81
N ASN B 346 0.88 56.44 66.51
CA ASN B 346 1.98 57.19 67.10
C ASN B 346 3.29 56.88 66.36
N SER B 347 3.41 57.29 65.09
CA SER B 347 4.51 56.85 64.25
C SER B 347 4.72 57.75 63.04
N ASP B 348 5.96 58.06 62.70
CA ASP B 348 6.32 58.77 61.47
C ASP B 348 6.24 57.73 60.37
N PHE B 349 5.19 57.79 59.57
CA PHE B 349 5.08 56.85 58.43
C PHE B 349 4.42 57.40 57.15
N VAL B 350 4.74 56.77 56.03
CA VAL B 350 4.14 57.04 54.73
C VAL B 350 3.49 55.73 54.24
N SER B 351 2.27 55.80 53.74
CA SER B 351 1.58 54.61 53.27
C SER B 351 1.23 54.83 51.82
N TYR B 352 1.06 53.73 51.07
CA TYR B 352 0.59 53.80 49.69
C TYR B 352 -0.42 52.69 49.50
N ALA B 353 -1.60 53.02 48.99
CA ALA B 353 -2.55 51.95 48.60
C ALA B 353 -3.48 52.40 47.55
N ASP B 354 -3.94 51.45 46.78
CA ASP B 354 -5.04 51.68 45.87
C ASP B 354 -6.39 51.83 46.61
N GLU B 355 -7.41 52.24 45.87
CA GLU B 355 -8.72 52.50 46.46
C GLU B 355 -9.35 51.31 47.12
N PRO B 356 -9.28 50.14 46.49
CA PRO B 356 -9.82 48.95 47.11
C PRO B 356 -8.94 48.28 48.19
N LEU B 357 -7.78 48.88 48.53
CA LEU B 357 -6.85 48.31 49.50
C LEU B 357 -6.55 46.85 49.12
N GLU B 358 -6.37 46.63 47.82
CA GLU B 358 -5.97 45.34 47.33
C GLU B 358 -4.45 45.22 47.54
N ALA B 359 -3.78 46.37 47.61
CA ALA B 359 -2.35 46.46 47.90
C ALA B 359 -2.07 47.61 48.88
N VAL B 360 -1.31 47.32 49.93
CA VAL B 360 -0.95 48.35 50.93
C VAL B 360 0.50 48.28 51.31
N ALA B 361 1.25 49.37 51.09
CA ALA B 361 2.65 49.45 51.58
C ALA B 361 2.76 50.53 52.65
N ILE B 362 3.64 50.27 53.62
CA ILE B 362 3.84 51.19 54.74
C ILE B 362 5.32 51.38 55.02
N VAL B 363 5.83 52.59 54.86
CA VAL B 363 7.23 52.84 55.09
C VAL B 363 7.42 53.57 56.40
N LYS B 364 8.13 52.95 57.35
CA LYS B 364 8.44 53.60 58.63
C LYS B 364 9.76 54.34 58.50
N LYS B 365 9.71 55.62 58.79
CA LYS B 365 10.67 56.52 58.23
C LYS B 365 11.84 56.79 59.16
N ASP B 366 11.66 56.48 60.43
CA ASP B 366 12.79 56.54 61.37
C ASP B 366 13.91 55.61 60.89
N THR B 367 15.11 55.74 61.48
CA THR B 367 16.32 55.01 61.05
C THR B 367 16.65 55.24 59.57
N ASN B 368 17.74 55.96 59.29
CA ASN B 368 18.21 56.11 57.92
C ASN B 368 18.29 54.71 57.31
N VAL B 369 17.94 54.64 56.04
CA VAL B 369 17.36 53.44 55.43
C VAL B 369 16.04 53.11 56.07
N PRO B 370 14.99 53.71 55.54
CA PRO B 370 13.67 53.45 56.02
C PRO B 370 13.29 52.01 55.75
N THR B 371 12.39 51.51 56.58
CA THR B 371 11.91 50.18 56.46
C THR B 371 10.52 50.19 55.84
N LEU B 372 10.34 49.35 54.81
CA LEU B 372 9.02 49.01 54.27
C LEU B 372 8.51 48.01 55.30
N ASP B 373 7.66 48.49 56.18
CA ASP B 373 7.33 47.80 57.37
C ASP B 373 6.30 46.77 57.06
N LYS B 374 5.32 47.15 56.25
CA LYS B 374 4.30 46.24 55.78
C LYS B 374 4.16 46.42 54.25
N PHE B 375 3.79 45.34 53.57
CA PHE B 375 3.57 45.31 52.11
C PHE B 375 2.68 44.10 51.92
N VAL B 376 1.40 44.35 51.78
CA VAL B 376 0.44 43.26 51.79
C VAL B 376 -0.55 43.38 50.63
N CYS B 377 -0.35 42.53 49.64
CA CYS B 377 -1.11 42.62 48.39
C CYS B 377 -1.77 41.29 48.13
N SER B 378 -3.05 41.32 47.79
CA SER B 378 -3.75 40.09 47.46
C SER B 378 -3.32 39.53 46.11
N ASP B 379 -3.72 38.32 45.80
CA ASP B 379 -3.26 37.68 44.57
C ASP B 379 -3.75 38.50 43.39
N ALA B 380 -5.01 38.93 43.48
CA ALA B 380 -5.53 39.86 42.49
C ALA B 380 -4.50 40.95 42.15
N ALA B 381 -3.97 41.57 43.19
CA ALA B 381 -3.00 42.64 43.05
C ALA B 381 -1.69 42.15 42.36
N TRP B 382 -1.17 41.01 42.77
CA TRP B 382 0.02 40.45 42.12
C TRP B 382 -0.17 40.28 40.62
N LEU B 383 -1.31 39.72 40.19
CA LEU B 383 -1.55 39.44 38.79
C LEU B 383 -1.67 40.73 37.97
N ASN B 384 -2.22 41.81 38.57
CA ASN B 384 -2.38 43.08 37.84
C ASN B 384 -1.21 44.05 38.01
N ASN B 385 -0.06 43.49 38.33
CA ASN B 385 1.11 44.24 38.81
C ASN B 385 0.80 45.60 39.40
N VAL B 386 -0.03 45.60 40.44
CA VAL B 386 -0.18 46.78 41.27
C VAL B 386 1.02 46.78 42.18
N THR B 387 1.54 45.58 42.45
CA THR B 387 2.76 45.49 43.20
C THR B 387 3.87 46.27 42.49
N ASP B 388 3.95 46.20 41.15
CA ASP B 388 5.02 46.90 40.47
C ASP B 388 4.76 48.37 40.57
N ASN B 389 3.50 48.75 40.45
CA ASN B 389 3.12 50.13 40.59
C ASN B 389 3.63 50.72 41.91
N VAL B 390 3.33 50.01 42.99
CA VAL B 390 3.66 50.46 44.31
C VAL B 390 5.17 50.55 44.45
N PHE B 391 5.92 49.54 43.97
CA PHE B 391 7.36 49.66 44.08
C PHE B 391 7.95 50.79 43.27
N ASN B 392 7.36 51.07 42.13
CA ASN B 392 7.86 52.17 41.35
C ASN B 392 7.74 53.46 42.10
N VAL B 393 6.61 53.65 42.78
CA VAL B 393 6.39 54.86 43.55
C VAL B 393 7.40 54.89 44.66
N LEU B 394 7.46 53.79 45.41
CA LEU B 394 8.45 53.63 46.48
C LEU B 394 9.87 53.98 46.06
N ARG B 395 10.24 53.52 44.89
CA ARG B 395 11.63 53.66 44.47
C ARG B 395 11.91 55.14 44.20
N ARG B 396 10.90 55.91 43.83
CA ARG B 396 11.08 57.31 43.55
C ARG B 396 11.08 58.11 44.85
N ASP B 397 10.18 57.78 45.75
CA ASP B 397 10.04 58.53 47.01
C ASP B 397 11.06 58.10 48.07
N PHE B 398 11.70 56.94 47.87
CA PHE B 398 12.65 56.40 48.84
C PHE B 398 13.81 55.81 48.08
N PRO B 399 14.85 56.59 47.89
CA PRO B 399 15.97 56.10 47.14
C PRO B 399 16.74 54.98 47.82
N ALA B 400 16.66 54.88 49.14
CA ALA B 400 17.20 53.71 49.82
C ALA B 400 16.17 53.21 50.74
N LEU B 401 16.06 51.88 50.77
CA LEU B 401 14.96 51.20 51.43
C LEU B 401 15.40 49.80 51.80
N GLN B 402 14.94 49.34 52.95
CA GLN B 402 15.15 47.93 53.37
C GLN B 402 13.81 47.30 53.71
N TRP B 403 13.72 45.99 53.54
CA TRP B 403 12.49 45.27 53.85
C TRP B 403 12.74 43.80 54.02
N VAL B 404 11.81 43.14 54.75
CA VAL B 404 11.93 41.70 55.05
C VAL B 404 10.77 40.86 54.58
N VAL B 405 11.08 39.78 53.88
CA VAL B 405 10.05 38.91 53.34
C VAL B 405 10.30 37.53 53.89
N SER B 406 9.23 36.75 54.02
CA SER B 406 9.33 35.38 54.51
C SER B 406 10.11 34.50 53.52
N GLU B 407 10.92 33.60 54.05
CA GLU B 407 11.81 32.78 53.21
C GLU B 407 11.07 32.11 52.10
N ASN B 408 9.84 31.70 52.37
CA ASN B 408 9.03 31.02 51.35
C ASN B 408 7.74 31.75 51.12
N ASP B 409 7.88 33.03 50.80
CA ASP B 409 6.79 33.83 50.28
C ASP B 409 6.63 33.40 48.84
N ALA B 410 5.39 33.39 48.39
CA ALA B 410 5.04 32.89 47.07
C ALA B 410 5.86 33.56 46.00
N ASN B 411 6.06 34.87 46.08
CA ASN B 411 6.84 35.58 45.07
C ASN B 411 8.10 36.19 45.67
N ILE B 412 8.86 35.36 46.39
CA ILE B 412 10.18 35.75 46.92
C ILE B 412 11.10 36.15 45.76
N ALA B 413 11.01 35.44 44.65
CA ALA B 413 11.80 35.72 43.45
C ALA B 413 11.65 37.16 42.97
N TRP B 414 10.44 37.71 43.13
CA TRP B 414 10.15 39.02 42.61
C TRP B 414 10.86 40.04 43.46
N HIS B 415 10.75 39.88 44.77
CA HIS B 415 11.48 40.74 45.67
C HIS B 415 12.97 40.74 45.34
N PHE B 416 13.55 39.58 45.04
CA PHE B 416 14.98 39.51 44.78
C PHE B 416 15.31 40.40 43.62
N ASP B 417 14.42 40.42 42.64
CA ASP B 417 14.68 41.17 41.42
C ASP B 417 14.64 42.64 41.68
N LYS B 418 13.81 43.05 42.64
CA LYS B 418 13.68 44.45 42.97
C LYS B 418 14.81 44.89 43.90
N SER B 419 15.55 43.96 44.51
CA SER B 419 16.60 44.33 45.48
C SER B 419 17.97 44.55 44.83
N GLN B 420 18.91 45.14 45.60
CA GLN B 420 20.32 45.19 45.22
C GLN B 420 21.12 44.27 46.10
N GLY B 421 20.53 43.81 47.19
CA GLY B 421 21.19 42.83 48.07
C GLY B 421 20.24 42.07 48.99
N SER B 422 20.69 40.91 49.47
CA SER B 422 19.85 40.03 50.28
C SER B 422 20.63 39.35 51.38
N TYR B 423 19.97 39.12 52.53
CA TYR B 423 20.52 38.25 53.62
C TYR B 423 19.46 37.36 54.26
N LEU B 424 19.75 36.08 54.33
CA LEU B 424 18.82 35.11 54.84
C LEU B 424 19.20 34.77 56.25
N LYS B 425 18.20 34.75 57.12
CA LYS B 425 18.35 34.19 58.45
C LYS B 425 17.00 33.91 59.07
N GLY B 426 16.91 32.83 59.83
CA GLY B 426 15.69 32.49 60.58
C GLY B 426 14.42 32.52 59.76
N GLY B 427 14.49 31.96 58.56
CA GLY B 427 13.33 31.90 57.68
C GLY B 427 12.80 33.25 57.23
N LYS B 428 13.66 34.27 57.23
CA LYS B 428 13.30 35.55 56.68
C LYS B 428 14.45 36.03 55.82
N VAL B 429 14.13 36.82 54.81
CA VAL B 429 15.16 37.44 54.01
C VAL B 429 15.10 38.94 54.23
N LEU B 430 16.25 39.51 54.57
CA LEU B 430 16.43 40.95 54.50
C LEU B 430 16.79 41.36 53.05
N PHE B 431 16.04 42.34 52.54
CA PHE B 431 16.29 42.92 51.21
C PHE B 431 16.54 44.42 51.34
N TRP B 432 17.42 44.93 50.50
CA TRP B 432 17.56 46.38 50.41
C TRP B 432 17.92 46.83 49.02
N TYR B 433 17.70 48.13 48.79
CA TYR B 433 18.16 48.73 47.59
C TYR B 433 18.73 50.13 47.82
N GLY B 434 19.66 50.50 46.95
CA GLY B 434 20.18 51.82 46.94
C GLY B 434 21.23 52.14 47.99
N ILE B 435 21.68 51.17 48.77
CA ILE B 435 22.76 51.46 49.72
C ILE B 435 23.96 50.59 49.50
N ASP B 436 24.72 50.96 48.49
CA ASP B 436 25.96 50.27 48.18
C ASP B 436 27.19 50.85 48.95
N ASP B 437 26.96 51.41 50.13
CA ASP B 437 28.04 51.63 51.08
C ASP B 437 28.27 50.34 51.86
N ILE B 438 29.34 49.64 51.50
CA ILE B 438 29.77 48.40 52.16
C ILE B 438 29.49 48.35 53.67
N ASN B 439 29.60 49.51 54.31
CA ASN B 439 29.59 49.64 55.74
C ASN B 439 28.19 49.68 56.33
N THR B 440 27.34 50.56 55.81
CA THR B 440 25.96 50.65 56.31
C THR B 440 25.21 49.35 56.03
N ILE B 441 25.76 48.52 55.15
CA ILE B 441 25.18 47.20 54.90
C ILE B 441 25.41 46.31 56.12
N SER B 442 26.65 46.28 56.62
CA SER B 442 26.93 45.56 57.86
C SER B 442 25.97 45.99 58.97
N GLU B 443 25.85 47.28 59.20
CA GLU B 443 24.93 47.81 60.21
C GLU B 443 23.57 47.18 59.99
N LEU B 444 23.08 47.32 58.77
CA LEU B 444 21.77 46.81 58.39
C LEU B 444 21.56 45.34 58.78
N VAL B 445 22.50 44.51 58.31
CA VAL B 445 22.45 43.05 58.47
C VAL B 445 22.54 42.69 59.97
N GLU B 446 23.37 43.44 60.69
CA GLU B 446 23.63 43.13 62.08
C GLU B 446 22.35 43.35 62.89
N ASN B 447 21.64 44.44 62.63
CA ASN B 447 20.41 44.76 63.34
C ASN B 447 19.31 43.75 63.07
N PHE B 448 19.22 43.31 61.83
CA PHE B 448 18.29 42.30 61.41
C PHE B 448 18.54 40.97 62.08
N VAL B 449 19.81 40.58 62.22
CA VAL B 449 20.15 39.33 62.90
C VAL B 449 19.88 39.50 64.38
N LYS B 450 20.32 40.63 64.93
CA LYS B 450 20.08 40.99 66.34
C LYS B 450 18.62 40.75 66.77
N SER B 451 17.69 40.98 65.84
CA SER B 451 16.27 40.82 66.13
C SER B 451 15.69 39.48 65.66
N CYS B 452 16.39 38.39 65.97
CA CYS B 452 15.79 37.07 66.07
C CYS B 452 16.14 36.65 67.52
N ASP B 453 15.81 37.54 68.47
CA ASP B 453 15.94 37.20 69.90
C ASP B 453 15.35 38.26 70.81
N THR C 18 -10.82 20.64 25.14
CA THR C 18 -11.73 21.04 26.35
C THR C 18 -11.15 21.92 27.47
N ARG C 19 -11.91 22.97 27.76
CA ARG C 19 -11.80 23.81 28.95
C ARG C 19 -11.55 22.94 30.20
N SER C 20 -12.30 21.86 30.28
CA SER C 20 -12.31 20.95 31.45
C SER C 20 -10.89 20.53 31.74
N THR C 21 -10.26 19.89 30.76
CA THR C 21 -8.91 19.35 30.91
C THR C 21 -7.88 20.40 31.21
N VAL C 22 -7.86 21.45 30.39
CA VAL C 22 -6.91 22.54 30.51
C VAL C 22 -6.87 23.11 31.93
N ILE C 23 -8.06 23.33 32.48
CA ILE C 23 -8.22 23.81 33.84
C ILE C 23 -7.51 22.89 34.80
N GLN C 24 -7.78 21.58 34.68
CA GLN C 24 -7.18 20.61 35.58
C GLN C 24 -5.68 20.44 35.33
N LEU C 25 -5.22 20.68 34.12
CA LEU C 25 -3.79 20.67 33.88
C LEU C 25 -3.25 21.80 34.72
N LEU C 26 -3.73 23.01 34.44
CA LEU C 26 -3.16 24.27 35.00
C LEU C 26 -3.21 24.34 36.52
N ASN C 27 -4.22 23.71 37.14
CA ASN C 27 -4.30 23.62 38.59
C ASN C 27 -3.05 22.99 39.15
N ASN C 28 -2.46 22.05 38.41
CA ASN C 28 -1.37 21.25 38.93
C ASN C 28 0.00 21.73 38.42
N ILE C 29 0.12 23.02 38.11
CA ILE C 29 1.40 23.63 37.74
C ILE C 29 1.75 24.86 38.63
N SER C 30 3.05 25.04 38.88
CA SER C 30 3.58 26.11 39.75
C SER C 30 4.94 26.68 39.28
N THR C 31 6.02 25.92 39.36
CA THR C 31 7.30 26.33 38.71
C THR C 31 7.24 26.20 37.15
N LYS C 32 8.13 26.88 36.46
CA LYS C 32 8.28 26.66 35.03
C LYS C 32 8.87 25.27 34.81
N ARG C 33 9.74 24.85 35.72
CA ARG C 33 10.33 23.53 35.60
C ARG C 33 9.21 22.47 35.49
N GLU C 34 8.04 22.73 36.04
CA GLU C 34 6.89 21.85 35.84
C GLU C 34 6.42 21.95 34.38
N VAL C 35 6.17 23.16 33.93
CA VAL C 35 5.73 23.41 32.55
C VAL C 35 6.66 22.73 31.55
N GLU C 36 7.97 22.87 31.76
CA GLU C 36 8.95 22.33 30.82
C GLU C 36 8.94 20.79 30.83
N GLN C 37 8.71 20.19 31.99
CA GLN C 37 8.58 18.74 32.10
C GLN C 37 7.32 18.27 31.40
N TYR C 38 6.20 18.94 31.66
CA TYR C 38 4.96 18.60 30.96
C TYR C 38 5.18 18.61 29.44
N LEU C 39 5.77 19.69 28.94
CA LEU C 39 6.04 19.81 27.53
C LEU C 39 6.85 18.63 27.02
N LYS C 40 7.79 18.15 27.83
CA LYS C 40 8.66 17.02 27.43
C LYS C 40 7.88 15.77 27.27
N TYR C 41 6.88 15.57 28.12
CA TYR C 41 6.10 14.36 28.08
C TYR C 41 5.14 14.38 26.88
N PHE C 42 4.66 15.56 26.51
CA PHE C 42 3.78 15.68 25.35
C PHE C 42 4.56 15.63 24.05
N THR C 43 5.81 16.07 24.06
CA THR C 43 6.69 15.91 22.89
C THR C 43 7.86 14.91 23.22
N SER C 44 7.61 13.97 24.17
CA SER C 44 8.58 12.94 24.68
C SER C 44 8.96 11.91 23.64
N VAL C 45 9.21 10.68 24.12
CA VAL C 45 9.02 9.48 23.27
C VAL C 45 7.54 9.39 23.06
N SER C 46 6.86 9.99 24.02
CA SER C 46 5.45 9.82 24.23
C SER C 46 5.22 8.25 23.89
N GLN C 47 4.14 8.02 23.17
CA GLN C 47 3.06 7.25 23.75
C GLN C 47 3.34 6.04 24.50
N GLN C 48 4.06 5.11 23.91
CA GLN C 48 4.22 3.78 24.48
C GLN C 48 5.01 3.84 25.74
N GLN C 49 6.09 4.57 25.56
CA GLN C 49 7.11 4.86 26.56
C GLN C 49 6.79 5.98 27.59
N PHE C 50 5.53 6.35 27.81
CA PHE C 50 5.20 7.33 28.88
C PHE C 50 5.31 6.76 30.26
N ALA C 51 4.50 5.76 30.58
CA ALA C 51 4.58 5.21 31.91
C ALA C 51 3.93 3.89 32.02
N VAL C 52 4.45 3.10 32.97
CA VAL C 52 3.78 1.89 33.45
C VAL C 52 3.24 2.26 34.82
N ILE C 53 1.94 1.98 35.07
CA ILE C 53 1.30 2.27 36.37
C ILE C 53 0.81 0.96 36.98
N LYS C 54 1.45 0.54 38.08
CA LYS C 54 1.02 -0.66 38.77
C LYS C 54 -0.03 -0.22 39.73
N VAL C 55 -1.21 -0.81 39.57
CA VAL C 55 -2.32 -0.53 40.45
C VAL C 55 -2.53 -1.72 41.34
N GLY C 56 -2.46 -1.46 42.64
CA GLY C 56 -2.94 -2.44 43.62
C GLY C 56 -4.44 -2.74 43.46
N GLY C 57 -4.83 -3.99 43.64
CA GLY C 57 -6.22 -4.39 43.44
C GLY C 57 -7.16 -3.67 44.38
N ALA C 58 -6.65 -3.40 45.58
CA ALA C 58 -7.36 -2.69 46.64
C ALA C 58 -7.99 -1.41 46.15
N ILE C 59 -7.35 -0.78 45.16
CA ILE C 59 -7.75 0.51 44.61
C ILE C 59 -8.92 0.36 43.64
N ILE C 60 -8.96 -0.72 42.86
CA ILE C 60 -10.04 -0.93 41.94
C ILE C 60 -11.35 -1.18 42.68
N SER C 61 -11.25 -1.74 43.88
CA SER C 61 -12.43 -1.94 44.72
C SER C 61 -12.86 -0.67 45.42
N ASP C 62 -11.91 0.08 45.95
CA ASP C 62 -12.20 1.19 46.87
C ASP C 62 -12.06 2.61 46.31
N ASN C 63 -11.56 2.75 45.09
CA ASN C 63 -11.35 4.05 44.49
C ASN C 63 -11.44 4.01 42.99
N LEU C 64 -12.38 3.25 42.47
CA LEU C 64 -12.50 3.14 41.06
C LEU C 64 -12.64 4.52 40.38
N HIS C 65 -13.41 5.44 40.97
CA HIS C 65 -13.65 6.72 40.30
C HIS C 65 -12.45 7.56 40.35
N GLU C 66 -11.89 7.70 41.54
CA GLU C 66 -10.65 8.46 41.72
C GLU C 66 -9.63 8.00 40.66
N LEU C 67 -9.44 6.68 40.56
CA LEU C 67 -8.47 6.11 39.66
C LEU C 67 -8.82 6.34 38.21
N ALA C 68 -10.06 6.00 37.86
CA ALA C 68 -10.57 6.14 36.48
C ALA C 68 -10.51 7.52 35.96
N SER C 69 -10.99 8.45 36.77
CA SER C 69 -11.01 9.86 36.36
C SER C 69 -9.57 10.37 36.11
N CYS C 70 -8.67 9.90 36.95
CA CYS C 70 -7.31 10.28 36.85
C CYS C 70 -6.60 9.72 35.61
N LEU C 71 -6.82 8.45 35.31
CA LEU C 71 -6.31 7.88 34.06
C LEU C 71 -6.92 8.60 32.87
N ALA C 72 -8.23 8.86 32.98
CA ALA C 72 -8.99 9.56 31.98
C ALA C 72 -8.35 10.92 31.63
N PHE C 73 -7.83 11.61 32.63
CA PHE C 73 -7.15 12.86 32.41
C PHE C 73 -5.90 12.69 31.58
N LEU C 74 -5.12 11.69 31.93
CA LEU C 74 -3.95 11.39 31.12
C LEU C 74 -4.37 11.08 29.65
N TYR C 75 -5.39 10.25 29.50
CA TYR C 75 -5.87 9.88 28.19
C TYR C 75 -6.24 11.11 27.42
N HIS C 76 -6.82 12.08 28.11
CA HIS C 76 -7.32 13.28 27.43
C HIS C 76 -6.21 14.18 26.96
N VAL C 77 -5.18 14.44 27.78
CA VAL C 77 -4.04 15.24 27.31
C VAL C 77 -3.11 14.45 26.39
N GLY C 78 -3.57 13.28 25.90
CA GLY C 78 -2.83 12.50 24.90
C GLY C 78 -1.77 11.52 25.40
N LEU C 79 -1.74 11.24 26.71
CA LEU C 79 -0.78 10.25 27.25
C LEU C 79 -1.43 8.88 27.42
N TYR C 80 -0.63 7.83 27.24
CA TYR C 80 -1.18 6.45 27.19
C TYR C 80 -0.41 5.54 28.15
N PRO C 81 -0.84 5.57 29.39
CA PRO C 81 -0.16 4.76 30.35
C PRO C 81 -0.47 3.31 30.13
N ILE C 82 0.50 2.42 30.34
CA ILE C 82 0.27 0.98 30.40
C ILE C 82 -0.15 0.71 31.82
N VAL C 83 -1.34 0.16 32.01
CA VAL C 83 -1.86 -0.05 33.34
C VAL C 83 -1.89 -1.53 33.64
N LEU C 84 -1.27 -1.92 34.75
CA LEU C 84 -1.10 -3.33 35.14
C LEU C 84 -1.62 -3.43 36.54
N HIS C 85 -2.63 -4.27 36.74
CA HIS C 85 -3.21 -4.35 38.07
C HIS C 85 -3.16 -5.73 38.71
N GLY C 86 -3.14 -5.74 40.03
CA GLY C 86 -3.34 -6.94 40.80
C GLY C 86 -4.80 -7.15 41.23
N THR C 87 -4.94 -8.05 42.21
CA THR C 87 -6.21 -8.43 42.74
C THR C 87 -5.87 -9.16 44.02
N GLY C 88 -5.60 -8.41 45.06
CA GLY C 88 -5.16 -9.01 46.31
C GLY C 88 -6.31 -9.30 47.22
N PRO C 89 -6.81 -8.25 47.87
CA PRO C 89 -7.91 -8.33 48.85
C PRO C 89 -9.14 -9.16 48.40
N GLN C 90 -9.65 -8.85 47.22
CA GLN C 90 -10.86 -9.43 46.68
C GLN C 90 -10.79 -10.93 46.76
N VAL C 91 -9.63 -11.44 46.39
CA VAL C 91 -9.40 -12.87 46.25
C VAL C 91 -9.38 -13.61 47.58
N ASN C 92 -8.71 -13.08 48.57
CA ASN C 92 -8.78 -13.68 49.89
C ASN C 92 -10.22 -13.75 50.44
N GLY C 93 -11.02 -12.72 50.23
CA GLY C 93 -12.39 -12.71 50.68
C GLY C 93 -13.17 -13.84 50.06
N ARG C 94 -12.90 -14.12 48.79
CA ARG C 94 -13.61 -15.20 48.11
C ARG C 94 -13.16 -16.53 48.62
N LEU C 95 -11.86 -16.74 48.72
CA LEU C 95 -11.35 -18.02 49.18
C LEU C 95 -11.93 -18.39 50.54
N GLU C 96 -12.11 -17.39 51.39
CA GLU C 96 -12.75 -17.57 52.68
C GLU C 96 -14.20 -17.95 52.47
N ALA C 97 -14.88 -17.17 51.64
CA ALA C 97 -16.25 -17.42 51.26
C ALA C 97 -16.50 -18.85 50.69
N GLN C 98 -15.46 -19.51 50.18
CA GLN C 98 -15.54 -20.91 49.71
C GLN C 98 -14.89 -21.86 50.67
N GLY C 99 -14.41 -21.35 51.80
CA GLY C 99 -13.78 -22.18 52.82
C GLY C 99 -12.43 -22.76 52.42
N ILE C 100 -11.60 -21.95 51.77
CA ILE C 100 -10.23 -22.23 51.49
C ILE C 100 -9.35 -21.24 52.27
N GLU C 101 -8.31 -21.71 52.93
CA GLU C 101 -7.43 -20.81 53.69
C GLU C 101 -6.44 -20.17 52.75
N PRO C 102 -6.38 -18.83 52.76
CA PRO C 102 -5.35 -18.18 51.96
C PRO C 102 -3.98 -18.55 52.50
N ASP C 103 -3.00 -18.72 51.62
CA ASP C 103 -1.75 -19.43 51.96
C ASP C 103 -0.50 -18.87 51.27
N TYR C 104 0.48 -18.46 52.06
CA TYR C 104 1.71 -17.87 51.54
C TYR C 104 2.93 -18.50 52.14
N ILE C 105 3.97 -18.69 51.34
CA ILE C 105 5.34 -18.78 51.85
C ILE C 105 6.17 -17.78 51.10
N ASP C 106 7.10 -17.15 51.81
CA ASP C 106 8.11 -16.27 51.18
C ASP C 106 7.45 -15.07 50.46
N GLY C 107 6.33 -14.62 50.98
CA GLY C 107 5.61 -13.52 50.37
C GLY C 107 4.93 -13.87 49.03
N ILE C 108 4.91 -15.16 48.67
CA ILE C 108 4.26 -15.63 47.46
C ILE C 108 3.03 -16.36 47.85
N ARG C 109 1.98 -16.23 47.05
CA ARG C 109 0.78 -17.01 47.27
C ARG C 109 0.93 -18.44 46.75
N ILE C 110 0.81 -19.43 47.64
CA ILE C 110 0.75 -20.83 47.22
C ILE C 110 -0.57 -21.01 46.46
N THR C 111 -0.47 -21.01 45.14
CA THR C 111 -1.67 -21.02 44.27
C THR C 111 -1.91 -22.42 43.76
N ASP C 112 -2.69 -23.19 44.48
CA ASP C 112 -3.02 -24.52 44.05
C ASP C 112 -4.08 -24.46 42.96
N GLU C 113 -4.54 -25.61 42.54
CA GLU C 113 -5.49 -25.71 41.44
C GLU C 113 -6.78 -24.90 41.70
N HIS C 114 -7.37 -25.07 42.87
CA HIS C 114 -8.64 -24.39 43.18
C HIS C 114 -8.47 -22.94 43.34
N THR C 115 -7.42 -22.57 44.05
CA THR C 115 -7.18 -21.19 44.32
C THR C 115 -6.96 -20.45 43.03
N MET C 116 -6.39 -21.11 42.01
CA MET C 116 -6.16 -20.45 40.73
C MET C 116 -7.48 -20.04 40.14
N ALA C 117 -8.47 -20.92 40.22
CA ALA C 117 -9.79 -20.64 39.65
C ALA C 117 -10.37 -19.41 40.30
N VAL C 118 -10.19 -19.24 41.60
CA VAL C 118 -10.66 -18.00 42.25
C VAL C 118 -9.84 -16.77 41.85
N VAL C 119 -8.53 -16.91 41.80
CA VAL C 119 -7.65 -15.86 41.31
C VAL C 119 -7.96 -15.41 39.88
N ARG C 120 -8.25 -16.35 39.00
CA ARG C 120 -8.47 -16.03 37.61
C ARG C 120 -9.75 -15.25 37.49
N LYS C 121 -10.79 -15.76 38.15
CA LYS C 121 -12.08 -15.13 38.09
C LYS C 121 -11.99 -13.69 38.61
N CYS C 122 -11.28 -13.51 39.67
CA CYS C 122 -11.16 -12.20 40.23
C CYS C 122 -10.39 -11.28 39.34
N PHE C 123 -9.33 -11.76 38.74
CA PHE C 123 -8.59 -10.91 37.81
C PHE C 123 -9.48 -10.42 36.71
N LEU C 124 -10.24 -11.32 36.13
CA LEU C 124 -11.01 -10.96 34.95
C LEU C 124 -12.09 -9.98 35.33
N GLU C 125 -12.69 -10.14 36.50
CA GLU C 125 -13.74 -9.22 36.93
C GLU C 125 -13.17 -7.83 37.20
N GLN C 126 -12.20 -7.76 38.12
CA GLN C 126 -11.52 -6.52 38.49
C GLN C 126 -11.13 -5.79 37.23
N ASN C 127 -10.70 -6.54 36.25
CA ASN C 127 -10.22 -5.99 35.00
C ASN C 127 -11.33 -5.33 34.10
N LEU C 128 -12.43 -6.01 33.88
CA LEU C 128 -13.57 -5.36 33.23
C LEU C 128 -14.06 -4.19 34.03
N LYS C 129 -14.11 -4.33 35.35
CA LYS C 129 -14.65 -3.27 36.20
C LYS C 129 -13.93 -1.98 35.86
N LEU C 130 -12.61 -2.04 35.77
CA LEU C 130 -11.82 -0.87 35.44
C LEU C 130 -12.02 -0.40 34.00
N VAL C 131 -11.99 -1.32 33.06
CA VAL C 131 -12.20 -0.94 31.70
C VAL C 131 -13.57 -0.26 31.56
N THR C 132 -14.65 -0.96 31.90
CA THR C 132 -15.96 -0.35 31.86
C THR C 132 -15.92 1.05 32.44
N ALA C 133 -15.38 1.17 33.65
CA ALA C 133 -15.39 2.47 34.34
C ALA C 133 -14.79 3.53 33.45
N LEU C 134 -13.62 3.25 32.91
CA LEU C 134 -12.94 4.14 31.97
C LEU C 134 -13.75 4.45 30.70
N GLU C 135 -14.40 3.45 30.13
CA GLU C 135 -15.21 3.66 28.94
C GLU C 135 -16.28 4.65 29.27
N GLN C 136 -16.98 4.42 30.36
CA GLN C 136 -18.01 5.34 30.78
C GLN C 136 -17.54 6.79 30.82
N LEU C 137 -16.27 7.04 31.10
CA LEU C 137 -15.75 8.42 31.10
C LEU C 137 -15.18 8.84 29.73
N GLY C 138 -15.43 8.04 28.69
CA GLY C 138 -15.00 8.37 27.34
C GLY C 138 -13.60 7.93 26.95
N VAL C 139 -13.02 7.05 27.73
CA VAL C 139 -11.68 6.60 27.47
C VAL C 139 -11.75 5.22 26.87
N ARG C 140 -11.12 5.05 25.70
CA ARG C 140 -11.07 3.75 25.03
C ARG C 140 -10.11 2.84 25.80
N ALA C 141 -10.63 1.75 26.32
CA ALA C 141 -9.80 0.82 27.05
C ALA C 141 -9.92 -0.55 26.44
N ARG C 142 -8.89 -1.32 26.65
CA ARG C 142 -8.79 -2.61 26.03
C ARG C 142 -8.26 -3.61 27.01
N PRO C 143 -9.13 -4.50 27.49
CA PRO C 143 -8.67 -5.48 28.46
C PRO C 143 -7.72 -6.50 27.83
N ILE C 144 -6.62 -6.77 28.51
CA ILE C 144 -5.58 -7.63 27.99
C ILE C 144 -5.26 -8.59 29.08
N THR C 145 -6.03 -9.65 29.11
CA THR C 145 -6.03 -10.56 30.24
C THR C 145 -5.15 -11.78 30.03
N SER C 146 -4.52 -11.85 28.86
CA SER C 146 -3.56 -12.88 28.56
C SER C 146 -2.74 -12.52 27.34
N GLY C 147 -1.62 -13.19 27.17
CA GLY C 147 -0.89 -13.13 25.91
C GLY C 147 0.19 -12.06 25.94
N VAL C 148 0.48 -11.53 27.12
CA VAL C 148 1.59 -10.64 27.27
C VAL C 148 2.75 -11.33 27.96
N PHE C 149 2.54 -11.94 29.12
CA PHE C 149 3.62 -12.58 29.86
C PHE C 149 3.68 -14.08 29.67
N THR C 150 4.84 -14.62 29.30
CA THR C 150 5.12 -16.10 29.30
C THR C 150 6.10 -16.49 30.42
N ALA C 151 5.83 -17.60 31.12
CA ALA C 151 6.53 -17.93 32.32
C ALA C 151 6.83 -19.41 32.45
N ASP C 152 7.78 -19.76 33.32
CA ASP C 152 7.94 -21.14 33.79
C ASP C 152 7.30 -21.23 35.16
N TYR C 153 7.31 -22.42 35.76
CA TYR C 153 6.91 -22.51 37.16
C TYR C 153 8.07 -21.96 38.02
N LEU C 154 7.72 -21.20 39.06
CA LEU C 154 8.74 -20.63 39.92
C LEU C 154 9.28 -21.78 40.74
N ASP C 155 8.39 -22.56 41.31
CA ASP C 155 8.77 -23.84 41.96
C ASP C 155 7.51 -24.66 42.11
N LYS C 156 7.43 -25.75 41.36
CA LYS C 156 6.14 -26.38 41.16
C LYS C 156 5.59 -26.99 42.44
N ASP C 157 6.42 -27.34 43.41
CA ASP C 157 5.90 -28.03 44.60
C ASP C 157 5.83 -27.12 45.79
N LYS C 158 6.63 -26.07 45.78
CA LYS C 158 6.58 -25.06 46.83
C LYS C 158 5.34 -24.15 46.61
N TYR C 159 5.21 -23.60 45.41
CA TYR C 159 4.18 -22.61 45.10
C TYR C 159 3.03 -23.12 44.19
N LYS C 160 3.15 -24.34 43.67
CA LYS C 160 2.18 -24.86 42.74
C LYS C 160 2.05 -23.90 41.56
N LEU C 161 0.87 -23.40 41.21
CA LEU C 161 0.67 -22.63 39.99
C LEU C 161 1.14 -21.17 40.03
N VAL C 162 2.32 -20.92 40.58
CA VAL C 162 2.94 -19.59 40.53
C VAL C 162 4.03 -19.60 39.49
N GLY C 163 4.12 -18.50 38.76
CA GLY C 163 4.98 -18.38 37.62
C GLY C 163 6.23 -17.57 37.87
N ASN C 164 7.10 -17.61 36.88
CA ASN C 164 8.35 -16.86 36.85
C ASN C 164 8.59 -16.33 35.45
N ILE C 165 8.47 -15.01 35.26
CA ILE C 165 8.32 -14.45 33.91
C ILE C 165 9.59 -14.65 33.10
N LYS C 166 9.45 -15.37 32.01
CA LYS C 166 10.55 -15.60 31.12
C LYS C 166 10.57 -14.55 30.02
N SER C 167 9.41 -14.01 29.61
CA SER C 167 9.39 -12.97 28.57
C SER C 167 8.08 -12.19 28.45
N VAL C 168 8.16 -11.04 27.78
CA VAL C 168 7.05 -10.10 27.59
C VAL C 168 6.79 -9.91 26.09
N THR C 169 5.56 -10.12 25.65
CA THR C 169 5.19 -9.94 24.21
C THR C 169 4.55 -8.55 24.02
N LYS C 170 5.22 -7.70 23.29
CA LYS C 170 4.80 -6.32 23.23
C LYS C 170 3.48 -6.14 22.43
N GLU C 171 3.28 -6.99 21.42
CA GLU C 171 2.37 -6.66 20.29
C GLU C 171 0.97 -6.21 20.72
N PRO C 172 0.36 -6.87 21.68
CA PRO C 172 -0.92 -6.49 22.18
C PRO C 172 -0.95 -5.10 22.76
N ILE C 173 0.06 -4.75 23.55
CA ILE C 173 0.12 -3.45 24.25
C ILE C 173 0.34 -2.35 23.23
N GLU C 174 1.17 -2.64 22.25
CA GLU C 174 1.44 -1.68 21.19
C GLU C 174 0.20 -1.48 20.35
N ALA C 175 -0.33 -2.56 19.84
CA ALA C 175 -1.51 -2.49 19.05
C ALA C 175 -2.57 -1.64 19.71
N SER C 176 -2.72 -1.78 21.02
CA SER C 176 -3.77 -1.11 21.77
C SER C 176 -3.54 0.39 21.75
N ILE C 177 -2.32 0.78 22.12
CA ILE C 177 -1.92 2.16 22.09
C ILE C 177 -2.06 2.74 20.69
N LYS C 178 -1.48 2.08 19.70
CA LYS C 178 -1.62 2.49 18.32
C LYS C 178 -3.09 2.71 17.94
N ALA C 179 -3.99 1.84 18.39
CA ALA C 179 -5.41 2.01 18.04
C ALA C 179 -6.11 2.98 19.00
N GLY C 180 -5.36 3.64 19.88
CA GLY C 180 -5.92 4.73 20.69
C GLY C 180 -6.67 4.33 21.95
N ALA C 181 -6.39 3.11 22.41
CA ALA C 181 -6.96 2.58 23.63
C ALA C 181 -5.90 2.40 24.72
N LEU C 182 -6.25 2.71 25.96
CA LEU C 182 -5.42 2.37 27.10
C LEU C 182 -5.41 0.87 27.26
N PRO C 183 -4.22 0.28 27.41
CA PRO C 183 -4.18 -1.13 27.71
C PRO C 183 -4.26 -1.34 29.20
N ILE C 184 -5.13 -2.27 29.58
CA ILE C 184 -5.29 -2.64 30.97
C ILE C 184 -4.91 -4.11 31.10
N LEU C 185 -3.69 -4.35 31.60
CA LEU C 185 -3.13 -5.68 31.80
C LEU C 185 -3.48 -6.24 33.18
N THR C 186 -3.80 -7.54 33.22
CA THR C 186 -3.70 -8.35 34.43
C THR C 186 -2.26 -8.89 34.56
N SER C 187 -1.78 -9.07 35.79
CA SER C 187 -0.44 -9.67 36.04
C SER C 187 -0.54 -11.16 36.14
N LEU C 188 -0.67 -11.82 35.01
CA LEU C 188 -1.06 -13.19 34.93
C LEU C 188 -0.28 -13.69 33.79
N ALA C 189 0.64 -14.60 34.05
CA ALA C 189 1.49 -15.17 33.01
C ALA C 189 0.90 -16.47 32.45
N GLU C 190 1.62 -17.12 31.55
CA GLU C 190 1.18 -18.42 31.03
C GLU C 190 2.27 -19.16 30.26
N THR C 191 2.41 -20.43 30.58
CA THR C 191 3.41 -21.27 30.00
C THR C 191 3.19 -21.32 28.49
N ALA C 192 4.18 -21.78 27.73
CA ALA C 192 3.98 -21.88 26.29
C ALA C 192 2.76 -22.73 26.04
N SER C 193 2.70 -23.90 26.71
CA SER C 193 1.61 -24.87 26.55
C SER C 193 0.23 -24.36 26.99
N GLY C 194 0.20 -23.30 27.78
CA GLY C 194 -1.04 -22.57 28.02
C GLY C 194 -1.63 -22.72 29.40
N GLN C 195 -0.85 -23.13 30.41
CA GLN C 195 -1.36 -23.11 31.78
C GLN C 195 -1.08 -21.75 32.32
N MET C 196 -2.08 -21.14 32.93
CA MET C 196 -1.92 -19.80 33.46
C MET C 196 -1.26 -19.91 34.77
N LEU C 197 -0.28 -19.05 34.98
CA LEU C 197 0.46 -19.00 36.23
C LEU C 197 0.32 -17.64 36.90
N ASN C 198 0.05 -17.66 38.21
CA ASN C 198 -0.05 -16.46 39.03
C ASN C 198 1.34 -15.88 39.23
N VAL C 199 1.44 -14.55 39.10
CA VAL C 199 2.71 -13.85 39.12
C VAL C 199 2.51 -12.51 39.89
N ASN C 200 3.44 -12.18 40.80
CA ASN C 200 3.36 -10.91 41.58
C ASN C 200 3.26 -9.63 40.74
N ALA C 201 2.21 -8.87 40.97
CA ALA C 201 1.98 -7.59 40.27
C ALA C 201 3.19 -6.61 40.25
N ASP C 202 3.91 -6.50 41.37
CA ASP C 202 5.04 -5.60 41.45
C ASP C 202 6.19 -6.09 40.58
N VAL C 203 6.34 -7.39 40.46
CA VAL C 203 7.39 -7.98 39.62
C VAL C 203 7.01 -7.90 38.12
N ALA C 204 5.75 -8.17 37.81
CA ALA C 204 5.25 -7.99 36.50
C ALA C 204 5.53 -6.57 36.01
N ALA C 205 5.25 -5.58 36.85
CA ALA C 205 5.43 -4.16 36.51
C ALA C 205 6.86 -3.93 36.11
N GLY C 206 7.79 -4.49 36.90
CA GLY C 206 9.22 -4.38 36.57
C GLY C 206 9.59 -5.02 35.23
N GLU C 207 9.00 -6.17 34.92
CA GLU C 207 9.26 -6.84 33.67
C GLU C 207 8.79 -6.03 32.49
N LEU C 208 7.66 -5.33 32.65
CA LEU C 208 7.16 -4.45 31.57
C LEU C 208 8.13 -3.34 31.43
N ALA C 209 8.48 -2.75 32.55
CA ALA C 209 9.31 -1.61 32.53
C ALA C 209 10.57 -1.93 31.79
N ARG C 210 11.13 -3.08 32.07
CA ARG C 210 12.37 -3.49 31.43
C ARG C 210 12.24 -3.48 29.90
N VAL C 211 11.14 -4.03 29.40
CA VAL C 211 10.91 -4.13 27.95
C VAL C 211 10.53 -2.77 27.30
N PHE C 212 9.72 -1.95 27.97
CA PHE C 212 9.18 -0.73 27.38
C PHE C 212 9.94 0.53 27.72
N GLU C 213 10.90 0.42 28.63
CA GLU C 213 11.69 1.55 29.11
C GLU C 213 10.91 2.85 29.22
N PRO C 214 9.83 2.86 30.00
CA PRO C 214 8.98 4.02 30.11
C PRO C 214 9.66 5.06 30.98
N LEU C 215 9.22 6.32 30.89
CA LEU C 215 9.86 7.41 31.62
C LEU C 215 9.50 7.28 33.08
N LYS C 216 8.24 6.94 33.38
CA LYS C 216 7.82 6.88 34.75
C LYS C 216 7.37 5.48 35.04
N ILE C 217 7.62 5.03 36.27
CA ILE C 217 7.01 3.78 36.77
C ILE C 217 6.30 4.10 38.06
N VAL C 218 4.98 4.22 38.03
CA VAL C 218 4.24 4.65 39.20
C VAL C 218 3.72 3.47 39.92
N TYR C 219 3.95 3.43 41.22
CA TYR C 219 3.45 2.36 42.06
C TYR C 219 2.34 2.98 42.92
N LEU C 220 1.09 2.76 42.56
CA LEU C 220 0.03 3.34 43.32
C LEU C 220 -0.22 2.56 44.60
N ASN C 221 -0.10 3.26 45.72
CA ASN C 221 -0.50 2.67 47.02
C ASN C 221 -1.54 3.51 47.80
N GLU C 222 -1.88 3.07 49.00
CA GLU C 222 -2.80 3.82 49.87
C GLU C 222 -1.99 4.84 50.64
N LYS C 223 -0.98 4.34 51.35
CA LYS C 223 -0.08 5.14 52.14
C LYS C 223 0.22 6.58 51.59
N GLY C 224 0.61 6.67 50.32
CA GLY C 224 1.13 7.90 49.75
C GLY C 224 2.63 7.79 49.68
N GLY C 225 3.35 8.91 49.71
CA GLY C 225 4.85 8.97 49.65
C GLY C 225 5.59 8.43 50.85
N ILE C 226 6.83 8.93 51.04
CA ILE C 226 7.65 8.64 52.24
C ILE C 226 7.76 9.94 53.02
N ILE C 227 7.40 9.89 54.30
CA ILE C 227 7.45 11.10 55.15
C ILE C 227 8.62 10.92 56.08
N ASN C 228 9.53 11.90 56.06
CA ASN C 228 10.62 11.98 57.02
C ASN C 228 10.06 11.91 58.42
N GLY C 229 10.20 10.74 59.05
CA GLY C 229 9.65 10.48 60.38
C GLY C 229 10.17 11.35 61.51
N SER C 230 11.26 12.09 61.29
CA SER C 230 11.85 12.96 62.31
C SER C 230 11.49 14.46 62.17
N THR C 231 10.99 14.87 60.99
CA THR C 231 10.51 16.26 60.76
C THR C 231 9.17 16.37 60.00
N GLY C 232 8.55 15.26 59.65
CA GLY C 232 7.28 15.26 58.92
C GLY C 232 7.39 15.79 57.49
N GLU C 233 8.62 16.00 57.02
CA GLU C 233 8.88 16.58 55.69
C GLU C 233 8.65 15.53 54.62
N LYS C 234 7.55 15.63 53.89
CA LYS C 234 7.31 14.71 52.79
C LYS C 234 8.55 14.67 51.90
N ILE C 235 9.21 13.51 51.80
CA ILE C 235 10.41 13.34 50.98
C ILE C 235 9.97 13.23 49.56
N SER C 236 10.22 14.27 48.79
CA SER C 236 9.62 14.33 47.48
C SER C 236 10.53 13.82 46.38
N MET C 237 11.82 13.72 46.69
CA MET C 237 12.84 13.33 45.70
C MET C 237 13.95 12.53 46.33
N ILE C 238 14.49 11.55 45.61
CA ILE C 238 15.64 10.80 46.12
C ILE C 238 16.54 10.49 44.94
N ASN C 239 17.74 11.07 44.90
CA ASN C 239 18.80 10.61 43.97
C ASN C 239 19.61 9.52 44.69
N LEU C 240 19.37 8.26 44.34
CA LEU C 240 19.98 7.13 45.02
C LEU C 240 21.52 7.17 44.96
N ASP C 241 22.11 7.41 43.79
CA ASP C 241 23.57 7.38 43.69
C ASP C 241 24.19 8.27 44.75
N GLU C 242 23.62 9.43 45.03
CA GLU C 242 24.13 10.31 46.11
C GLU C 242 23.59 9.99 47.51
N GLU C 243 22.28 9.87 47.63
CA GLU C 243 21.61 9.94 48.93
C GLU C 243 21.39 8.60 49.62
N TYR C 244 21.49 7.50 48.87
CA TYR C 244 20.98 6.19 49.32
C TYR C 244 21.56 5.72 50.62
N ASP C 245 22.88 5.76 50.71
CA ASP C 245 23.58 5.22 51.85
C ASP C 245 23.16 5.90 53.15
N ASP C 246 23.06 7.22 53.13
CA ASP C 246 22.84 8.02 54.37
C ASP C 246 21.38 8.05 54.74
N LEU C 247 20.54 7.77 53.77
CA LEU C 247 19.12 7.70 54.05
C LEU C 247 18.85 6.39 54.80
N MET C 248 19.51 5.32 54.38
CA MET C 248 19.24 4.00 54.95
C MET C 248 19.75 3.97 56.36
N LYS C 249 20.80 4.77 56.62
CA LYS C 249 21.40 4.90 57.96
C LYS C 249 20.49 5.59 58.97
N GLN C 250 19.41 6.23 58.52
CA GLN C 250 18.58 7.07 59.42
C GLN C 250 17.79 6.33 60.49
N SER C 251 17.73 6.94 61.68
CA SER C 251 16.96 6.43 62.82
C SER C 251 15.54 6.12 62.43
N TRP C 252 14.91 7.06 61.75
CA TRP C 252 13.47 7.00 61.48
C TRP C 252 13.03 6.08 60.36
N VAL C 253 13.89 5.87 59.36
CA VAL C 253 13.53 4.97 58.23
C VAL C 253 13.22 3.53 58.72
N LYS C 254 11.92 3.23 58.78
CA LYS C 254 11.42 1.95 59.25
C LYS C 254 11.81 0.84 58.30
N TYR C 255 11.69 -0.37 58.79
CA TYR C 255 12.12 -1.52 58.04
C TYR C 255 11.35 -1.67 56.75
N GLY C 256 10.04 -1.49 56.83
CA GLY C 256 9.20 -1.50 55.63
C GLY C 256 9.65 -0.52 54.55
N THR C 257 10.13 0.65 54.99
CA THR C 257 10.63 1.68 54.08
C THR C 257 11.95 1.20 53.46
N LYS C 258 12.89 0.77 54.31
CA LYS C 258 14.17 0.25 53.84
C LYS C 258 13.97 -0.76 52.72
N LEU C 259 13.12 -1.75 52.96
CA LEU C 259 12.84 -2.79 51.96
C LEU C 259 12.27 -2.26 50.65
N LYS C 260 11.42 -1.24 50.73
CA LYS C 260 10.83 -0.67 49.51
C LYS C 260 11.87 0.09 48.73
N ILE C 261 12.59 0.99 49.40
CA ILE C 261 13.61 1.76 48.71
C ILE C 261 14.68 0.84 48.13
N ARG C 262 15.01 -0.24 48.84
CA ARG C 262 16.06 -1.15 48.38
C ARG C 262 15.59 -1.82 47.13
N GLU C 263 14.34 -2.25 47.11
CA GLU C 263 13.83 -2.96 45.96
C GLU C 263 13.70 -2.04 44.75
N ILE C 264 13.54 -0.75 45.02
CA ILE C 264 13.44 0.27 43.96
C ILE C 264 14.82 0.51 43.41
N LYS C 265 15.84 0.54 44.28
CA LYS C 265 17.23 0.70 43.80
C LYS C 265 17.54 -0.46 42.89
N GLU C 266 17.25 -1.66 43.35
CA GLU C 266 17.55 -2.85 42.57
C GLU C 266 16.90 -2.81 41.17
N LEU C 267 15.70 -2.28 41.10
CA LEU C 267 15.00 -2.10 39.81
C LEU C 267 15.69 -1.05 38.94
N LEU C 268 15.92 0.14 39.49
CA LEU C 268 16.42 1.24 38.73
C LEU C 268 17.86 1.00 38.29
N ASP C 269 18.59 0.10 38.97
CA ASP C 269 19.96 -0.30 38.57
C ASP C 269 19.96 -1.06 37.23
N TYR C 270 18.79 -1.55 36.86
CA TYR C 270 18.55 -2.34 35.67
C TYR C 270 18.11 -1.53 34.47
N LEU C 271 17.37 -0.47 34.77
CA LEU C 271 16.81 0.43 33.77
C LEU C 271 17.73 1.61 33.51
N PRO C 272 17.47 2.32 32.41
CA PRO C 272 18.07 3.57 32.06
C PRO C 272 18.14 4.59 33.18
N ARG C 273 19.03 5.57 32.99
CA ARG C 273 19.13 6.71 33.88
C ARG C 273 17.93 7.62 33.68
N SER C 274 17.35 7.58 32.50
CA SER C 274 16.16 8.34 32.18
C SER C 274 14.96 7.97 33.06
N SER C 275 14.95 6.74 33.53
CA SER C 275 13.76 6.24 34.20
C SER C 275 13.70 6.68 35.65
N SER C 276 12.48 6.63 36.19
CA SER C 276 12.22 6.97 37.57
C SER C 276 10.95 6.31 38.10
N VAL C 277 10.93 6.17 39.41
CA VAL C 277 9.83 5.48 40.05
C VAL C 277 9.12 6.47 40.94
N ALA C 278 7.80 6.43 40.96
CA ALA C 278 6.99 7.29 41.79
C ALA C 278 6.24 6.42 42.72
N ILE C 279 6.29 6.74 44.01
CA ILE C 279 5.41 6.08 44.98
C ILE C 279 4.41 7.09 45.40
N ILE C 280 3.19 6.95 44.88
CA ILE C 280 2.14 7.90 45.23
C ILE C 280 0.82 7.26 45.57
N ASN C 281 0.00 8.09 46.20
CA ASN C 281 -1.36 7.78 46.44
C ASN C 281 -2.14 8.10 45.18
N VAL C 282 -3.30 7.51 45.03
CA VAL C 282 -4.03 7.66 43.80
C VAL C 282 -4.37 9.13 43.47
N GLN C 283 -4.87 9.91 44.43
CA GLN C 283 -5.36 11.28 44.12
C GLN C 283 -4.30 12.24 43.60
N ASP C 284 -3.09 12.17 44.12
CA ASP C 284 -2.04 13.09 43.68
C ASP C 284 -1.24 12.49 42.51
N LEU C 285 -1.91 11.69 41.67
CA LEU C 285 -1.25 11.01 40.57
C LEU C 285 -0.99 11.96 39.42
N GLN C 286 -2.04 12.58 38.87
CA GLN C 286 -1.88 13.51 37.73
C GLN C 286 -0.74 14.49 37.99
N LYS C 287 -0.70 15.00 39.23
CA LYS C 287 0.38 15.86 39.75
C LYS C 287 1.78 15.20 39.69
N GLU C 288 2.03 14.19 40.51
CA GLU C 288 3.35 13.56 40.53
C GLU C 288 3.91 13.01 39.21
N LEU C 289 3.06 12.71 38.24
CA LEU C 289 3.54 12.20 36.96
C LEU C 289 4.36 13.20 36.10
N PHE C 290 4.12 14.49 36.29
CA PHE C 290 4.82 15.50 35.51
C PHE C 290 5.57 16.50 36.39
N THR C 291 4.98 16.88 37.52
CA THR C 291 5.66 17.78 38.45
C THR C 291 6.64 16.96 39.28
N ASP C 292 7.85 17.51 39.43
CA ASP C 292 8.97 16.82 40.12
C ASP C 292 8.74 16.74 41.63
N SER C 293 7.95 17.70 42.15
CA SER C 293 7.54 17.70 43.56
C SER C 293 6.37 16.74 43.81
N GLY C 294 5.17 17.15 43.38
CA GLY C 294 3.94 16.44 43.71
C GLY C 294 3.77 16.34 45.23
N ALA C 295 3.05 15.32 45.68
CA ALA C 295 2.94 15.00 47.11
C ALA C 295 3.21 13.51 47.32
N GLY C 296 4.13 12.97 46.54
CA GLY C 296 4.61 11.62 46.72
C GLY C 296 6.11 11.63 46.53
N THR C 297 6.72 10.51 46.86
CA THR C 297 8.17 10.37 46.68
C THR C 297 8.49 9.92 45.27
N MET C 298 9.45 10.60 44.65
CA MET C 298 9.95 10.20 43.36
C MET C 298 11.42 9.79 43.50
N ILE C 299 11.71 8.55 43.18
CA ILE C 299 13.04 8.03 43.26
C ILE C 299 13.62 7.85 41.89
N ARG C 300 14.93 8.08 41.80
CA ARG C 300 15.70 7.78 40.61
C ARG C 300 17.18 7.65 40.93
N ARG C 301 17.94 7.12 40.00
CA ARG C 301 19.34 6.83 40.28
C ARG C 301 20.18 8.07 40.43
N GLY C 302 19.99 9.00 39.50
CA GLY C 302 20.72 10.23 39.55
C GLY C 302 22.13 10.00 39.09
N TYR C 303 23.00 10.93 39.37
CA TYR C 303 24.15 10.82 38.54
C TYR C 303 25.42 10.66 39.30
N LYS C 304 26.35 9.87 38.77
CA LYS C 304 27.62 9.73 39.42
C LYS C 304 28.35 10.97 39.05
N LEU C 305 28.55 11.88 39.99
CA LEU C 305 29.42 13.04 39.76
C LEU C 305 30.80 12.63 40.18
N VAL C 306 31.79 13.03 39.40
CA VAL C 306 33.15 12.53 39.52
C VAL C 306 34.12 13.68 39.88
N LYS C 307 34.74 13.55 41.04
CA LYS C 307 35.49 14.64 41.63
C LYS C 307 36.90 14.55 41.05
N ARG C 308 37.35 15.55 40.31
CA ARG C 308 38.70 15.54 39.74
C ARG C 308 39.45 16.82 40.13
N SER C 309 40.76 16.71 40.32
CA SER C 309 41.60 17.81 40.79
C SER C 309 42.71 18.24 39.84
N SER C 310 42.67 17.75 38.61
CA SER C 310 43.62 18.16 37.60
C SER C 310 43.12 17.79 36.22
N ILE C 311 43.40 18.63 35.22
CA ILE C 311 43.01 18.36 33.83
C ILE C 311 43.40 16.93 33.46
N GLY C 312 44.49 16.48 34.08
CA GLY C 312 45.04 15.14 33.83
C GLY C 312 44.03 14.03 33.98
N GLU C 313 43.18 14.17 34.97
CA GLU C 313 42.25 13.12 35.33
C GLU C 313 41.04 13.03 34.41
N PHE C 314 40.77 14.10 33.64
CA PHE C 314 39.65 14.07 32.70
C PHE C 314 39.99 13.14 31.56
N PRO C 315 39.04 12.29 31.19
CA PRO C 315 39.32 11.23 30.25
C PRO C 315 39.51 11.78 28.85
N SER C 316 38.77 12.83 28.52
CA SER C 316 38.99 13.56 27.28
C SER C 316 39.12 15.05 27.62
N ALA C 317 40.28 15.63 27.25
CA ALA C 317 40.52 17.06 27.38
C ALA C 317 39.64 17.78 26.38
N ASP C 318 39.46 17.20 25.20
CA ASP C 318 38.54 17.75 24.20
C ASP C 318 37.09 17.76 24.66
N ALA C 319 36.66 16.73 25.39
CA ALA C 319 35.32 16.71 26.00
C ALA C 319 35.13 17.86 26.99
N LEU C 320 36.17 18.17 27.77
CA LEU C 320 36.14 19.27 28.72
C LEU C 320 35.99 20.57 27.97
N ARG C 321 36.74 20.71 26.89
CA ARG C 321 36.71 21.96 26.18
C ARG C 321 35.33 22.22 25.59
N LYS C 322 34.72 21.20 24.97
CA LYS C 322 33.37 21.28 24.40
C LYS C 322 32.37 21.66 25.51
N ALA C 323 32.51 21.02 26.68
CA ALA C 323 31.67 21.29 27.85
C ALA C 323 31.69 22.76 28.30
N LEU C 324 32.88 23.36 28.33
CA LEU C 324 33.06 24.74 28.81
C LEU C 324 32.66 25.80 27.77
N GLN C 325 32.56 25.41 26.51
CA GLN C 325 32.27 26.35 25.43
C GLN C 325 30.86 26.92 25.49
N ARG C 326 29.99 26.32 26.30
CA ARG C 326 28.59 26.77 26.37
C ARG C 326 28.44 27.97 27.28
N ASP C 327 29.51 28.31 27.99
CA ASP C 327 29.55 29.46 28.88
C ASP C 327 29.13 30.77 28.20
N ALA C 328 28.55 31.70 28.97
CA ALA C 328 28.10 33.01 28.45
C ALA C 328 29.27 33.95 28.14
N GLY C 329 30.40 33.72 28.80
CA GLY C 329 31.61 34.52 28.60
C GLY C 329 32.75 33.75 27.96
N ILE C 330 32.42 32.66 27.25
CA ILE C 330 33.40 31.95 26.42
C ILE C 330 32.84 31.61 25.03
N SER C 331 31.54 31.31 24.94
CA SER C 331 30.87 31.00 23.67
C SER C 331 31.12 32.07 22.59
N SER C 332 31.30 33.31 23.03
CA SER C 332 32.08 34.29 22.28
C SER C 332 32.58 35.42 23.21
N GLY C 333 32.74 35.12 24.50
CA GLY C 333 33.23 36.10 25.46
C GLY C 333 34.75 36.20 25.39
N LYS C 334 35.30 37.19 26.09
CA LYS C 334 36.70 37.55 25.94
C LYS C 334 37.68 36.75 26.80
N GLU C 335 37.42 35.46 26.92
CA GLU C 335 38.32 34.54 27.60
C GLU C 335 38.18 33.17 26.94
N SER C 336 39.09 32.84 26.04
CA SER C 336 38.99 31.61 25.28
C SER C 336 39.24 30.45 26.22
N VAL C 337 38.45 29.39 26.01
CA VAL C 337 38.55 28.16 26.79
C VAL C 337 40.00 27.69 26.79
N ALA C 338 40.67 27.86 25.66
CA ALA C 338 42.09 27.58 25.55
C ALA C 338 42.87 28.18 26.72
N SER C 339 42.75 29.49 26.92
CA SER C 339 43.57 30.17 27.91
C SER C 339 43.06 29.90 29.32
N TYR C 340 41.76 29.64 29.46
CA TYR C 340 41.21 29.32 30.80
C TYR C 340 41.82 28.05 31.30
N LEU C 341 41.89 27.04 30.46
CA LEU C 341 42.45 25.74 30.85
C LEU C 341 43.94 25.86 31.15
N ARG C 342 44.61 26.81 30.52
CA ARG C 342 45.98 27.12 30.91
C ARG C 342 46.04 27.48 32.41
N TYR C 343 45.22 28.44 32.84
CA TYR C 343 45.19 28.88 34.25
C TYR C 343 44.84 27.74 35.21
N LEU C 344 43.93 26.86 34.81
CA LEU C 344 43.57 25.74 35.66
C LEU C 344 44.75 24.81 35.99
N GLU C 345 45.50 24.38 34.96
CA GLU C 345 46.65 23.47 35.18
C GLU C 345 47.52 23.89 36.37
N ASN C 346 47.68 25.21 36.56
CA ASN C 346 48.47 25.78 37.65
C ASN C 346 47.54 26.43 38.68
N SER C 347 46.77 25.61 39.37
CA SER C 347 45.67 26.10 40.19
C SER C 347 45.25 25.02 41.18
N ASP C 348 45.01 25.40 42.44
CA ASP C 348 44.41 24.51 43.44
C ASP C 348 42.89 24.45 43.16
N PHE C 349 42.39 23.36 42.58
CA PHE C 349 40.97 23.27 42.27
C PHE C 349 40.35 21.89 42.44
N VAL C 350 39.03 21.86 42.64
CA VAL C 350 38.23 20.64 42.65
C VAL C 350 37.20 20.82 41.57
N SER C 351 36.98 19.78 40.78
CA SER C 351 35.97 19.82 39.74
C SER C 351 34.94 18.73 40.06
N TYR C 352 33.71 18.88 39.61
CA TYR C 352 32.71 17.81 39.67
C TYR C 352 31.98 17.73 38.35
N ALA C 353 31.95 16.56 37.74
CA ALA C 353 31.26 16.42 36.49
C ALA C 353 30.63 15.05 36.36
N ASP C 354 29.41 14.99 35.80
CA ASP C 354 28.80 13.72 35.42
C ASP C 354 29.55 13.07 34.23
N GLU C 355 29.22 11.81 33.91
CA GLU C 355 29.94 11.10 32.84
C GLU C 355 29.83 11.84 31.51
N PRO C 356 28.62 12.33 31.17
CA PRO C 356 28.47 13.01 29.88
C PRO C 356 28.91 14.47 29.84
N LEU C 357 29.47 14.98 30.95
CA LEU C 357 29.89 16.39 31.05
C LEU C 357 28.74 17.33 30.65
N GLU C 358 27.54 16.97 31.09
CA GLU C 358 26.37 17.77 30.84
C GLU C 358 26.37 18.89 31.87
N ALA C 359 27.01 18.62 33.01
CA ALA C 359 27.21 19.61 34.05
C ALA C 359 28.63 19.54 34.55
N VAL C 360 29.31 20.68 34.60
CA VAL C 360 30.70 20.74 35.07
C VAL C 360 30.90 21.90 36.02
N ALA C 361 31.26 21.61 37.27
CA ALA C 361 31.46 22.64 38.26
C ALA C 361 32.94 22.66 38.62
N ILE C 362 33.47 23.86 38.88
CA ILE C 362 34.89 24.02 39.22
C ILE C 362 35.06 24.95 40.40
N VAL C 363 35.58 24.44 41.51
CA VAL C 363 35.72 25.26 42.69
C VAL C 363 37.17 25.61 42.85
N LYS C 364 37.49 26.91 42.82
CA LYS C 364 38.87 27.38 43.04
C LYS C 364 39.06 27.60 44.53
N LYS C 365 40.06 26.93 45.08
CA LYS C 365 40.09 26.68 46.52
C LYS C 365 40.92 27.71 47.31
N ASP C 366 41.76 28.49 46.62
CA ASP C 366 42.43 29.64 47.25
C ASP C 366 41.40 30.63 47.76
N THR C 367 41.83 31.59 48.59
CA THR C 367 40.92 32.53 49.28
C THR C 367 39.86 31.82 50.13
N ASN C 368 39.97 31.90 51.45
CA ASN C 368 38.95 31.37 52.34
C ASN C 368 37.61 31.91 51.87
N VAL C 369 36.59 31.06 51.95
CA VAL C 369 35.42 31.13 51.08
C VAL C 369 35.88 30.86 49.64
N PRO C 370 35.94 29.57 49.29
CA PRO C 370 36.26 29.16 47.94
C PRO C 370 35.24 29.64 46.95
N THR C 371 35.70 29.82 45.72
CA THR C 371 34.84 30.30 44.66
C THR C 371 34.43 29.16 43.73
N LEU C 372 33.13 29.05 43.44
CA LEU C 372 32.61 28.22 42.35
C LEU C 372 32.89 29.02 41.10
N ASP C 373 33.95 28.67 40.40
CA ASP C 373 34.55 29.55 39.42
C ASP C 373 33.84 29.38 38.11
N LYS C 374 33.53 28.14 37.78
CA LYS C 374 32.72 27.83 36.59
C LYS C 374 31.64 26.84 37.01
N PHE C 375 30.50 26.90 36.32
CA PHE C 375 29.36 26.01 36.57
C PHE C 375 28.61 26.00 35.29
N VAL C 376 28.93 25.05 34.43
CA VAL C 376 28.54 25.13 33.05
C VAL C 376 27.67 23.92 32.79
N CYS C 377 26.35 24.14 32.80
CA CYS C 377 25.40 23.03 32.66
C CYS C 377 24.46 23.30 31.50
N SER C 378 24.28 22.30 30.65
CA SER C 378 23.41 22.46 29.51
C SER C 378 21.96 22.50 29.95
N ASP C 379 21.08 22.91 29.04
CA ASP C 379 19.64 23.04 29.38
C ASP C 379 19.10 21.69 29.77
N ALA C 380 19.47 20.66 29.01
CA ALA C 380 19.15 19.30 29.37
C ALA C 380 19.36 19.11 30.87
N ALA C 381 20.54 19.50 31.35
CA ALA C 381 20.90 19.36 32.76
C ALA C 381 19.96 20.14 33.69
N TRP C 382 19.66 21.39 33.34
CA TRP C 382 18.77 22.22 34.15
C TRP C 382 17.44 21.58 34.34
N LEU C 383 16.86 21.06 33.27
CA LEU C 383 15.52 20.48 33.35
C LEU C 383 15.49 19.21 34.20
N ASN C 384 16.57 18.43 34.20
CA ASN C 384 16.62 17.16 34.98
C ASN C 384 17.21 17.33 36.36
N ASN C 385 17.12 18.55 36.87
CA ASN C 385 17.88 19.00 38.03
C ASN C 385 19.15 18.15 38.35
N VAL C 386 20.08 18.10 37.40
CA VAL C 386 21.41 17.62 37.67
C VAL C 386 22.12 18.81 38.37
N THR C 387 21.66 20.02 38.10
CA THR C 387 22.18 21.20 38.76
C THR C 387 21.93 21.08 40.24
N ASP C 388 20.79 20.55 40.66
CA ASP C 388 20.56 20.39 42.10
C ASP C 388 21.50 19.33 42.65
N ASN C 389 21.74 18.29 41.86
CA ASN C 389 22.72 17.25 42.27
C ASN C 389 24.00 17.85 42.63
N VAL C 390 24.51 18.62 41.67
CA VAL C 390 25.83 19.18 41.76
C VAL C 390 25.91 20.09 42.96
N PHE C 391 24.90 20.92 43.16
CA PHE C 391 24.96 21.75 44.34
C PHE C 391 24.89 20.97 45.63
N ASN C 392 24.14 19.88 45.66
CA ASN C 392 24.09 19.10 46.88
C ASN C 392 25.47 18.58 47.27
N VAL C 393 26.22 18.12 46.26
CA VAL C 393 27.56 17.60 46.52
C VAL C 393 28.40 18.75 47.02
N LEU C 394 28.36 19.86 46.28
CA LEU C 394 29.09 21.08 46.66
C LEU C 394 28.82 21.48 48.09
N ARG C 395 27.59 21.38 48.48
CA ARG C 395 27.24 21.89 49.77
C ARG C 395 27.83 21.03 50.87
N ARG C 396 28.01 19.76 50.57
CA ARG C 396 28.55 18.86 51.55
C ARG C 396 30.08 19.04 51.60
N ASP C 397 30.73 19.16 50.44
CA ASP C 397 32.18 19.23 50.39
C ASP C 397 32.72 20.62 50.69
N PHE C 398 31.84 21.62 50.66
CA PHE C 398 32.25 23.00 50.86
C PHE C 398 31.17 23.69 51.66
N PRO C 399 31.35 23.71 52.97
CA PRO C 399 30.36 24.30 53.82
C PRO C 399 30.20 25.81 53.66
N ALA C 400 31.23 26.50 53.19
CA ALA C 400 31.04 27.90 52.75
C ALA C 400 31.62 28.04 51.39
N LEU C 401 30.88 28.78 50.59
CA LEU C 401 31.13 28.91 49.16
C LEU C 401 30.59 30.27 48.68
N GLN C 402 31.32 30.90 47.76
CA GLN C 402 30.84 32.11 47.09
C GLN C 402 30.87 31.91 45.57
N TRP C 403 29.99 32.61 44.88
CA TRP C 403 29.94 32.52 43.42
C TRP C 403 29.29 33.71 42.84
N VAL C 404 29.59 33.97 41.56
CA VAL C 404 29.02 35.14 40.86
C VAL C 404 28.29 34.82 39.58
N VAL C 405 27.02 35.24 39.50
CA VAL C 405 26.20 34.93 38.35
C VAL C 405 25.77 36.24 37.69
N SER C 406 25.58 36.22 36.39
CA SER C 406 25.23 37.45 35.66
C SER C 406 23.84 37.91 36.09
N GLU C 407 23.64 39.22 36.14
CA GLU C 407 22.39 39.77 36.67
C GLU C 407 21.20 39.19 35.97
N ASN C 408 21.35 38.92 34.69
CA ASN C 408 20.26 38.37 33.92
C ASN C 408 20.63 37.04 33.31
N ASP C 409 21.08 36.14 34.17
CA ASP C 409 21.26 34.76 33.81
C ASP C 409 19.87 34.18 33.81
N ALA C 410 19.67 33.23 32.91
CA ALA C 410 18.36 32.60 32.72
C ALA C 410 17.73 32.13 34.03
N ASN C 411 18.50 31.47 34.88
CA ASN C 411 17.96 30.95 36.14
C ASN C 411 18.66 31.57 37.35
N ILE C 412 18.73 32.90 37.34
CA ILE C 412 19.30 33.66 38.47
C ILE C 412 18.46 33.38 39.70
N ALA C 413 17.14 33.23 39.52
CA ALA C 413 16.22 32.90 40.63
C ALA C 413 16.61 31.65 41.40
N TRP C 414 17.18 30.71 40.68
CA TRP C 414 17.55 29.43 41.26
C TRP C 414 18.73 29.59 42.14
N HIS C 415 19.73 30.29 41.64
CA HIS C 415 20.88 30.66 42.44
C HIS C 415 20.50 31.38 43.74
N PHE C 416 19.55 32.29 43.67
CA PHE C 416 19.12 32.97 44.85
C PHE C 416 18.63 31.97 45.87
N ASP C 417 17.91 30.95 45.39
CA ASP C 417 17.28 30.02 46.32
C ASP C 417 18.32 29.17 47.01
N LYS C 418 19.42 28.94 46.33
CA LYS C 418 20.52 28.18 46.90
C LYS C 418 21.42 29.02 47.81
N SER C 419 21.33 30.35 47.77
CA SER C 419 22.23 31.19 48.53
C SER C 419 21.69 31.50 49.89
N GLN C 420 22.54 32.07 50.75
CA GLN C 420 22.09 32.66 52.02
C GLN C 420 22.19 34.18 51.95
N GLY C 421 22.90 34.69 50.94
CA GLY C 421 23.01 36.13 50.76
C GLY C 421 23.44 36.51 49.36
N SER C 422 23.11 37.73 49.00
CA SER C 422 23.36 38.21 47.68
C SER C 422 23.81 39.68 47.73
N TYR C 423 24.67 40.06 46.79
CA TYR C 423 24.99 41.49 46.55
C TYR C 423 25.05 41.78 45.04
N LEU C 424 24.33 42.80 44.60
CA LEU C 424 24.34 43.18 43.20
C LEU C 424 25.27 44.34 42.99
N LYS C 425 26.09 44.26 41.94
CA LYS C 425 26.89 45.39 41.49
C LYS C 425 27.38 45.12 40.06
N GLY C 426 27.36 46.17 39.24
CA GLY C 426 27.81 46.11 37.85
C GLY C 426 27.22 44.97 37.02
N GLY C 427 25.92 44.74 37.15
CA GLY C 427 25.26 43.64 36.45
C GLY C 427 25.73 42.24 36.81
N LYS C 428 26.29 42.07 37.99
CA LYS C 428 26.66 40.75 38.46
C LYS C 428 26.16 40.60 39.90
N VAL C 429 25.79 39.39 40.28
CA VAL C 429 25.36 39.14 41.63
C VAL C 429 26.39 38.25 42.28
N LEU C 430 26.88 38.70 43.42
CA LEU C 430 27.63 37.85 44.30
C LEU C 430 26.65 37.07 45.13
N PHE C 431 26.88 35.77 45.18
CA PHE C 431 26.12 34.83 46.04
C PHE C 431 27.08 34.11 46.96
N TRP C 432 26.59 33.82 48.17
CA TRP C 432 27.32 32.93 49.04
C TRP C 432 26.41 32.17 49.90
N TYR C 433 26.97 31.10 50.46
CA TYR C 433 26.28 30.37 51.50
C TYR C 433 27.18 29.94 52.64
N GLY C 434 26.57 29.80 53.82
CA GLY C 434 27.25 29.26 54.93
C GLY C 434 28.20 30.19 55.65
N ILE C 435 28.26 31.46 55.28
CA ILE C 435 29.08 32.38 56.07
C ILE C 435 28.27 33.51 56.68
N ASP C 436 27.57 33.19 57.77
CA ASP C 436 26.78 34.16 58.51
C ASP C 436 27.59 34.90 59.60
N ASP C 437 28.91 35.01 59.41
CA ASP C 437 29.70 35.96 60.18
C ASP C 437 29.61 37.32 59.50
N ILE C 438 28.82 38.21 60.09
CA ILE C 438 28.65 39.60 59.62
C ILE C 438 29.91 40.20 58.96
N ASN C 439 31.06 39.84 59.50
CA ASN C 439 32.31 40.47 59.20
C ASN C 439 32.95 39.93 57.93
N THR C 440 33.08 38.62 57.84
CA THR C 440 33.67 38.01 56.64
C THR C 440 32.79 38.28 55.42
N ILE C 441 31.55 38.70 55.67
CA ILE C 441 30.67 39.11 54.57
C ILE C 441 31.16 40.42 53.96
N SER C 442 31.45 41.39 54.82
CA SER C 442 32.06 42.63 54.36
C SER C 442 33.30 42.31 53.50
N GLU C 443 34.20 41.49 54.02
CA GLU C 443 35.41 41.11 53.29
C GLU C 443 35.00 40.61 51.91
N LEU C 444 34.10 39.65 51.92
CA LEU C 444 33.60 39.03 50.68
C LEU C 444 33.10 40.08 49.67
N VAL C 445 32.21 40.97 50.13
CA VAL C 445 31.58 41.98 49.27
C VAL C 445 32.63 42.98 48.78
N GLU C 446 33.58 43.33 49.65
CA GLU C 446 34.56 44.34 49.33
C GLU C 446 35.42 43.86 48.18
N ASN C 447 35.85 42.60 48.25
CA ASN C 447 36.70 42.04 47.20
C ASN C 447 36.00 41.97 45.89
N PHE C 448 34.73 41.63 45.95
CA PHE C 448 33.89 41.51 44.78
C PHE C 448 33.74 42.85 44.10
N VAL C 449 33.57 43.90 44.91
CA VAL C 449 33.41 45.26 44.37
C VAL C 449 34.75 45.66 43.79
N LYS C 450 35.78 45.44 44.57
CA LYS C 450 37.15 45.71 44.16
C LYS C 450 37.44 45.20 42.72
N SER C 451 36.87 44.05 42.36
CA SER C 451 37.10 43.45 41.06
C SER C 451 35.97 43.72 40.05
N CYS C 452 35.58 44.98 39.93
CA CYS C 452 34.90 45.48 38.74
C CYS C 452 35.83 46.63 38.32
N ASP C 453 37.14 46.36 38.32
CA ASP C 453 38.07 47.45 38.08
C ASP C 453 39.49 46.94 38.35
N GLN D 49 -30.70 -9.87 20.14
CA GLN D 49 -29.29 -9.82 19.56
C GLN D 49 -29.17 -10.09 18.08
N PHE D 50 -28.21 -9.44 17.43
CA PHE D 50 -28.23 -9.43 15.96
C PHE D 50 -27.73 -10.68 15.25
N ALA D 51 -26.44 -10.99 15.40
CA ALA D 51 -25.87 -12.09 14.67
C ALA D 51 -24.56 -12.57 15.26
N VAL D 52 -24.33 -13.88 15.14
CA VAL D 52 -23.04 -14.53 15.39
C VAL D 52 -22.48 -14.93 14.04
N ILE D 53 -21.26 -14.50 13.75
CA ILE D 53 -20.61 -14.80 12.47
C ILE D 53 -19.32 -15.57 12.76
N LYS D 54 -19.28 -16.83 12.36
CA LYS D 54 -18.05 -17.63 12.48
C LYS D 54 -17.28 -17.36 11.22
N VAL D 55 -16.07 -16.86 11.41
CA VAL D 55 -15.19 -16.59 10.34
C VAL D 55 -14.09 -17.66 10.33
N GLY D 56 -14.02 -18.39 9.23
CA GLY D 56 -12.94 -19.32 9.04
C GLY D 56 -11.61 -18.56 9.04
N GLY D 57 -10.57 -19.15 9.61
CA GLY D 57 -9.24 -18.51 9.62
C GLY D 57 -8.70 -18.19 8.21
N ALA D 58 -9.02 -19.07 7.27
CA ALA D 58 -8.68 -18.92 5.86
C ALA D 58 -8.97 -17.53 5.29
N ILE D 59 -10.04 -16.92 5.83
CA ILE D 59 -10.60 -15.63 5.35
C ILE D 59 -9.76 -14.49 5.86
N ILE D 60 -9.25 -14.61 7.06
CA ILE D 60 -8.45 -13.55 7.62
C ILE D 60 -7.15 -13.41 6.86
N SER D 61 -6.68 -14.53 6.30
CA SER D 61 -5.45 -14.54 5.49
C SER D 61 -5.72 -14.02 4.10
N ASP D 62 -6.82 -14.45 3.49
CA ASP D 62 -7.06 -14.26 2.04
C ASP D 62 -8.12 -13.23 1.65
N ASN D 63 -8.81 -12.64 2.62
CA ASN D 63 -9.87 -11.67 2.35
C ASN D 63 -10.09 -10.67 3.46
N LEU D 64 -9.01 -10.24 4.08
CA LEU D 64 -9.14 -9.38 5.25
C LEU D 64 -9.94 -8.12 4.89
N HIS D 65 -9.70 -7.55 3.70
CA HIS D 65 -10.39 -6.31 3.33
C HIS D 65 -11.85 -6.58 3.13
N GLU D 66 -12.15 -7.53 2.24
CA GLU D 66 -13.54 -7.94 1.95
C GLU D 66 -14.31 -8.07 3.30
N LEU D 67 -13.76 -8.84 4.21
CA LEU D 67 -14.40 -9.15 5.45
C LEU D 67 -14.54 -7.91 6.28
N ALA D 68 -13.43 -7.21 6.48
CA ALA D 68 -13.40 -6.04 7.37
C ALA D 68 -14.35 -4.96 6.92
N SER D 69 -14.32 -4.65 5.63
CA SER D 69 -15.15 -3.57 5.11
C SER D 69 -16.61 -3.92 5.35
N CYS D 70 -16.89 -5.19 5.17
CA CYS D 70 -18.24 -5.65 5.30
C CYS D 70 -18.76 -5.57 6.77
N LEU D 71 -17.95 -6.01 7.73
CA LEU D 71 -18.34 -5.87 9.12
C LEU D 71 -18.49 -4.39 9.43
N ALA D 72 -17.56 -3.59 8.89
CA ALA D 72 -17.53 -2.13 9.07
C ALA D 72 -18.87 -1.50 8.64
N PHE D 73 -19.46 -2.03 7.57
CA PHE D 73 -20.75 -1.58 7.13
C PHE D 73 -21.83 -1.84 8.18
N LEU D 74 -21.83 -3.05 8.73
CA LEU D 74 -22.79 -3.38 9.75
C LEU D 74 -22.60 -2.43 10.92
N TYR D 75 -21.34 -2.24 11.30
CA TYR D 75 -21.01 -1.36 12.42
C TYR D 75 -21.55 0.01 12.19
N HIS D 76 -21.48 0.45 10.93
CA HIS D 76 -21.87 1.83 10.61
C HIS D 76 -23.37 1.97 10.70
N VAL D 77 -24.12 1.01 10.17
CA VAL D 77 -25.58 1.10 10.26
C VAL D 77 -26.08 0.76 11.66
N GLY D 78 -25.19 0.65 12.64
CA GLY D 78 -25.57 0.44 14.03
C GLY D 78 -25.79 -1.00 14.49
N LEU D 79 -25.39 -1.97 13.68
CA LEU D 79 -25.50 -3.36 14.08
C LEU D 79 -24.16 -3.89 14.66
N TYR D 80 -24.25 -4.86 15.58
CA TYR D 80 -23.07 -5.31 16.29
C TYR D 80 -23.03 -6.85 16.26
N PRO D 81 -22.46 -7.39 15.21
CA PRO D 81 -22.29 -8.81 15.15
C PRO D 81 -21.24 -9.27 16.17
N ILE D 82 -21.47 -10.42 16.78
CA ILE D 82 -20.43 -11.14 17.52
C ILE D 82 -19.62 -11.96 16.52
N VAL D 83 -18.32 -11.72 16.46
CA VAL D 83 -17.49 -12.33 15.46
C VAL D 83 -16.52 -13.27 16.15
N LEU D 84 -16.53 -14.51 15.68
CA LEU D 84 -15.74 -15.57 16.31
C LEU D 84 -14.94 -16.10 15.15
N HIS D 85 -13.63 -16.17 15.31
CA HIS D 85 -12.80 -16.71 14.26
C HIS D 85 -11.95 -17.92 14.66
N GLY D 86 -11.67 -18.75 13.67
CA GLY D 86 -10.73 -19.83 13.84
C GLY D 86 -9.36 -19.42 13.33
N THR D 87 -8.54 -20.44 13.12
CA THR D 87 -7.17 -20.32 12.63
C THR D 87 -6.74 -21.72 12.20
N GLY D 88 -7.18 -22.12 11.02
CA GLY D 88 -6.97 -23.49 10.57
C GLY D 88 -5.70 -23.57 9.81
N PRO D 89 -5.76 -23.08 8.57
CA PRO D 89 -4.64 -23.18 7.66
C PRO D 89 -3.30 -22.71 8.26
N GLN D 90 -3.32 -21.52 8.86
CA GLN D 90 -2.11 -20.81 9.29
C GLN D 90 -1.33 -21.70 10.19
N VAL D 91 -2.05 -22.39 11.04
CA VAL D 91 -1.48 -23.32 12.02
C VAL D 91 -0.96 -24.56 11.32
N ASN D 92 -1.76 -25.12 10.41
CA ASN D 92 -1.29 -26.25 9.62
C ASN D 92 -0.05 -25.91 8.81
N GLY D 93 -0.01 -24.70 8.26
CA GLY D 93 1.14 -24.25 7.49
C GLY D 93 2.40 -24.20 8.33
N ARG D 94 2.27 -23.78 9.59
CA ARG D 94 3.40 -23.78 10.52
C ARG D 94 3.85 -25.18 10.92
N LEU D 95 2.93 -26.04 11.31
CA LEU D 95 3.28 -27.41 11.65
C LEU D 95 4.03 -28.10 10.48
N GLU D 96 3.63 -27.83 9.24
CA GLU D 96 4.33 -28.37 8.08
C GLU D 96 5.70 -27.75 8.03
N ALA D 97 5.74 -26.42 8.17
CA ALA D 97 7.00 -25.65 8.20
C ALA D 97 7.99 -26.16 9.23
N GLN D 98 7.50 -26.82 10.28
CA GLN D 98 8.33 -27.47 11.28
C GLN D 98 8.38 -29.00 11.15
N GLY D 99 7.78 -29.54 10.09
CA GLY D 99 7.84 -30.99 9.80
C GLY D 99 7.06 -31.84 10.77
N ILE D 100 5.89 -31.35 11.18
CA ILE D 100 4.97 -32.06 12.03
C ILE D 100 3.72 -32.32 11.18
N GLU D 101 3.20 -33.54 11.20
CA GLU D 101 1.98 -33.85 10.43
C GLU D 101 0.83 -33.35 11.22
N PRO D 102 0.02 -32.45 10.62
CA PRO D 102 -1.15 -32.01 11.36
C PRO D 102 -1.99 -33.24 11.63
N ASP D 103 -2.58 -33.30 12.82
CA ASP D 103 -3.01 -34.57 13.37
C ASP D 103 -4.43 -34.46 13.89
N TYR D 104 -5.31 -35.22 13.26
CA TYR D 104 -6.72 -35.19 13.58
C TYR D 104 -7.27 -36.57 13.75
N ILE D 105 -8.16 -36.74 14.73
CA ILE D 105 -9.12 -37.85 14.68
C ILE D 105 -10.49 -37.21 14.79
N ASP D 106 -11.46 -37.76 14.05
CA ASP D 106 -12.86 -37.41 14.21
C ASP D 106 -13.12 -35.95 13.89
N GLY D 107 -12.32 -35.40 12.99
CA GLY D 107 -12.43 -33.98 12.66
C GLY D 107 -11.93 -33.02 13.74
N ILE D 108 -11.33 -33.53 14.80
CA ILE D 108 -10.80 -32.71 15.90
C ILE D 108 -9.29 -32.73 15.81
N ARG D 109 -8.64 -31.62 16.14
CA ARG D 109 -7.18 -31.59 16.16
C ARG D 109 -6.60 -32.17 17.44
N ILE D 110 -5.80 -33.23 17.31
CA ILE D 110 -5.12 -33.77 18.47
C ILE D 110 -4.09 -32.72 18.89
N THR D 111 -4.42 -31.95 19.94
CA THR D 111 -3.59 -30.81 20.36
C THR D 111 -2.72 -31.17 21.56
N ASP D 112 -1.51 -31.61 21.29
CA ASP D 112 -0.60 -31.88 22.36
C ASP D 112 0.00 -30.60 22.88
N GLU D 113 0.93 -30.73 23.79
CA GLU D 113 1.52 -29.60 24.51
C GLU D 113 2.17 -28.58 23.53
N HIS D 114 3.00 -29.07 22.61
CA HIS D 114 3.64 -28.17 21.68
C HIS D 114 2.71 -27.60 20.71
N THR D 115 1.83 -28.43 20.18
CA THR D 115 0.87 -28.01 19.17
C THR D 115 -0.04 -26.88 19.73
N MET D 116 -0.32 -26.92 21.04
CA MET D 116 -1.11 -25.85 21.65
C MET D 116 -0.39 -24.53 21.57
N ALA D 117 0.93 -24.54 21.80
CA ALA D 117 1.74 -23.33 21.70
C ALA D 117 1.60 -22.74 20.33
N VAL D 118 1.59 -23.57 19.29
CA VAL D 118 1.43 -23.03 17.94
C VAL D 118 0.05 -22.48 17.71
N VAL D 119 -0.93 -23.23 18.15
CA VAL D 119 -2.32 -22.76 18.05
C VAL D 119 -2.54 -21.43 18.71
N ARG D 120 -2.01 -21.30 19.91
CA ARG D 120 -2.28 -20.14 20.71
C ARG D 120 -1.70 -18.91 20.02
N LYS D 121 -0.45 -19.03 19.58
CA LYS D 121 0.26 -17.96 18.87
C LYS D 121 -0.49 -17.55 17.62
N CYS D 122 -0.96 -18.53 16.87
CA CYS D 122 -1.72 -18.25 15.66
C CYS D 122 -3.06 -17.61 15.93
N PHE D 123 -3.76 -18.06 16.95
CA PHE D 123 -4.98 -17.39 17.30
C PHE D 123 -4.76 -15.93 17.62
N LEU D 124 -3.75 -15.64 18.43
CA LEU D 124 -3.57 -14.28 18.89
C LEU D 124 -3.22 -13.37 17.72
N GLU D 125 -2.43 -13.89 16.78
CA GLU D 125 -2.00 -13.09 15.63
C GLU D 125 -3.17 -12.81 14.71
N GLN D 126 -3.81 -13.88 14.25
CA GLN D 126 -5.01 -13.78 13.37
C GLN D 126 -6.00 -12.81 13.99
N ASN D 127 -6.11 -12.83 15.30
CA ASN D 127 -7.08 -12.01 15.99
C ASN D 127 -6.76 -10.50 15.96
N LEU D 128 -5.52 -10.12 16.24
CA LEU D 128 -5.14 -8.71 16.10
C LEU D 128 -5.27 -8.30 14.69
N LYS D 129 -4.89 -9.19 13.77
CA LYS D 129 -4.88 -8.84 12.37
C LYS D 129 -6.25 -8.29 11.99
N LEU D 130 -7.29 -8.98 12.42
CA LEU D 130 -8.66 -8.58 12.13
C LEU D 130 -9.07 -7.34 12.90
N VAL D 131 -8.72 -7.28 14.19
CA VAL D 131 -9.05 -6.08 14.98
C VAL D 131 -8.37 -4.86 14.34
N THR D 132 -7.04 -4.85 14.23
CA THR D 132 -6.35 -3.78 13.56
C THR D 132 -7.05 -3.37 12.25
N ALA D 133 -7.35 -4.35 11.39
CA ALA D 133 -7.97 -4.10 10.08
C ALA D 133 -9.18 -3.26 10.27
N LEU D 134 -10.06 -3.70 11.15
CA LEU D 134 -11.31 -3.01 11.44
C LEU D 134 -11.11 -1.63 12.02
N GLU D 135 -10.14 -1.48 12.92
CA GLU D 135 -9.87 -0.18 13.49
C GLU D 135 -9.50 0.75 12.38
N GLN D 136 -8.58 0.33 11.52
CA GLN D 136 -8.19 1.17 10.36
C GLN D 136 -9.35 1.70 9.55
N LEU D 137 -10.46 0.98 9.52
CA LEU D 137 -11.65 1.44 8.82
C LEU D 137 -12.63 2.20 9.74
N GLY D 138 -12.18 2.54 10.94
CA GLY D 138 -12.98 3.34 11.87
C GLY D 138 -13.93 2.57 12.78
N VAL D 139 -13.75 1.28 12.84
CA VAL D 139 -14.63 0.44 13.58
C VAL D 139 -13.96 0.05 14.89
N ARG D 140 -14.60 0.34 16.02
CA ARG D 140 -14.04 0.00 17.32
C ARG D 140 -14.13 -1.51 17.47
N ALA D 141 -12.99 -2.15 17.60
CA ALA D 141 -12.98 -3.58 17.85
C ALA D 141 -12.28 -3.89 19.18
N ARG D 142 -12.63 -5.02 19.75
CA ARG D 142 -12.16 -5.38 21.05
C ARG D 142 -11.79 -6.83 21.07
N PRO D 143 -10.51 -7.12 21.11
CA PRO D 143 -10.12 -8.49 21.06
C PRO D 143 -10.51 -9.18 22.35
N ILE D 144 -11.11 -10.35 22.24
CA ILE D 144 -11.51 -11.12 23.39
C ILE D 144 -10.94 -12.52 23.19
N THR D 145 -9.72 -12.68 23.68
CA THR D 145 -8.95 -13.87 23.43
C THR D 145 -9.04 -14.92 24.57
N SER D 146 -9.76 -14.61 25.63
CA SER D 146 -9.98 -15.52 26.73
C SER D 146 -11.13 -15.03 27.56
N GLY D 147 -11.70 -15.92 28.35
CA GLY D 147 -12.64 -15.48 29.41
C GLY D 147 -14.08 -15.56 28.97
N VAL D 148 -14.30 -16.18 27.82
CA VAL D 148 -15.63 -16.34 27.37
C VAL D 148 -16.07 -17.80 27.50
N PHE D 149 -15.25 -18.72 27.00
CA PHE D 149 -15.56 -20.17 27.13
C PHE D 149 -14.80 -20.89 28.26
N THR D 150 -15.52 -21.60 29.14
CA THR D 150 -14.92 -22.51 30.12
C THR D 150 -15.23 -23.94 29.72
N ALA D 151 -14.22 -24.83 29.79
CA ALA D 151 -14.34 -26.21 29.26
C ALA D 151 -13.69 -27.27 30.14
N ASP D 152 -14.10 -28.52 29.94
CA ASP D 152 -13.40 -29.67 30.49
C ASP D 152 -12.60 -30.23 29.36
N TYR D 153 -11.83 -31.28 29.63
CA TYR D 153 -11.17 -31.97 28.56
C TYR D 153 -12.23 -32.75 27.82
N LEU D 154 -12.17 -32.74 26.49
CA LEU D 154 -13.11 -33.52 25.70
C LEU D 154 -12.77 -34.99 25.86
N ASP D 155 -11.50 -35.34 25.67
CA ASP D 155 -11.01 -36.67 26.03
C ASP D 155 -9.48 -36.55 26.15
N LYS D 156 -8.97 -36.69 27.38
CA LYS D 156 -7.63 -36.25 27.65
C LYS D 156 -6.57 -37.07 26.91
N ASP D 157 -6.86 -38.31 26.54
CA ASP D 157 -5.82 -39.15 25.89
C ASP D 157 -6.02 -39.27 24.39
N LYS D 158 -7.25 -39.08 23.94
CA LYS D 158 -7.58 -39.10 22.53
C LYS D 158 -7.12 -37.79 21.92
N TYR D 159 -7.52 -36.67 22.50
CA TYR D 159 -7.28 -35.36 21.93
C TYR D 159 -6.24 -34.50 22.66
N LYS D 160 -5.75 -34.98 23.81
CA LYS D 160 -4.89 -34.17 24.67
C LYS D 160 -5.57 -32.80 25.01
N LEU D 161 -4.94 -31.65 24.71
CA LEU D 161 -5.43 -30.35 25.16
C LEU D 161 -6.60 -29.78 24.33
N VAL D 162 -7.58 -30.62 24.00
CA VAL D 162 -8.80 -30.15 23.38
C VAL D 162 -9.90 -30.10 24.42
N GLY D 163 -10.71 -29.06 24.31
CA GLY D 163 -11.70 -28.80 25.30
C GLY D 163 -13.12 -29.17 24.88
N ASN D 164 -14.03 -29.07 25.86
CA ASN D 164 -15.46 -29.30 25.71
C ASN D 164 -16.18 -28.25 26.49
N ILE D 165 -16.87 -27.37 25.79
CA ILE D 165 -17.35 -26.17 26.45
C ILE D 165 -18.45 -26.47 27.44
N LYS D 166 -18.19 -26.16 28.70
CA LYS D 166 -19.16 -26.40 29.77
C LYS D 166 -20.02 -25.16 29.96
N SER D 167 -19.49 -23.96 29.65
CA SER D 167 -20.30 -22.74 29.69
C SER D 167 -19.73 -21.57 28.94
N VAL D 168 -20.60 -20.59 28.70
CA VAL D 168 -20.25 -19.35 27.99
C VAL D 168 -20.51 -18.14 28.87
N THR D 169 -19.53 -17.29 29.08
CA THR D 169 -19.69 -16.11 29.96
C THR D 169 -20.04 -14.91 29.10
N LYS D 170 -21.25 -14.36 29.27
CA LYS D 170 -21.71 -13.28 28.42
C LYS D 170 -21.00 -11.92 28.65
N GLU D 171 -20.65 -11.63 29.90
CA GLU D 171 -20.32 -10.26 30.32
C GLU D 171 -19.31 -9.52 29.44
N PRO D 172 -18.22 -10.16 29.02
CA PRO D 172 -17.25 -9.55 28.11
C PRO D 172 -17.81 -9.13 26.76
N ILE D 173 -18.62 -9.99 26.17
CA ILE D 173 -19.23 -9.71 24.87
C ILE D 173 -20.24 -8.59 25.01
N GLU D 174 -20.98 -8.60 26.10
CA GLU D 174 -21.99 -7.57 26.31
C GLU D 174 -21.29 -6.23 26.57
N ALA D 175 -20.37 -6.21 27.53
CA ALA D 175 -19.66 -4.98 27.84
C ALA D 175 -19.09 -4.36 26.60
N SER D 176 -18.63 -5.19 25.66
CA SER D 176 -17.96 -4.70 24.47
C SER D 176 -18.97 -3.99 23.61
N ILE D 177 -20.07 -4.69 23.36
CA ILE D 177 -21.14 -4.11 22.56
C ILE D 177 -21.66 -2.84 23.21
N LYS D 178 -22.00 -2.91 24.49
CA LYS D 178 -22.42 -1.73 25.24
C LYS D 178 -21.44 -0.58 25.10
N ALA D 179 -20.15 -0.89 25.09
CA ALA D 179 -19.14 0.15 24.95
C ALA D 179 -18.90 0.54 23.47
N GLY D 180 -19.65 -0.05 22.57
CA GLY D 180 -19.65 0.39 21.18
C GLY D 180 -18.57 -0.22 20.31
N ALA D 181 -18.01 -1.34 20.79
CA ALA D 181 -16.95 -2.07 20.06
C ALA D 181 -17.46 -3.44 19.58
N LEU D 182 -17.09 -3.82 18.34
CA LEU D 182 -17.31 -5.18 17.86
C LEU D 182 -16.43 -6.12 18.68
N PRO D 183 -17.03 -7.19 19.21
CA PRO D 183 -16.24 -8.17 19.90
C PRO D 183 -15.72 -9.17 18.90
N ILE D 184 -14.42 -9.43 18.96
CA ILE D 184 -13.77 -10.39 18.08
C ILE D 184 -13.19 -11.51 18.92
N LEU D 185 -13.92 -12.61 18.98
CA LEU D 185 -13.58 -13.77 19.82
C LEU D 185 -12.66 -14.73 19.09
N THR D 186 -11.68 -15.28 19.81
CA THR D 186 -11.04 -16.54 19.43
C THR D 186 -11.82 -17.68 20.05
N SER D 187 -11.85 -18.80 19.35
CA SER D 187 -12.53 -19.99 19.85
C SER D 187 -11.60 -20.85 20.68
N LEU D 188 -11.38 -20.45 21.91
CA LEU D 188 -10.32 -20.95 22.75
C LEU D 188 -10.90 -20.95 24.13
N ALA D 189 -11.05 -22.13 24.71
CA ALA D 189 -11.66 -22.27 26.05
C ALA D 189 -10.59 -22.37 27.11
N GLU D 190 -11.01 -22.59 28.36
CA GLU D 190 -10.08 -22.75 29.48
C GLU D 190 -10.71 -23.32 30.73
N THR D 191 -10.03 -24.31 31.32
CA THR D 191 -10.49 -25.02 32.49
C THR D 191 -10.48 -24.10 33.65
N ALA D 192 -11.14 -24.49 34.73
CA ALA D 192 -11.23 -23.63 35.90
C ALA D 192 -9.79 -23.30 36.37
N SER D 193 -8.97 -24.34 36.48
CA SER D 193 -7.57 -24.18 36.87
C SER D 193 -6.71 -23.32 35.93
N GLY D 194 -7.14 -23.12 34.70
CA GLY D 194 -6.51 -22.17 33.82
C GLY D 194 -5.65 -22.78 32.74
N GLN D 195 -5.90 -24.01 32.34
CA GLN D 195 -5.23 -24.53 31.15
C GLN D 195 -6.09 -24.18 30.00
N MET D 196 -5.51 -23.62 28.96
CA MET D 196 -6.26 -23.25 27.80
C MET D 196 -6.46 -24.49 27.00
N LEU D 197 -7.67 -24.68 26.53
CA LEU D 197 -7.99 -25.83 25.71
C LEU D 197 -8.45 -25.38 24.31
N ASN D 198 -7.95 -26.07 23.29
CA ASN D 198 -8.36 -25.83 21.92
C ASN D 198 -9.77 -26.40 21.72
N VAL D 199 -10.59 -25.63 21.01
CA VAL D 199 -12.02 -25.93 20.85
C VAL D 199 -12.35 -25.60 19.39
N ASN D 200 -12.84 -26.57 18.60
CA ASN D 200 -13.22 -26.24 17.20
C ASN D 200 -14.02 -24.92 17.01
N ALA D 201 -13.58 -24.06 16.10
CA ALA D 201 -14.29 -22.77 15.77
C ALA D 201 -15.77 -22.92 15.50
N ASP D 202 -16.12 -23.98 14.79
CA ASP D 202 -17.49 -24.26 14.46
C ASP D 202 -18.29 -24.60 15.68
N VAL D 203 -17.68 -25.27 16.64
CA VAL D 203 -18.40 -25.65 17.85
C VAL D 203 -18.53 -24.48 18.82
N ALA D 204 -17.48 -23.67 18.96
CA ALA D 204 -17.59 -22.42 19.77
C ALA D 204 -18.76 -21.57 19.24
N ALA D 205 -18.88 -21.45 17.92
CA ALA D 205 -19.88 -20.60 17.34
C ALA D 205 -21.25 -21.10 17.75
N GLY D 206 -21.46 -22.41 17.70
CA GLY D 206 -22.73 -22.98 18.13
C GLY D 206 -23.02 -22.69 19.59
N GLU D 207 -21.98 -22.76 20.42
CA GLU D 207 -22.15 -22.49 21.85
C GLU D 207 -22.55 -21.05 22.10
N LEU D 208 -22.04 -20.11 21.31
CA LEU D 208 -22.48 -18.74 21.43
C LEU D 208 -23.91 -18.62 21.00
N ALA D 209 -24.23 -19.19 19.85
CA ALA D 209 -25.56 -19.04 19.31
C ALA D 209 -26.56 -19.56 20.33
N ARG D 210 -26.25 -20.66 20.97
CA ARG D 210 -27.14 -21.22 21.97
C ARG D 210 -27.47 -20.22 23.05
N VAL D 211 -26.45 -19.53 23.55
CA VAL D 211 -26.62 -18.65 24.65
C VAL D 211 -27.22 -17.30 24.27
N PHE D 212 -26.83 -16.75 23.12
CA PHE D 212 -27.24 -15.41 22.72
C PHE D 212 -28.49 -15.39 21.84
N GLU D 213 -28.96 -16.54 21.39
CA GLU D 213 -30.11 -16.65 20.48
C GLU D 213 -30.22 -15.50 19.49
N PRO D 214 -29.19 -15.31 18.68
CA PRO D 214 -29.15 -14.20 17.75
C PRO D 214 -30.11 -14.48 16.63
N LEU D 215 -30.47 -13.45 15.87
CA LEU D 215 -31.43 -13.61 14.77
C LEU D 215 -30.77 -14.31 13.60
N LYS D 216 -29.50 -13.98 13.33
CA LYS D 216 -28.78 -14.60 12.22
C LYS D 216 -27.54 -15.35 12.70
N ILE D 217 -27.26 -16.48 12.09
CA ILE D 217 -26.04 -17.26 12.39
C ILE D 217 -25.38 -17.56 11.05
N VAL D 218 -24.28 -16.89 10.77
CA VAL D 218 -23.64 -17.03 9.49
C VAL D 218 -22.30 -17.74 9.66
N TYR D 219 -22.12 -18.76 8.84
CA TYR D 219 -20.86 -19.49 8.81
C TYR D 219 -20.09 -19.22 7.55
N LEU D 220 -19.10 -18.36 7.62
CA LEU D 220 -18.38 -17.98 6.42
C LEU D 220 -17.37 -19.03 5.95
N ASN D 221 -17.56 -19.58 4.75
CA ASN D 221 -16.58 -20.49 4.14
C ASN D 221 -16.09 -20.00 2.77
N GLU D 222 -15.22 -20.81 2.14
CA GLU D 222 -14.69 -20.46 0.82
C GLU D 222 -15.69 -20.94 -0.20
N LYS D 223 -15.96 -22.23 -0.15
CA LYS D 223 -16.88 -22.89 -1.08
C LYS D 223 -18.05 -22.00 -1.51
N GLY D 224 -18.73 -21.36 -0.55
CA GLY D 224 -19.99 -20.68 -0.84
C GLY D 224 -21.11 -21.57 -0.49
N GLY D 225 -20.95 -22.38 0.51
CA GLY D 225 -21.90 -23.36 0.67
C GLY D 225 -21.24 -24.66 0.93
N ILE D 226 -22.06 -25.68 0.83
CA ILE D 226 -21.64 -27.06 0.84
C ILE D 226 -21.87 -27.52 -0.57
N ILE D 227 -20.82 -28.06 -1.19
CA ILE D 227 -20.95 -28.57 -2.53
C ILE D 227 -20.92 -30.07 -2.41
N ASN D 228 -21.96 -30.69 -2.95
CA ASN D 228 -22.00 -32.13 -3.10
C ASN D 228 -20.73 -32.62 -3.81
N GLY D 229 -19.80 -33.21 -3.04
CA GLY D 229 -18.50 -33.61 -3.57
C GLY D 229 -18.49 -34.68 -4.68
N SER D 230 -19.63 -35.35 -4.90
CA SER D 230 -19.73 -36.37 -5.95
C SER D 230 -20.41 -35.89 -7.25
N THR D 231 -21.11 -34.75 -7.22
CA THR D 231 -21.70 -34.15 -8.43
C THR D 231 -21.51 -32.62 -8.58
N GLY D 232 -20.80 -31.99 -7.65
CA GLY D 232 -20.58 -30.56 -7.71
C GLY D 232 -21.83 -29.71 -7.55
N GLU D 233 -22.94 -30.35 -7.18
CA GLU D 233 -24.22 -29.66 -7.02
C GLU D 233 -24.24 -28.84 -5.73
N LYS D 234 -24.13 -27.51 -5.83
CA LYS D 234 -24.25 -26.67 -4.62
C LYS D 234 -25.54 -27.04 -3.88
N ILE D 235 -25.40 -27.58 -2.68
CA ILE D 235 -26.55 -27.88 -1.87
C ILE D 235 -27.08 -26.56 -1.31
N SER D 236 -28.24 -26.11 -1.72
CA SER D 236 -28.74 -24.80 -1.26
C SER D 236 -29.61 -24.84 0.01
N MET D 237 -30.04 -26.04 0.39
CA MET D 237 -30.93 -26.22 1.50
C MET D 237 -30.62 -27.52 2.16
N ILE D 238 -30.79 -27.59 3.47
CA ILE D 238 -30.72 -28.87 4.18
C ILE D 238 -31.78 -28.86 5.25
N ASN D 239 -32.77 -29.72 5.12
CA ASN D 239 -33.73 -29.93 6.18
C ASN D 239 -33.22 -31.13 6.96
N LEU D 240 -32.65 -30.86 8.14
CA LEU D 240 -32.02 -31.89 8.95
C LEU D 240 -32.96 -33.04 9.35
N ASP D 241 -34.15 -32.71 9.85
CA ASP D 241 -35.07 -33.78 10.25
C ASP D 241 -35.24 -34.85 9.13
N GLU D 242 -35.30 -34.45 7.85
CA GLU D 242 -35.40 -35.40 6.73
C GLU D 242 -34.05 -35.92 6.25
N GLU D 243 -33.14 -35.02 5.99
CA GLU D 243 -31.95 -35.33 5.17
C GLU D 243 -30.72 -35.75 5.94
N TYR D 244 -30.68 -35.44 7.24
CA TYR D 244 -29.46 -35.53 8.03
C TYR D 244 -28.77 -36.89 7.98
N ASP D 245 -29.53 -37.94 8.26
CA ASP D 245 -28.96 -39.28 8.39
C ASP D 245 -28.27 -39.78 7.15
N ASP D 246 -28.91 -39.55 6.01
CA ASP D 246 -28.42 -40.07 4.75
C ASP D 246 -27.32 -39.20 4.18
N LEU D 247 -27.25 -37.97 4.64
CA LEU D 247 -26.19 -37.08 4.22
C LEU D 247 -24.90 -37.42 4.95
N MET D 248 -25.01 -37.77 6.22
CA MET D 248 -23.84 -38.16 6.99
C MET D 248 -23.28 -39.50 6.51
N LYS D 249 -24.16 -40.36 6.00
CA LYS D 249 -23.77 -41.65 5.44
C LYS D 249 -22.94 -41.55 4.15
N GLN D 250 -22.90 -40.38 3.52
CA GLN D 250 -22.26 -40.24 2.21
C GLN D 250 -20.72 -40.40 2.15
N SER D 251 -20.24 -41.05 1.08
CA SER D 251 -18.81 -41.20 0.80
C SER D 251 -18.09 -39.87 0.85
N TRP D 252 -18.64 -38.86 0.17
CA TRP D 252 -17.93 -37.60 -0.08
C TRP D 252 -17.89 -36.69 1.11
N VAL D 253 -18.90 -36.75 1.98
CA VAL D 253 -18.91 -35.87 3.17
C VAL D 253 -17.67 -36.11 4.04
N LYS D 254 -16.74 -35.17 3.97
CA LYS D 254 -15.49 -35.23 4.72
C LYS D 254 -15.74 -35.07 6.21
N TYR D 255 -14.73 -35.44 6.97
CA TYR D 255 -14.82 -35.47 8.41
C TYR D 255 -15.05 -34.09 9.01
N GLY D 256 -14.35 -33.09 8.47
CA GLY D 256 -14.57 -31.70 8.82
C GLY D 256 -16.00 -31.23 8.59
N THR D 257 -16.60 -31.70 7.49
CA THR D 257 -17.99 -31.39 7.19
C THR D 257 -18.92 -32.06 8.22
N LYS D 258 -18.76 -33.37 8.40
CA LYS D 258 -19.55 -34.11 9.37
C LYS D 258 -19.61 -33.34 10.70
N LEU D 259 -18.45 -32.98 11.24
CA LEU D 259 -18.39 -32.28 12.55
C LEU D 259 -19.11 -30.92 12.57
N LYS D 260 -19.11 -30.21 11.45
CA LYS D 260 -19.78 -28.91 11.35
C LYS D 260 -21.28 -29.12 11.31
N ILE D 261 -21.75 -29.98 10.41
CA ILE D 261 -23.18 -30.27 10.31
C ILE D 261 -23.71 -30.85 11.61
N ARG D 262 -22.91 -31.70 12.26
CA ARG D 262 -23.36 -32.29 13.52
C ARG D 262 -23.53 -31.22 14.57
N GLU D 263 -22.57 -30.32 14.66
CA GLU D 263 -22.66 -29.31 15.70
C GLU D 263 -23.75 -28.32 15.39
N ILE D 264 -24.10 -28.19 14.12
CA ILE D 264 -25.24 -27.34 13.71
C ILE D 264 -26.55 -27.99 14.09
N LYS D 265 -26.67 -29.31 13.90
CA LYS D 265 -27.87 -30.04 14.32
C LYS D 265 -28.05 -29.86 15.80
N GLU D 266 -26.98 -30.12 16.55
CA GLU D 266 -27.07 -30.02 17.98
C GLU D 266 -27.57 -28.64 18.41
N LEU D 267 -27.15 -27.60 17.70
CA LEU D 267 -27.55 -26.23 18.01
C LEU D 267 -29.02 -26.04 17.71
N LEU D 268 -29.42 -26.38 16.49
CA LEU D 268 -30.78 -26.14 16.03
C LEU D 268 -31.83 -26.98 16.75
N ASP D 269 -31.42 -28.10 17.36
CA ASP D 269 -32.31 -28.91 18.21
C ASP D 269 -32.72 -28.17 19.50
N TYR D 270 -31.95 -27.14 19.84
CA TYR D 270 -32.11 -26.36 21.06
C TYR D 270 -33.00 -25.16 20.82
N LEU D 271 -32.84 -24.59 19.63
CA LEU D 271 -33.50 -23.36 19.23
C LEU D 271 -34.82 -23.66 18.53
N PRO D 272 -35.63 -22.62 18.39
CA PRO D 272 -36.87 -22.65 17.64
C PRO D 272 -36.75 -23.25 16.27
N ARG D 273 -37.90 -23.62 15.72
CA ARG D 273 -37.98 -24.08 14.34
C ARG D 273 -37.74 -22.88 13.40
N SER D 274 -38.04 -21.67 13.89
CA SER D 274 -37.85 -20.45 13.11
C SER D 274 -36.37 -20.16 12.79
N SER D 275 -35.48 -20.71 13.59
CA SER D 275 -34.07 -20.39 13.43
C SER D 275 -33.40 -21.25 12.39
N SER D 276 -32.27 -20.74 11.91
CA SER D 276 -31.51 -21.39 10.83
C SER D 276 -30.07 -20.95 10.79
N VAL D 277 -29.26 -21.69 10.08
CA VAL D 277 -27.85 -21.33 9.87
C VAL D 277 -27.57 -21.17 8.37
N ALA D 278 -26.81 -20.14 7.99
CA ALA D 278 -26.44 -19.96 6.57
C ALA D 278 -24.91 -20.14 6.48
N ILE D 279 -24.45 -21.02 5.59
CA ILE D 279 -23.01 -21.16 5.33
C ILE D 279 -22.80 -20.50 3.99
N ILE D 280 -22.27 -19.29 3.99
CA ILE D 280 -22.11 -18.54 2.75
C ILE D 280 -20.70 -18.19 2.51
N ASN D 281 -20.42 -17.76 1.30
CA ASN D 281 -19.14 -17.17 0.95
C ASN D 281 -19.11 -15.74 1.49
N VAL D 282 -17.92 -15.17 1.65
CA VAL D 282 -17.80 -13.85 2.24
C VAL D 282 -18.55 -12.77 1.47
N GLN D 283 -18.44 -12.72 0.15
CA GLN D 283 -19.09 -11.62 -0.62
C GLN D 283 -20.62 -11.53 -0.48
N ASP D 284 -21.31 -12.66 -0.39
CA ASP D 284 -22.78 -12.62 -0.24
C ASP D 284 -23.20 -12.57 1.22
N LEU D 285 -22.38 -11.94 2.04
CA LEU D 285 -22.66 -11.80 3.47
C LEU D 285 -23.65 -10.66 3.67
N GLN D 286 -23.28 -9.46 3.23
CA GLN D 286 -24.19 -8.35 3.32
C GLN D 286 -25.54 -8.73 2.86
N LYS D 287 -25.57 -9.48 1.76
CA LYS D 287 -26.80 -10.01 1.20
C LYS D 287 -27.54 -10.93 2.19
N GLU D 288 -27.00 -12.10 2.53
CA GLU D 288 -27.70 -13.07 3.40
C GLU D 288 -28.17 -12.52 4.73
N LEU D 289 -27.57 -11.42 5.20
CA LEU D 289 -27.95 -10.84 6.50
C LEU D 289 -29.33 -10.16 6.52
N PHE D 290 -29.80 -9.70 5.36
CA PHE D 290 -31.11 -9.03 5.27
C PHE D 290 -32.07 -9.70 4.28
N THR D 291 -31.55 -10.20 3.17
CA THR D 291 -32.39 -10.95 2.24
C THR D 291 -32.52 -12.40 2.74
N ASP D 292 -33.75 -12.91 2.66
CA ASP D 292 -34.09 -14.25 3.14
C ASP D 292 -33.51 -15.37 2.29
N SER D 293 -33.28 -15.08 1.02
CA SER D 293 -32.64 -16.00 0.10
C SER D 293 -31.12 -15.97 0.24
N GLY D 294 -30.50 -14.88 -0.24
CA GLY D 294 -29.05 -14.83 -0.37
C GLY D 294 -28.51 -15.98 -1.20
N ALA D 295 -27.27 -16.41 -0.99
CA ALA D 295 -26.95 -17.67 -1.74
C ALA D 295 -25.78 -18.56 -1.43
N GLY D 296 -26.01 -19.45 -0.48
CA GLY D 296 -25.07 -20.50 -0.14
C GLY D 296 -25.88 -21.69 0.34
N THR D 297 -25.36 -22.54 1.23
CA THR D 297 -26.21 -23.52 1.86
C THR D 297 -26.92 -22.90 3.05
N MET D 298 -28.20 -23.17 3.16
CA MET D 298 -28.96 -22.84 4.33
C MET D 298 -29.45 -24.11 5.02
N ILE D 299 -29.04 -24.30 6.27
CA ILE D 299 -29.43 -25.44 7.07
C ILE D 299 -30.47 -25.05 8.11
N ARG D 300 -31.42 -25.94 8.37
CA ARG D 300 -32.41 -25.77 9.42
C ARG D 300 -33.08 -27.11 9.74
N ARG D 301 -33.87 -27.15 10.79
CA ARG D 301 -34.40 -28.43 11.23
C ARG D 301 -35.45 -29.00 10.33
N GLY D 302 -36.38 -28.15 9.94
CA GLY D 302 -37.43 -28.62 9.04
C GLY D 302 -38.37 -29.56 9.77
N TYR D 303 -39.01 -30.48 9.04
CA TYR D 303 -39.88 -31.53 9.57
C TYR D 303 -39.53 -32.69 8.72
N LYS D 304 -39.79 -33.89 9.21
CA LYS D 304 -39.66 -35.09 8.39
C LYS D 304 -40.92 -35.09 7.55
N LEU D 305 -40.75 -35.12 6.23
CA LEU D 305 -41.88 -35.14 5.26
C LEU D 305 -42.23 -36.61 4.99
N VAL D 306 -43.53 -36.90 4.95
CA VAL D 306 -44.05 -38.26 5.04
C VAL D 306 -44.78 -38.56 3.77
N LYS D 307 -44.27 -39.54 3.05
CA LYS D 307 -44.75 -39.82 1.72
C LYS D 307 -45.94 -40.76 1.82
N ARG D 308 -47.11 -40.33 1.36
CA ARG D 308 -48.28 -41.19 1.38
C ARG D 308 -48.96 -41.26 0.02
N SER D 309 -49.54 -42.42 -0.28
CA SER D 309 -50.14 -42.67 -1.59
C SER D 309 -51.63 -42.98 -1.56
N SER D 310 -52.28 -42.74 -0.44
CA SER D 310 -53.71 -42.92 -0.36
C SER D 310 -54.24 -42.21 0.87
N ILE D 311 -55.45 -41.66 0.78
CA ILE D 311 -56.09 -41.01 1.93
C ILE D 311 -56.03 -41.94 3.15
N GLY D 312 -56.07 -43.24 2.89
CA GLY D 312 -56.01 -44.28 3.92
C GLY D 312 -54.86 -44.13 4.89
N GLU D 313 -53.71 -43.72 4.38
CA GLU D 313 -52.49 -43.66 5.16
C GLU D 313 -52.42 -42.42 6.05
N PHE D 314 -53.23 -41.39 5.77
CA PHE D 314 -53.24 -40.21 6.62
C PHE D 314 -53.87 -40.57 7.96
N PRO D 315 -53.24 -40.14 9.06
CA PRO D 315 -53.69 -40.56 10.39
C PRO D 315 -55.02 -39.91 10.76
N SER D 316 -55.22 -38.67 10.32
CA SER D 316 -56.50 -38.00 10.46
C SER D 316 -56.91 -37.45 9.10
N ALA D 317 -58.08 -37.89 8.64
CA ALA D 317 -58.68 -37.37 7.40
C ALA D 317 -59.15 -35.95 7.68
N ASP D 318 -59.65 -35.69 8.88
CA ASP D 318 -60.03 -34.32 9.26
C ASP D 318 -58.84 -33.34 9.30
N ALA D 319 -57.66 -33.81 9.73
CA ALA D 319 -56.43 -32.98 9.69
C ALA D 319 -56.05 -32.58 8.24
N LEU D 320 -56.24 -33.51 7.30
CA LEU D 320 -55.99 -33.25 5.88
C LEU D 320 -56.94 -32.20 5.37
N ARG D 321 -58.20 -32.33 5.73
CA ARG D 321 -59.20 -31.44 5.20
C ARG D 321 -58.90 -30.02 5.67
N LYS D 322 -58.58 -29.85 6.94
CA LYS D 322 -58.23 -28.53 7.46
C LYS D 322 -57.06 -27.95 6.73
N ALA D 323 -56.05 -28.80 6.51
CA ALA D 323 -54.85 -28.37 5.85
C ALA D 323 -55.13 -27.82 4.44
N LEU D 324 -56.04 -28.46 3.70
CA LEU D 324 -56.37 -28.06 2.33
C LEU D 324 -57.29 -26.85 2.24
N GLN D 325 -57.96 -26.51 3.34
CA GLN D 325 -58.91 -25.42 3.35
C GLN D 325 -58.27 -24.04 3.20
N ARG D 326 -56.95 -23.95 3.35
CA ARG D 326 -56.26 -22.67 3.26
C ARG D 326 -55.96 -22.29 1.82
N ASP D 327 -56.22 -23.20 0.89
CA ASP D 327 -56.05 -22.96 -0.55
C ASP D 327 -56.81 -21.71 -1.05
N ALA D 328 -56.28 -21.07 -2.11
CA ALA D 328 -56.89 -19.85 -2.69
C ALA D 328 -58.15 -20.16 -3.50
N GLY D 329 -58.27 -21.40 -3.98
CA GLY D 329 -59.44 -21.85 -4.73
C GLY D 329 -60.27 -22.89 -4.01
N ILE D 330 -60.16 -22.95 -2.68
CA ILE D 330 -61.04 -23.76 -1.85
C ILE D 330 -61.56 -23.01 -0.62
N SER D 331 -60.74 -22.13 -0.04
CA SER D 331 -61.15 -21.30 1.12
C SER D 331 -62.47 -20.53 0.90
N SER D 332 -62.75 -20.19 -0.36
CA SER D 332 -64.14 -20.05 -0.84
C SER D 332 -64.24 -20.19 -2.37
N GLY D 333 -63.29 -20.92 -2.97
CA GLY D 333 -63.27 -21.17 -4.42
C GLY D 333 -64.28 -22.23 -4.80
N LYS D 334 -64.53 -22.39 -6.10
CA LYS D 334 -65.61 -23.25 -6.60
C LYS D 334 -65.18 -24.74 -6.72
N GLU D 335 -64.43 -25.24 -5.73
CA GLU D 335 -64.11 -26.66 -5.62
C GLU D 335 -63.96 -26.98 -4.14
N SER D 336 -64.99 -27.55 -3.52
CA SER D 336 -64.95 -27.84 -2.08
C SER D 336 -63.97 -28.97 -1.81
N VAL D 337 -63.22 -28.85 -0.71
CA VAL D 337 -62.25 -29.86 -0.29
C VAL D 337 -62.91 -31.21 -0.25
N ALA D 338 -64.17 -31.23 0.17
CA ALA D 338 -64.98 -32.44 0.17
C ALA D 338 -64.85 -33.17 -1.15
N SER D 339 -65.16 -32.48 -2.24
CA SER D 339 -65.19 -33.12 -3.55
C SER D 339 -63.78 -33.37 -4.08
N TYR D 340 -62.82 -32.52 -3.71
CA TYR D 340 -61.45 -32.74 -4.16
C TYR D 340 -60.94 -34.06 -3.63
N LEU D 341 -61.16 -34.31 -2.34
CA LEU D 341 -60.71 -35.56 -1.71
C LEU D 341 -61.44 -36.78 -2.28
N ARG D 342 -62.67 -36.59 -2.76
CA ARG D 342 -63.33 -37.63 -3.52
C ARG D 342 -62.46 -38.04 -4.74
N TYR D 343 -62.05 -37.07 -5.56
CA TYR D 343 -61.22 -37.32 -6.74
C TYR D 343 -59.86 -37.98 -6.41
N LEU D 344 -59.26 -37.58 -5.29
CA LEU D 344 -58.01 -38.18 -4.88
C LEU D 344 -58.14 -39.70 -4.66
N GLU D 345 -59.13 -40.14 -3.87
CA GLU D 345 -59.30 -41.57 -3.58
C GLU D 345 -59.15 -42.45 -4.82
N ASN D 346 -59.62 -41.94 -5.96
CA ASN D 346 -59.55 -42.63 -7.24
C ASN D 346 -58.53 -41.95 -8.15
N SER D 347 -57.27 -42.04 -7.79
CA SER D 347 -56.26 -41.23 -8.42
C SER D 347 -54.91 -41.84 -8.12
N ASP D 348 -54.07 -41.93 -9.12
CA ASP D 348 -52.68 -42.32 -8.87
C ASP D 348 -51.95 -41.08 -8.32
N PHE D 349 -51.61 -41.04 -7.03
CA PHE D 349 -50.92 -39.87 -6.48
C PHE D 349 -49.89 -40.18 -5.41
N VAL D 350 -48.96 -39.25 -5.22
CA VAL D 350 -47.98 -39.26 -4.13
C VAL D 350 -48.22 -37.96 -3.37
N SER D 351 -48.28 -38.03 -2.04
CA SER D 351 -48.42 -36.83 -1.23
C SER D 351 -47.17 -36.73 -0.36
N TYR D 352 -46.81 -35.52 0.04
CA TYR D 352 -45.75 -35.31 1.02
C TYR D 352 -46.23 -34.30 2.03
N ALA D 353 -46.22 -34.67 3.30
CA ALA D 353 -46.66 -33.76 4.36
C ALA D 353 -45.83 -33.93 5.63
N ASP D 354 -45.49 -32.81 6.28
CA ASP D 354 -44.91 -32.87 7.61
C ASP D 354 -45.96 -33.36 8.60
N GLU D 355 -45.54 -33.66 9.83
CA GLU D 355 -46.48 -34.20 10.83
C GLU D 355 -47.62 -33.25 11.14
N PRO D 356 -47.31 -31.96 11.32
CA PRO D 356 -48.40 -31.00 11.58
C PRO D 356 -49.27 -30.57 10.38
N LEU D 357 -49.02 -31.12 9.19
CA LEU D 357 -49.72 -30.73 7.98
C LEU D 357 -49.68 -29.20 7.82
N GLU D 358 -48.52 -28.62 8.09
CA GLU D 358 -48.30 -27.20 7.87
C GLU D 358 -48.02 -26.98 6.37
N ALA D 359 -47.51 -28.03 5.73
CA ALA D 359 -47.29 -28.06 4.28
C ALA D 359 -47.75 -29.41 3.71
N VAL D 360 -48.56 -29.39 2.65
CA VAL D 360 -49.03 -30.63 1.99
C VAL D 360 -48.85 -30.48 0.49
N ALA D 361 -48.00 -31.31 -0.10
CA ALA D 361 -47.81 -31.33 -1.54
C ALA D 361 -48.44 -32.60 -2.10
N ILE D 362 -49.04 -32.49 -3.29
CA ILE D 362 -49.74 -33.61 -3.94
C ILE D 362 -49.32 -33.68 -5.41
N VAL D 363 -48.65 -34.76 -5.80
CA VAL D 363 -48.20 -34.93 -7.16
C VAL D 363 -49.12 -35.91 -7.82
N LYS D 364 -49.83 -35.49 -8.86
CA LYS D 364 -50.66 -36.42 -9.63
C LYS D 364 -49.80 -37.05 -10.73
N LYS D 365 -49.80 -38.38 -10.78
CA LYS D 365 -48.73 -39.12 -11.46
C LYS D 365 -49.08 -39.52 -12.88
N ASP D 366 -50.36 -39.47 -13.23
CA ASP D 366 -50.77 -39.62 -14.63
C ASP D 366 -50.16 -38.48 -15.49
N THR D 367 -50.22 -38.63 -16.81
CA THR D 367 -49.54 -37.74 -17.78
C THR D 367 -48.03 -37.66 -17.54
N ASN D 368 -47.24 -38.26 -18.44
CA ASN D 368 -45.79 -38.15 -18.35
C ASN D 368 -45.48 -36.67 -18.20
N VAL D 369 -44.49 -36.38 -17.36
CA VAL D 369 -44.37 -35.09 -16.65
C VAL D 369 -45.53 -34.98 -15.65
N PRO D 370 -45.33 -35.55 -14.46
CA PRO D 370 -46.32 -35.48 -13.40
C PRO D 370 -46.55 -34.06 -12.97
N THR D 371 -47.75 -33.80 -12.46
CA THR D 371 -48.15 -32.45 -12.02
C THR D 371 -48.12 -32.36 -10.52
N LEU D 372 -47.43 -31.30 -10.01
CA LEU D 372 -47.60 -30.88 -8.62
C LEU D 372 -48.94 -30.18 -8.62
N ASP D 373 -49.96 -30.88 -8.09
CA ASP D 373 -51.38 -30.53 -8.24
C ASP D 373 -51.83 -29.57 -7.16
N LYS D 374 -51.43 -29.86 -5.91
CA LYS D 374 -51.72 -29.00 -4.77
C LYS D 374 -50.43 -28.88 -4.01
N PHE D 375 -50.28 -27.71 -3.39
CA PHE D 375 -49.12 -27.39 -2.62
C PHE D 375 -49.63 -26.36 -1.67
N VAL D 376 -50.15 -26.81 -0.52
CA VAL D 376 -50.92 -25.97 0.39
C VAL D 376 -50.15 -25.82 1.69
N CYS D 377 -49.48 -24.70 1.83
CA CYS D 377 -48.57 -24.46 2.93
C CYS D 377 -48.97 -23.17 3.60
N SER D 378 -49.04 -23.20 4.93
CA SER D 378 -49.36 -22.01 5.71
C SER D 378 -48.25 -20.97 5.65
N ASP D 379 -48.55 -19.73 6.06
CA ASP D 379 -47.59 -18.62 5.92
C ASP D 379 -46.36 -18.93 6.74
N ALA D 380 -46.60 -19.46 7.94
CA ALA D 380 -45.53 -19.99 8.74
C ALA D 380 -44.56 -20.79 7.85
N ALA D 381 -45.09 -21.73 7.09
CA ALA D 381 -44.28 -22.55 6.20
C ALA D 381 -43.48 -21.76 5.16
N TRP D 382 -44.14 -20.81 4.50
CA TRP D 382 -43.46 -19.98 3.48
C TRP D 382 -42.26 -19.28 4.02
N LEU D 383 -42.41 -18.68 5.20
CA LEU D 383 -41.33 -17.92 5.78
C LEU D 383 -40.14 -18.81 6.16
N ASN D 384 -40.41 -20.06 6.55
CA ASN D 384 -39.35 -21.00 6.95
C ASN D 384 -38.91 -21.92 5.84
N ASN D 385 -39.01 -21.41 4.62
CA ASN D 385 -38.80 -22.20 3.44
C ASN D 385 -39.08 -23.68 3.65
N VAL D 386 -40.34 -23.98 3.91
CA VAL D 386 -40.83 -25.37 3.82
C VAL D 386 -41.01 -25.64 2.36
N THR D 387 -41.27 -24.58 1.60
CA THR D 387 -41.32 -24.72 0.16
C THR D 387 -40.00 -25.26 -0.40
N ASP D 388 -38.85 -24.83 0.12
CA ASP D 388 -37.55 -25.39 -0.31
C ASP D 388 -37.41 -26.85 0.10
N ASN D 389 -37.85 -27.16 1.31
CA ASN D 389 -37.84 -28.53 1.82
C ASN D 389 -38.58 -29.47 0.87
N VAL D 390 -39.80 -29.07 0.52
CA VAL D 390 -40.69 -29.87 -0.27
C VAL D 390 -40.12 -30.02 -1.68
N PHE D 391 -39.59 -28.96 -2.27
CA PHE D 391 -38.99 -29.14 -3.58
C PHE D 391 -37.79 -30.06 -3.59
N ASN D 392 -36.99 -30.03 -2.54
CA ASN D 392 -35.84 -30.88 -2.52
C ASN D 392 -36.29 -32.32 -2.63
N VAL D 393 -37.32 -32.66 -1.87
CA VAL D 393 -37.79 -34.03 -1.81
C VAL D 393 -38.38 -34.38 -3.17
N LEU D 394 -39.24 -33.50 -3.69
CA LEU D 394 -39.79 -33.62 -5.05
C LEU D 394 -38.73 -33.84 -6.11
N ARG D 395 -37.65 -33.10 -6.03
CA ARG D 395 -36.68 -33.17 -7.09
C ARG D 395 -35.97 -34.52 -7.11
N ARG D 396 -35.87 -35.13 -5.92
CA ARG D 396 -35.24 -36.43 -5.81
C ARG D 396 -36.20 -37.56 -6.23
N ASP D 397 -37.46 -37.47 -5.83
CA ASP D 397 -38.42 -38.49 -6.18
C ASP D 397 -39.05 -38.35 -7.59
N PHE D 398 -38.91 -37.20 -8.21
CA PHE D 398 -39.53 -36.93 -9.52
C PHE D 398 -38.55 -36.17 -10.37
N PRO D 399 -37.85 -36.88 -11.24
CA PRO D 399 -36.83 -36.24 -12.05
C PRO D 399 -37.39 -35.33 -13.15
N ALA D 400 -38.64 -35.53 -13.53
CA ALA D 400 -39.33 -34.50 -14.31
C ALA D 400 -40.64 -34.17 -13.67
N LEU D 401 -41.01 -32.89 -13.67
CA LEU D 401 -42.18 -32.35 -12.96
C LEU D 401 -42.65 -31.06 -13.62
N GLN D 402 -43.96 -30.85 -13.65
CA GLN D 402 -44.56 -29.59 -14.12
C GLN D 402 -45.49 -29.04 -13.06
N TRP D 403 -45.61 -27.71 -13.03
CA TRP D 403 -46.49 -27.08 -12.03
C TRP D 403 -46.84 -25.69 -12.46
N VAL D 404 -47.93 -25.16 -11.89
CA VAL D 404 -48.40 -23.83 -12.23
C VAL D 404 -48.50 -22.84 -11.05
N VAL D 405 -47.95 -21.63 -11.22
CA VAL D 405 -47.96 -20.61 -10.17
C VAL D 405 -48.63 -19.35 -10.73
N SER D 406 -49.28 -18.58 -9.85
CA SER D 406 -49.99 -17.36 -10.28
C SER D 406 -48.98 -16.33 -10.77
N GLU D 407 -49.33 -15.59 -11.81
CA GLU D 407 -48.39 -14.62 -12.44
C GLU D 407 -47.78 -13.70 -11.43
N ASN D 408 -48.55 -13.28 -10.43
CA ASN D 408 -48.03 -12.40 -9.41
C ASN D 408 -48.14 -13.02 -8.03
N ASP D 409 -47.57 -14.21 -7.91
CA ASP D 409 -47.37 -14.84 -6.61
C ASP D 409 -46.16 -14.15 -6.01
N ALA D 410 -46.19 -14.03 -4.70
CA ALA D 410 -45.17 -13.27 -3.94
C ALA D 410 -43.78 -13.73 -4.31
N ASN D 411 -43.56 -15.04 -4.41
CA ASN D 411 -42.23 -15.57 -4.73
C ASN D 411 -42.21 -16.29 -6.07
N ILE D 412 -42.74 -15.63 -7.09
CA ILE D 412 -42.73 -16.20 -8.43
C ILE D 412 -41.31 -16.36 -8.89
N ALA D 413 -40.46 -15.40 -8.50
CA ALA D 413 -39.04 -15.43 -8.82
C ALA D 413 -38.35 -16.74 -8.38
N TRP D 414 -38.81 -17.30 -7.28
CA TRP D 414 -38.21 -18.48 -6.71
C TRP D 414 -38.53 -19.64 -7.56
N HIS D 415 -39.80 -19.75 -7.94
CA HIS D 415 -40.22 -20.79 -8.84
C HIS D 415 -39.45 -20.78 -10.13
N PHE D 416 -39.18 -19.61 -10.67
CA PHE D 416 -38.38 -19.50 -11.90
C PHE D 416 -36.99 -20.09 -11.71
N ASP D 417 -36.40 -19.85 -10.55
CA ASP D 417 -35.07 -20.37 -10.29
C ASP D 417 -35.06 -21.89 -10.20
N LYS D 418 -36.16 -22.49 -9.73
CA LYS D 418 -36.23 -23.94 -9.57
C LYS D 418 -36.58 -24.59 -10.88
N SER D 419 -37.04 -23.84 -11.86
CA SER D 419 -37.50 -24.44 -13.11
C SER D 419 -36.39 -24.57 -14.12
N GLN D 420 -36.65 -25.32 -15.22
CA GLN D 420 -35.84 -25.28 -16.44
C GLN D 420 -36.53 -24.57 -17.61
N GLY D 421 -37.83 -24.37 -17.47
CA GLY D 421 -38.59 -23.64 -18.45
C GLY D 421 -39.89 -23.08 -17.93
N SER D 422 -40.37 -22.02 -18.58
CA SER D 422 -41.58 -21.31 -18.15
C SER D 422 -42.43 -20.88 -19.34
N TYR D 423 -43.74 -20.89 -19.15
CA TYR D 423 -44.65 -20.30 -20.14
C TYR D 423 -45.76 -19.53 -19.44
N LEU D 424 -45.95 -18.27 -19.83
CA LEU D 424 -46.96 -17.43 -19.21
C LEU D 424 -48.19 -17.39 -20.07
N LYS D 425 -49.35 -17.56 -19.47
CA LYS D 425 -50.64 -17.34 -20.14
C LYS D 425 -51.78 -17.19 -19.13
N GLY D 426 -52.67 -16.26 -19.40
CA GLY D 426 -53.84 -16.02 -18.56
C GLY D 426 -53.53 -15.82 -17.09
N GLY D 427 -52.51 -15.02 -16.81
CA GLY D 427 -52.12 -14.73 -15.46
C GLY D 427 -51.64 -15.94 -14.69
N LYS D 428 -51.19 -16.98 -15.39
CA LYS D 428 -50.59 -18.15 -14.73
C LYS D 428 -49.31 -18.52 -15.46
N VAL D 429 -48.35 -19.06 -14.73
CA VAL D 429 -47.10 -19.44 -15.31
C VAL D 429 -46.91 -20.96 -15.18
N LEU D 430 -46.74 -21.63 -16.32
CA LEU D 430 -46.41 -23.05 -16.32
C LEU D 430 -44.90 -23.13 -16.11
N PHE D 431 -44.52 -23.95 -15.14
CA PHE D 431 -43.13 -24.26 -14.89
C PHE D 431 -42.87 -25.77 -15.02
N TRP D 432 -41.69 -26.13 -15.50
CA TRP D 432 -41.27 -27.51 -15.49
C TRP D 432 -39.81 -27.65 -15.31
N TYR D 433 -39.39 -28.84 -14.88
CA TYR D 433 -37.99 -29.19 -14.85
C TYR D 433 -37.72 -30.59 -15.32
N GLY D 434 -36.52 -30.76 -15.85
CA GLY D 434 -36.07 -32.07 -16.27
C GLY D 434 -36.61 -32.63 -17.58
N ILE D 435 -37.40 -31.88 -18.36
CA ILE D 435 -37.83 -32.38 -19.64
C ILE D 435 -37.38 -31.49 -20.78
N ASP D 436 -36.11 -31.64 -21.13
CA ASP D 436 -35.54 -30.96 -22.30
C ASP D 436 -35.73 -31.74 -23.65
N ASP D 437 -36.77 -32.57 -23.77
CA ASP D 437 -37.21 -33.07 -25.07
C ASP D 437 -38.10 -32.02 -25.73
N ILE D 438 -37.53 -31.32 -26.69
CA ILE D 438 -38.21 -30.29 -27.46
C ILE D 438 -39.70 -30.56 -27.69
N ASN D 439 -40.03 -31.82 -27.87
CA ASN D 439 -41.36 -32.23 -28.30
C ASN D 439 -42.39 -32.35 -27.16
N THR D 440 -42.04 -33.04 -26.09
CA THR D 440 -42.93 -33.14 -24.92
C THR D 440 -43.15 -31.76 -24.25
N ILE D 441 -42.30 -30.79 -24.58
CA ILE D 441 -42.50 -29.41 -24.14
C ILE D 441 -43.71 -28.80 -24.83
N SER D 442 -43.78 -28.97 -26.15
CA SER D 442 -44.96 -28.55 -26.90
C SER D 442 -46.21 -29.12 -26.29
N GLU D 443 -46.21 -30.43 -26.11
CA GLU D 443 -47.34 -31.10 -25.52
C GLU D 443 -47.70 -30.33 -24.25
N LEU D 444 -46.71 -30.18 -23.38
CA LEU D 444 -46.88 -29.58 -22.06
C LEU D 444 -47.57 -28.21 -22.14
N VAL D 445 -47.00 -27.32 -22.95
CA VAL D 445 -47.53 -25.98 -23.12
C VAL D 445 -48.93 -25.97 -23.73
N GLU D 446 -49.15 -26.85 -24.68
CA GLU D 446 -50.40 -26.86 -25.40
C GLU D 446 -51.55 -27.21 -24.44
N ASN D 447 -51.33 -28.23 -23.61
CA ASN D 447 -52.36 -28.71 -22.67
C ASN D 447 -52.67 -27.65 -21.66
N PHE D 448 -51.63 -26.93 -21.22
CA PHE D 448 -51.76 -25.85 -20.26
C PHE D 448 -52.62 -24.72 -20.84
N VAL D 449 -52.40 -24.41 -22.11
CA VAL D 449 -53.12 -23.35 -22.73
C VAL D 449 -54.54 -23.82 -22.94
N LYS D 450 -54.66 -25.04 -23.41
CA LYS D 450 -55.97 -25.68 -23.61
C LYS D 450 -56.89 -25.52 -22.38
N SER D 451 -56.28 -25.54 -21.20
CA SER D 451 -57.03 -25.44 -19.95
C SER D 451 -57.00 -24.03 -19.34
N CYS D 452 -57.31 -23.03 -20.16
CA CYS D 452 -57.82 -21.74 -19.67
C CYS D 452 -59.23 -21.62 -20.24
N ASP D 453 -60.09 -22.53 -19.75
CA ASP D 453 -61.45 -22.73 -20.21
C ASP D 453 -62.42 -22.04 -19.25
N GLN E 49 -2.18 -4.23 -30.41
CA GLN E 49 -2.83 -2.85 -30.41
C GLN E 49 -2.07 -1.81 -31.30
N PHE E 50 -0.82 -2.11 -31.53
CA PHE E 50 0.09 -1.10 -32.03
C PHE E 50 0.01 -0.85 -33.53
N ALA E 51 0.33 -1.85 -34.34
CA ALA E 51 0.37 -1.66 -35.77
C ALA E 51 0.29 -2.93 -36.54
N VAL E 52 -0.31 -2.85 -37.72
CA VAL E 52 -0.21 -3.87 -38.74
C VAL E 52 0.67 -3.27 -39.83
N ILE E 53 1.72 -4.00 -40.21
CA ILE E 53 2.64 -3.54 -41.24
C ILE E 53 2.61 -4.51 -42.42
N LYS E 54 2.10 -4.05 -43.56
CA LYS E 54 2.10 -4.85 -44.81
C LYS E 54 3.42 -4.58 -45.49
N VAL E 55 4.16 -5.65 -45.69
CA VAL E 55 5.43 -5.57 -46.34
C VAL E 55 5.30 -6.18 -47.72
N GLY E 56 5.64 -5.39 -48.73
CA GLY E 56 5.80 -5.90 -50.09
C GLY E 56 6.93 -6.91 -50.15
N GLY E 57 6.75 -7.97 -50.94
CA GLY E 57 7.78 -9.04 -51.03
C GLY E 57 9.12 -8.53 -51.53
N ALA E 58 9.04 -7.54 -52.42
CA ALA E 58 10.19 -6.86 -52.98
C ALA E 58 11.23 -6.42 -51.92
N ILE E 59 10.74 -6.09 -50.73
CA ILE E 59 11.52 -5.53 -49.60
C ILE E 59 12.27 -6.63 -48.86
N ILE E 60 11.68 -7.81 -48.74
CA ILE E 60 12.34 -8.91 -48.07
C ILE E 60 13.53 -9.38 -48.89
N SER E 61 13.48 -9.22 -50.21
CA SER E 61 14.60 -9.57 -51.08
C SER E 61 15.67 -8.50 -51.02
N ASP E 62 15.28 -7.26 -51.10
CA ASP E 62 16.22 -6.17 -51.39
C ASP E 62 16.62 -5.28 -50.20
N ASN E 63 15.98 -5.47 -49.05
CA ASN E 63 16.24 -4.63 -47.90
C ASN E 63 16.03 -5.32 -46.59
N LEU E 64 16.43 -6.58 -46.52
CA LEU E 64 16.13 -7.37 -45.33
C LEU E 64 16.71 -6.71 -44.09
N HIS E 65 17.92 -6.17 -44.20
CA HIS E 65 18.59 -5.59 -43.04
C HIS E 65 17.84 -4.35 -42.62
N GLU E 66 17.70 -3.43 -43.57
CA GLU E 66 17.00 -2.17 -43.35
C GLU E 66 15.66 -2.46 -42.62
N LEU E 67 14.88 -3.38 -43.18
CA LEU E 67 13.54 -3.74 -42.63
C LEU E 67 13.65 -4.37 -41.25
N ALA E 68 14.51 -5.39 -41.13
CA ALA E 68 14.65 -6.13 -39.92
C ALA E 68 15.13 -5.27 -38.79
N SER E 69 16.15 -4.46 -39.04
CA SER E 69 16.72 -3.63 -37.96
C SER E 69 15.63 -2.67 -37.47
N CYS E 70 14.83 -2.21 -38.41
CA CYS E 70 13.79 -1.30 -38.11
C CYS E 70 12.65 -1.92 -37.27
N LEU E 71 12.21 -3.11 -37.64
CA LEU E 71 11.25 -3.86 -36.78
C LEU E 71 11.87 -4.16 -35.40
N ALA E 72 13.16 -4.51 -35.42
CA ALA E 72 13.97 -4.77 -34.23
C ALA E 72 13.93 -3.61 -33.24
N PHE E 73 13.99 -2.41 -33.78
CA PHE E 73 13.88 -1.23 -32.97
C PHE E 73 12.53 -1.15 -32.25
N LEU E 74 11.46 -1.39 -32.98
CA LEU E 74 10.12 -1.39 -32.38
C LEU E 74 10.05 -2.49 -31.31
N TYR E 75 10.56 -3.67 -31.62
CA TYR E 75 10.59 -4.76 -30.66
C TYR E 75 11.31 -4.37 -29.40
N HIS E 76 12.40 -3.61 -29.55
CA HIS E 76 13.22 -3.23 -28.40
C HIS E 76 12.53 -2.25 -27.51
N VAL E 77 11.91 -1.22 -28.09
CA VAL E 77 11.15 -0.27 -27.29
C VAL E 77 9.83 -0.85 -26.77
N GLY E 78 9.62 -2.17 -26.89
CA GLY E 78 8.43 -2.83 -26.35
C GLY E 78 7.17 -2.82 -27.20
N LEU E 79 7.28 -2.44 -28.47
CA LEU E 79 6.11 -2.45 -29.38
C LEU E 79 6.11 -3.73 -30.22
N TYR E 80 4.91 -4.23 -30.57
CA TYR E 80 4.77 -5.54 -31.24
C TYR E 80 3.92 -5.38 -32.49
N PRO E 81 4.55 -5.00 -33.59
CA PRO E 81 3.83 -4.92 -34.82
C PRO E 81 3.45 -6.28 -35.36
N ILE E 82 2.23 -6.40 -35.88
CA ILE E 82 1.82 -7.56 -36.66
C ILE E 82 2.38 -7.35 -38.07
N VAL E 83 3.18 -8.27 -38.58
CA VAL E 83 3.78 -8.10 -39.89
C VAL E 83 3.20 -9.11 -40.86
N LEU E 84 2.75 -8.61 -42.00
CA LEU E 84 2.10 -9.41 -43.00
C LEU E 84 2.81 -9.12 -44.30
N HIS E 85 3.33 -10.14 -44.98
CA HIS E 85 4.06 -9.92 -46.23
C HIS E 85 3.57 -10.66 -47.45
N GLY E 86 3.85 -10.09 -48.60
CA GLY E 86 3.65 -10.76 -49.86
C GLY E 86 4.91 -11.43 -50.39
N THR E 87 4.84 -11.73 -51.69
CA THR E 87 5.92 -12.36 -52.43
C THR E 87 5.54 -12.15 -53.87
N GLY E 88 5.81 -10.96 -54.39
CA GLY E 88 5.36 -10.62 -55.73
C GLY E 88 6.42 -10.93 -56.76
N PRO E 89 7.46 -10.09 -56.82
CA PRO E 89 8.55 -10.18 -57.79
C PRO E 89 9.21 -11.57 -57.93
N GLN E 90 9.57 -12.14 -56.78
CA GLN E 90 10.29 -13.42 -56.70
C GLN E 90 9.58 -14.47 -57.53
N VAL E 91 8.26 -14.50 -57.39
CA VAL E 91 7.43 -15.52 -58.00
C VAL E 91 7.36 -15.45 -59.51
N ASN E 92 7.14 -14.26 -60.06
CA ASN E 92 7.15 -14.11 -61.52
C ASN E 92 8.49 -14.56 -62.14
N GLY E 93 9.61 -14.25 -61.47
CA GLY E 93 10.94 -14.62 -61.95
C GLY E 93 11.11 -16.12 -62.03
N ARG E 94 10.54 -16.83 -61.06
CA ARG E 94 10.55 -18.28 -61.07
C ARG E 94 9.67 -18.87 -62.14
N LEU E 95 8.44 -18.40 -62.25
CA LEU E 95 7.52 -18.91 -63.28
C LEU E 95 8.12 -18.75 -64.69
N GLU E 96 8.85 -17.66 -64.92
CA GLU E 96 9.57 -17.46 -66.16
C GLU E 96 10.67 -18.48 -66.28
N ALA E 97 11.46 -18.60 -65.21
CA ALA E 97 12.54 -19.58 -65.11
C ALA E 97 12.08 -21.03 -65.39
N GLN E 98 10.80 -21.32 -65.18
CA GLN E 98 10.19 -22.62 -65.52
C GLN E 98 9.33 -22.57 -66.78
N GLY E 99 9.32 -21.43 -67.48
CA GLY E 99 8.60 -21.30 -68.75
C GLY E 99 7.10 -21.32 -68.61
N ILE E 100 6.61 -20.69 -67.56
CA ILE E 100 5.19 -20.50 -67.33
C ILE E 100 4.94 -19.02 -67.49
N GLU E 101 3.93 -18.64 -68.25
CA GLU E 101 3.62 -17.21 -68.38
C GLU E 101 2.87 -16.77 -67.13
N PRO E 102 3.40 -15.75 -66.41
CA PRO E 102 2.59 -15.20 -65.33
C PRO E 102 1.29 -14.65 -65.91
N ASP E 103 0.18 -14.80 -65.18
CA ASP E 103 -1.13 -14.68 -65.78
C ASP E 103 -2.12 -13.98 -64.86
N TYR E 104 -2.67 -12.87 -65.35
CA TYR E 104 -3.60 -12.05 -64.58
C TYR E 104 -4.86 -11.75 -65.40
N ILE E 105 -6.03 -11.79 -64.75
CA ILE E 105 -7.18 -11.03 -65.23
C ILE E 105 -7.63 -10.16 -64.07
N ASP E 106 -8.05 -8.93 -64.40
CA ASP E 106 -8.69 -8.04 -63.43
C ASP E 106 -7.74 -7.71 -62.25
N GLY E 107 -6.44 -7.66 -62.52
CA GLY E 107 -5.46 -7.37 -61.49
C GLY E 107 -5.26 -8.50 -60.50
N ILE E 108 -5.88 -9.65 -60.74
CA ILE E 108 -5.75 -10.82 -59.88
C ILE E 108 -4.89 -11.85 -60.60
N ARG E 109 -4.05 -12.58 -59.86
CA ARG E 109 -3.24 -13.64 -60.45
C ARG E 109 -4.06 -14.92 -60.65
N ILE E 110 -4.20 -15.38 -61.89
CA ILE E 110 -4.82 -16.66 -62.14
C ILE E 110 -3.87 -17.71 -61.58
N THR E 111 -4.19 -18.21 -60.39
CA THR E 111 -3.32 -19.13 -59.69
C THR E 111 -3.79 -20.57 -59.92
N ASP E 112 -3.26 -21.21 -60.96
CA ASP E 112 -3.63 -22.59 -61.23
C ASP E 112 -2.86 -23.49 -60.27
N GLU E 113 -3.00 -24.79 -60.46
CA GLU E 113 -2.42 -25.79 -59.59
C GLU E 113 -0.88 -25.70 -59.50
N HIS E 114 -0.18 -25.61 -60.63
CA HIS E 114 1.29 -25.53 -60.66
C HIS E 114 1.78 -24.22 -60.11
N THR E 115 1.14 -23.12 -60.51
CA THR E 115 1.54 -21.78 -60.05
C THR E 115 1.44 -21.66 -58.54
N MET E 116 0.43 -22.32 -57.95
CA MET E 116 0.28 -22.28 -56.51
C MET E 116 1.50 -22.89 -55.84
N ALA E 117 1.99 -24.02 -56.37
CA ALA E 117 3.16 -24.67 -55.84
C ALA E 117 4.36 -23.73 -55.81
N VAL E 118 4.56 -22.93 -56.86
CA VAL E 118 5.66 -21.97 -56.84
C VAL E 118 5.42 -20.86 -55.83
N VAL E 119 4.18 -20.36 -55.79
CA VAL E 119 3.80 -19.31 -54.86
C VAL E 119 3.98 -19.74 -53.43
N ARG E 120 3.58 -20.96 -53.15
CA ARG E 120 3.66 -21.43 -51.79
C ARG E 120 5.08 -21.56 -51.29
N LYS E 121 5.92 -22.16 -52.11
CA LYS E 121 7.34 -22.30 -51.83
C LYS E 121 7.95 -20.92 -51.57
N CYS E 122 7.66 -19.94 -52.41
CA CYS E 122 8.24 -18.62 -52.27
C CYS E 122 7.74 -17.93 -51.01
N PHE E 123 6.47 -18.07 -50.70
CA PHE E 123 5.96 -17.53 -49.45
C PHE E 123 6.73 -18.09 -48.25
N LEU E 124 6.90 -19.40 -48.20
CA LEU E 124 7.50 -20.02 -47.03
C LEU E 124 8.98 -19.62 -46.89
N GLU E 125 9.69 -19.49 -48.00
CA GLU E 125 11.09 -19.09 -47.99
C GLU E 125 11.24 -17.67 -47.55
N GLN E 126 10.59 -16.75 -48.26
CA GLN E 126 10.56 -15.33 -47.91
C GLN E 126 10.27 -15.14 -46.42
N ASN E 127 9.34 -15.93 -45.92
CA ASN E 127 8.89 -15.83 -44.56
C ASN E 127 9.93 -16.23 -43.54
N LEU E 128 10.58 -17.37 -43.71
CA LEU E 128 11.73 -17.71 -42.82
C LEU E 128 12.80 -16.70 -42.93
N LYS E 129 13.08 -16.24 -44.15
CA LYS E 129 14.20 -15.32 -44.41
C LYS E 129 14.05 -14.14 -43.44
N LEU E 130 12.82 -13.64 -43.31
CA LEU E 130 12.51 -12.50 -42.43
C LEU E 130 12.56 -12.90 -40.95
N VAL E 131 11.97 -14.04 -40.59
CA VAL E 131 12.05 -14.48 -39.21
C VAL E 131 13.49 -14.67 -38.76
N THR E 132 14.22 -15.56 -39.43
CA THR E 132 15.67 -15.71 -39.15
C THR E 132 16.37 -14.37 -39.01
N ALA E 133 16.17 -13.48 -39.98
CA ALA E 133 16.78 -12.16 -39.95
C ALA E 133 16.57 -11.48 -38.61
N LEU E 134 15.30 -11.40 -38.22
CA LEU E 134 14.88 -10.78 -36.97
C LEU E 134 15.47 -11.48 -35.76
N GLU E 135 15.52 -12.81 -35.80
CA GLU E 135 16.11 -13.54 -34.68
C GLU E 135 17.55 -13.11 -34.53
N GLN E 136 18.29 -13.12 -35.62
CA GLN E 136 19.67 -12.72 -35.57
C GLN E 136 19.88 -11.38 -34.90
N LEU E 137 18.91 -10.47 -34.97
CA LEU E 137 19.03 -9.17 -34.30
C LEU E 137 18.43 -9.18 -32.87
N GLY E 138 18.17 -10.37 -32.36
CA GLY E 138 17.69 -10.53 -31.00
C GLY E 138 16.19 -10.39 -30.80
N VAL E 139 15.43 -10.43 -31.89
CA VAL E 139 13.98 -10.31 -31.84
C VAL E 139 13.38 -11.65 -31.94
N ARG E 140 12.53 -11.99 -30.99
CA ARG E 140 11.79 -13.23 -31.04
C ARG E 140 10.73 -13.12 -32.17
N ALA E 141 10.83 -13.96 -33.18
CA ALA E 141 9.87 -13.97 -34.27
C ALA E 141 9.20 -15.33 -34.34
N ARG E 142 7.98 -15.33 -34.88
CA ARG E 142 7.20 -16.51 -34.95
C ARG E 142 6.54 -16.58 -36.30
N PRO E 143 7.03 -17.44 -37.18
CA PRO E 143 6.38 -17.60 -38.47
C PRO E 143 4.97 -18.20 -38.38
N ILE E 144 4.02 -17.57 -39.07
CA ILE E 144 2.62 -17.99 -39.06
C ILE E 144 2.19 -18.09 -40.52
N THR E 145 2.46 -19.23 -41.12
CA THR E 145 2.33 -19.40 -42.56
C THR E 145 0.97 -19.99 -42.93
N SER E 146 0.17 -20.31 -41.91
CA SER E 146 -1.22 -20.78 -42.11
C SER E 146 -2.03 -20.69 -40.84
N GLY E 147 -3.33 -20.67 -40.98
CA GLY E 147 -4.23 -20.75 -39.83
C GLY E 147 -4.71 -19.42 -39.31
N VAL E 148 -4.47 -18.34 -40.07
CA VAL E 148 -5.00 -17.03 -39.71
C VAL E 148 -6.17 -16.70 -40.60
N PHE E 149 -5.99 -16.75 -41.92
CA PHE E 149 -7.09 -16.37 -42.84
C PHE E 149 -7.86 -17.57 -43.38
N THR E 150 -9.19 -17.57 -43.28
CA THR E 150 -10.03 -18.56 -43.97
C THR E 150 -10.76 -17.87 -45.13
N ALA E 151 -10.88 -18.56 -46.27
CA ALA E 151 -11.45 -17.99 -47.49
C ALA E 151 -12.39 -18.94 -48.23
N ASP E 152 -13.19 -18.38 -49.13
CA ASP E 152 -13.84 -19.15 -50.17
C ASP E 152 -13.06 -18.96 -51.45
N TYR E 153 -13.46 -19.63 -52.52
CA TYR E 153 -12.89 -19.33 -53.82
C TYR E 153 -13.49 -18.02 -54.27
N LEU E 154 -12.67 -17.17 -54.87
CA LEU E 154 -13.19 -15.91 -55.38
C LEU E 154 -14.01 -16.18 -56.61
N ASP E 155 -13.45 -16.95 -57.55
CA ASP E 155 -14.20 -17.51 -58.67
C ASP E 155 -13.43 -18.70 -59.23
N LYS E 156 -13.98 -19.90 -59.07
CA LYS E 156 -13.16 -21.09 -59.19
C LYS E 156 -12.70 -21.36 -60.62
N ASP E 157 -13.39 -20.84 -61.63
CA ASP E 157 -12.95 -21.10 -63.00
C ASP E 157 -12.25 -19.91 -63.63
N LYS E 158 -12.51 -18.70 -63.11
CA LYS E 158 -11.84 -17.51 -63.59
C LYS E 158 -10.41 -17.47 -63.04
N TYR E 159 -10.30 -17.59 -61.72
CA TYR E 159 -9.03 -17.41 -61.04
C TYR E 159 -8.38 -18.72 -60.54
N LYS E 160 -9.09 -19.84 -60.63
CA LYS E 160 -8.63 -21.09 -60.05
C LYS E 160 -8.36 -20.89 -58.55
N LEU E 161 -7.16 -21.18 -58.06
CA LEU E 161 -6.88 -21.19 -56.62
C LEU E 161 -6.66 -19.79 -55.96
N VAL E 162 -7.49 -18.81 -56.30
CA VAL E 162 -7.49 -17.50 -55.64
C VAL E 162 -8.66 -17.45 -54.68
N GLY E 163 -8.38 -16.87 -53.51
CA GLY E 163 -9.31 -16.87 -52.41
C GLY E 163 -9.99 -15.54 -52.22
N ASN E 164 -10.97 -15.56 -51.32
CA ASN E 164 -11.70 -14.39 -50.92
C ASN E 164 -11.94 -14.43 -49.41
N ILE E 165 -11.30 -13.55 -48.65
CA ILE E 165 -11.19 -13.77 -47.21
C ILE E 165 -12.51 -13.65 -46.53
N LYS E 166 -12.93 -14.72 -45.87
CA LYS E 166 -14.18 -14.72 -45.17
C LYS E 166 -13.97 -14.38 -43.69
N SER E 167 -12.81 -14.71 -43.10
CA SER E 167 -12.54 -14.36 -41.70
C SER E 167 -11.08 -14.48 -41.25
N VAL E 168 -10.77 -13.88 -40.10
CA VAL E 168 -9.44 -13.88 -39.52
C VAL E 168 -9.45 -14.51 -38.13
N THR E 169 -8.57 -15.47 -37.88
CA THR E 169 -8.53 -16.13 -36.57
C THR E 169 -7.47 -15.49 -35.74
N LYS E 170 -7.87 -14.86 -34.64
CA LYS E 170 -6.91 -14.09 -33.84
C LYS E 170 -5.84 -14.93 -33.09
N GLU E 171 -6.23 -16.12 -32.62
CA GLU E 171 -5.53 -16.82 -31.52
C GLU E 171 -4.03 -16.98 -31.71
N PRO E 172 -3.59 -17.32 -32.94
CA PRO E 172 -2.16 -17.41 -33.24
C PRO E 172 -1.39 -16.12 -33.08
N ILE E 173 -1.96 -15.04 -33.58
CA ILE E 173 -1.33 -13.74 -33.51
C ILE E 173 -1.25 -13.25 -32.06
N GLU E 174 -2.31 -13.51 -31.31
CA GLU E 174 -2.36 -13.11 -29.91
C GLU E 174 -1.36 -13.93 -29.12
N ALA E 175 -1.46 -15.25 -29.23
CA ALA E 175 -0.56 -16.13 -28.51
C ALA E 175 0.90 -15.73 -28.75
N SER E 176 1.21 -15.28 -29.96
CA SER E 176 2.58 -14.90 -30.31
C SER E 176 3.01 -13.68 -29.54
N ILE E 177 2.18 -12.65 -29.62
CA ILE E 177 2.45 -11.39 -28.92
C ILE E 177 2.55 -11.63 -27.43
N LYS E 178 1.53 -12.28 -26.86
CA LYS E 178 1.56 -12.64 -25.46
C LYS E 178 2.87 -13.35 -25.09
N ALA E 179 3.37 -14.21 -25.95
CA ALA E 179 4.62 -14.89 -25.65
C ALA E 179 5.87 -14.08 -25.96
N GLY E 180 5.69 -12.85 -26.41
CA GLY E 180 6.79 -11.94 -26.57
C GLY E 180 7.51 -12.04 -27.90
N ALA E 181 6.83 -12.63 -28.90
CA ALA E 181 7.38 -12.80 -30.27
C ALA E 181 6.60 -11.96 -31.28
N LEU E 182 7.33 -11.32 -32.22
CA LEU E 182 6.69 -10.69 -33.38
C LEU E 182 6.04 -11.76 -34.26
N PRO E 183 4.75 -11.58 -34.61
CA PRO E 183 4.14 -12.50 -35.55
C PRO E 183 4.37 -12.07 -36.99
N ILE E 184 4.83 -12.99 -37.80
CA ILE E 184 5.15 -12.73 -39.20
C ILE E 184 4.23 -13.61 -40.08
N LEU E 185 3.17 -12.98 -40.59
CA LEU E 185 2.13 -13.66 -41.38
C LEU E 185 2.46 -13.66 -42.85
N THR E 186 2.18 -14.77 -43.52
CA THR E 186 2.05 -14.80 -45.00
C THR E 186 0.60 -14.48 -45.36
N SER E 187 0.37 -13.83 -46.52
CA SER E 187 -0.97 -13.52 -47.00
C SER E 187 -1.50 -14.69 -47.84
N LEU E 188 -1.91 -15.74 -47.13
CA LEU E 188 -2.22 -17.00 -47.75
C LEU E 188 -3.37 -17.53 -46.93
N ALA E 189 -4.53 -17.64 -47.58
CA ALA E 189 -5.72 -18.07 -46.89
C ALA E 189 -5.91 -19.54 -47.11
N GLU E 190 -7.00 -20.08 -46.59
CA GLU E 190 -7.30 -21.48 -46.76
C GLU E 190 -8.74 -21.85 -46.42
N THR E 191 -9.35 -22.64 -47.28
CA THR E 191 -10.71 -23.07 -47.10
C THR E 191 -10.83 -23.85 -45.81
N ALA E 192 -12.04 -24.03 -45.32
CA ALA E 192 -12.23 -24.82 -44.12
C ALA E 192 -11.57 -26.20 -44.33
N SER E 193 -11.87 -26.85 -45.46
CA SER E 193 -11.34 -28.17 -45.79
C SER E 193 -9.81 -28.23 -45.89
N GLY E 194 -9.17 -27.09 -46.08
CA GLY E 194 -7.73 -27.01 -46.02
C GLY E 194 -6.99 -26.80 -47.32
N GLN E 195 -7.65 -26.33 -48.39
CA GLN E 195 -6.92 -26.01 -49.62
C GLN E 195 -6.44 -24.60 -49.47
N MET E 196 -5.18 -24.36 -49.77
CA MET E 196 -4.63 -23.04 -49.61
C MET E 196 -5.00 -22.25 -50.81
N LEU E 197 -5.45 -21.02 -50.58
CA LEU E 197 -5.84 -20.10 -51.64
C LEU E 197 -5.00 -18.83 -51.59
N ASN E 198 -4.54 -18.39 -52.76
CA ASN E 198 -3.79 -17.15 -52.90
C ASN E 198 -4.73 -15.95 -52.77
N VAL E 199 -4.28 -14.93 -52.01
CA VAL E 199 -5.11 -13.79 -51.60
C VAL E 199 -4.25 -12.54 -51.61
N ASN E 200 -4.82 -11.45 -52.11
CA ASN E 200 -4.13 -10.13 -52.16
C ASN E 200 -3.60 -9.58 -50.79
N ALA E 201 -2.28 -9.41 -50.70
CA ALA E 201 -1.62 -8.91 -49.48
C ALA E 201 -2.22 -7.59 -48.93
N ASP E 202 -2.60 -6.67 -49.81
CA ASP E 202 -3.16 -5.39 -49.38
C ASP E 202 -4.56 -5.56 -48.79
N VAL E 203 -5.32 -6.52 -49.28
CA VAL E 203 -6.64 -6.76 -48.73
C VAL E 203 -6.56 -7.56 -47.43
N ALA E 204 -5.66 -8.53 -47.38
CA ALA E 204 -5.38 -9.26 -46.14
C ALA E 204 -5.02 -8.29 -45.02
N ALA E 205 -4.16 -7.33 -45.33
CA ALA E 205 -3.73 -6.35 -44.36
C ALA E 205 -4.92 -5.59 -43.80
N GLY E 206 -5.83 -5.17 -44.68
CA GLY E 206 -7.08 -4.53 -44.24
C GLY E 206 -7.97 -5.41 -43.35
N GLU E 207 -8.06 -6.69 -43.68
CA GLU E 207 -8.81 -7.64 -42.86
C GLU E 207 -8.22 -7.81 -41.47
N LEU E 208 -6.90 -7.77 -41.35
CA LEU E 208 -6.27 -7.78 -40.03
C LEU E 208 -6.59 -6.49 -39.30
N ALA E 209 -6.40 -5.37 -39.98
CA ALA E 209 -6.63 -4.10 -39.35
C ALA E 209 -8.04 -4.03 -38.80
N ARG E 210 -9.00 -4.51 -39.56
CA ARG E 210 -10.39 -4.51 -39.11
C ARG E 210 -10.55 -5.21 -37.78
N VAL E 211 -9.91 -6.37 -37.65
CA VAL E 211 -10.03 -7.22 -36.44
C VAL E 211 -9.25 -6.67 -35.27
N PHE E 212 -8.03 -6.20 -35.52
CA PHE E 212 -7.13 -5.81 -34.45
C PHE E 212 -7.11 -4.33 -34.12
N GLU E 213 -7.83 -3.53 -34.91
CA GLU E 213 -7.95 -2.09 -34.70
C GLU E 213 -6.67 -1.48 -34.18
N PRO E 214 -5.59 -1.65 -34.93
CA PRO E 214 -4.34 -1.11 -34.53
C PRO E 214 -4.30 0.41 -34.76
N LEU E 215 -3.36 1.10 -34.12
CA LEU E 215 -3.24 2.56 -34.24
C LEU E 215 -2.61 2.94 -35.55
N LYS E 216 -1.64 2.18 -35.99
CA LYS E 216 -1.00 2.48 -37.24
C LYS E 216 -1.22 1.34 -38.22
N ILE E 217 -1.42 1.68 -39.48
CA ILE E 217 -1.46 0.67 -40.52
C ILE E 217 -0.48 1.09 -41.59
N VAL E 218 0.68 0.47 -41.65
CA VAL E 218 1.73 0.96 -42.47
C VAL E 218 1.83 0.09 -43.69
N TYR E 219 1.81 0.71 -44.85
CA TYR E 219 1.90 0.01 -46.11
C TYR E 219 3.27 0.31 -46.71
N LEU E 220 4.22 -0.59 -46.54
CA LEU E 220 5.58 -0.34 -47.07
C LEU E 220 5.67 -0.57 -48.57
N ASN E 221 5.97 0.49 -49.32
CA ASN E 221 6.18 0.33 -50.76
C ASN E 221 7.54 0.84 -51.22
N GLU E 222 7.79 0.77 -52.53
CA GLU E 222 9.06 1.25 -53.06
C GLU E 222 8.88 2.73 -53.26
N LYS E 223 7.85 3.07 -54.04
CA LYS E 223 7.55 4.43 -54.43
C LYS E 223 7.85 5.47 -53.32
N GLY E 224 7.42 5.19 -52.10
CA GLY E 224 7.42 6.20 -51.03
C GLY E 224 6.00 6.70 -50.90
N GLY E 225 5.83 7.95 -50.49
CA GLY E 225 4.49 8.62 -50.37
C GLY E 225 3.66 8.86 -51.65
N ILE E 226 2.75 9.81 -51.58
CA ILE E 226 1.94 10.25 -52.73
C ILE E 226 2.42 11.64 -53.10
N ILE E 227 2.66 11.85 -54.39
CA ILE E 227 3.09 13.16 -54.88
C ILE E 227 1.96 13.83 -55.63
N ASN E 228 1.64 15.05 -55.21
CA ASN E 228 0.75 15.93 -55.94
C ASN E 228 1.24 16.07 -57.38
N GLY E 229 0.56 15.42 -58.31
CA GLY E 229 0.97 15.38 -59.72
C GLY E 229 1.02 16.70 -60.47
N SER E 230 0.43 17.76 -59.91
CA SER E 230 0.42 19.09 -60.56
C SER E 230 1.47 20.07 -60.01
N THR E 231 2.05 19.78 -58.85
CA THR E 231 3.14 20.59 -58.30
C THR E 231 4.32 19.81 -57.70
N GLY E 232 4.28 18.47 -57.77
CA GLY E 232 5.35 17.63 -57.22
C GLY E 232 5.48 17.68 -55.71
N GLU E 233 4.51 18.30 -55.03
CA GLU E 233 4.55 18.49 -53.59
C GLU E 233 4.22 17.18 -52.90
N LYS E 234 5.23 16.53 -52.33
CA LYS E 234 4.99 15.32 -51.60
C LYS E 234 3.86 15.57 -50.57
N ILE E 235 2.73 14.89 -50.72
CA ILE E 235 1.59 15.04 -49.80
C ILE E 235 1.93 14.29 -48.53
N SER E 236 2.17 15.00 -47.43
CA SER E 236 2.58 14.33 -46.19
C SER E 236 1.39 13.96 -45.29
N MET E 237 0.24 14.60 -45.51
CA MET E 237 -0.94 14.45 -44.64
C MET E 237 -2.23 14.53 -45.43
N ILE E 238 -3.23 13.76 -45.04
CA ILE E 238 -4.56 13.87 -45.61
C ILE E 238 -5.60 13.65 -44.54
N ASN E 239 -6.40 14.67 -44.20
CA ASN E 239 -7.59 14.45 -43.36
C ASN E 239 -8.78 14.25 -44.23
N LEU E 240 -9.24 13.02 -44.30
CA LEU E 240 -10.31 12.65 -45.21
C LEU E 240 -11.59 13.42 -44.95
N ASP E 241 -12.04 13.51 -43.71
CA ASP E 241 -13.32 14.16 -43.45
C ASP E 241 -13.35 15.53 -44.12
N GLU E 242 -12.24 16.27 -44.09
CA GLU E 242 -12.18 17.60 -44.74
C GLU E 242 -11.81 17.55 -46.21
N GLU E 243 -10.75 16.83 -46.52
CA GLU E 243 -10.07 16.96 -47.82
C GLU E 243 -10.55 15.99 -48.91
N TYR E 244 -11.22 14.92 -48.52
CA TYR E 244 -11.46 13.78 -49.41
C TYR E 244 -12.14 14.13 -50.70
N ASP E 245 -13.24 14.84 -50.59
CA ASP E 245 -14.07 15.13 -51.75
C ASP E 245 -13.38 15.93 -52.83
N ASP E 246 -12.63 16.94 -52.42
CA ASP E 246 -12.00 17.86 -53.35
C ASP E 246 -10.70 17.27 -53.88
N LEU E 247 -10.16 16.29 -53.17
CA LEU E 247 -8.96 15.60 -53.63
C LEU E 247 -9.32 14.63 -54.74
N MET E 248 -10.46 13.95 -54.60
CA MET E 248 -10.92 13.01 -55.61
C MET E 248 -11.31 13.76 -56.89
N LYS E 249 -11.78 15.00 -56.73
CA LYS E 249 -12.15 15.85 -57.87
C LYS E 249 -10.96 16.32 -58.71
N GLN E 250 -9.73 16.16 -58.22
CA GLN E 250 -8.55 16.71 -58.89
C GLN E 250 -8.18 16.09 -60.25
N SER E 251 -7.74 16.94 -61.18
CA SER E 251 -7.25 16.52 -62.50
C SER E 251 -6.20 15.45 -62.40
N TRP E 252 -5.22 15.68 -61.53
CA TRP E 252 -4.01 14.83 -61.47
C TRP E 252 -4.20 13.51 -60.77
N VAL E 253 -5.10 13.44 -59.80
CA VAL E 253 -5.33 12.18 -59.08
C VAL E 253 -5.77 11.07 -60.05
N LYS E 254 -4.83 10.18 -60.36
CA LYS E 254 -5.07 9.08 -61.28
C LYS E 254 -6.05 8.07 -60.71
N TYR E 255 -6.55 7.21 -61.58
CA TYR E 255 -7.56 6.21 -61.21
C TYR E 255 -7.01 5.27 -60.13
N GLY E 256 -5.76 4.83 -60.29
CA GLY E 256 -5.08 4.00 -59.28
C GLY E 256 -5.02 4.65 -57.89
N THR E 257 -4.82 5.98 -57.88
CA THR E 257 -4.79 6.77 -56.63
C THR E 257 -6.19 6.81 -56.04
N LYS E 258 -7.18 7.20 -56.84
CA LYS E 258 -8.57 7.23 -56.40
C LYS E 258 -8.94 5.93 -55.68
N LEU E 259 -8.69 4.78 -56.31
CA LEU E 259 -9.03 3.49 -55.72
C LEU E 259 -8.31 3.18 -54.39
N LYS E 260 -7.07 3.66 -54.25
CA LYS E 260 -6.31 3.44 -53.02
C LYS E 260 -6.88 4.31 -51.92
N ILE E 261 -7.03 5.61 -52.20
CA ILE E 261 -7.59 6.55 -51.20
C ILE E 261 -9.00 6.11 -50.81
N ARG E 262 -9.77 5.63 -51.76
CA ARG E 262 -11.11 5.20 -51.45
C ARG E 262 -11.11 4.00 -50.52
N GLU E 263 -10.25 3.03 -50.80
CA GLU E 263 -10.20 1.82 -50.00
C GLU E 263 -9.65 2.12 -48.62
N ILE E 264 -8.85 3.16 -48.50
CA ILE E 264 -8.34 3.59 -47.18
C ILE E 264 -9.44 4.27 -46.39
N LYS E 265 -10.27 5.10 -47.06
CA LYS E 265 -11.39 5.74 -46.40
C LYS E 265 -12.29 4.65 -45.84
N GLU E 266 -12.65 3.71 -46.68
CA GLU E 266 -13.56 2.65 -46.25
C GLU E 266 -13.03 1.92 -45.01
N LEU E 267 -11.72 1.74 -44.96
CA LEU E 267 -11.09 1.10 -43.81
C LEU E 267 -11.18 1.97 -42.56
N LEU E 268 -10.75 3.21 -42.69
CA LEU E 268 -10.67 4.09 -41.53
C LEU E 268 -12.02 4.49 -40.98
N ASP E 269 -13.08 4.37 -41.80
CA ASP E 269 -14.47 4.61 -41.35
C ASP E 269 -14.92 3.58 -40.33
N TYR E 270 -14.23 2.45 -40.33
CA TYR E 270 -14.56 1.29 -39.53
C TYR E 270 -13.81 1.43 -38.15
N LEU E 271 -12.59 1.96 -38.21
CA LEU E 271 -11.66 1.97 -37.07
C LEU E 271 -11.81 3.27 -36.32
N PRO E 272 -11.23 3.33 -35.11
CA PRO E 272 -11.11 4.52 -34.30
C PRO E 272 -10.59 5.74 -35.04
N ARG E 273 -10.83 6.90 -34.45
CA ARG E 273 -10.27 8.15 -34.95
C ARG E 273 -8.78 8.20 -34.65
N SER E 274 -8.36 7.49 -33.61
CA SER E 274 -6.92 7.34 -33.27
C SER E 274 -6.06 6.69 -34.39
N SER E 275 -6.70 5.86 -35.22
CA SER E 275 -5.96 5.09 -36.18
C SER E 275 -5.66 5.89 -37.44
N SER E 276 -4.65 5.42 -38.16
CA SER E 276 -4.13 6.08 -39.35
C SER E 276 -3.33 5.14 -40.24
N VAL E 277 -3.24 5.52 -41.50
CA VAL E 277 -2.60 4.70 -42.49
C VAL E 277 -1.40 5.47 -42.97
N ALA E 278 -0.23 4.83 -43.05
CA ALA E 278 1.00 5.44 -43.56
C ALA E 278 1.42 4.71 -44.83
N ILE E 279 1.64 5.46 -45.90
CA ILE E 279 2.22 4.91 -47.11
C ILE E 279 3.62 5.43 -47.12
N ILE E 280 4.59 4.57 -46.76
CA ILE E 280 5.98 5.00 -46.80
C ILE E 280 6.91 4.02 -47.45
N ASN E 281 8.07 4.55 -47.78
CA ASN E 281 9.17 3.76 -48.22
C ASN E 281 9.81 3.18 -46.96
N VAL E 282 10.57 2.10 -47.12
CA VAL E 282 11.13 1.41 -45.95
C VAL E 282 12.05 2.30 -45.11
N GLN E 283 12.96 3.05 -45.73
CA GLN E 283 13.94 3.81 -44.95
C GLN E 283 13.37 4.87 -44.01
N ASP E 284 12.34 5.57 -44.44
CA ASP E 284 11.81 6.62 -43.61
C ASP E 284 10.69 6.08 -42.73
N LEU E 285 10.82 4.82 -42.32
CA LEU E 285 9.77 4.18 -41.54
C LEU E 285 9.81 4.62 -40.08
N GLN E 286 10.94 4.41 -39.40
CA GLN E 286 11.09 4.82 -37.99
C GLN E 286 10.57 6.26 -37.78
N LYS E 287 10.92 7.13 -38.73
CA LYS E 287 10.46 8.53 -38.80
C LYS E 287 8.91 8.62 -38.92
N GLU E 288 8.32 8.21 -40.05
CA GLU E 288 6.86 8.36 -40.24
C GLU E 288 5.95 7.71 -39.17
N LEU E 289 6.45 6.75 -38.40
CA LEU E 289 5.64 6.09 -37.36
C LEU E 289 5.31 6.95 -36.14
N PHE E 290 6.15 7.94 -35.87
CA PHE E 290 5.91 8.83 -34.73
C PHE E 290 5.80 10.30 -35.14
N THR E 291 6.61 10.74 -36.09
CA THR E 291 6.49 12.11 -36.59
C THR E 291 5.34 12.18 -37.62
N ASP E 292 4.53 13.23 -37.50
CA ASP E 292 3.35 13.43 -38.35
C ASP E 292 3.70 13.80 -39.79
N SER E 293 4.88 14.39 -39.98
CA SER E 293 5.41 14.72 -41.31
C SER E 293 6.07 13.49 -41.96
N GLY E 294 7.24 13.12 -41.46
CA GLY E 294 8.06 12.09 -42.11
C GLY E 294 8.38 12.47 -43.56
N ALA E 295 8.62 11.48 -44.40
CA ALA E 295 8.74 11.68 -45.84
C ALA E 295 7.83 10.67 -46.58
N GLY E 296 6.68 10.38 -45.99
CA GLY E 296 5.65 9.60 -46.67
C GLY E 296 4.32 10.17 -46.34
N THR E 297 3.32 9.69 -47.05
CA THR E 297 1.95 10.18 -46.87
C THR E 297 1.29 9.49 -45.72
N MET E 298 0.66 10.28 -44.85
CA MET E 298 -0.11 9.75 -43.79
C MET E 298 -1.57 10.18 -43.92
N ILE E 299 -2.44 9.20 -44.06
CA ILE E 299 -3.88 9.45 -44.17
C ILE E 299 -4.59 9.08 -42.87
N ARG E 300 -5.62 9.86 -42.55
CA ARG E 300 -6.50 9.57 -41.42
C ARG E 300 -7.83 10.28 -41.58
N ARG E 301 -8.79 9.94 -40.75
CA ARG E 301 -10.11 10.50 -40.92
C ARG E 301 -10.20 11.99 -40.57
N GLY E 302 -9.61 12.36 -39.45
CA GLY E 302 -9.64 13.75 -39.03
C GLY E 302 -11.02 14.14 -38.63
N TYR E 303 -11.34 15.41 -38.73
CA TYR E 303 -12.65 15.81 -38.37
C TYR E 303 -12.97 16.87 -39.37
N LYS E 304 -14.26 17.03 -39.66
CA LYS E 304 -14.77 17.93 -40.71
C LYS E 304 -15.77 18.83 -40.04
N LEU E 305 -15.68 20.12 -40.27
CA LEU E 305 -16.37 21.07 -39.42
C LEU E 305 -17.69 21.58 -39.97
N VAL E 306 -18.68 21.76 -39.10
CA VAL E 306 -20.05 22.12 -39.48
C VAL E 306 -20.47 23.43 -38.88
N LYS E 307 -20.82 24.36 -39.76
CA LYS E 307 -21.10 25.72 -39.36
C LYS E 307 -22.54 25.82 -38.98
N ARG E 308 -22.84 26.20 -37.74
CA ARG E 308 -24.25 26.34 -37.28
C ARG E 308 -24.47 27.65 -36.59
N SER E 309 -25.67 28.22 -36.73
CA SER E 309 -26.00 29.54 -36.18
C SER E 309 -27.11 29.57 -35.14
N SER E 310 -27.52 28.40 -34.64
CA SER E 310 -28.53 28.32 -33.59
C SER E 310 -28.50 26.96 -32.96
N ILE E 311 -28.76 26.89 -31.65
CA ILE E 311 -28.83 25.62 -30.93
C ILE E 311 -29.77 24.66 -31.70
N GLY E 312 -30.77 25.22 -32.37
CA GLY E 312 -31.72 24.46 -33.18
C GLY E 312 -31.07 23.49 -34.16
N GLU E 313 -29.98 23.90 -34.78
CA GLU E 313 -29.37 23.13 -35.84
C GLU E 313 -28.52 22.00 -35.31
N PHE E 314 -28.13 22.05 -34.04
CA PHE E 314 -27.37 20.95 -33.45
C PHE E 314 -28.28 19.74 -33.30
N PRO E 315 -27.78 18.57 -33.68
CA PRO E 315 -28.62 17.40 -33.74
C PRO E 315 -29.03 16.97 -32.33
N SER E 316 -28.12 17.15 -31.37
CA SER E 316 -28.45 16.95 -29.98
C SER E 316 -27.98 18.15 -29.17
N ALA E 317 -28.92 18.78 -28.48
CA ALA E 317 -28.60 19.87 -27.54
C ALA E 317 -27.87 19.31 -26.35
N ASP E 318 -28.28 18.12 -25.91
CA ASP E 318 -27.58 17.45 -24.82
C ASP E 318 -26.13 17.12 -25.20
N ALA E 319 -25.87 16.75 -26.45
CA ALA E 319 -24.51 16.49 -26.91
C ALA E 319 -23.66 17.74 -26.80
N LEU E 320 -24.27 18.89 -27.11
CA LEU E 320 -23.58 20.18 -27.03
C LEU E 320 -23.22 20.46 -25.60
N ARG E 321 -24.13 20.18 -24.70
CA ARG E 321 -23.88 20.49 -23.31
C ARG E 321 -22.70 19.64 -22.79
N LYS E 322 -22.70 18.34 -23.08
CA LYS E 322 -21.61 17.46 -22.68
C LYS E 322 -20.31 18.01 -23.26
N ALA E 323 -20.36 18.39 -24.53
CA ALA E 323 -19.19 18.85 -25.24
C ALA E 323 -18.55 20.07 -24.57
N LEU E 324 -19.39 20.98 -24.10
CA LEU E 324 -18.90 22.23 -23.51
C LEU E 324 -18.43 22.08 -22.09
N GLN E 325 -18.81 20.99 -21.44
CA GLN E 325 -18.45 20.77 -20.03
C GLN E 325 -16.96 20.52 -19.80
N ARG E 326 -16.21 20.23 -20.87
CA ARG E 326 -14.79 19.91 -20.76
C ARG E 326 -13.92 21.18 -20.68
N ASP E 327 -14.56 22.34 -20.87
CA ASP E 327 -13.90 23.65 -20.79
C ASP E 327 -13.17 23.87 -19.47
N ALA E 328 -12.12 24.69 -19.49
CA ALA E 328 -11.35 25.02 -18.27
C ALA E 328 -12.08 26.02 -17.35
N GLY E 329 -13.02 26.80 -17.89
CA GLY E 329 -13.84 27.75 -17.12
C GLY E 329 -15.31 27.37 -17.02
N ILE E 330 -15.62 26.08 -17.23
CA ILE E 330 -16.96 25.54 -16.98
C ILE E 330 -16.93 24.21 -16.20
N SER E 331 -15.93 23.36 -16.45
CA SER E 331 -15.76 22.07 -15.75
C SER E 331 -15.78 22.23 -14.22
N SER E 332 -15.33 23.38 -13.74
CA SER E 332 -15.79 23.92 -12.46
C SER E 332 -15.57 25.45 -12.37
N GLY E 333 -15.54 26.13 -13.52
CA GLY E 333 -15.40 27.59 -13.56
C GLY E 333 -16.71 28.28 -13.28
N LYS E 334 -16.66 29.59 -13.09
CA LYS E 334 -17.83 30.36 -12.62
C LYS E 334 -18.82 30.77 -13.75
N GLU E 335 -19.05 29.88 -14.72
CA GLU E 335 -20.10 30.06 -15.70
C GLU E 335 -20.63 28.69 -16.11
N SER E 336 -21.78 28.27 -15.55
CA SER E 336 -22.29 26.93 -15.82
C SER E 336 -22.78 26.86 -17.23
N VAL E 337 -22.54 25.72 -17.86
CA VAL E 337 -22.98 25.46 -19.23
C VAL E 337 -24.46 25.75 -19.38
N ALA E 338 -25.23 25.39 -18.35
CA ALA E 338 -26.67 25.67 -18.34
C ALA E 338 -26.93 27.11 -18.71
N SER E 339 -26.28 28.04 -18.01
CA SER E 339 -26.58 29.45 -18.22
C SER E 339 -25.96 29.95 -19.50
N TYR E 340 -24.84 29.38 -19.91
CA TYR E 340 -24.20 29.81 -21.14
C TYR E 340 -25.12 29.54 -22.31
N LEU E 341 -25.67 28.33 -22.37
CA LEU E 341 -26.55 27.95 -23.48
C LEU E 341 -27.82 28.81 -23.50
N ARG E 342 -28.26 29.29 -22.34
CA ARG E 342 -29.33 30.25 -22.36
C ARG E 342 -28.97 31.45 -23.19
N TYR E 343 -27.83 32.07 -22.86
CA TYR E 343 -27.40 33.26 -23.55
C TYR E 343 -27.27 33.00 -25.03
N LEU E 344 -26.79 31.83 -25.42
CA LEU E 344 -26.60 31.53 -26.84
C LEU E 344 -27.90 31.58 -27.65
N GLU E 345 -28.94 30.90 -27.18
CA GLU E 345 -30.23 30.92 -27.87
C GLU E 345 -30.62 32.32 -28.39
N ASN E 346 -30.32 33.34 -27.59
CA ASN E 346 -30.63 34.73 -27.92
C ASN E 346 -29.38 35.53 -28.21
N SER E 347 -28.73 35.19 -29.31
CA SER E 347 -27.40 35.65 -29.56
C SER E 347 -27.12 35.51 -31.01
N ASP E 348 -26.53 36.54 -31.58
CA ASP E 348 -26.00 36.43 -32.91
C ASP E 348 -24.68 35.65 -32.81
N PHE E 349 -24.66 34.40 -33.26
CA PHE E 349 -23.41 33.59 -33.21
C PHE E 349 -23.22 32.62 -34.39
N VAL E 350 -21.97 32.25 -34.62
CA VAL E 350 -21.61 31.22 -35.57
C VAL E 350 -20.84 30.20 -34.76
N SER E 351 -21.13 28.91 -34.98
CA SER E 351 -20.42 27.84 -34.30
C SER E 351 -19.73 27.00 -35.36
N TYR E 352 -18.65 26.34 -35.01
CA TYR E 352 -18.03 25.35 -35.88
C TYR E 352 -17.70 24.12 -35.03
N ALA E 353 -18.23 22.96 -35.40
CA ALA E 353 -17.99 21.72 -34.65
C ALA E 353 -17.91 20.51 -35.57
N ASP E 354 -16.98 19.62 -35.29
CA ASP E 354 -16.96 18.32 -35.94
C ASP E 354 -18.13 17.48 -35.44
N GLU E 355 -18.37 16.36 -36.07
CA GLU E 355 -19.53 15.55 -35.68
C GLU E 355 -19.44 15.05 -34.25
N PRO E 356 -18.25 14.58 -33.80
CA PRO E 356 -18.12 14.10 -32.42
C PRO E 356 -17.98 15.19 -31.36
N LEU E 357 -18.07 16.46 -31.75
CA LEU E 357 -17.90 17.58 -30.82
C LEU E 357 -16.59 17.41 -29.99
N GLU E 358 -15.55 17.00 -30.70
CA GLU E 358 -14.24 16.92 -30.12
C GLU E 358 -13.66 18.33 -30.09
N ALA E 359 -14.11 19.16 -31.02
CA ALA E 359 -13.76 20.58 -31.10
C ALA E 359 -15.03 21.42 -31.33
N VAL E 360 -15.22 22.47 -30.53
CA VAL E 360 -16.36 23.35 -30.67
C VAL E 360 -15.89 24.79 -30.53
N ALA E 361 -16.00 25.57 -31.62
CA ALA E 361 -15.62 26.98 -31.61
C ALA E 361 -16.94 27.78 -31.76
N ILE E 362 -17.00 28.89 -31.03
CA ILE E 362 -18.19 29.73 -31.01
C ILE E 362 -17.75 31.18 -31.16
N VAL E 363 -18.15 31.83 -32.26
CA VAL E 363 -17.79 33.21 -32.48
C VAL E 363 -19.00 34.08 -32.20
N LYS E 364 -18.92 34.96 -31.20
CA LYS E 364 -20.04 35.89 -30.90
C LYS E 364 -19.85 37.15 -31.72
N LYS E 365 -20.87 37.51 -32.50
CA LYS E 365 -20.67 38.36 -33.66
C LYS E 365 -20.94 39.85 -33.37
N ASP E 366 -21.61 40.13 -32.26
CA ASP E 366 -21.75 41.53 -31.77
C ASP E 366 -20.38 42.09 -31.45
N THR E 367 -20.30 43.40 -31.24
CA THR E 367 -19.00 44.12 -31.11
C THR E 367 -18.06 43.92 -32.31
N ASN E 368 -17.86 44.97 -33.11
CA ASN E 368 -16.91 44.91 -34.22
C ASN E 368 -15.60 44.42 -33.65
N VAL E 369 -14.93 43.59 -34.44
CA VAL E 369 -14.00 42.57 -33.93
C VAL E 369 -14.81 41.55 -33.11
N PRO E 370 -15.38 40.56 -33.81
CA PRO E 370 -16.08 39.45 -33.16
C PRO E 370 -15.18 38.66 -32.23
N THR E 371 -15.79 38.09 -31.21
CA THR E 371 -15.06 37.35 -30.23
C THR E 371 -15.23 35.88 -30.43
N LEU E 372 -14.11 35.14 -30.42
CA LEU E 372 -14.13 33.72 -30.31
C LEU E 372 -14.38 33.53 -28.83
N ASP E 373 -15.62 33.18 -28.52
CA ASP E 373 -16.12 33.16 -27.18
C ASP E 373 -15.77 31.87 -26.45
N LYS E 374 -15.93 30.75 -27.14
CA LYS E 374 -15.54 29.45 -26.62
C LYS E 374 -14.74 28.76 -27.73
N PHE E 375 -13.81 27.93 -27.30
CA PHE E 375 -12.96 27.13 -28.20
C PHE E 375 -12.58 25.98 -27.33
N VAL E 376 -13.38 24.92 -27.35
CA VAL E 376 -13.22 23.84 -26.41
C VAL E 376 -12.90 22.61 -27.19
N CYS E 377 -11.60 22.27 -27.23
CA CYS E 377 -11.12 21.13 -28.02
C CYS E 377 -10.38 20.22 -27.09
N SER E 378 -10.75 18.94 -27.15
CA SER E 378 -10.12 17.93 -26.32
C SER E 378 -8.68 17.70 -26.77
N ASP E 379 -7.90 17.01 -25.95
CA ASP E 379 -6.47 16.80 -26.27
C ASP E 379 -6.37 16.03 -27.58
N ALA E 380 -7.21 15.00 -27.74
CA ALA E 380 -7.34 14.30 -29.02
C ALA E 380 -7.31 15.32 -30.16
N ALA E 381 -8.16 16.34 -30.06
CA ALA E 381 -8.21 17.39 -31.07
C ALA E 381 -6.87 18.16 -31.27
N TRP E 382 -6.23 18.56 -30.18
CA TRP E 382 -4.94 19.27 -30.28
C TRP E 382 -3.93 18.51 -31.02
N LEU E 383 -3.83 17.21 -30.71
CA LEU E 383 -2.81 16.39 -31.34
C LEU E 383 -3.07 16.20 -32.84
N ASN E 384 -4.34 16.17 -33.25
CA ASN E 384 -4.69 15.97 -34.67
C ASN E 384 -4.87 17.27 -35.40
N ASN E 385 -4.24 18.32 -34.90
CA ASN E 385 -4.51 19.71 -35.30
C ASN E 385 -5.88 19.95 -35.94
N VAL E 386 -6.92 19.67 -35.17
CA VAL E 386 -8.25 20.11 -35.50
C VAL E 386 -8.27 21.57 -35.14
N THR E 387 -7.44 21.94 -34.16
CA THR E 387 -7.33 23.33 -33.77
C THR E 387 -6.85 24.15 -34.92
N ASP E 388 -5.93 23.64 -35.72
CA ASP E 388 -5.51 24.38 -36.91
C ASP E 388 -6.62 24.43 -37.93
N ASN E 389 -7.34 23.32 -38.09
CA ASN E 389 -8.50 23.25 -39.00
C ASN E 389 -9.49 24.37 -38.68
N VAL E 390 -9.84 24.44 -37.41
CA VAL E 390 -10.83 25.38 -36.94
C VAL E 390 -10.33 26.82 -37.12
N PHE E 391 -9.08 27.11 -36.80
CA PHE E 391 -8.61 28.46 -37.05
C PHE E 391 -8.57 28.81 -38.54
N ASN E 392 -8.28 27.84 -39.38
CA ASN E 392 -8.26 28.13 -40.80
C ASN E 392 -9.61 28.58 -41.28
N VAL E 393 -10.65 27.87 -40.82
CA VAL E 393 -12.00 28.22 -41.22
C VAL E 393 -12.33 29.60 -40.69
N LEU E 394 -12.10 29.79 -39.40
CA LEU E 394 -12.27 31.09 -38.76
C LEU E 394 -11.61 32.20 -39.53
N ARG E 395 -10.41 31.98 -40.00
CA ARG E 395 -9.65 33.07 -40.56
C ARG E 395 -10.28 33.49 -41.88
N ARG E 396 -10.93 32.54 -42.54
CA ARG E 396 -11.57 32.83 -43.83
C ARG E 396 -12.92 33.49 -43.61
N ASP E 397 -13.68 33.00 -42.63
CA ASP E 397 -15.02 33.53 -42.36
C ASP E 397 -15.01 34.80 -41.49
N PHE E 398 -13.89 35.10 -40.85
CA PHE E 398 -13.77 36.26 -40.01
C PHE E 398 -12.43 36.88 -40.22
N PRO E 399 -12.37 37.88 -41.06
CA PRO E 399 -11.09 38.51 -41.34
C PRO E 399 -10.52 39.30 -40.17
N ALA E 400 -11.33 39.74 -39.24
CA ALA E 400 -10.80 40.25 -37.96
C ALA E 400 -11.51 39.57 -36.82
N LEU E 401 -10.75 39.21 -35.79
CA LEU E 401 -11.19 38.34 -34.68
C LEU E 401 -10.34 38.61 -33.43
N GLN E 402 -10.97 38.56 -32.26
CA GLN E 402 -10.28 38.67 -30.99
C GLN E 402 -10.64 37.48 -30.11
N TRP E 403 -9.73 37.12 -29.22
CA TRP E 403 -9.97 36.06 -28.27
C TRP E 403 -9.03 36.14 -27.11
N VAL E 404 -9.39 35.46 -26.03
CA VAL E 404 -8.61 35.52 -24.77
C VAL E 404 -8.16 34.17 -24.25
N VAL E 405 -6.88 34.02 -23.93
CA VAL E 405 -6.34 32.75 -23.40
C VAL E 405 -5.65 33.00 -22.06
N SER E 406 -5.63 31.99 -21.19
CA SER E 406 -4.97 32.13 -19.88
C SER E 406 -3.47 32.33 -20.07
N GLU E 407 -2.87 33.14 -19.22
CA GLU E 407 -1.44 33.48 -19.33
C GLU E 407 -0.56 32.26 -19.41
N ASN E 408 -0.93 31.21 -18.70
CA ASN E 408 -0.16 29.97 -18.74
C ASN E 408 -1.05 28.82 -19.18
N ASP E 409 -1.65 29.00 -20.33
CA ASP E 409 -2.28 27.90 -21.04
C ASP E 409 -1.14 27.11 -21.65
N ALA E 410 -1.34 25.79 -21.71
CA ALA E 410 -0.33 24.89 -22.18
C ALA E 410 0.22 25.31 -23.55
N ASN E 411 -0.66 25.68 -24.48
CA ASN E 411 -0.20 26.05 -25.81
C ASN E 411 -0.50 27.53 -26.10
N ILE E 412 -0.09 28.39 -25.16
CA ILE E 412 -0.17 29.86 -25.33
C ILE E 412 0.67 30.28 -26.53
N ALA E 413 1.80 29.62 -26.71
CA ALA E 413 2.69 29.86 -27.84
C ALA E 413 2.00 29.76 -29.19
N TRP E 414 1.09 28.80 -29.28
CA TRP E 414 0.41 28.54 -30.52
C TRP E 414 -0.49 29.70 -30.84
N HIS E 415 -1.27 30.14 -29.85
CA HIS E 415 -2.13 31.28 -30.01
C HIS E 415 -1.35 32.48 -30.45
N PHE E 416 -0.17 32.68 -29.89
CA PHE E 416 0.64 33.84 -30.27
C PHE E 416 0.96 33.80 -31.76
N ASP E 417 1.24 32.60 -32.27
CA ASP E 417 1.62 32.46 -33.66
C ASP E 417 0.45 32.78 -34.56
N LYS E 418 -0.76 32.51 -34.10
CA LYS E 418 -1.96 32.74 -34.92
C LYS E 418 -2.38 34.19 -34.82
N SER E 419 -1.85 34.95 -33.87
CA SER E 419 -2.29 36.35 -33.68
C SER E 419 -1.48 37.33 -34.51
N GLN E 420 -1.97 38.57 -34.57
CA GLN E 420 -1.17 39.72 -35.01
C GLN E 420 -0.80 40.66 -33.85
N GLY E 421 -1.48 40.51 -32.71
CA GLY E 421 -1.16 41.30 -31.54
C GLY E 421 -1.66 40.69 -30.26
N SER E 422 -1.01 41.06 -29.16
CA SER E 422 -1.29 40.47 -27.87
C SER E 422 -1.23 41.53 -26.78
N TYR E 423 -2.09 41.39 -25.76
CA TYR E 423 -1.97 42.22 -24.53
C TYR E 423 -2.20 41.38 -23.29
N LEU E 424 -1.26 41.47 -22.35
CA LEU E 424 -1.33 40.71 -21.12
C LEU E 424 -1.86 41.60 -20.03
N LYS E 425 -2.81 41.07 -19.26
CA LYS E 425 -3.24 41.68 -18.03
C LYS E 425 -3.99 40.66 -17.18
N GLY E 426 -3.75 40.73 -15.87
CA GLY E 426 -4.44 39.89 -14.90
C GLY E 426 -4.42 38.41 -15.27
N GLY E 427 -3.25 37.93 -15.69
CA GLY E 427 -3.07 36.53 -16.00
C GLY E 427 -3.92 36.06 -17.15
N LYS E 428 -4.32 36.98 -18.03
CA LYS E 428 -5.00 36.59 -19.26
C LYS E 428 -4.35 37.35 -20.42
N VAL E 429 -4.36 36.75 -21.61
CA VAL E 429 -3.79 37.39 -22.81
C VAL E 429 -4.93 37.64 -23.80
N LEU E 430 -5.09 38.89 -24.20
CA LEU E 430 -5.95 39.26 -25.30
C LEU E 430 -5.15 39.08 -26.58
N PHE E 431 -5.76 38.36 -27.51
CA PHE E 431 -5.19 38.12 -28.83
C PHE E 431 -6.17 38.63 -29.90
N TRP E 432 -5.62 39.16 -30.99
CA TRP E 432 -6.42 39.51 -32.16
C TRP E 432 -5.66 39.39 -33.42
N TYR E 433 -6.41 39.29 -34.51
CA TYR E 433 -5.82 39.32 -35.81
C TYR E 433 -6.63 40.14 -36.80
N GLY E 434 -5.91 40.67 -37.77
CA GLY E 434 -6.51 41.38 -38.86
C GLY E 434 -6.98 42.80 -38.58
N ILE E 435 -6.73 43.36 -37.39
CA ILE E 435 -7.11 44.74 -37.16
C ILE E 435 -5.91 45.58 -36.83
N ASP E 436 -5.16 45.94 -37.87
CA ASP E 436 -4.01 46.84 -37.73
C ASP E 436 -4.39 48.34 -37.82
N ASP E 437 -5.64 48.68 -37.45
CA ASP E 437 -5.98 50.07 -37.18
C ASP E 437 -5.58 50.41 -35.75
N ILE E 438 -4.46 51.13 -35.60
CA ILE E 438 -3.93 51.58 -34.31
C ILE E 438 -5.01 51.90 -33.29
N ASN E 439 -6.13 52.43 -33.77
CA ASN E 439 -7.17 53.01 -32.95
C ASN E 439 -8.17 51.99 -32.40
N THR E 440 -8.74 51.17 -33.26
CA THR E 440 -9.65 50.11 -32.81
C THR E 440 -8.91 49.08 -31.90
N ILE E 441 -7.57 49.10 -31.92
CA ILE E 441 -6.77 48.29 -31.00
C ILE E 441 -6.91 48.83 -29.58
N SER E 442 -6.76 50.14 -29.43
CA SER E 442 -7.01 50.77 -28.15
C SER E 442 -8.38 50.39 -27.61
N GLU E 443 -9.40 50.57 -28.43
CA GLU E 443 -10.76 50.19 -28.04
C GLU E 443 -10.76 48.77 -27.49
N LEU E 444 -10.25 47.86 -28.31
CA LEU E 444 -10.16 46.46 -27.96
C LEU E 444 -9.52 46.20 -26.59
N VAL E 445 -8.32 46.77 -26.40
CA VAL E 445 -7.54 46.58 -25.15
C VAL E 445 -8.25 47.20 -23.97
N GLU E 446 -8.86 48.36 -24.19
CA GLU E 446 -9.46 49.11 -23.11
C GLU E 446 -10.63 48.32 -22.53
N ASN E 447 -11.44 47.73 -23.41
CA ASN E 447 -12.60 46.94 -22.99
C ASN E 447 -12.19 45.70 -22.23
N PHE E 448 -11.11 45.08 -22.70
CA PHE E 448 -10.53 43.90 -22.07
C PHE E 448 -10.01 44.19 -20.66
N VAL E 449 -9.36 45.35 -20.48
CA VAL E 449 -8.90 45.76 -19.16
C VAL E 449 -10.07 46.09 -18.31
N LYS E 450 -11.00 46.88 -18.88
CA LYS E 450 -12.24 47.26 -18.20
C LYS E 450 -12.93 46.06 -17.52
N SER E 451 -12.84 44.89 -18.15
CA SER E 451 -13.46 43.68 -17.63
C SER E 451 -12.49 42.77 -16.86
N CYS E 452 -11.72 43.34 -15.94
CA CYS E 452 -11.12 42.58 -14.84
C CYS E 452 -11.72 43.22 -13.59
N ASP E 453 -13.05 43.08 -13.51
CA ASP E 453 -13.85 43.95 -12.67
C ASP E 453 -15.17 43.34 -12.34
N THR F 18 18.82 -23.47 -12.19
CA THR F 18 17.44 -22.89 -11.98
C THR F 18 16.62 -23.96 -11.25
N ARG F 19 15.93 -23.53 -10.18
CA ARG F 19 15.19 -24.42 -9.23
C ARG F 19 14.26 -25.39 -9.96
N SER F 20 13.58 -24.90 -11.00
CA SER F 20 12.63 -25.67 -11.78
C SER F 20 13.24 -26.98 -12.26
N THR F 21 14.31 -26.87 -13.05
CA THR F 21 15.01 -28.00 -13.65
C THR F 21 15.53 -28.99 -12.63
N VAL F 22 16.30 -28.48 -11.68
CA VAL F 22 16.95 -29.28 -10.65
C VAL F 22 15.94 -30.18 -9.91
N ILE F 23 14.80 -29.59 -9.54
CA ILE F 23 13.70 -30.32 -8.92
C ILE F 23 13.27 -31.49 -9.75
N GLN F 24 12.99 -31.25 -11.03
CA GLN F 24 12.57 -32.33 -11.93
C GLN F 24 13.68 -33.34 -12.24
N LEU F 25 14.94 -32.92 -12.19
CA LEU F 25 16.03 -33.86 -12.36
C LEU F 25 15.90 -34.79 -11.20
N LEU F 26 15.99 -34.23 -9.99
CA LEU F 26 16.12 -35.01 -8.76
C LEU F 26 14.98 -35.98 -8.49
N ASN F 27 13.77 -35.62 -8.93
CA ASN F 27 12.64 -36.54 -8.84
C ASN F 27 12.90 -37.88 -9.52
N ASN F 28 13.67 -37.87 -10.59
CA ASN F 28 13.84 -39.05 -11.38
C ASN F 28 15.19 -39.71 -11.20
N ILE F 29 15.77 -39.59 -10.00
CA ILE F 29 17.05 -40.26 -9.68
C ILE F 29 17.01 -41.17 -8.44
N SER F 30 17.81 -42.24 -8.46
CA SER F 30 17.88 -43.23 -7.37
C SER F 30 19.31 -43.86 -7.19
N THR F 31 19.76 -44.66 -8.15
CA THR F 31 21.14 -45.17 -8.13
C THR F 31 22.16 -44.09 -8.53
N LYS F 32 23.41 -44.34 -8.18
CA LYS F 32 24.50 -43.51 -8.67
C LYS F 32 24.66 -43.74 -10.17
N ARG F 33 24.45 -44.98 -10.61
CA ARG F 33 24.56 -45.26 -12.03
C ARG F 33 23.65 -44.33 -12.85
N GLU F 34 22.56 -43.84 -12.25
CA GLU F 34 21.73 -42.82 -12.89
C GLU F 34 22.52 -41.50 -12.95
N VAL F 35 23.01 -41.08 -11.80
CA VAL F 35 23.81 -39.87 -11.69
C VAL F 35 24.97 -39.85 -12.69
N GLU F 36 25.69 -40.96 -12.79
CA GLU F 36 26.85 -41.04 -13.67
C GLU F 36 26.47 -40.91 -15.13
N GLN F 37 25.31 -41.49 -15.49
CA GLN F 37 24.82 -41.41 -16.86
C GLN F 37 24.45 -39.96 -17.17
N TYR F 38 23.68 -39.34 -16.25
CA TYR F 38 23.30 -37.94 -16.45
C TYR F 38 24.56 -37.11 -16.71
N LEU F 39 25.56 -37.27 -15.85
CA LEU F 39 26.81 -36.51 -15.97
C LEU F 39 27.48 -36.70 -17.32
N LYS F 40 27.42 -37.92 -17.82
CA LYS F 40 28.11 -38.27 -19.04
C LYS F 40 27.51 -37.61 -20.26
N TYR F 41 26.20 -37.43 -20.23
CA TYR F 41 25.56 -36.73 -21.33
C TYR F 41 25.73 -35.22 -21.28
N PHE F 42 25.83 -34.66 -20.07
CA PHE F 42 26.05 -33.23 -19.95
C PHE F 42 27.50 -32.87 -20.25
N THR F 43 28.43 -33.79 -20.00
CA THR F 43 29.85 -33.58 -20.35
C THR F 43 30.24 -34.40 -21.61
N SER F 44 29.25 -34.62 -22.48
CA SER F 44 29.50 -34.82 -23.90
C SER F 44 28.31 -34.46 -24.84
N VAL F 45 27.72 -33.28 -24.68
CA VAL F 45 26.67 -32.81 -25.64
C VAL F 45 27.21 -32.66 -27.06
N SER F 46 28.48 -33.02 -27.30
CA SER F 46 29.02 -33.06 -28.67
C SER F 46 27.89 -33.59 -29.56
N GLN F 47 27.72 -32.97 -30.71
CA GLN F 47 26.41 -32.54 -31.14
C GLN F 47 25.68 -33.27 -32.28
N GLN F 48 25.56 -34.58 -32.17
CA GLN F 48 24.40 -35.32 -32.75
C GLN F 48 23.07 -34.73 -32.23
N GLN F 49 22.04 -34.85 -33.05
CA GLN F 49 20.68 -34.35 -32.72
C GLN F 49 20.06 -35.13 -31.57
N PHE F 50 19.26 -34.47 -30.77
CA PHE F 50 18.95 -35.04 -29.49
C PHE F 50 17.82 -36.06 -29.47
N ALA F 51 16.60 -35.65 -29.79
CA ALA F 51 15.46 -36.56 -29.79
C ALA F 51 14.31 -36.10 -30.62
N VAL F 52 13.60 -37.06 -31.17
CA VAL F 52 12.29 -36.85 -31.80
C VAL F 52 11.33 -37.49 -30.86
N ILE F 53 10.32 -36.74 -30.44
CA ILE F 53 9.32 -37.25 -29.53
C ILE F 53 7.97 -37.16 -30.21
N LYS F 54 7.36 -38.31 -30.50
CA LYS F 54 5.98 -38.34 -30.98
C LYS F 54 5.06 -38.41 -29.79
N VAL F 55 4.19 -37.41 -29.68
CA VAL F 55 3.22 -37.29 -28.60
C VAL F 55 1.83 -37.59 -29.12
N GLY F 56 1.20 -38.63 -28.55
CA GLY F 56 -0.21 -38.92 -28.76
C GLY F 56 -1.01 -37.74 -28.25
N GLY F 57 -2.09 -37.39 -28.95
CA GLY F 57 -2.90 -36.21 -28.59
C GLY F 57 -3.51 -36.32 -27.21
N ALA F 58 -3.85 -37.56 -26.83
CA ALA F 58 -4.37 -37.89 -25.51
C ALA F 58 -3.57 -37.28 -24.34
N ILE F 59 -2.26 -37.13 -24.55
CA ILE F 59 -1.32 -36.68 -23.53
C ILE F 59 -1.35 -35.17 -23.35
N ILE F 60 -1.55 -34.45 -24.45
CA ILE F 60 -1.62 -33.00 -24.37
C ILE F 60 -2.88 -32.56 -23.62
N SER F 61 -3.93 -33.37 -23.68
CA SER F 61 -5.14 -33.10 -22.93
C SER F 61 -4.98 -33.47 -21.46
N ASP F 62 -4.39 -34.63 -21.19
CA ASP F 62 -4.46 -35.24 -19.87
C ASP F 62 -3.17 -35.20 -19.03
N ASN F 63 -2.08 -34.72 -19.61
CA ASN F 63 -0.81 -34.64 -18.88
C ASN F 63 0.06 -33.49 -19.30
N LEU F 64 -0.56 -32.36 -19.60
CA LEU F 64 0.17 -31.25 -20.19
C LEU F 64 1.32 -30.86 -19.27
N HIS F 65 1.10 -30.91 -17.96
CA HIS F 65 2.13 -30.54 -17.01
C HIS F 65 3.29 -31.48 -17.04
N GLU F 66 2.97 -32.75 -16.77
CA GLU F 66 3.95 -33.84 -16.76
C GLU F 66 4.86 -33.71 -18.00
N LEU F 67 4.22 -33.63 -19.17
CA LEU F 67 4.92 -33.53 -20.43
C LEU F 67 5.75 -32.22 -20.54
N ALA F 68 5.10 -31.08 -20.31
CA ALA F 68 5.74 -29.76 -20.49
C ALA F 68 6.93 -29.61 -19.58
N SER F 69 6.77 -29.99 -18.31
CA SER F 69 7.83 -29.78 -17.33
C SER F 69 9.04 -30.59 -17.79
N CYS F 70 8.73 -31.75 -18.32
CA CYS F 70 9.74 -32.66 -18.74
C CYS F 70 10.50 -32.16 -19.97
N LEU F 71 9.77 -31.67 -20.98
CA LEU F 71 10.42 -31.03 -22.13
C LEU F 71 11.25 -29.82 -21.66
N ALA F 72 10.66 -29.05 -20.74
CA ALA F 72 11.29 -27.86 -20.17
C ALA F 72 12.65 -28.20 -19.59
N PHE F 73 12.74 -29.37 -18.95
CA PHE F 73 13.99 -29.81 -18.37
C PHE F 73 15.06 -30.03 -19.40
N LEU F 74 14.66 -30.70 -20.47
CA LEU F 74 15.57 -30.89 -21.59
C LEU F 74 16.02 -29.53 -22.17
N TYR F 75 15.06 -28.63 -22.36
CA TYR F 75 15.35 -27.30 -22.86
C TYR F 75 16.35 -26.61 -21.97
N HIS F 76 16.21 -26.81 -20.67
CA HIS F 76 17.08 -26.11 -19.74
C HIS F 76 18.49 -26.62 -19.76
N VAL F 77 18.68 -27.94 -19.81
CA VAL F 77 20.02 -28.49 -19.91
C VAL F 77 20.61 -28.32 -21.28
N GLY F 78 19.97 -27.55 -22.15
CA GLY F 78 20.51 -27.25 -23.50
C GLY F 78 20.19 -28.25 -24.61
N LEU F 79 19.26 -29.18 -24.38
CA LEU F 79 18.87 -30.14 -25.41
C LEU F 79 17.59 -29.68 -26.10
N TYR F 80 17.43 -30.03 -27.38
CA TYR F 80 16.35 -29.48 -28.21
C TYR F 80 15.62 -30.61 -28.89
N PRO F 81 14.62 -31.15 -28.21
CA PRO F 81 13.83 -32.21 -28.83
C PRO F 81 12.92 -31.69 -29.93
N ILE F 82 12.79 -32.43 -31.03
CA ILE F 82 11.78 -32.18 -32.04
C ILE F 82 10.53 -32.85 -31.53
N VAL F 83 9.47 -32.10 -31.36
CA VAL F 83 8.22 -32.66 -30.85
C VAL F 83 7.18 -32.66 -31.94
N LEU F 84 6.57 -33.81 -32.15
CA LEU F 84 5.56 -33.99 -33.20
C LEU F 84 4.35 -34.61 -32.54
N HIS F 85 3.19 -34.00 -32.67
CA HIS F 85 2.00 -34.53 -32.00
C HIS F 85 0.81 -34.80 -32.86
N GLY F 86 -0.04 -35.72 -32.41
CA GLY F 86 -1.34 -35.94 -32.99
C GLY F 86 -2.47 -35.19 -32.30
N THR F 87 -3.69 -35.64 -32.58
CA THR F 87 -4.90 -35.12 -31.97
C THR F 87 -6.01 -36.14 -32.23
N GLY F 88 -6.07 -37.17 -31.40
CA GLY F 88 -7.01 -38.26 -31.63
C GLY F 88 -8.33 -38.05 -30.89
N PRO F 89 -8.33 -38.27 -29.57
CA PRO F 89 -9.51 -38.18 -28.68
C PRO F 89 -10.36 -36.91 -28.80
N GLN F 90 -9.67 -35.78 -28.74
CA GLN F 90 -10.29 -34.46 -28.81
C GLN F 90 -11.28 -34.35 -30.00
N VAL F 91 -10.81 -34.84 -31.13
CA VAL F 91 -11.49 -34.69 -32.41
C VAL F 91 -12.78 -35.50 -32.47
N ASN F 92 -12.76 -36.76 -32.01
CA ASN F 92 -13.98 -37.57 -32.02
C ASN F 92 -15.08 -36.94 -31.18
N GLY F 93 -14.71 -36.35 -30.04
CA GLY F 93 -15.68 -35.68 -29.17
C GLY F 93 -16.38 -34.52 -29.85
N ARG F 94 -15.61 -33.78 -30.64
CA ARG F 94 -16.18 -32.68 -31.43
C ARG F 94 -17.09 -33.17 -32.55
N LEU F 95 -16.64 -34.15 -33.33
CA LEU F 95 -17.42 -34.66 -34.45
C LEU F 95 -18.76 -35.15 -33.96
N GLU F 96 -18.77 -35.75 -32.77
CA GLU F 96 -20.02 -36.20 -32.15
C GLU F 96 -20.85 -34.99 -31.82
N ALA F 97 -20.21 -34.03 -31.16
CA ALA F 97 -20.86 -32.76 -30.82
C ALA F 97 -21.53 -32.03 -32.00
N GLN F 98 -21.03 -32.29 -33.21
CA GLN F 98 -21.62 -31.75 -34.44
C GLN F 98 -22.42 -32.78 -35.21
N GLY F 99 -22.59 -33.97 -34.63
CA GLY F 99 -23.40 -35.02 -35.26
C GLY F 99 -22.80 -35.62 -36.52
N ILE F 100 -21.49 -35.82 -36.52
CA ILE F 100 -20.77 -36.48 -37.59
C ILE F 100 -20.28 -37.79 -36.99
N GLU F 101 -20.47 -38.92 -37.66
CA GLU F 101 -19.97 -40.18 -37.13
C GLU F 101 -18.48 -40.28 -37.41
N PRO F 102 -17.67 -40.46 -36.37
CA PRO F 102 -16.25 -40.72 -36.66
C PRO F 102 -16.11 -41.99 -37.47
N ASP F 103 -15.15 -42.02 -38.38
CA ASP F 103 -15.14 -43.03 -39.43
C ASP F 103 -13.72 -43.51 -39.78
N TYR F 104 -13.49 -44.82 -39.65
CA TYR F 104 -12.19 -45.43 -39.93
C TYR F 104 -12.33 -46.63 -40.84
N ILE F 105 -11.38 -46.81 -41.77
CA ILE F 105 -11.08 -48.13 -42.33
C ILE F 105 -9.60 -48.34 -42.15
N ASP F 106 -9.22 -49.58 -41.83
CA ASP F 106 -7.80 -49.97 -41.83
C ASP F 106 -6.98 -49.16 -40.81
N GLY F 107 -7.63 -48.77 -39.71
CA GLY F 107 -6.97 -48.00 -38.67
C GLY F 107 -6.67 -46.57 -39.08
N ILE F 108 -7.16 -46.14 -40.24
CA ILE F 108 -6.96 -44.77 -40.73
C ILE F 108 -8.28 -44.04 -40.58
N ARG F 109 -8.23 -42.77 -40.24
CA ARG F 109 -9.44 -41.95 -40.25
C ARG F 109 -9.84 -41.49 -41.66
N ILE F 110 -11.04 -41.88 -42.09
CA ILE F 110 -11.58 -41.35 -43.33
C ILE F 110 -11.83 -39.87 -43.08
N THR F 111 -10.93 -39.04 -43.56
CA THR F 111 -11.00 -37.61 -43.32
C THR F 111 -11.65 -36.88 -44.51
N ASP F 112 -12.98 -36.73 -44.48
CA ASP F 112 -13.68 -36.05 -45.58
C ASP F 112 -13.49 -34.56 -45.44
N GLU F 113 -14.14 -33.81 -46.30
CA GLU F 113 -14.00 -32.36 -46.34
C GLU F 113 -14.36 -31.68 -45.00
N HIS F 114 -15.51 -32.01 -44.42
CA HIS F 114 -15.97 -31.40 -43.15
C HIS F 114 -15.13 -31.85 -41.99
N THR F 115 -14.82 -33.15 -41.94
CA THR F 115 -14.02 -33.71 -40.85
C THR F 115 -12.65 -33.07 -40.81
N MET F 116 -12.10 -32.71 -41.98
CA MET F 116 -10.79 -32.08 -42.05
C MET F 116 -10.81 -30.75 -41.31
N ALA F 117 -11.87 -29.97 -41.51
CA ALA F 117 -12.02 -28.69 -40.82
C ALA F 117 -11.99 -28.86 -39.29
N VAL F 118 -12.64 -29.89 -38.76
CA VAL F 118 -12.59 -30.16 -37.32
C VAL F 118 -11.16 -30.64 -36.89
N VAL F 119 -10.56 -31.53 -37.67
CA VAL F 119 -9.21 -32.01 -37.42
C VAL F 119 -8.19 -30.88 -37.44
N ARG F 120 -8.30 -29.99 -38.40
CA ARG F 120 -7.33 -28.92 -38.53
C ARG F 120 -7.42 -28.03 -37.30
N LYS F 121 -8.64 -27.64 -36.93
CA LYS F 121 -8.90 -26.78 -35.78
C LYS F 121 -8.31 -27.44 -34.52
N CYS F 122 -8.52 -28.73 -34.36
CA CYS F 122 -8.03 -29.42 -33.18
C CYS F 122 -6.51 -29.52 -33.16
N PHE F 123 -5.92 -29.75 -34.30
CA PHE F 123 -4.48 -29.73 -34.37
C PHE F 123 -3.94 -28.40 -33.91
N LEU F 124 -4.48 -27.32 -34.44
CA LEU F 124 -3.93 -26.02 -34.16
C LEU F 124 -4.10 -25.67 -32.69
N GLU F 125 -5.22 -26.07 -32.10
CA GLU F 125 -5.46 -25.79 -30.70
C GLU F 125 -4.51 -26.56 -29.81
N GLN F 126 -4.53 -27.87 -29.96
CA GLN F 126 -3.63 -28.78 -29.22
C GLN F 126 -2.20 -28.30 -29.30
N ASN F 127 -1.82 -27.81 -30.46
CA ASN F 127 -0.46 -27.32 -30.71
C ASN F 127 -0.10 -26.04 -29.96
N LEU F 128 -0.96 -25.02 -29.99
CA LEU F 128 -0.73 -23.84 -29.13
C LEU F 128 -0.72 -24.24 -27.68
N LYS F 129 -1.61 -25.14 -27.30
CA LYS F 129 -1.78 -25.49 -25.90
C LYS F 129 -0.41 -25.88 -25.38
N LEU F 130 0.27 -26.71 -26.14
CA LEU F 130 1.58 -27.21 -25.75
C LEU F 130 2.62 -26.10 -25.79
N VAL F 131 2.60 -25.33 -26.86
CA VAL F 131 3.53 -24.20 -27.01
C VAL F 131 3.31 -23.22 -25.81
N THR F 132 2.11 -22.64 -25.66
CA THR F 132 1.81 -21.79 -24.50
C THR F 132 2.31 -22.39 -23.17
N ALA F 133 1.97 -23.66 -22.93
CA ALA F 133 2.35 -24.32 -21.69
C ALA F 133 3.85 -24.20 -21.47
N LEU F 134 4.62 -24.55 -22.50
CA LEU F 134 6.09 -24.48 -22.47
C LEU F 134 6.61 -23.07 -22.28
N GLU F 135 5.98 -22.11 -22.97
CA GLU F 135 6.40 -20.73 -22.83
C GLU F 135 6.28 -20.36 -21.38
N GLN F 136 5.11 -20.64 -20.79
CA GLN F 136 4.88 -20.30 -19.40
C GLN F 136 5.99 -20.80 -18.50
N LEU F 137 6.65 -21.89 -18.86
CA LEU F 137 7.74 -22.43 -18.06
C LEU F 137 9.11 -21.94 -18.53
N GLY F 138 9.10 -20.92 -19.40
CA GLY F 138 10.33 -20.22 -19.82
C GLY F 138 11.00 -20.79 -21.03
N VAL F 139 10.29 -21.66 -21.73
CA VAL F 139 10.85 -22.40 -22.82
C VAL F 139 10.37 -21.77 -24.10
N ARG F 140 11.28 -21.34 -24.96
CA ARG F 140 10.92 -20.82 -26.25
C ARG F 140 10.38 -21.97 -27.12
N ALA F 141 9.10 -21.90 -27.49
CA ALA F 141 8.53 -22.87 -28.42
C ALA F 141 8.05 -22.15 -29.71
N ARG F 142 8.03 -22.93 -30.79
CA ARG F 142 7.75 -22.39 -32.11
C ARG F 142 6.82 -23.30 -32.78
N PRO F 143 5.56 -22.89 -32.88
CA PRO F 143 4.62 -23.77 -33.53
C PRO F 143 4.93 -23.88 -35.02
N ILE F 144 4.91 -25.10 -35.53
CA ILE F 144 5.20 -25.35 -36.94
C ILE F 144 4.09 -26.20 -37.48
N THR F 145 3.04 -25.53 -37.92
CA THR F 145 1.79 -26.21 -38.23
C THR F 145 1.65 -26.56 -39.70
N SER F 146 2.65 -26.18 -40.49
CA SER F 146 2.72 -26.54 -41.92
C SER F 146 4.13 -26.29 -42.50
N GLY F 147 4.44 -26.93 -43.61
CA GLY F 147 5.66 -26.62 -44.37
C GLY F 147 6.83 -27.55 -44.08
N VAL F 148 6.56 -28.63 -43.34
CA VAL F 148 7.58 -29.62 -43.08
C VAL F 148 7.35 -30.87 -43.90
N PHE F 149 6.15 -31.45 -43.87
CA PHE F 149 5.84 -32.64 -44.69
C PHE F 149 5.07 -32.35 -46.01
N THR F 150 5.57 -32.87 -47.15
CA THR F 150 4.81 -32.88 -48.40
C THR F 150 4.34 -34.31 -48.67
N ALA F 151 3.08 -34.46 -49.12
CA ALA F 151 2.46 -35.80 -49.32
C ALA F 151 1.66 -35.88 -50.60
N ASP F 152 1.35 -37.10 -51.00
CA ASP F 152 0.31 -37.37 -52.01
C ASP F 152 -0.91 -37.84 -51.24
N TYR F 153 -1.99 -38.10 -51.95
CA TYR F 153 -3.13 -38.72 -51.33
C TYR F 153 -2.76 -40.16 -51.12
N LEU F 154 -3.13 -40.70 -49.98
CA LEU F 154 -2.88 -42.14 -49.70
C LEU F 154 -3.81 -42.96 -50.60
N ASP F 155 -5.10 -42.63 -50.58
CA ASP F 155 -6.07 -43.14 -51.53
C ASP F 155 -7.28 -42.23 -51.52
N LYS F 156 -7.48 -41.51 -52.61
CA LYS F 156 -8.35 -40.37 -52.58
C LYS F 156 -9.81 -40.74 -52.34
N ASP F 157 -10.24 -41.95 -52.68
CA ASP F 157 -11.66 -42.29 -52.50
C ASP F 157 -11.89 -43.16 -51.27
N LYS F 158 -10.87 -43.86 -50.84
CA LYS F 158 -10.97 -44.69 -49.66
C LYS F 158 -10.93 -43.77 -48.45
N TYR F 159 -9.90 -42.93 -48.39
CA TYR F 159 -9.61 -42.13 -47.18
C TYR F 159 -9.90 -40.64 -47.33
N LYS F 160 -10.24 -40.22 -48.54
CA LYS F 160 -10.44 -38.78 -48.82
C LYS F 160 -9.18 -38.01 -48.45
N LEU F 161 -9.27 -37.00 -47.60
CA LEU F 161 -8.15 -36.11 -47.35
C LEU F 161 -7.04 -36.67 -46.42
N VAL F 162 -6.65 -37.93 -46.59
CA VAL F 162 -5.53 -38.54 -45.86
C VAL F 162 -4.34 -38.61 -46.80
N GLY F 163 -3.18 -38.29 -46.26
CA GLY F 163 -1.96 -38.15 -47.02
C GLY F 163 -0.98 -39.31 -46.88
N ASN F 164 0.10 -39.23 -47.68
CA ASN F 164 1.18 -40.24 -47.70
C ASN F 164 2.46 -39.48 -47.89
N ILE F 165 3.30 -39.43 -46.86
CA ILE F 165 4.44 -38.49 -46.85
C ILE F 165 5.48 -38.82 -47.89
N LYS F 166 5.69 -37.92 -48.82
CA LYS F 166 6.63 -38.15 -49.87
C LYS F 166 7.99 -37.57 -49.49
N SER F 167 8.03 -36.51 -48.67
CA SER F 167 9.32 -35.91 -48.25
C SER F 167 9.23 -34.93 -47.09
N VAL F 168 10.39 -34.61 -46.49
CA VAL F 168 10.47 -33.75 -45.28
C VAL F 168 11.39 -32.56 -45.50
N THR F 169 10.93 -31.36 -45.19
CA THR F 169 11.74 -30.16 -45.38
C THR F 169 12.37 -29.75 -44.08
N LYS F 170 13.69 -29.78 -44.02
CA LYS F 170 14.36 -29.54 -42.74
C LYS F 170 14.31 -28.09 -42.25
N GLU F 171 14.32 -27.16 -43.17
CA GLU F 171 14.71 -25.77 -42.86
C GLU F 171 13.97 -25.16 -41.67
N PRO F 172 12.67 -25.40 -41.53
CA PRO F 172 11.88 -24.84 -40.42
C PRO F 172 12.27 -25.36 -39.08
N ILE F 173 12.52 -26.66 -39.01
CA ILE F 173 12.94 -27.33 -37.78
C ILE F 173 14.36 -26.91 -37.39
N GLU F 174 15.24 -26.77 -38.37
CA GLU F 174 16.57 -26.27 -38.12
C GLU F 174 16.52 -24.82 -37.65
N ALA F 175 15.90 -23.95 -38.43
CA ALA F 175 15.84 -22.55 -38.12
C ALA F 175 15.39 -22.37 -36.69
N SER F 176 14.47 -23.22 -36.24
CA SER F 176 13.86 -23.08 -34.91
C SER F 176 14.89 -23.38 -33.85
N ILE F 177 15.54 -24.53 -34.02
CA ILE F 177 16.60 -24.97 -33.09
C ILE F 177 17.73 -23.93 -33.07
N LYS F 178 18.25 -23.58 -34.24
CA LYS F 178 19.22 -22.49 -34.35
C LYS F 178 18.79 -21.23 -33.61
N ALA F 179 17.51 -20.88 -33.68
CA ALA F 179 17.02 -19.69 -32.99
C ALA F 179 16.75 -19.93 -31.51
N GLY F 180 16.99 -21.15 -31.05
CA GLY F 180 16.88 -21.43 -29.63
C GLY F 180 15.48 -21.79 -29.15
N ALA F 181 14.62 -22.20 -30.09
CA ALA F 181 13.21 -22.55 -29.80
C ALA F 181 12.95 -24.01 -30.04
N LEU F 182 12.17 -24.65 -29.16
CA LEU F 182 11.71 -26.03 -29.40
C LEU F 182 10.73 -26.02 -30.55
N PRO F 183 10.92 -26.88 -31.55
CA PRO F 183 9.93 -26.96 -32.64
C PRO F 183 8.82 -27.94 -32.33
N ILE F 184 7.58 -27.50 -32.47
CA ILE F 184 6.41 -28.29 -32.10
C ILE F 184 5.61 -28.47 -33.35
N LEU F 185 5.81 -29.63 -33.97
CA LEU F 185 5.23 -29.96 -35.25
C LEU F 185 3.87 -30.62 -35.08
N THR F 186 2.93 -30.26 -35.95
CA THR F 186 1.68 -31.04 -36.14
C THR F 186 1.99 -32.03 -37.24
N SER F 187 1.38 -33.22 -37.16
CA SER F 187 1.58 -34.28 -38.18
C SER F 187 0.56 -34.07 -39.27
N LEU F 188 0.84 -33.10 -40.12
CA LEU F 188 -0.10 -32.58 -41.06
C LEU F 188 0.74 -32.29 -42.27
N ALA F 189 0.48 -33.00 -43.36
CA ALA F 189 1.27 -32.80 -44.58
C ALA F 189 0.53 -31.89 -45.50
N GLU F 190 1.05 -31.73 -46.70
CA GLU F 190 0.35 -30.98 -47.72
C GLU F 190 0.92 -31.17 -49.09
N THR F 191 0.03 -31.34 -50.04
CA THR F 191 0.40 -31.55 -51.42
C THR F 191 1.18 -30.36 -51.93
N ALA F 192 1.87 -30.53 -53.04
CA ALA F 192 2.62 -29.43 -53.60
C ALA F 192 1.64 -28.27 -53.83
N SER F 193 0.48 -28.56 -54.45
CA SER F 193 -0.55 -27.55 -54.77
C SER F 193 -1.16 -26.86 -53.53
N GLY F 194 -1.03 -27.46 -52.35
CA GLY F 194 -1.38 -26.79 -51.12
C GLY F 194 -2.62 -27.27 -50.40
N GLN F 195 -3.12 -28.46 -50.70
CA GLN F 195 -4.21 -29.00 -49.89
C GLN F 195 -3.58 -29.70 -48.72
N MET F 196 -4.08 -29.44 -47.53
CA MET F 196 -3.56 -30.10 -46.36
C MET F 196 -4.17 -31.48 -46.26
N LEU F 197 -3.32 -32.45 -45.98
CA LEU F 197 -3.75 -33.83 -45.83
C LEU F 197 -3.42 -34.36 -44.41
N ASN F 198 -4.36 -35.07 -43.80
CA ASN F 198 -4.16 -35.75 -42.52
C ASN F 198 -3.22 -36.93 -42.72
N VAL F 199 -2.21 -37.07 -41.86
CA VAL F 199 -1.09 -38.03 -42.01
C VAL F 199 -0.79 -38.67 -40.69
N ASN F 200 -0.55 -39.97 -40.70
CA ASN F 200 -0.27 -40.72 -39.50
C ASN F 200 0.94 -40.19 -38.71
N ALA F 201 0.68 -39.79 -37.47
CA ALA F 201 1.71 -39.28 -36.57
C ALA F 201 2.93 -40.21 -36.40
N ASP F 202 2.70 -41.52 -36.33
CA ASP F 202 3.76 -42.46 -36.12
C ASP F 202 4.66 -42.57 -37.35
N VAL F 203 4.08 -42.40 -38.53
CA VAL F 203 4.88 -42.45 -39.76
C VAL F 203 5.63 -41.13 -40.01
N ALA F 204 4.99 -39.99 -39.71
CA ALA F 204 5.66 -38.70 -39.72
C ALA F 204 6.90 -38.74 -38.81
N ALA F 205 6.74 -39.29 -37.62
CA ALA F 205 7.83 -39.35 -36.65
C ALA F 205 8.99 -40.10 -37.26
N GLY F 206 8.71 -41.20 -37.91
CA GLY F 206 9.77 -41.99 -38.53
C GLY F 206 10.50 -41.18 -39.60
N GLU F 207 9.75 -40.43 -40.38
CA GLU F 207 10.33 -39.65 -41.45
C GLU F 207 11.25 -38.59 -40.91
N LEU F 208 10.90 -38.02 -39.76
CA LEU F 208 11.80 -37.08 -39.09
C LEU F 208 13.04 -37.78 -38.55
N ALA F 209 12.85 -38.87 -37.84
CA ALA F 209 13.99 -39.63 -37.32
C ALA F 209 14.99 -39.96 -38.44
N ARG F 210 14.49 -40.40 -39.59
CA ARG F 210 15.35 -40.75 -40.70
C ARG F 210 16.24 -39.59 -41.09
N VAL F 211 15.67 -38.41 -41.18
CA VAL F 211 16.38 -37.27 -41.65
C VAL F 211 17.31 -36.66 -40.59
N PHE F 212 16.87 -36.61 -39.33
CA PHE F 212 17.60 -35.92 -38.27
C PHE F 212 18.56 -36.80 -37.47
N GLU F 213 18.50 -38.10 -37.71
CA GLU F 213 19.28 -39.08 -36.95
C GLU F 213 19.50 -38.72 -35.50
N PRO F 214 18.42 -38.55 -34.75
CA PRO F 214 18.51 -38.19 -33.34
C PRO F 214 18.92 -39.40 -32.48
N LEU F 215 19.37 -39.18 -31.24
CA LEU F 215 19.81 -40.24 -30.37
C LEU F 215 18.64 -40.98 -29.78
N LYS F 216 17.61 -40.27 -29.39
CA LYS F 216 16.46 -40.92 -28.83
C LYS F 216 15.23 -40.71 -29.71
N ILE F 217 14.40 -41.74 -29.83
CA ILE F 217 13.15 -41.61 -30.59
C ILE F 217 12.06 -42.12 -29.72
N VAL F 218 11.33 -41.24 -29.09
CA VAL F 218 10.40 -41.64 -28.07
C VAL F 218 9.02 -41.58 -28.59
N TYR F 219 8.31 -42.69 -28.41
CA TYR F 219 6.95 -42.79 -28.84
C TYR F 219 6.06 -42.85 -27.63
N LEU F 220 5.47 -41.73 -27.25
CA LEU F 220 4.65 -41.74 -26.07
C LEU F 220 3.28 -42.34 -26.31
N ASN F 221 2.96 -43.43 -25.61
CA ASN F 221 1.61 -43.99 -25.70
C ASN F 221 0.90 -44.06 -24.33
N GLU F 222 -0.32 -44.59 -24.33
CA GLU F 222 -1.06 -44.75 -23.08
C GLU F 222 -0.58 -46.04 -22.47
N LYS F 223 -0.71 -47.12 -23.23
CA LYS F 223 -0.37 -48.48 -22.80
C LYS F 223 0.84 -48.54 -21.85
N GLY F 224 1.94 -47.89 -22.23
CA GLY F 224 3.21 -48.11 -21.53
C GLY F 224 3.82 -49.47 -21.96
N GLY F 225 4.75 -49.49 -22.90
CA GLY F 225 5.76 -50.61 -23.01
C GLY F 225 5.16 -51.82 -23.73
N ILE F 226 5.95 -52.87 -23.92
CA ILE F 226 5.50 -54.13 -24.56
C ILE F 226 5.57 -55.23 -23.53
N ILE F 227 4.50 -56.02 -23.45
CA ILE F 227 4.48 -57.17 -22.52
C ILE F 227 4.65 -58.55 -23.20
N ASN F 228 5.62 -59.32 -22.70
CA ASN F 228 5.76 -60.73 -23.06
C ASN F 228 4.47 -61.49 -22.81
N GLY F 229 3.74 -61.81 -23.88
CA GLY F 229 2.43 -62.46 -23.79
C GLY F 229 2.37 -63.85 -23.17
N SER F 230 3.52 -64.51 -22.99
CA SER F 230 3.57 -65.85 -22.37
C SER F 230 3.96 -65.85 -20.87
N THR F 231 4.52 -64.74 -20.37
CA THR F 231 4.82 -64.61 -18.93
C THR F 231 4.44 -63.25 -18.30
N GLY F 232 3.84 -62.34 -19.07
CA GLY F 232 3.44 -61.02 -18.54
C GLY F 232 4.61 -60.13 -18.16
N GLU F 233 5.81 -60.57 -18.49
CA GLU F 233 7.02 -59.84 -18.14
C GLU F 233 7.18 -58.60 -19.02
N LYS F 234 6.94 -57.41 -18.46
CA LYS F 234 7.19 -56.18 -19.21
C LYS F 234 8.61 -56.23 -19.81
N ILE F 235 8.69 -56.24 -21.14
CA ILE F 235 9.98 -56.26 -21.83
C ILE F 235 10.59 -54.87 -21.74
N SER F 236 11.68 -54.71 -20.98
CA SER F 236 12.27 -53.40 -20.81
C SER F 236 13.34 -53.08 -21.84
N MET F 237 13.85 -54.10 -22.51
CA MET F 237 15.00 -53.98 -23.41
C MET F 237 14.94 -54.96 -24.56
N ILE F 238 15.42 -54.53 -25.72
CA ILE F 238 15.62 -55.44 -26.83
C ILE F 238 16.90 -55.02 -27.57
N ASN F 239 17.93 -55.89 -27.60
CA ASN F 239 19.03 -55.72 -28.56
C ASN F 239 18.71 -56.51 -29.81
N LEU F 240 18.34 -55.82 -30.87
CA LEU F 240 17.94 -56.44 -32.10
C LEU F 240 19.00 -57.36 -32.74
N ASP F 241 20.25 -56.93 -32.83
CA ASP F 241 21.26 -57.75 -33.45
C ASP F 241 21.30 -59.11 -32.85
N GLU F 242 21.15 -59.23 -31.54
CA GLU F 242 21.09 -60.56 -30.89
C GLU F 242 19.69 -61.18 -30.89
N GLU F 243 18.69 -60.41 -30.49
CA GLU F 243 17.41 -60.98 -30.09
C GLU F 243 16.35 -61.05 -31.17
N TYR F 244 16.51 -60.28 -32.24
CA TYR F 244 15.40 -60.00 -33.17
C TYR F 244 14.77 -61.23 -33.78
N ASP F 245 15.61 -62.09 -34.34
CA ASP F 245 15.12 -63.24 -35.08
C ASP F 245 14.26 -64.16 -34.26
N ASP F 246 14.70 -64.43 -33.05
CA ASP F 246 14.07 -65.44 -32.23
C ASP F 246 12.86 -64.84 -31.56
N LEU F 247 12.82 -63.52 -31.51
CA LEU F 247 11.68 -62.85 -30.91
C LEU F 247 10.53 -62.87 -31.88
N MET F 248 10.84 -62.72 -33.15
CA MET F 248 9.82 -62.75 -34.17
C MET F 248 9.27 -64.16 -34.36
N LYS F 249 10.09 -65.16 -34.11
CA LYS F 249 9.66 -66.54 -34.16
C LYS F 249 8.68 -66.95 -33.05
N GLN F 250 8.50 -66.12 -32.03
CA GLN F 250 7.68 -66.50 -30.86
C GLN F 250 6.16 -66.67 -31.09
N SER F 251 5.58 -67.68 -30.45
CA SER F 251 4.15 -67.93 -30.47
C SER F 251 3.36 -66.69 -30.13
N TRP F 252 3.74 -66.01 -29.04
CA TRP F 252 2.93 -64.94 -28.47
C TRP F 252 3.01 -63.64 -29.20
N VAL F 253 4.13 -63.36 -29.86
CA VAL F 253 4.27 -62.09 -30.59
C VAL F 253 3.18 -61.94 -31.63
N LYS F 254 2.19 -61.11 -31.32
CA LYS F 254 1.06 -60.85 -32.21
C LYS F 254 1.50 -60.12 -33.44
N TYR F 255 0.64 -60.15 -34.45
CA TYR F 255 0.95 -59.55 -35.75
C TYR F 255 1.22 -58.05 -35.62
N GLY F 256 0.38 -57.35 -34.86
CA GLY F 256 0.62 -55.93 -34.55
C GLY F 256 2.00 -55.62 -33.95
N THR F 257 2.47 -56.52 -33.08
CA THR F 257 3.76 -56.39 -32.43
C THR F 257 4.85 -56.64 -33.46
N LYS F 258 4.78 -57.76 -34.18
CA LYS F 258 5.74 -58.04 -35.25
C LYS F 258 5.93 -56.80 -36.12
N LEU F 259 4.83 -56.21 -36.61
CA LEU F 259 4.91 -55.06 -37.52
C LEU F 259 5.58 -53.83 -36.88
N LYS F 260 5.39 -53.64 -35.57
CA LYS F 260 5.99 -52.52 -34.88
C LYS F 260 7.45 -52.77 -34.72
N ILE F 261 7.81 -53.92 -34.20
CA ILE F 261 9.24 -54.23 -34.00
C ILE F 261 9.97 -54.22 -35.34
N ARG F 262 9.32 -54.66 -36.40
CA ARG F 262 9.97 -54.72 -37.69
C ARG F 262 10.25 -53.32 -38.17
N GLU F 263 9.28 -52.45 -38.01
CA GLU F 263 9.43 -51.11 -38.52
C GLU F 263 10.48 -50.38 -37.70
N ILE F 264 10.66 -50.78 -36.45
CA ILE F 264 11.67 -50.17 -35.60
C ILE F 264 13.05 -50.64 -36.02
N LYS F 265 13.16 -51.90 -36.37
CA LYS F 265 14.42 -52.40 -36.85
C LYS F 265 14.79 -51.63 -38.09
N GLU F 266 13.87 -51.56 -39.02
CA GLU F 266 14.14 -50.91 -40.28
C GLU F 266 14.64 -49.51 -40.05
N LEU F 267 14.08 -48.84 -39.05
CA LEU F 267 14.49 -47.46 -38.73
C LEU F 267 15.92 -47.46 -38.18
N LEU F 268 16.18 -48.30 -37.18
CA LEU F 268 17.46 -48.28 -36.49
C LEU F 268 18.61 -48.79 -37.34
N ASP F 269 18.32 -49.56 -38.37
CA ASP F 269 19.34 -50.02 -39.33
C ASP F 269 19.90 -48.87 -40.15
N TYR F 270 19.14 -47.79 -40.18
CA TYR F 270 19.41 -46.61 -40.98
C TYR F 270 20.32 -45.71 -40.16
N LEU F 271 20.02 -45.64 -38.87
CA LEU F 271 20.62 -44.69 -37.95
C LEU F 271 21.84 -45.28 -37.28
N PRO F 272 22.61 -44.41 -36.64
CA PRO F 272 23.70 -44.76 -35.80
C PRO F 272 23.37 -45.86 -34.78
N ARG F 273 24.44 -46.44 -34.24
CA ARG F 273 24.35 -47.39 -33.15
C ARG F 273 23.95 -46.67 -31.89
N SER F 274 24.34 -45.40 -31.81
CA SER F 274 24.02 -44.59 -30.66
C SER F 274 22.50 -44.44 -30.46
N SER F 275 21.72 -44.59 -31.52
CA SER F 275 20.32 -44.26 -31.44
C SER F 275 19.50 -45.39 -30.91
N SER F 276 18.32 -45.04 -30.41
CA SER F 276 17.40 -45.99 -29.80
C SER F 276 15.97 -45.49 -29.80
N VAL F 277 15.04 -46.45 -29.74
CA VAL F 277 13.64 -46.13 -29.74
C VAL F 277 13.05 -46.54 -28.40
N ALA F 278 12.25 -45.67 -27.78
CA ALA F 278 11.63 -45.98 -26.51
C ALA F 278 10.16 -45.93 -26.74
N ILE F 279 9.47 -46.98 -26.32
CA ILE F 279 8.02 -46.95 -26.24
C ILE F 279 7.64 -46.82 -24.76
N ILE F 280 7.21 -45.65 -24.33
CA ILE F 280 6.82 -45.45 -22.93
C ILE F 280 5.56 -44.68 -22.73
N ASN F 281 5.05 -44.78 -21.50
CA ASN F 281 3.94 -43.99 -21.03
C ASN F 281 4.54 -42.63 -20.69
N VAL F 282 3.71 -41.59 -20.68
CA VAL F 282 4.23 -40.23 -20.44
C VAL F 282 4.95 -40.08 -19.12
N GLN F 283 4.39 -40.61 -18.02
CA GLN F 283 4.96 -40.34 -16.70
C GLN F 283 6.38 -40.83 -16.52
N ASP F 284 6.68 -42.00 -17.04
CA ASP F 284 8.00 -42.55 -16.82
C ASP F 284 8.94 -42.13 -17.96
N LEU F 285 8.73 -40.93 -18.51
CA LEU F 285 9.51 -40.46 -19.66
C LEU F 285 10.89 -39.96 -19.25
N GLN F 286 10.95 -38.98 -18.37
CA GLN F 286 12.24 -38.51 -17.89
C GLN F 286 13.14 -39.67 -17.51
N LYS F 287 12.57 -40.66 -16.82
CA LYS F 287 13.25 -41.91 -16.41
C LYS F 287 13.79 -42.66 -17.62
N GLU F 288 12.91 -43.20 -18.47
CA GLU F 288 13.34 -44.01 -19.62
C GLU F 288 14.33 -43.33 -20.57
N LEU F 289 14.41 -41.99 -20.57
CA LEU F 289 15.37 -41.29 -21.45
C LEU F 289 16.85 -41.38 -21.05
N PHE F 290 17.13 -41.64 -19.77
CA PHE F 290 18.51 -41.82 -19.31
C PHE F 290 18.79 -43.16 -18.59
N THR F 291 17.82 -43.68 -17.83
CA THR F 291 17.95 -45.03 -17.26
C THR F 291 17.57 -46.10 -18.32
N ASP F 292 18.37 -47.15 -18.38
CA ASP F 292 18.22 -48.21 -19.40
C ASP F 292 16.99 -49.10 -19.15
N SER F 293 16.58 -49.18 -17.88
CA SER F 293 15.40 -49.93 -17.48
C SER F 293 14.13 -49.09 -17.70
N GLY F 294 13.94 -48.08 -16.85
CA GLY F 294 12.69 -47.32 -16.82
C GLY F 294 11.52 -48.27 -16.58
N ALA F 295 10.34 -47.91 -17.07
CA ALA F 295 9.16 -48.78 -17.05
C ALA F 295 8.49 -48.81 -18.43
N GLY F 296 9.31 -48.76 -19.48
CA GLY F 296 8.81 -48.99 -20.83
C GLY F 296 9.82 -49.79 -21.57
N THR F 297 9.46 -50.17 -22.78
CA THR F 297 10.35 -50.92 -23.63
C THR F 297 11.30 -50.02 -24.37
N MET F 298 12.56 -50.38 -24.34
CA MET F 298 13.55 -49.71 -25.11
C MET F 298 14.20 -50.67 -26.11
N ILE F 299 14.07 -50.35 -27.38
CA ILE F 299 14.74 -51.11 -28.41
C ILE F 299 15.97 -50.39 -28.97
N ARG F 300 16.99 -51.16 -29.32
CA ARG F 300 18.14 -50.64 -30.02
C ARG F 300 18.92 -51.78 -30.69
N ARG F 301 19.87 -51.43 -31.53
CA ARG F 301 20.50 -52.43 -32.36
C ARG F 301 21.39 -53.32 -31.58
N GLY F 302 22.20 -52.71 -30.74
CA GLY F 302 23.13 -53.49 -29.94
C GLY F 302 24.29 -54.02 -30.75
N TYR F 303 24.92 -55.08 -30.28
CA TYR F 303 25.89 -55.86 -31.04
C TYR F 303 25.57 -57.29 -30.67
N LYS F 304 26.18 -58.19 -31.40
CA LYS F 304 25.88 -59.57 -31.24
C LYS F 304 26.86 -60.17 -30.23
N LEU F 305 26.43 -61.18 -29.49
CA LEU F 305 27.29 -61.89 -28.53
C LEU F 305 27.93 -63.10 -29.18
N VAL F 306 29.16 -63.42 -28.80
CA VAL F 306 29.90 -64.52 -29.38
C VAL F 306 30.29 -65.52 -28.30
N LYS F 307 29.76 -66.74 -28.40
CA LYS F 307 29.97 -67.78 -27.39
C LYS F 307 31.26 -68.45 -27.74
N ARG F 308 32.23 -68.44 -26.84
CA ARG F 308 33.50 -69.13 -27.08
C ARG F 308 33.89 -70.05 -25.94
N SER F 309 34.56 -71.17 -26.24
CA SER F 309 34.92 -72.19 -25.25
C SER F 309 36.41 -72.46 -25.06
N SER F 310 37.24 -71.60 -25.63
CA SER F 310 38.67 -71.71 -25.44
C SER F 310 39.36 -70.41 -25.83
N ILE F 311 40.45 -70.07 -25.15
CA ILE F 311 41.25 -68.88 -25.48
C ILE F 311 41.56 -68.87 -26.97
N GLY F 312 41.68 -70.07 -27.54
CA GLY F 312 41.96 -70.23 -28.97
C GLY F 312 41.04 -69.46 -29.89
N GLU F 313 39.76 -69.42 -29.52
CA GLU F 313 38.71 -68.82 -30.37
C GLU F 313 38.68 -67.29 -30.30
N PHE F 314 39.26 -66.70 -29.26
CA PHE F 314 39.34 -65.25 -29.17
C PHE F 314 40.32 -64.75 -30.23
N PRO F 315 39.93 -63.69 -30.92
CA PRO F 315 40.71 -63.28 -32.07
C PRO F 315 42.03 -62.68 -31.63
N SER F 316 42.02 -62.02 -30.48
CA SER F 316 43.26 -61.55 -29.86
C SER F 316 43.26 -61.97 -28.40
N ALA F 317 44.30 -62.71 -27.99
CA ALA F 317 44.50 -63.09 -26.58
C ALA F 317 44.89 -61.85 -25.80
N ASP F 318 45.68 -60.96 -26.42
CA ASP F 318 45.99 -59.67 -25.82
C ASP F 318 44.75 -58.77 -25.60
N ALA F 319 43.80 -58.80 -26.53
CA ALA F 319 42.52 -58.10 -26.36
C ALA F 319 41.74 -58.61 -25.15
N LEU F 320 41.77 -59.92 -24.92
CA LEU F 320 41.11 -60.52 -23.75
C LEU F 320 41.77 -59.99 -22.50
N ARG F 321 43.09 -59.93 -22.52
CA ARG F 321 43.79 -59.57 -21.32
C ARG F 321 43.44 -58.14 -20.95
N LYS F 322 43.45 -57.25 -21.92
CA LYS F 322 43.11 -55.85 -21.72
C LYS F 322 41.65 -55.78 -21.19
N ALA F 323 40.77 -56.58 -21.77
CA ALA F 323 39.37 -56.67 -21.39
C ALA F 323 39.18 -57.00 -19.91
N LEU F 324 39.94 -57.97 -19.42
CA LEU F 324 39.83 -58.44 -18.02
C LEU F 324 40.47 -57.49 -17.00
N GLN F 325 41.36 -56.60 -17.46
CA GLN F 325 42.12 -55.75 -16.57
C GLN F 325 41.27 -54.68 -15.89
N ARG F 326 40.05 -54.47 -16.37
CA ARG F 326 39.18 -53.41 -15.82
C ARG F 326 38.44 -53.88 -14.57
N ASP F 327 38.56 -55.17 -14.27
CA ASP F 327 37.97 -55.77 -13.08
C ASP F 327 38.35 -55.06 -11.78
N ALA F 328 37.48 -55.11 -10.76
CA ALA F 328 37.72 -54.51 -9.44
C ALA F 328 38.75 -55.30 -8.59
N GLY F 329 38.90 -56.60 -8.88
CA GLY F 329 39.89 -57.46 -8.20
C GLY F 329 41.04 -57.94 -9.08
N ILE F 330 41.28 -57.20 -10.16
CA ILE F 330 42.47 -57.41 -11.00
C ILE F 330 43.19 -56.11 -11.36
N SER F 331 42.45 -55.02 -11.56
CA SER F 331 43.02 -53.69 -11.88
C SER F 331 44.11 -53.28 -10.86
N SER F 332 43.99 -53.75 -9.63
CA SER F 332 45.14 -53.96 -8.75
C SER F 332 44.84 -54.97 -7.62
N GLY F 333 43.88 -55.87 -7.88
CA GLY F 333 43.52 -56.90 -6.90
C GLY F 333 44.53 -58.05 -6.94
N LYS F 334 44.43 -58.95 -5.97
CA LYS F 334 45.44 -60.00 -5.76
C LYS F 334 45.27 -61.24 -6.66
N GLU F 335 44.89 -61.03 -7.92
CA GLU F 335 44.87 -62.07 -8.96
C GLU F 335 45.14 -61.42 -10.32
N SER F 336 46.38 -61.47 -10.81
CA SER F 336 46.73 -60.80 -12.07
C SER F 336 46.05 -61.53 -13.21
N VAL F 337 45.56 -60.75 -14.17
CA VAL F 337 44.92 -61.27 -15.38
C VAL F 337 45.82 -62.30 -16.05
N ALA F 338 47.13 -62.05 -15.99
CA ALA F 338 48.14 -62.98 -16.47
C ALA F 338 47.85 -64.38 -15.95
N SER F 339 47.75 -64.51 -14.64
CA SER F 339 47.61 -65.83 -14.05
C SER F 339 46.20 -66.37 -14.20
N TYR F 340 45.21 -65.49 -14.27
CA TYR F 340 43.85 -65.96 -14.47
C TYR F 340 43.72 -66.65 -15.82
N LEU F 341 44.28 -66.04 -16.85
CA LEU F 341 44.20 -66.63 -18.18
C LEU F 341 44.95 -67.96 -18.27
N ARG F 342 45.98 -68.12 -17.44
CA ARG F 342 46.63 -69.40 -17.34
C ARG F 342 45.60 -70.45 -16.90
N TYR F 343 44.84 -70.18 -15.83
CA TYR F 343 43.77 -71.14 -15.40
C TYR F 343 42.78 -71.45 -16.47
N LEU F 344 42.38 -70.45 -17.24
CA LEU F 344 41.32 -70.65 -18.22
C LEU F 344 41.70 -71.68 -19.24
N GLU F 345 42.91 -71.57 -19.79
CA GLU F 345 43.43 -72.55 -20.77
C GLU F 345 43.20 -74.02 -20.37
N ASN F 346 43.29 -74.30 -19.08
CA ASN F 346 43.01 -75.61 -18.54
C ASN F 346 41.72 -75.63 -17.73
N SER F 347 40.57 -75.50 -18.40
CA SER F 347 39.30 -75.26 -17.73
C SER F 347 38.09 -75.52 -18.64
N ASP F 348 37.06 -76.17 -18.11
CA ASP F 348 35.75 -76.32 -18.77
C ASP F 348 35.03 -74.98 -18.61
N PHE F 349 34.97 -74.19 -19.67
CA PHE F 349 34.28 -72.91 -19.61
C PHE F 349 33.56 -72.47 -20.90
N VAL F 350 32.58 -71.59 -20.71
CA VAL F 350 31.83 -70.98 -21.78
C VAL F 350 31.98 -69.48 -21.56
N SER F 351 32.27 -68.75 -22.61
CA SER F 351 32.45 -67.29 -22.50
C SER F 351 31.41 -66.64 -23.40
N TYR F 352 30.99 -65.41 -23.10
CA TYR F 352 30.13 -64.64 -24.00
C TYR F 352 30.57 -63.22 -24.06
N ALA F 353 30.76 -62.71 -25.28
CA ALA F 353 31.24 -61.36 -25.43
C ALA F 353 30.72 -60.73 -26.65
N ASP F 354 30.36 -59.46 -26.55
CA ASP F 354 29.98 -58.71 -27.72
C ASP F 354 31.17 -58.57 -28.64
N GLU F 355 30.92 -58.08 -29.83
CA GLU F 355 31.96 -58.02 -30.82
C GLU F 355 33.16 -57.18 -30.38
N PRO F 356 32.89 -56.03 -29.77
CA PRO F 356 34.01 -55.19 -29.32
C PRO F 356 34.64 -55.59 -27.97
N LEU F 357 34.20 -56.69 -27.37
CA LEU F 357 34.70 -57.15 -26.03
C LEU F 357 34.58 -56.05 -24.96
N GLU F 358 33.49 -55.33 -25.05
CA GLU F 358 33.24 -54.30 -24.13
C GLU F 358 32.65 -54.94 -22.88
N ALA F 359 32.02 -56.11 -23.05
CA ALA F 359 31.55 -56.97 -21.95
C ALA F 359 31.97 -58.43 -22.22
N VAL F 360 32.54 -59.06 -21.21
CA VAL F 360 32.96 -60.47 -21.29
C VAL F 360 32.49 -61.21 -20.06
N ALA F 361 31.66 -62.22 -20.26
CA ALA F 361 31.22 -63.06 -19.17
C ALA F 361 31.85 -64.43 -19.36
N ILE F 362 32.23 -65.06 -18.25
CA ILE F 362 32.88 -66.34 -18.28
C ILE F 362 32.22 -67.24 -17.25
N VAL F 363 31.59 -68.31 -17.73
CA VAL F 363 30.88 -69.22 -16.87
C VAL F 363 31.73 -70.49 -16.68
N LYS F 364 32.21 -70.76 -15.45
CA LYS F 364 32.99 -71.97 -15.15
C LYS F 364 32.00 -73.05 -14.79
N LYS F 365 32.07 -74.14 -15.54
CA LYS F 365 30.94 -75.06 -15.63
C LYS F 365 30.99 -76.24 -14.64
N ASP F 366 32.17 -76.51 -14.08
CA ASP F 366 32.28 -77.45 -12.96
C ASP F 366 31.41 -76.98 -11.78
N THR F 367 31.17 -77.87 -10.80
CA THR F 367 30.28 -77.61 -9.66
C THR F 367 28.84 -77.25 -10.04
N ASN F 368 27.90 -78.16 -9.76
CA ASN F 368 26.48 -77.90 -10.04
C ASN F 368 26.15 -76.56 -9.42
N VAL F 369 25.34 -75.80 -10.15
CA VAL F 369 25.31 -74.32 -10.08
C VAL F 369 26.64 -73.77 -10.59
N PRO F 370 26.70 -73.56 -11.90
CA PRO F 370 27.89 -73.01 -12.49
C PRO F 370 28.12 -71.63 -11.99
N THR F 371 29.38 -71.23 -12.00
CA THR F 371 29.78 -69.92 -11.53
C THR F 371 30.05 -69.00 -12.69
N LEU F 372 29.47 -67.80 -12.65
CA LEU F 372 29.86 -66.69 -13.51
C LEU F 372 31.11 -66.21 -12.84
N ASP F 373 32.24 -66.61 -13.39
CA ASP F 373 33.52 -66.46 -12.72
C ASP F 373 34.07 -65.06 -12.91
N LYS F 374 33.91 -64.55 -14.14
CA LYS F 374 34.24 -63.18 -14.45
C LYS F 374 33.04 -62.60 -15.20
N PHE F 375 32.86 -61.29 -15.03
CA PHE F 375 31.84 -60.52 -15.76
C PHE F 375 32.41 -59.12 -15.83
N VAL F 376 33.11 -58.79 -16.90
CA VAL F 376 33.97 -57.64 -16.90
C VAL F 376 33.51 -56.76 -18.03
N CYS F 377 32.78 -55.73 -17.68
CA CYS F 377 32.17 -54.83 -18.67
C CYS F 377 32.60 -53.40 -18.39
N SER F 378 33.02 -52.69 -19.43
CA SER F 378 33.42 -51.31 -19.28
C SER F 378 32.22 -50.41 -18.99
N ASP F 379 32.49 -49.19 -18.56
CA ASP F 379 31.41 -48.31 -18.15
C ASP F 379 30.52 -48.05 -19.34
N ALA F 380 31.12 -47.79 -20.48
CA ALA F 380 30.37 -47.64 -21.69
C ALA F 380 29.31 -48.73 -21.77
N ALA F 381 29.76 -49.96 -21.53
CA ALA F 381 28.89 -51.10 -21.61
C ALA F 381 27.74 -51.04 -20.58
N TRP F 382 28.04 -50.68 -19.33
CA TRP F 382 26.99 -50.52 -18.30
C TRP F 382 25.91 -49.57 -18.66
N LEU F 383 26.30 -48.43 -19.18
CA LEU F 383 25.32 -47.42 -19.55
C LEU F 383 24.42 -47.85 -20.72
N ASN F 384 24.95 -48.63 -21.68
CA ASN F 384 24.14 -49.08 -22.84
C ASN F 384 23.48 -50.42 -22.68
N ASN F 385 23.24 -50.75 -21.43
CA ASN F 385 22.89 -52.10 -21.03
C ASN F 385 23.27 -53.23 -22.02
N VAL F 386 24.57 -53.36 -22.26
CA VAL F 386 25.07 -54.57 -22.87
C VAL F 386 25.09 -55.60 -21.77
N THR F 387 25.25 -55.13 -20.54
CA THR F 387 25.23 -56.04 -19.41
C THR F 387 23.91 -56.76 -19.35
N ASP F 388 22.81 -56.08 -19.67
CA ASP F 388 21.51 -56.77 -19.68
C ASP F 388 21.50 -57.80 -20.82
N ASN F 389 22.06 -57.46 -21.97
CA ASN F 389 22.14 -58.41 -23.08
C ASN F 389 22.71 -59.68 -22.60
N VAL F 390 23.88 -59.53 -21.99
CA VAL F 390 24.71 -60.66 -21.67
C VAL F 390 24.02 -61.50 -20.60
N PHE F 391 23.40 -60.86 -19.63
CA PHE F 391 22.60 -61.65 -18.70
C PHE F 391 21.39 -62.36 -19.32
N ASN F 392 20.75 -61.76 -20.29
CA ASN F 392 19.66 -62.43 -20.94
C ASN F 392 20.12 -63.73 -21.57
N VAL F 393 21.27 -63.69 -22.24
CA VAL F 393 21.81 -64.87 -22.95
C VAL F 393 22.16 -65.91 -21.87
N LEU F 394 22.90 -65.48 -20.84
CA LEU F 394 23.21 -66.31 -19.68
C LEU F 394 22.01 -66.97 -19.07
N ARG F 395 20.93 -66.23 -18.96
CA ARG F 395 19.78 -66.76 -18.27
C ARG F 395 19.10 -67.87 -19.08
N ARG F 396 19.23 -67.81 -20.40
CA ARG F 396 18.68 -68.83 -21.25
C ARG F 396 19.60 -70.06 -21.29
N ASP F 397 20.90 -69.85 -21.38
CA ASP F 397 21.84 -70.95 -21.48
C ASP F 397 22.21 -71.58 -20.14
N PHE F 398 21.88 -70.92 -19.05
CA PHE F 398 22.18 -71.42 -17.72
C PHE F 398 21.03 -71.11 -16.83
N PRO F 399 20.13 -72.06 -16.69
CA PRO F 399 18.97 -71.84 -15.89
C PRO F 399 19.25 -71.67 -14.39
N ALA F 400 20.36 -72.21 -13.89
CA ALA F 400 20.80 -71.87 -12.53
C ALA F 400 22.24 -71.45 -12.61
N LEU F 401 22.53 -70.39 -11.86
CA LEU F 401 23.80 -69.72 -11.92
C LEU F 401 24.06 -69.05 -10.57
N GLN F 402 25.31 -69.08 -10.13
CA GLN F 402 25.75 -68.32 -8.96
C GLN F 402 26.89 -67.37 -9.33
N TRP F 403 27.00 -66.26 -8.59
CA TRP F 403 28.12 -65.34 -8.80
C TRP F 403 28.38 -64.49 -7.58
N VAL F 404 29.57 -63.90 -7.51
CA VAL F 404 29.99 -63.09 -6.37
C VAL F 404 30.53 -61.71 -6.70
N VAL F 405 29.94 -60.69 -6.11
CA VAL F 405 30.30 -59.31 -6.40
C VAL F 405 30.79 -58.68 -5.11
N SER F 406 31.69 -57.70 -5.23
CA SER F 406 32.20 -56.98 -4.07
C SER F 406 31.08 -56.19 -3.40
N GLU F 407 31.12 -56.12 -2.07
CA GLU F 407 30.05 -55.50 -1.29
C GLU F 407 29.74 -54.10 -1.78
N ASN F 408 30.77 -53.39 -2.20
CA ASN F 408 30.57 -52.03 -2.70
C ASN F 408 31.07 -51.89 -4.12
N ASP F 409 30.55 -52.74 -4.97
CA ASP F 409 30.71 -52.61 -6.42
C ASP F 409 29.76 -51.51 -6.81
N ALA F 410 30.18 -50.76 -7.82
CA ALA F 410 29.43 -49.60 -8.30
C ALA F 410 27.97 -49.92 -8.55
N ASN F 411 27.70 -51.04 -9.20
CA ASN F 411 26.31 -51.39 -9.53
C ASN F 411 25.90 -52.70 -8.86
N ILE F 412 26.15 -52.78 -7.56
CA ILE F 412 25.72 -53.92 -6.76
C ILE F 412 24.21 -54.02 -6.86
N ALA F 413 23.52 -52.88 -6.90
CA ALA F 413 22.04 -52.82 -6.94
C ALA F 413 21.48 -53.55 -8.15
N TRP F 414 22.27 -53.54 -9.23
CA TRP F 414 21.85 -54.18 -10.48
C TRP F 414 21.88 -55.68 -10.39
N HIS F 415 22.99 -56.20 -9.86
CA HIS F 415 23.12 -57.61 -9.57
C HIS F 415 22.02 -58.10 -8.67
N PHE F 416 21.65 -57.34 -7.64
CA PHE F 416 20.56 -57.73 -6.77
C PHE F 416 19.26 -57.93 -7.58
N ASP F 417 19.01 -57.05 -8.53
CA ASP F 417 17.79 -57.12 -9.28
C ASP F 417 17.75 -58.34 -10.17
N LYS F 418 18.91 -58.78 -10.62
CA LYS F 418 19.00 -59.95 -11.47
C LYS F 418 19.00 -61.26 -10.67
N SER F 419 19.20 -61.20 -9.36
CA SER F 419 19.28 -62.43 -8.56
C SER F 419 17.92 -62.89 -8.05
N GLN F 420 17.89 -64.14 -7.52
CA GLN F 420 16.76 -64.62 -6.73
C GLN F 420 17.14 -64.69 -5.26
N GLY F 421 18.43 -64.65 -4.97
CA GLY F 421 18.89 -64.67 -3.59
C GLY F 421 20.29 -64.11 -3.42
N SER F 422 20.57 -63.62 -2.20
CA SER F 422 21.83 -62.95 -1.86
C SER F 422 22.33 -63.31 -0.47
N TYR F 423 23.65 -63.42 -0.30
CA TYR F 423 24.26 -63.58 1.02
C TYR F 423 25.50 -62.76 1.13
N LEU F 424 25.59 -61.97 2.18
CA LEU F 424 26.73 -61.11 2.37
C LEU F 424 27.65 -61.76 3.36
N LYS F 425 28.94 -61.75 3.06
CA LYS F 425 29.97 -62.08 4.04
C LYS F 425 31.34 -61.57 3.60
N GLY F 426 32.14 -61.08 4.54
CA GLY F 426 33.51 -60.62 4.30
C GLY F 426 33.65 -59.65 3.16
N GLY F 427 32.72 -58.70 3.10
CA GLY F 427 32.71 -57.71 2.03
C GLY F 427 32.47 -58.25 0.63
N LYS F 428 31.83 -59.42 0.53
CA LYS F 428 31.45 -59.95 -0.77
C LYS F 428 30.03 -60.45 -0.70
N VAL F 429 29.34 -60.39 -1.83
CA VAL F 429 27.98 -60.84 -1.88
C VAL F 429 27.84 -61.99 -2.83
N LEU F 430 27.32 -63.10 -2.31
CA LEU F 430 26.96 -64.26 -3.13
C LEU F 430 25.58 -64.01 -3.71
N PHE F 431 25.45 -64.16 -5.01
CA PHE F 431 24.21 -64.05 -5.72
C PHE F 431 23.93 -65.35 -6.48
N TRP F 432 22.65 -65.71 -6.57
CA TRP F 432 22.24 -66.80 -7.45
C TRP F 432 20.88 -66.62 -7.98
N TYR F 433 20.60 -67.37 -9.06
CA TYR F 433 19.26 -67.45 -9.59
C TYR F 433 18.90 -68.83 -10.01
N GLY F 434 17.61 -69.10 -9.93
CA GLY F 434 17.05 -70.31 -10.46
C GLY F 434 17.29 -71.56 -9.66
N ILE F 435 17.80 -71.44 -8.44
CA ILE F 435 17.90 -72.65 -7.60
C ILE F 435 17.13 -72.49 -6.33
N ASP F 436 15.82 -72.66 -6.46
CA ASP F 436 14.91 -72.61 -5.31
C ASP F 436 14.72 -74.00 -4.64
N ASP F 437 15.72 -74.89 -4.75
CA ASP F 437 15.83 -76.05 -3.88
C ASP F 437 16.53 -75.63 -2.57
N ILE F 438 15.72 -75.46 -1.53
CA ILE F 438 16.19 -75.06 -0.19
C ILE F 438 17.58 -75.61 0.17
N ASN F 439 17.87 -76.81 -0.34
CA ASN F 439 19.02 -77.61 0.09
C ASN F 439 20.30 -77.24 -0.62
N THR F 440 20.25 -77.19 -1.94
CA THR F 440 21.41 -76.77 -2.73
C THR F 440 21.78 -75.30 -2.47
N ILE F 441 20.87 -74.54 -1.86
CA ILE F 441 21.19 -73.20 -1.37
C ILE F 441 22.17 -73.26 -0.19
N SER F 442 21.87 -74.10 0.79
CA SER F 442 22.80 -74.34 1.88
C SER F 442 24.18 -74.68 1.32
N GLU F 443 24.24 -75.67 0.44
CA GLU F 443 25.51 -76.10 -0.17
C GLU F 443 26.22 -74.85 -0.69
N LEU F 444 25.50 -74.12 -1.53
CA LEU F 444 26.02 -72.92 -2.13
C LEU F 444 26.65 -71.94 -1.12
N VAL F 445 25.88 -71.58 -0.09
CA VAL F 445 26.30 -70.59 0.91
C VAL F 445 27.51 -71.13 1.66
N GLU F 446 27.47 -72.42 1.94
CA GLU F 446 28.46 -73.00 2.84
C GLU F 446 29.81 -72.91 2.15
N ASN F 447 29.83 -73.24 0.86
CA ASN F 447 31.06 -73.25 0.10
C ASN F 447 31.63 -71.86 0.02
N PHE F 448 30.73 -70.90 -0.13
CA PHE F 448 31.09 -69.49 -0.25
C PHE F 448 31.73 -68.97 1.04
N VAL F 449 31.18 -69.38 2.18
CA VAL F 449 31.70 -68.99 3.48
C VAL F 449 33.03 -69.71 3.65
N LYS F 450 33.04 -71.00 3.33
CA LYS F 450 34.24 -71.84 3.38
C LYS F 450 35.47 -71.17 2.72
N SER F 451 35.21 -70.45 1.64
CA SER F 451 36.26 -69.78 0.91
C SER F 451 36.41 -68.27 1.26
N CYS F 452 36.47 -67.97 2.56
CA CYS F 452 37.07 -66.75 3.07
C CYS F 452 38.11 -67.37 4.04
N ASP F 453 38.83 -68.38 3.53
CA ASP F 453 39.76 -69.21 4.27
C ASP F 453 41.17 -68.59 4.29
N THR G 18 19.27 -25.89 -15.79
CA THR G 18 20.48 -25.22 -16.45
C THR G 18 21.87 -25.92 -16.30
N ARG G 19 22.48 -26.21 -17.46
CA ARG G 19 23.53 -27.22 -17.58
C ARG G 19 24.71 -27.10 -16.59
N SER G 20 25.23 -25.88 -16.48
CA SER G 20 26.40 -25.57 -15.69
C SER G 20 26.20 -26.09 -14.29
N THR G 21 25.15 -25.59 -13.64
CA THR G 21 24.81 -25.92 -12.25
C THR G 21 24.56 -27.40 -11.99
N VAL G 22 23.66 -27.99 -12.79
CA VAL G 22 23.25 -29.39 -12.70
C VAL G 22 24.48 -30.31 -12.68
N ILE G 23 25.42 -30.06 -13.60
CA ILE G 23 26.68 -30.80 -13.68
C ILE G 23 27.41 -30.74 -12.35
N GLN G 24 27.59 -29.51 -11.83
CA GLN G 24 28.31 -29.32 -10.56
C GLN G 24 27.52 -29.80 -9.34
N LEU G 25 26.19 -29.82 -9.44
CA LEU G 25 25.39 -30.45 -8.39
C LEU G 25 25.80 -31.89 -8.41
N LEU G 26 25.57 -32.55 -9.55
CA LEU G 26 25.70 -34.01 -9.67
C LEU G 26 27.09 -34.54 -9.34
N ASN G 27 28.12 -33.76 -9.60
CA ASN G 27 29.45 -34.12 -9.15
C ASN G 27 29.45 -34.46 -7.63
N ASN G 28 28.53 -33.87 -6.85
CA ASN G 28 28.06 -34.42 -5.49
C ASN G 28 27.44 -35.84 -5.57
N ILE G 29 28.21 -36.85 -5.17
CA ILE G 29 27.71 -38.24 -5.17
C ILE G 29 27.82 -38.90 -3.79
N SER G 30 26.82 -39.73 -3.45
CA SER G 30 26.71 -40.39 -2.13
C SER G 30 25.95 -41.73 -2.23
N THR G 31 25.60 -42.39 -1.11
CA THR G 31 24.52 -43.41 -1.12
C THR G 31 23.40 -42.45 -1.34
N LYS G 32 23.31 -42.02 -2.58
CA LYS G 32 22.94 -40.66 -2.78
C LYS G 32 21.45 -40.50 -2.57
N ARG G 33 20.68 -41.59 -2.54
CA ARG G 33 19.24 -41.43 -2.49
C ARG G 33 18.81 -40.63 -1.25
N GLU G 34 19.61 -40.69 -0.19
CA GLU G 34 19.38 -39.85 1.00
C GLU G 34 19.68 -38.39 0.63
N VAL G 35 20.89 -38.18 0.12
CA VAL G 35 21.31 -36.84 -0.31
C VAL G 35 20.29 -36.20 -1.25
N GLU G 36 19.80 -36.97 -2.21
CA GLU G 36 18.87 -36.44 -3.22
C GLU G 36 17.54 -36.08 -2.59
N GLN G 37 17.10 -36.86 -1.61
CA GLN G 37 15.85 -36.56 -0.93
C GLN G 37 16.03 -35.28 -0.12
N TYR G 38 17.13 -35.18 0.63
CA TYR G 38 17.40 -33.95 1.40
C TYR G 38 17.34 -32.73 0.45
N LEU G 39 18.05 -32.83 -0.68
CA LEU G 39 18.11 -31.74 -1.65
C LEU G 39 16.70 -31.35 -2.15
N LYS G 40 15.82 -32.33 -2.28
CA LYS G 40 14.47 -32.09 -2.75
C LYS G 40 13.62 -31.32 -1.76
N TYR G 41 13.86 -31.57 -0.48
CA TYR G 41 13.11 -30.92 0.58
C TYR G 41 13.60 -29.49 0.78
N PHE G 42 14.88 -29.24 0.53
CA PHE G 42 15.41 -27.88 0.63
C PHE G 42 15.04 -27.06 -0.58
N THR G 43 14.90 -27.71 -1.74
CA THR G 43 14.47 -27.02 -2.99
C THR G 43 12.98 -27.37 -3.28
N SER G 44 12.20 -27.65 -2.22
CA SER G 44 10.76 -27.44 -2.22
C SER G 44 10.11 -27.24 -0.82
N VAL G 45 10.65 -26.32 -0.01
CA VAL G 45 10.01 -25.92 1.25
C VAL G 45 10.53 -24.59 1.80
N SER G 46 11.72 -24.21 1.32
CA SER G 46 12.59 -23.18 1.94
C SER G 46 13.94 -22.79 1.20
N GLN G 47 13.92 -21.76 0.34
CA GLN G 47 15.11 -21.08 -0.26
C GLN G 47 15.52 -19.82 0.58
N GLN G 48 15.49 -19.92 1.91
CA GLN G 48 15.75 -18.79 2.85
C GLN G 48 15.86 -19.37 4.27
N GLN G 49 14.78 -20.05 4.62
CA GLN G 49 14.75 -21.06 5.66
C GLN G 49 15.71 -22.19 5.29
N PHE G 50 16.69 -21.95 4.40
CA PHE G 50 17.64 -23.01 4.09
C PHE G 50 18.68 -23.23 5.16
N ALA G 51 19.49 -22.22 5.43
CA ALA G 51 20.51 -22.34 6.46
C ALA G 51 21.01 -21.03 6.96
N VAL G 52 21.43 -21.04 8.22
CA VAL G 52 22.28 -19.99 8.81
C VAL G 52 23.68 -20.59 8.98
N ILE G 53 24.71 -19.91 8.42
CA ILE G 53 26.11 -20.38 8.49
C ILE G 53 26.93 -19.36 9.27
N LYS G 54 27.38 -19.72 10.47
CA LYS G 54 28.27 -18.87 11.26
C LYS G 54 29.68 -19.17 10.84
N VAL G 55 30.37 -18.14 10.35
CA VAL G 55 31.74 -18.25 9.90
C VAL G 55 32.66 -17.54 10.91
N GLY G 56 33.62 -18.27 11.45
CA GLY G 56 34.67 -17.68 12.25
C GLY G 56 35.49 -16.74 11.40
N GLY G 57 35.95 -15.63 11.96
CA GLY G 57 36.69 -14.60 11.19
C GLY G 57 37.93 -15.21 10.62
N ALA G 58 38.53 -16.11 11.41
CA ALA G 58 39.74 -16.81 11.03
C ALA G 58 39.68 -17.36 9.57
N ILE G 59 38.48 -17.74 9.15
CA ILE G 59 38.22 -18.43 7.90
C ILE G 59 38.20 -17.46 6.73
N ILE G 60 37.71 -16.25 6.96
CA ILE G 60 37.69 -15.26 5.91
C ILE G 60 39.13 -14.81 5.56
N SER G 61 40.03 -14.87 6.54
CA SER G 61 41.42 -14.55 6.29
C SER G 61 42.13 -15.70 5.58
N ASP G 62 41.89 -16.92 6.04
CA ASP G 62 42.74 -18.09 5.68
C ASP G 62 42.14 -19.07 4.70
N ASN G 63 40.87 -18.90 4.35
CA ASN G 63 40.18 -19.81 3.43
C ASN G 63 39.11 -19.16 2.61
N LEU G 64 39.35 -17.94 2.17
CA LEU G 64 38.33 -17.21 1.48
C LEU G 64 37.85 -17.98 0.28
N HIS G 65 38.77 -18.63 -0.45
CA HIS G 65 38.39 -19.35 -1.70
C HIS G 65 37.55 -20.53 -1.35
N GLU G 66 38.08 -21.40 -0.49
CA GLU G 66 37.39 -22.60 -0.03
C GLU G 66 35.95 -22.23 0.32
N LEU G 67 35.82 -21.21 1.18
CA LEU G 67 34.52 -20.77 1.67
C LEU G 67 33.64 -20.20 0.56
N ALA G 68 34.18 -19.26 -0.19
CA ALA G 68 33.42 -18.56 -1.23
C ALA G 68 32.95 -19.52 -2.32
N SER G 69 33.83 -20.40 -2.78
CA SER G 69 33.47 -21.34 -3.84
C SER G 69 32.33 -22.23 -3.34
N CYS G 70 32.41 -22.60 -2.08
CA CYS G 70 31.45 -23.47 -1.48
C CYS G 70 30.07 -22.80 -1.32
N LEU G 71 30.05 -21.55 -0.86
CA LEU G 71 28.80 -20.79 -0.83
C LEU G 71 28.25 -20.63 -2.26
N ALA G 72 29.16 -20.36 -3.19
CA ALA G 72 28.84 -20.19 -4.58
C ALA G 72 28.09 -21.38 -5.13
N PHE G 73 28.52 -22.57 -4.73
CA PHE G 73 27.86 -23.79 -5.16
C PHE G 73 26.40 -23.81 -4.68
N LEU G 74 26.20 -23.46 -3.42
CA LEU G 74 24.87 -23.42 -2.84
C LEU G 74 24.02 -22.40 -3.63
N TYR G 75 24.61 -21.25 -3.88
CA TYR G 75 23.93 -20.22 -4.64
C TYR G 75 23.51 -20.73 -6.00
N HIS G 76 24.37 -21.53 -6.60
CA HIS G 76 24.11 -22.01 -7.95
C HIS G 76 22.99 -23.01 -8.00
N VAL G 77 22.98 -23.96 -7.08
CA VAL G 77 21.88 -24.94 -7.01
C VAL G 77 20.59 -24.31 -6.46
N GLY G 78 20.53 -22.99 -6.32
CA GLY G 78 19.32 -22.30 -5.87
C GLY G 78 19.07 -22.19 -4.36
N LEU G 79 20.06 -22.51 -3.53
CA LEU G 79 19.93 -22.36 -2.06
C LEU G 79 20.56 -21.04 -1.57
N TYR G 80 19.99 -20.45 -0.51
CA TYR G 80 20.37 -19.07 -0.10
C TYR G 80 20.69 -19.01 1.38
N PRO G 81 21.93 -19.32 1.71
CA PRO G 81 22.29 -19.36 3.10
C PRO G 81 22.39 -17.94 3.64
N ILE G 82 21.94 -17.72 4.87
CA ILE G 82 22.22 -16.49 5.66
C ILE G 82 23.61 -16.66 6.27
N VAL G 83 24.52 -15.79 5.95
CA VAL G 83 25.90 -15.96 6.37
C VAL G 83 26.26 -14.87 7.34
N LEU G 84 26.81 -15.26 8.49
CA LEU G 84 27.03 -14.38 9.64
C LEU G 84 28.44 -14.64 10.07
N HIS G 85 29.27 -13.62 10.08
CA HIS G 85 30.68 -13.82 10.44
C HIS G 85 31.20 -12.97 11.57
N GLY G 86 32.22 -13.48 12.26
CA GLY G 86 32.96 -12.70 13.21
C GLY G 86 34.20 -12.05 12.61
N THR G 87 35.09 -11.65 13.51
CA THR G 87 36.38 -11.04 13.18
C THR G 87 37.16 -11.11 14.46
N GLY G 88 37.73 -12.27 14.74
CA GLY G 88 38.46 -12.45 15.98
C GLY G 88 39.95 -12.10 15.86
N PRO G 89 40.72 -12.97 15.19
CA PRO G 89 42.18 -12.89 15.08
C PRO G 89 42.73 -11.55 14.58
N GLN G 90 42.13 -11.11 13.50
CA GLN G 90 42.52 -9.90 12.82
C GLN G 90 42.63 -8.73 13.82
N VAL G 91 41.63 -8.63 14.68
CA VAL G 91 41.46 -7.48 15.58
C VAL G 91 42.52 -7.36 16.64
N ASN G 92 42.85 -8.46 17.31
CA ASN G 92 43.93 -8.40 18.32
C ASN G 92 45.26 -7.94 17.73
N GLY G 93 45.55 -8.40 16.51
CA GLY G 93 46.79 -8.01 15.83
C GLY G 93 46.87 -6.52 15.59
N ARG G 94 45.72 -5.93 15.23
CA ARG G 94 45.66 -4.50 15.03
C ARG G 94 45.80 -3.73 16.34
N LEU G 95 45.05 -4.13 17.36
CA LEU G 95 45.11 -3.43 18.64
C LEU G 95 46.55 -3.40 19.18
N GLU G 96 47.30 -4.47 18.96
CA GLU G 96 48.71 -4.54 19.34
C GLU G 96 49.48 -3.55 18.52
N ALA G 97 49.26 -3.61 17.21
CA ALA G 97 49.87 -2.67 16.28
C ALA G 97 49.66 -1.18 16.63
N GLN G 98 48.58 -0.88 17.35
CA GLN G 98 48.28 0.48 17.83
C GLN G 98 48.58 0.64 19.31
N GLY G 99 49.16 -0.39 19.92
CA GLY G 99 49.57 -0.31 21.33
C GLY G 99 48.41 -0.24 22.32
N ILE G 100 47.35 -1.00 22.03
CA ILE G 100 46.21 -1.18 22.92
C ILE G 100 46.27 -2.63 23.38
N GLU G 101 46.17 -2.87 24.69
CA GLU G 101 46.21 -4.25 25.17
C GLU G 101 44.85 -4.88 24.98
N PRO G 102 44.78 -6.00 24.24
CA PRO G 102 43.48 -6.65 24.14
C PRO G 102 43.07 -7.06 25.54
N ASP G 103 41.78 -7.00 25.82
CA ASP G 103 41.31 -7.04 27.21
C ASP G 103 40.01 -7.81 27.39
N TYR G 104 40.05 -8.83 28.24
CA TYR G 104 38.90 -9.71 28.44
C TYR G 104 38.64 -9.89 29.92
N ILE G 105 37.36 -9.92 30.31
CA ILE G 105 36.94 -10.60 31.55
C ILE G 105 35.86 -11.59 31.16
N ASP G 106 35.89 -12.76 31.79
CA ASP G 106 34.81 -13.73 31.70
C ASP G 106 34.66 -14.25 30.27
N GLY G 107 35.76 -14.29 29.55
CA GLY G 107 35.71 -14.69 28.15
C GLY G 107 35.05 -13.69 27.18
N ILE G 108 34.72 -12.49 27.67
CA ILE G 108 34.11 -11.42 26.88
C ILE G 108 35.15 -10.33 26.66
N ARG G 109 35.15 -9.71 25.47
CA ARG G 109 36.08 -8.62 25.18
C ARG G 109 35.58 -7.31 25.76
N ILE G 110 36.36 -6.71 26.65
CA ILE G 110 36.03 -5.37 27.14
C ILE G 110 36.23 -4.42 25.99
N THR G 111 35.13 -4.03 25.37
CA THR G 111 35.19 -3.23 24.16
C THR G 111 34.98 -1.76 24.51
N ASP G 112 36.06 -1.05 24.79
CA ASP G 112 35.95 0.37 25.12
C ASP G 112 35.78 1.14 23.83
N GLU G 113 35.77 2.46 23.96
CA GLU G 113 35.49 3.35 22.84
C GLU G 113 36.49 3.17 21.67
N HIS G 114 37.80 3.16 21.98
CA HIS G 114 38.83 3.03 20.95
C HIS G 114 38.86 1.66 20.35
N THR G 115 38.74 0.64 21.20
CA THR G 115 38.74 -0.73 20.73
C THR G 115 37.58 -1.00 19.77
N MET G 116 36.45 -0.36 19.99
CA MET G 116 35.29 -0.54 19.10
C MET G 116 35.63 -0.05 17.72
N ALA G 117 36.33 1.07 17.66
CA ALA G 117 36.76 1.63 16.38
C ALA G 117 37.62 0.61 15.58
N VAL G 118 38.52 -0.11 16.22
CA VAL G 118 39.28 -1.16 15.50
C VAL G 118 38.39 -2.30 15.10
N VAL G 119 37.54 -2.74 16.02
CA VAL G 119 36.61 -3.83 15.76
C VAL G 119 35.70 -3.49 14.57
N ARG G 120 35.21 -2.25 14.52
CA ARG G 120 34.23 -1.88 13.49
C ARG G 120 34.88 -1.90 12.14
N LYS G 121 36.05 -1.33 12.07
CA LYS G 121 36.86 -1.29 10.83
C LYS G 121 37.14 -2.71 10.34
N CYS G 122 37.52 -3.60 11.25
CA CYS G 122 37.80 -4.98 10.87
C CYS G 122 36.55 -5.72 10.41
N PHE G 123 35.44 -5.54 11.09
CA PHE G 123 34.20 -6.11 10.63
C PHE G 123 33.88 -5.69 9.20
N LEU G 124 33.93 -4.41 8.94
CA LEU G 124 33.52 -3.93 7.65
C LEU G 124 34.44 -4.45 6.55
N GLU G 125 35.74 -4.55 6.83
CA GLU G 125 36.71 -5.01 5.82
C GLU G 125 36.47 -6.46 5.52
N GLN G 126 36.54 -7.28 6.56
CA GLN G 126 36.29 -8.72 6.49
C GLN G 126 35.02 -8.97 5.69
N ASN G 127 34.00 -8.14 5.93
CA ASN G 127 32.68 -8.30 5.30
C ASN G 127 32.66 -8.02 3.80
N LEU G 128 33.27 -6.93 3.37
CA LEU G 128 33.44 -6.72 1.93
C LEU G 128 34.29 -7.80 1.30
N LYS G 129 35.35 -8.21 2.00
CA LYS G 129 36.30 -9.15 1.45
C LYS G 129 35.50 -10.35 0.97
N LEU G 130 34.59 -10.82 1.81
CA LEU G 130 33.77 -11.98 1.49
C LEU G 130 32.76 -11.66 0.39
N VAL G 131 32.09 -10.52 0.48
CA VAL G 131 31.12 -10.16 -0.56
C VAL G 131 31.82 -10.05 -1.91
N THR G 132 32.79 -9.17 -2.03
CA THR G 132 33.58 -9.10 -3.27
C THR G 132 33.95 -10.50 -3.77
N ALA G 133 34.53 -11.34 -2.89
CA ALA G 133 34.99 -12.69 -3.27
C ALA G 133 33.88 -13.44 -3.98
N LEU G 134 32.72 -13.47 -3.35
CA LEU G 134 31.50 -14.11 -3.87
C LEU G 134 31.01 -13.51 -5.16
N GLU G 135 31.03 -12.18 -5.25
CA GLU G 135 30.66 -11.52 -6.52
C GLU G 135 31.57 -11.98 -7.68
N GLN G 136 32.89 -11.93 -7.46
CA GLN G 136 33.83 -12.43 -8.44
C GLN G 136 33.50 -13.83 -8.96
N LEU G 137 32.87 -14.68 -8.14
CA LEU G 137 32.48 -16.00 -8.59
C LEU G 137 31.02 -16.04 -9.12
N GLY G 138 30.44 -14.86 -9.35
CA GLY G 138 29.12 -14.76 -9.98
C GLY G 138 27.93 -14.85 -9.02
N VAL G 139 28.21 -14.73 -7.72
CA VAL G 139 27.17 -14.82 -6.69
C VAL G 139 26.80 -13.45 -6.23
N ARG G 140 25.52 -13.12 -6.31
CA ARG G 140 25.04 -11.84 -5.85
C ARG G 140 25.11 -11.86 -4.33
N ALA G 141 25.92 -10.98 -3.76
CA ALA G 141 26.01 -10.85 -2.32
C ALA G 141 25.63 -9.42 -1.91
N ARG G 142 25.15 -9.31 -0.69
CA ARG G 142 24.66 -8.07 -0.18
C ARG G 142 25.15 -7.85 1.22
N PRO G 143 26.07 -6.95 1.42
CA PRO G 143 26.59 -6.74 2.76
C PRO G 143 25.54 -6.10 3.65
N ILE G 144 25.37 -6.65 4.85
CA ILE G 144 24.38 -6.19 5.81
C ILE G 144 25.13 -5.97 7.12
N THR G 145 25.73 -4.79 7.25
CA THR G 145 26.67 -4.51 8.34
C THR G 145 26.00 -3.81 9.51
N SER G 146 24.69 -3.55 9.36
CA SER G 146 23.88 -3.02 10.45
C SER G 146 22.39 -3.21 10.18
N GLY G 147 21.58 -3.13 11.24
CA GLY G 147 20.14 -2.98 11.09
C GLY G 147 19.42 -4.28 11.21
N VAL G 148 20.14 -5.30 11.66
CA VAL G 148 19.50 -6.57 11.87
C VAL G 148 19.33 -6.83 13.34
N PHE G 149 20.41 -6.72 14.12
CA PHE G 149 20.32 -6.97 15.56
C PHE G 149 20.18 -5.70 16.39
N THR G 150 19.19 -5.61 17.28
CA THR G 150 19.13 -4.54 18.29
C THR G 150 19.49 -5.13 19.67
N ALA G 151 20.27 -4.40 20.48
CA ALA G 151 20.77 -4.89 21.80
C ALA G 151 20.67 -3.85 22.91
N ASP G 152 20.78 -4.33 24.14
CA ASP G 152 21.05 -3.46 25.27
C ASP G 152 22.51 -3.64 25.59
N TYR G 153 23.00 -2.89 26.56
CA TYR G 153 24.34 -3.14 27.04
C TYR G 153 24.30 -4.40 27.90
N LEU G 154 25.31 -5.24 27.77
CA LEU G 154 25.37 -6.45 28.57
C LEU G 154 25.67 -6.02 29.97
N ASP G 155 26.70 -5.20 30.13
CA ASP G 155 26.99 -4.52 31.40
C ASP G 155 27.90 -3.33 31.12
N LYS G 156 27.36 -2.13 31.32
CA LYS G 156 27.99 -0.98 30.74
C LYS G 156 29.34 -0.63 31.35
N ASP G 157 29.59 -1.02 32.59
CA ASP G 157 30.86 -0.65 33.19
C ASP G 157 31.85 -1.80 33.20
N LYS G 158 31.33 -3.02 33.14
CA LYS G 158 32.18 -4.20 33.13
C LYS G 158 32.76 -4.34 31.73
N TYR G 159 31.88 -4.34 30.73
CA TYR G 159 32.28 -4.64 29.33
C TYR G 159 32.29 -3.42 28.39
N LYS G 160 31.85 -2.27 28.89
CA LYS G 160 31.71 -1.09 28.05
C LYS G 160 30.82 -1.43 26.84
N LEU G 161 31.30 -1.19 25.62
CA LEU G 161 30.46 -1.32 24.44
C LEU G 161 30.17 -2.80 23.94
N VAL G 162 29.87 -3.73 24.85
CA VAL G 162 29.38 -5.08 24.48
C VAL G 162 27.89 -5.13 24.68
N GLY G 163 27.25 -5.79 23.74
CA GLY G 163 25.82 -5.81 23.66
C GLY G 163 25.22 -7.13 24.12
N ASN G 164 23.90 -7.12 24.19
CA ASN G 164 23.08 -8.27 24.57
C ASN G 164 21.80 -8.27 23.71
N ILE G 165 21.70 -9.20 22.77
CA ILE G 165 20.70 -9.05 21.71
C ILE G 165 19.30 -9.13 22.23
N LYS G 166 18.52 -8.08 22.01
CA LYS G 166 17.14 -8.05 22.42
C LYS G 166 16.21 -8.48 21.30
N SER G 167 16.57 -8.22 20.03
CA SER G 167 15.71 -8.64 18.89
C SER G 167 16.40 -8.63 17.48
N VAL G 168 15.78 -9.33 16.52
CA VAL G 168 16.29 -9.50 15.20
C VAL G 168 15.29 -8.92 14.20
N THR G 169 15.74 -8.06 13.29
CA THR G 169 14.87 -7.49 12.27
C THR G 169 15.04 -8.27 10.99
N LYS G 170 14.00 -8.95 10.57
CA LYS G 170 14.09 -9.81 9.39
C LYS G 170 14.27 -9.08 8.02
N GLU G 171 13.65 -7.91 7.88
CA GLU G 171 13.34 -7.32 6.55
C GLU G 171 14.55 -7.24 5.60
N PRO G 172 15.72 -6.80 6.06
CA PRO G 172 16.92 -6.77 5.26
C PRO G 172 17.38 -8.10 4.71
N ILE G 173 17.35 -9.12 5.56
CA ILE G 173 17.76 -10.49 5.17
C ILE G 173 16.76 -11.07 4.18
N GLU G 174 15.48 -10.82 4.41
CA GLU G 174 14.43 -11.29 3.50
C GLU G 174 14.54 -10.58 2.14
N ALA G 175 14.53 -9.26 2.17
CA ALA G 175 14.57 -8.53 0.95
C ALA G 175 15.75 -9.00 0.11
N SER G 176 16.86 -9.37 0.77
CA SER G 176 18.08 -9.77 0.06
C SER G 176 17.83 -11.06 -0.67
N ILE G 177 17.33 -12.04 0.07
CA ILE G 177 17.03 -13.39 -0.47
C ILE G 177 16.01 -13.28 -1.59
N LYS G 178 14.90 -12.62 -1.31
CA LYS G 178 13.90 -12.35 -2.32
C LYS G 178 14.52 -11.71 -3.57
N ALA G 179 15.45 -10.77 -3.42
CA ALA G 179 16.07 -10.11 -4.56
C ALA G 179 17.20 -10.98 -5.15
N GLY G 180 17.41 -12.19 -4.64
CA GLY G 180 18.33 -13.14 -5.25
C GLY G 180 19.80 -13.01 -4.84
N ALA G 181 20.05 -12.34 -3.73
CA ALA G 181 21.41 -12.15 -3.23
C ALA G 181 21.61 -12.87 -1.91
N LEU G 182 22.79 -13.46 -1.71
CA LEU G 182 23.21 -13.96 -0.41
C LEU G 182 23.40 -12.81 0.57
N PRO G 183 22.80 -12.89 1.74
CA PRO G 183 23.03 -11.87 2.74
C PRO G 183 24.23 -12.24 3.59
N ILE G 184 25.12 -11.28 3.78
CA ILE G 184 26.33 -11.50 4.52
C ILE G 184 26.31 -10.52 5.70
N LEU G 185 25.96 -11.05 6.88
CA LEU G 185 25.80 -10.29 8.13
C LEU G 185 27.09 -10.21 8.90
N THR G 186 27.35 -9.06 9.49
CA THR G 186 28.30 -8.91 10.63
C THR G 186 27.54 -9.10 11.93
N SER G 187 28.21 -9.69 12.93
CA SER G 187 27.60 -9.91 14.27
C SER G 187 27.83 -8.68 15.13
N LEU G 188 27.02 -7.67 14.86
CA LEU G 188 27.23 -6.38 15.39
C LEU G 188 25.84 -5.88 15.62
N ALA G 189 25.52 -5.64 16.88
CA ALA G 189 24.19 -5.13 17.21
C ALA G 189 24.20 -3.62 17.31
N GLU G 190 23.08 -3.04 17.71
CA GLU G 190 23.02 -1.63 17.97
C GLU G 190 21.77 -1.23 18.76
N THR G 191 21.97 -0.36 19.74
CA THR G 191 20.92 0.13 20.54
C THR G 191 19.90 0.86 19.68
N ALA G 192 18.72 1.11 20.20
CA ALA G 192 17.70 1.83 19.43
C ALA G 192 18.29 3.14 18.99
N SER G 193 18.89 3.88 19.94
CA SER G 193 19.49 5.20 19.67
C SER G 193 20.62 5.17 18.64
N GLY G 194 21.21 4.00 18.42
CA GLY G 194 22.17 3.82 17.35
C GLY G 194 23.63 3.62 17.74
N GLN G 195 23.95 3.27 18.98
CA GLN G 195 25.34 3.00 19.32
C GLN G 195 25.56 1.58 19.01
N MET G 196 26.65 1.29 18.30
CA MET G 196 26.93 -0.07 17.90
C MET G 196 27.54 -0.77 19.07
N LEU G 197 27.09 -1.97 19.33
CA LEU G 197 27.60 -2.80 20.40
C LEU G 197 28.16 -4.11 19.84
N ASN G 198 29.32 -4.50 20.35
CA ASN G 198 29.98 -5.76 19.98
C ASN G 198 29.24 -6.92 20.67
N VAL G 199 29.01 -8.01 19.92
CA VAL G 199 28.18 -9.12 20.34
C VAL G 199 28.75 -10.42 19.84
N ASN G 200 28.72 -11.46 20.66
CA ASN G 200 29.22 -12.81 20.31
C ASN G 200 28.60 -13.49 19.08
N ALA G 201 29.45 -13.78 18.08
CA ALA G 201 29.02 -14.34 16.80
C ALA G 201 28.22 -15.65 16.95
N ASP G 202 28.60 -16.50 17.91
CA ASP G 202 27.89 -17.75 18.15
C ASP G 202 26.51 -17.52 18.74
N VAL G 203 26.33 -16.46 19.53
CA VAL G 203 25.00 -16.16 20.06
C VAL G 203 24.14 -15.48 19.00
N ALA G 204 24.74 -14.58 18.24
CA ALA G 204 24.04 -13.96 17.11
C ALA G 204 23.46 -15.00 16.19
N ALA G 205 24.28 -16.01 15.85
CA ALA G 205 23.87 -17.10 14.94
C ALA G 205 22.65 -17.83 15.51
N GLY G 206 22.64 -18.09 16.83
CA GLY G 206 21.47 -18.66 17.48
C GLY G 206 20.24 -17.77 17.41
N GLU G 207 20.43 -16.47 17.60
CA GLU G 207 19.33 -15.56 17.53
C GLU G 207 18.70 -15.54 16.14
N LEU G 208 19.52 -15.67 15.11
CA LEU G 208 18.99 -15.74 13.76
C LEU G 208 18.23 -17.00 13.60
N ALA G 209 18.86 -18.10 14.02
CA ALA G 209 18.30 -19.39 13.84
C ALA G 209 16.90 -19.43 14.50
N ARG G 210 16.76 -18.83 15.67
CA ARG G 210 15.48 -18.75 16.35
C ARG G 210 14.41 -18.06 15.51
N VAL G 211 14.76 -16.95 14.89
CA VAL G 211 13.81 -16.17 14.11
C VAL G 211 13.49 -16.82 12.75
N PHE G 212 14.48 -17.37 12.06
CA PHE G 212 14.33 -17.88 10.70
C PHE G 212 14.07 -19.34 10.55
N GLU G 213 14.13 -20.06 11.66
CA GLU G 213 13.91 -21.48 11.67
C GLU G 213 14.43 -22.20 10.44
N PRO G 214 15.73 -22.07 10.16
CA PRO G 214 16.32 -22.68 8.99
C PRO G 214 16.51 -24.18 9.21
N LEU G 215 16.71 -24.92 8.13
CA LEU G 215 16.88 -26.36 8.23
C LEU G 215 18.24 -26.74 8.72
N LYS G 216 19.26 -26.03 8.28
CA LYS G 216 20.60 -26.32 8.73
C LYS G 216 21.15 -25.13 9.49
N ILE G 217 21.90 -25.41 10.55
CA ILE G 217 22.63 -24.36 11.26
C ILE G 217 24.07 -24.80 11.33
N VAL G 218 24.92 -24.25 10.48
CA VAL G 218 26.28 -24.74 10.35
C VAL G 218 27.21 -23.81 11.07
N TYR G 219 28.03 -24.39 11.93
CA TYR G 219 29.00 -23.64 12.68
C TYR G 219 30.36 -24.02 12.12
N LEU G 220 30.92 -23.19 11.26
CA LEU G 220 32.24 -23.50 10.70
C LEU G 220 33.37 -23.22 11.68
N ASN G 221 34.11 -24.25 12.03
CA ASN G 221 35.29 -24.06 12.82
C ASN G 221 36.57 -24.62 12.16
N GLU G 222 37.69 -24.52 12.88
CA GLU G 222 38.95 -25.07 12.40
C GLU G 222 38.97 -26.54 12.78
N LYS G 223 38.82 -26.79 14.08
CA LYS G 223 38.84 -28.13 14.66
C LYS G 223 38.24 -29.22 13.75
N GLY G 224 37.05 -28.96 13.22
CA GLY G 224 36.24 -30.00 12.58
C GLY G 224 35.15 -30.41 13.57
N GLY G 225 34.72 -31.67 13.53
CA GLY G 225 33.67 -32.25 14.44
C GLY G 225 33.95 -32.38 15.95
N ILE G 226 33.23 -33.29 16.61
CA ILE G 226 33.46 -33.65 18.03
C ILE G 226 33.99 -35.08 18.11
N ILE G 227 35.05 -35.28 18.90
CA ILE G 227 35.61 -36.62 19.08
C ILE G 227 35.29 -37.26 20.44
N ASN G 228 34.75 -38.47 20.39
CA ASN G 228 34.58 -39.32 21.58
C ASN G 228 35.93 -39.49 22.29
N GLY G 229 36.10 -38.80 23.42
CA GLY G 229 37.36 -38.79 24.16
C GLY G 229 37.85 -40.12 24.73
N SER G 230 37.00 -41.14 24.76
CA SER G 230 37.38 -42.47 25.30
C SER G 230 37.73 -43.52 24.23
N THR G 231 37.35 -43.26 22.97
CA THR G 231 37.74 -44.14 21.86
C THR G 231 38.22 -43.41 20.58
N GLY G 232 38.30 -42.08 20.61
CA GLY G 232 38.75 -41.31 19.44
C GLY G 232 37.81 -41.36 18.26
N GLU G 233 36.61 -41.91 18.47
CA GLU G 233 35.64 -42.10 17.40
C GLU G 233 35.00 -40.76 17.07
N LYS G 234 35.37 -40.17 15.94
CA LYS G 234 34.71 -38.93 15.50
C LYS G 234 33.18 -39.16 15.53
N ILE G 235 32.48 -38.44 16.39
CA ILE G 235 31.03 -38.54 16.52
C ILE G 235 30.40 -37.86 15.33
N SER G 236 29.79 -38.62 14.42
CA SER G 236 29.23 -38.02 13.22
C SER G 236 27.78 -37.63 13.39
N MET G 237 27.10 -38.17 14.41
CA MET G 237 25.68 -37.98 14.61
C MET G 237 25.30 -37.96 16.08
N ILE G 238 24.31 -37.16 16.43
CA ILE G 238 23.71 -37.18 17.76
C ILE G 238 22.21 -36.96 17.68
N ASN G 239 21.39 -37.95 18.02
CA ASN G 239 19.96 -37.72 18.20
C ASN G 239 19.68 -37.42 19.65
N LEU G 240 19.41 -36.15 19.97
CA LEU G 240 19.27 -35.67 21.34
C LEU G 240 18.13 -36.35 22.09
N ASP G 241 16.96 -36.47 21.50
CA ASP G 241 15.86 -37.11 22.22
C ASP G 241 16.24 -38.48 22.78
N GLU G 242 16.99 -39.27 22.02
CA GLU G 242 17.44 -40.57 22.50
C GLU G 242 18.73 -40.48 23.34
N GLU G 243 19.73 -39.78 22.81
CA GLU G 243 21.12 -39.93 23.29
C GLU G 243 21.56 -38.91 24.34
N TYR G 244 20.84 -37.80 24.48
CA TYR G 244 21.30 -36.64 25.23
C TYR G 244 21.70 -36.92 26.66
N ASP G 245 20.79 -37.56 27.39
CA ASP G 245 21.00 -37.78 28.80
C ASP G 245 22.22 -38.61 29.12
N ASP G 246 22.42 -39.69 28.35
CA ASP G 246 23.48 -40.68 28.61
C ASP G 246 24.81 -40.12 28.10
N LEU G 247 24.74 -39.16 27.18
CA LEU G 247 25.95 -38.52 26.63
C LEU G 247 26.50 -37.53 27.66
N MET G 248 25.61 -36.80 28.32
CA MET G 248 26.01 -35.83 29.33
C MET G 248 26.55 -36.52 30.57
N LYS G 249 26.07 -37.74 30.83
CA LYS G 249 26.58 -38.56 31.91
C LYS G 249 28.01 -39.09 31.71
N GLN G 250 28.56 -39.00 30.50
CA GLN G 250 29.86 -39.62 30.19
C GLN G 250 31.09 -39.02 30.89
N SER G 251 32.01 -39.89 31.29
CA SER G 251 33.29 -39.49 31.89
C SER G 251 34.01 -38.46 31.04
N TRP G 252 34.12 -38.75 29.75
CA TRP G 252 34.98 -37.97 28.84
C TRP G 252 34.41 -36.64 28.41
N VAL G 253 33.09 -36.53 28.32
CA VAL G 253 32.50 -35.29 27.89
C VAL G 253 32.86 -34.14 28.84
N LYS G 254 33.81 -33.33 28.40
CA LYS G 254 34.29 -32.21 29.19
C LYS G 254 33.26 -31.13 29.34
N TYR G 255 33.56 -30.19 30.24
CA TYR G 255 32.64 -29.11 30.59
C TYR G 255 32.32 -28.24 29.38
N GLY G 256 33.35 -27.89 28.60
CA GLY G 256 33.18 -27.13 27.35
C GLY G 256 32.26 -27.83 26.36
N THR G 257 32.34 -29.16 26.29
CA THR G 257 31.47 -29.98 25.42
C THR G 257 30.03 -29.96 25.95
N LYS G 258 29.87 -30.27 27.24
CA LYS G 258 28.56 -30.23 27.90
C LYS G 258 27.84 -28.91 27.55
N LEU G 259 28.50 -27.76 27.77
CA LEU G 259 27.86 -26.47 27.51
C LEU G 259 27.47 -26.25 26.05
N LYS G 260 28.26 -26.79 25.12
CA LYS G 260 27.97 -26.64 23.68
C LYS G 260 26.77 -27.49 23.31
N ILE G 261 26.81 -28.76 23.69
CA ILE G 261 25.70 -29.67 23.42
C ILE G 261 24.43 -29.15 24.09
N ARG G 262 24.54 -28.60 25.28
CA ARG G 262 23.36 -28.11 25.98
C ARG G 262 22.76 -26.95 25.23
N GLU G 263 23.61 -26.03 24.78
CA GLU G 263 23.13 -24.85 24.11
C GLU G 263 22.54 -25.20 22.76
N ILE G 264 23.01 -26.30 22.17
CA ILE G 264 22.46 -26.79 20.90
C ILE G 264 21.10 -27.43 21.15
N LYS G 265 20.94 -28.17 22.24
CA LYS G 265 19.63 -28.74 22.60
C LYS G 265 18.63 -27.62 22.78
N GLU G 266 19.01 -26.64 23.59
CA GLU G 266 18.12 -25.53 23.85
C GLU G 266 17.66 -24.85 22.55
N LEU G 267 18.56 -24.75 21.57
CA LEU G 267 18.21 -24.19 20.30
C LEU G 267 17.27 -25.08 19.52
N LEU G 268 17.62 -26.34 19.38
CA LEU G 268 16.81 -27.26 18.58
C LEU G 268 15.43 -27.57 19.17
N ASP G 269 15.26 -27.33 20.47
CA ASP G 269 13.94 -27.50 21.13
C ASP G 269 12.96 -26.43 20.71
N TYR G 270 13.50 -25.35 20.17
CA TYR G 270 12.75 -24.13 19.78
C TYR G 270 12.35 -24.27 18.26
N LEU G 271 13.22 -24.93 17.48
CA LEU G 271 13.03 -25.14 16.05
C LEU G 271 12.35 -26.48 15.70
N PRO G 272 11.90 -26.60 14.45
CA PRO G 272 11.34 -27.81 13.87
C PRO G 272 12.18 -29.05 14.09
N ARG G 273 11.54 -30.20 13.89
CA ARG G 273 12.25 -31.44 13.88
C ARG G 273 13.14 -31.53 12.66
N SER G 274 12.73 -30.86 11.58
CA SER G 274 13.47 -30.87 10.34
C SER G 274 14.90 -30.31 10.50
N SER G 275 15.07 -29.44 11.50
CA SER G 275 16.29 -28.66 11.61
C SER G 275 17.37 -29.42 12.28
N SER G 276 18.59 -28.98 12.05
CA SER G 276 19.79 -29.63 12.56
C SER G 276 21.01 -28.71 12.61
N VAL G 277 21.96 -29.06 13.43
CA VAL G 277 23.14 -28.27 13.61
C VAL G 277 24.31 -29.08 13.15
N ALA G 278 25.21 -28.47 12.39
CA ALA G 278 26.40 -29.12 11.92
C ALA G 278 27.63 -28.39 12.45
N ILE G 279 28.52 -29.11 13.09
CA ILE G 279 29.80 -28.55 13.47
C ILE G 279 30.80 -29.15 12.51
N ILE G 280 31.25 -28.37 11.53
CA ILE G 280 32.23 -28.88 10.59
C ILE G 280 33.37 -27.93 10.32
N ASN G 281 34.43 -28.51 9.75
CA ASN G 281 35.53 -27.79 9.18
C ASN G 281 35.08 -27.30 7.79
N VAL G 282 35.71 -26.25 7.29
CA VAL G 282 35.27 -25.64 6.06
C VAL G 282 35.30 -26.62 4.88
N GLN G 283 36.37 -27.38 4.70
CA GLN G 283 36.51 -28.21 3.48
C GLN G 283 35.41 -29.27 3.31
N ASP G 284 35.00 -29.89 4.39
CA ASP G 284 34.02 -30.96 4.26
C ASP G 284 32.61 -30.40 4.42
N LEU G 285 32.42 -29.16 3.96
CA LEU G 285 31.13 -28.48 4.12
C LEU G 285 30.12 -28.99 3.10
N GLN G 286 30.42 -28.88 1.80
CA GLN G 286 29.50 -29.37 0.75
C GLN G 286 28.98 -30.77 1.08
N LYS G 287 29.89 -31.62 1.57
CA LYS G 287 29.58 -32.98 2.07
C LYS G 287 28.60 -32.97 3.24
N GLU G 288 29.02 -32.48 4.41
CA GLU G 288 28.13 -32.53 5.60
C GLU G 288 26.75 -31.88 5.47
N LEU G 289 26.57 -30.96 4.52
CA LEU G 289 25.27 -30.31 4.33
C LEU G 289 24.15 -31.20 3.78
N PHE G 290 24.51 -32.26 3.06
CA PHE G 290 23.52 -33.17 2.51
C PHE G 290 23.73 -34.61 2.98
N THR G 291 24.98 -35.06 3.08
CA THR G 291 25.24 -36.40 3.58
C THR G 291 25.17 -36.37 5.11
N ASP G 292 24.52 -37.40 5.67
CA ASP G 292 24.27 -37.50 7.11
C ASP G 292 25.54 -37.83 7.90
N SER G 293 26.50 -38.49 7.23
CA SER G 293 27.81 -38.78 7.82
C SER G 293 28.74 -37.57 7.73
N GLY G 294 29.22 -37.28 6.52
CA GLY G 294 30.26 -36.27 6.32
C GLY G 294 31.51 -36.60 7.11
N ALA G 295 32.28 -35.58 7.46
CA ALA G 295 33.41 -35.71 8.37
C ALA G 295 33.30 -34.63 9.49
N GLY G 296 32.07 -34.32 9.90
CA GLY G 296 31.84 -33.47 11.08
C GLY G 296 30.66 -33.98 11.84
N THR G 297 30.43 -33.41 13.01
CA THR G 297 29.35 -33.82 13.86
C THR G 297 28.10 -33.13 13.45
N MET G 298 27.04 -33.91 13.33
CA MET G 298 25.72 -33.37 13.09
C MET G 298 24.79 -33.71 14.25
N ILE G 299 24.27 -32.69 14.90
CA ILE G 299 23.31 -32.88 15.97
C ILE G 299 21.90 -32.56 15.51
N ARG G 300 20.92 -33.29 16.03
CA ARG G 300 19.49 -33.00 15.82
C ARG G 300 18.61 -33.67 16.86
N ARG G 301 17.34 -33.29 16.92
CA ARG G 301 16.49 -33.74 18.00
C ARG G 301 16.16 -35.20 17.87
N GLY G 302 15.79 -35.60 16.68
CA GLY G 302 15.44 -36.99 16.46
C GLY G 302 14.08 -37.36 17.03
N TYR G 303 13.85 -38.66 17.20
CA TYR G 303 12.56 -39.26 17.60
C TYR G 303 12.98 -40.14 18.73
N LYS G 304 12.35 -40.04 19.92
CA LYS G 304 12.65 -40.97 21.00
C LYS G 304 11.57 -41.96 20.69
N LEU G 305 11.92 -43.22 20.71
CA LEU G 305 10.88 -44.16 20.48
C LEU G 305 10.56 -44.95 21.74
N VAL G 306 9.27 -45.16 21.96
CA VAL G 306 8.74 -45.68 23.19
C VAL G 306 8.35 -47.13 22.96
N LYS G 307 8.99 -47.98 23.73
CA LYS G 307 8.92 -49.39 23.50
C LYS G 307 7.71 -49.89 24.27
N ARG G 308 6.73 -50.47 23.58
CA ARG G 308 5.59 -51.05 24.25
C ARG G 308 5.32 -52.49 23.80
N SER G 309 4.78 -53.31 24.71
CA SER G 309 4.57 -54.74 24.45
C SER G 309 3.13 -55.20 24.51
N SER G 310 2.20 -54.26 24.53
CA SER G 310 0.80 -54.61 24.51
C SER G 310 0.02 -53.38 24.13
N ILE G 311 -1.09 -53.57 23.41
CA ILE G 311 -2.05 -52.48 23.12
C ILE G 311 -2.40 -51.69 24.41
N GLY G 312 -2.43 -52.40 25.55
CA GLY G 312 -2.70 -51.79 26.84
C GLY G 312 -1.87 -50.56 27.16
N GLU G 313 -0.60 -50.60 26.79
CA GLU G 313 0.34 -49.56 27.16
C GLU G 313 0.20 -48.32 26.30
N PHE G 314 -0.45 -48.43 25.13
CA PHE G 314 -0.66 -47.25 24.29
C PHE G 314 -1.68 -46.37 24.96
N PRO G 315 -1.41 -45.07 25.01
CA PRO G 315 -2.26 -44.17 25.76
C PRO G 315 -3.64 -44.04 25.10
N SER G 316 -3.67 -44.10 23.76
CA SER G 316 -4.92 -44.17 23.03
C SER G 316 -4.84 -45.30 22.02
N ALA G 317 -5.78 -46.25 22.15
CA ALA G 317 -5.94 -47.35 21.21
C ALA G 317 -6.47 -46.81 19.90
N ASP G 318 -7.37 -45.84 19.99
CA ASP G 318 -7.86 -45.16 18.77
C ASP G 318 -6.74 -44.38 18.01
N ALA G 319 -5.80 -43.81 18.73
CA ALA G 319 -4.65 -43.16 18.12
C ALA G 319 -3.81 -44.17 17.34
N LEU G 320 -3.65 -45.37 17.89
CA LEU G 320 -2.90 -46.43 17.22
C LEU G 320 -3.60 -46.81 15.92
N ARG G 321 -4.92 -46.91 15.98
CA ARG G 321 -5.71 -47.36 14.85
C ARG G 321 -5.52 -46.36 13.70
N LYS G 322 -5.62 -45.07 14.02
CA LYS G 322 -5.37 -44.03 13.03
C LYS G 322 -3.96 -44.07 12.45
N ALA G 323 -2.98 -44.25 13.32
CA ALA G 323 -1.58 -44.34 12.92
C ALA G 323 -1.35 -45.47 11.87
N LEU G 324 -1.99 -46.61 12.07
CA LEU G 324 -1.81 -47.77 11.19
C LEU G 324 -2.58 -47.69 9.89
N GLN G 325 -3.57 -46.80 9.82
CA GLN G 325 -4.42 -46.70 8.65
C GLN G 325 -3.71 -46.15 7.42
N ARG G 326 -2.52 -45.58 7.61
CA ARG G 326 -1.76 -45.01 6.47
C ARG G 326 -1.01 -46.07 5.68
N ASP G 327 -0.99 -47.30 6.19
CA ASP G 327 -0.33 -48.45 5.56
C ASP G 327 -0.80 -48.67 4.11
N ALA G 328 0.08 -49.23 3.27
CA ALA G 328 -0.23 -49.51 1.84
C ALA G 328 -1.16 -50.71 1.66
N GLY G 329 -1.18 -51.61 2.65
CA GLY G 329 -2.06 -52.77 2.64
C GLY G 329 -3.15 -52.75 3.70
N ILE G 330 -3.48 -51.55 4.20
CA ILE G 330 -4.64 -51.35 5.07
C ILE G 330 -5.49 -50.14 4.67
N SER G 331 -4.86 -49.07 4.17
CA SER G 331 -5.57 -47.85 3.70
C SER G 331 -6.68 -48.18 2.69
N SER G 332 -6.49 -49.26 1.92
CA SER G 332 -7.62 -50.03 1.37
C SER G 332 -7.19 -51.46 0.99
N GLY G 333 -6.16 -51.98 1.67
CA GLY G 333 -5.70 -53.35 1.44
C GLY G 333 -6.59 -54.35 2.17
N LYS G 334 -6.39 -55.64 1.87
CA LYS G 334 -7.30 -56.70 2.34
C LYS G 334 -7.02 -57.22 3.76
N GLU G 335 -6.67 -56.31 4.66
CA GLU G 335 -6.51 -56.64 6.08
C GLU G 335 -6.85 -55.38 6.86
N SER G 336 -8.08 -55.30 7.39
CA SER G 336 -8.51 -54.10 8.10
C SER G 336 -7.73 -53.99 9.41
N VAL G 337 -7.35 -52.76 9.75
CA VAL G 337 -6.63 -52.46 10.98
C VAL G 337 -7.39 -53.05 12.15
N ALA G 338 -8.71 -53.02 12.08
CA ALA G 338 -9.56 -53.64 13.06
C ALA G 338 -9.08 -55.05 13.38
N SER G 339 -8.98 -55.89 12.34
CA SER G 339 -8.68 -57.29 12.55
C SER G 339 -7.21 -57.50 12.87
N TYR G 340 -6.35 -56.62 12.38
CA TYR G 340 -4.93 -56.73 12.69
C TYR G 340 -4.71 -56.55 14.18
N LEU G 341 -5.32 -55.53 14.76
CA LEU G 341 -5.16 -55.26 16.19
C LEU G 341 -5.74 -56.35 17.05
N ARG G 342 -6.76 -57.05 16.54
CA ARG G 342 -7.26 -58.26 17.21
C ARG G 342 -6.15 -59.31 17.36
N TYR G 343 -5.45 -59.62 16.26
CA TYR G 343 -4.30 -60.54 16.32
C TYR G 343 -3.17 -60.06 17.26
N LEU G 344 -2.90 -58.77 17.31
CA LEU G 344 -1.85 -58.27 18.18
C LEU G 344 -2.11 -58.55 19.64
N GLU G 345 -3.30 -58.21 20.13
CA GLU G 345 -3.64 -58.44 21.54
C GLU G 345 -3.17 -59.81 22.04
N ASN G 346 -3.27 -60.83 21.18
CA ASN G 346 -2.87 -62.21 21.50
C ASN G 346 -1.62 -62.57 20.74
N SER G 347 -0.52 -61.92 21.10
CA SER G 347 0.70 -61.98 20.31
C SER G 347 1.87 -61.54 21.17
N ASP G 348 2.97 -62.25 21.09
CA ASP G 348 4.21 -61.77 21.72
C ASP G 348 4.80 -60.69 20.78
N PHE G 349 4.76 -59.40 21.15
CA PHE G 349 5.31 -58.36 20.26
C PHE G 349 5.97 -57.19 20.98
N VAL G 350 6.82 -56.49 20.27
CA VAL G 350 7.45 -55.30 20.75
C VAL G 350 7.07 -54.25 19.73
N SER G 351 6.68 -53.07 20.20
CA SER G 351 6.39 -51.97 19.31
C SER G 351 7.35 -50.87 19.64
N TYR G 352 7.59 -49.99 18.68
CA TYR G 352 8.33 -48.76 18.95
C TYR G 352 7.62 -47.58 18.27
N ALA G 353 7.33 -46.53 19.02
CA ALA G 353 6.78 -45.36 18.40
C ALA G 353 7.06 -44.06 19.17
N ASP G 354 7.15 -42.94 18.48
CA ASP G 354 7.28 -41.61 19.12
C ASP G 354 5.98 -41.15 19.79
N GLU G 355 6.02 -40.06 20.55
CA GLU G 355 4.84 -39.65 21.28
C GLU G 355 3.69 -39.38 20.35
N PRO G 356 3.92 -38.68 19.23
CA PRO G 356 2.79 -38.39 18.32
C PRO G 356 2.34 -39.55 17.39
N LEU G 357 2.93 -40.73 17.53
CA LEU G 357 2.64 -41.86 16.66
C LEU G 357 2.77 -41.47 15.17
N GLU G 358 3.80 -40.69 14.88
CA GLU G 358 4.11 -40.29 13.54
C GLU G 358 4.83 -41.48 12.87
N ALA G 359 5.47 -42.31 13.69
CA ALA G 359 6.09 -43.54 13.27
C ALA G 359 5.80 -44.69 14.23
N VAL G 360 5.43 -45.85 13.70
CA VAL G 360 5.13 -47.02 14.52
C VAL G 360 5.73 -48.29 13.87
N ALA G 361 6.65 -48.94 14.56
CA ALA G 361 7.21 -50.22 14.10
C ALA G 361 6.76 -51.33 15.05
N ILE G 362 6.56 -52.53 14.50
CA ILE G 362 6.07 -53.69 15.25
C ILE G 362 6.91 -54.95 14.92
N VAL G 363 7.60 -55.51 15.92
CA VAL G 363 8.37 -56.75 15.72
C VAL G 363 7.60 -57.88 16.34
N LYS G 364 7.19 -58.87 15.55
CA LYS G 364 6.57 -60.08 16.10
C LYS G 364 7.64 -61.10 16.51
N LYS G 365 7.61 -61.54 17.78
CA LYS G 365 8.78 -62.11 18.45
C LYS G 365 8.81 -63.65 18.43
N ASP G 366 7.67 -64.28 18.11
CA ASP G 366 7.65 -65.71 17.81
C ASP G 366 8.54 -66.03 16.61
N THR G 367 8.84 -67.31 16.41
CA THR G 367 9.79 -67.76 15.38
C THR G 367 11.17 -67.14 15.59
N ASN G 368 12.14 -67.93 16.05
CA ASN G 368 13.50 -67.43 16.14
C ASN G 368 13.85 -66.75 14.81
N VAL G 369 14.60 -65.66 14.90
CA VAL G 369 14.62 -64.62 13.88
C VAL G 369 13.22 -63.97 13.88
N PRO G 370 13.04 -62.98 14.74
CA PRO G 370 11.80 -62.21 14.82
C PRO G 370 11.50 -61.43 13.56
N THR G 371 10.22 -61.19 13.31
CA THR G 371 9.79 -60.53 12.11
C THR G 371 9.39 -59.09 12.37
N LEU G 372 9.92 -58.17 11.56
CA LEU G 372 9.43 -56.77 11.52
C LEU G 372 8.16 -56.86 10.70
N ASP G 373 7.03 -56.71 11.39
CA ASP G 373 5.73 -57.02 10.81
C ASP G 373 5.05 -55.82 10.19
N LYS G 374 5.10 -54.69 10.88
CA LYS G 374 4.58 -53.39 10.39
C LYS G 374 5.58 -52.26 10.67
N PHE G 375 5.54 -51.22 9.84
CA PHE G 375 6.40 -50.07 9.96
C PHE G 375 5.65 -48.96 9.24
N VAL G 376 4.92 -48.15 9.98
CA VAL G 376 4.05 -47.17 9.38
C VAL G 376 4.39 -45.77 9.85
N CYS G 377 5.06 -45.02 8.99
CA CYS G 377 5.43 -43.66 9.29
C CYS G 377 4.90 -42.70 8.25
N SER G 378 4.46 -41.54 8.71
CA SER G 378 3.96 -40.47 7.83
C SER G 378 5.07 -39.83 7.00
N ASP G 379 4.70 -39.04 6.00
CA ASP G 379 5.68 -38.48 5.08
C ASP G 379 6.65 -37.59 5.84
N ALA G 380 6.11 -36.79 6.74
CA ALA G 380 6.95 -36.02 7.64
C ALA G 380 8.09 -36.90 8.17
N ALA G 381 7.74 -38.09 8.66
CA ALA G 381 8.76 -39.00 9.16
C ALA G 381 9.81 -39.41 8.10
N TRP G 382 9.36 -39.78 6.90
CA TRP G 382 10.28 -40.20 5.84
C TRP G 382 11.30 -39.17 5.58
N LEU G 383 10.85 -37.93 5.49
CA LEU G 383 11.77 -36.85 5.16
C LEU G 383 12.81 -36.59 6.25
N ASN G 384 12.43 -36.81 7.53
CA ASN G 384 13.37 -36.58 8.63
C ASN G 384 14.08 -37.85 9.06
N ASN G 385 14.27 -38.76 8.13
CA ASN G 385 14.76 -40.11 8.44
C ASN G 385 14.42 -40.58 9.84
N VAL G 386 13.13 -40.75 10.09
CA VAL G 386 12.68 -41.44 11.26
C VAL G 386 12.90 -42.88 10.94
N THR G 387 12.85 -43.20 9.65
CA THR G 387 13.06 -44.58 9.22
C THR G 387 14.42 -45.02 9.67
N ASP G 388 15.40 -44.13 9.61
CA ASP G 388 16.75 -44.50 10.07
C ASP G 388 16.78 -44.65 11.57
N ASN G 389 16.09 -43.75 12.27
CA ASN G 389 15.95 -43.85 13.73
C ASN G 389 15.41 -45.21 14.16
N VAL G 390 14.31 -45.64 13.52
CA VAL G 390 13.67 -46.89 13.84
C VAL G 390 14.59 -48.05 13.57
N PHE G 391 15.25 -48.08 12.43
CA PHE G 391 16.13 -49.22 12.17
C PHE G 391 17.27 -49.25 13.16
N ASN G 392 17.77 -48.10 13.56
CA ASN G 392 18.89 -48.11 14.50
C ASN G 392 18.48 -48.75 15.80
N VAL G 393 17.29 -48.40 16.26
CA VAL G 393 16.79 -48.95 17.50
C VAL G 393 16.59 -50.45 17.33
N LEU G 394 15.89 -50.84 16.26
CA LEU G 394 15.72 -52.24 15.91
C LEU G 394 17.01 -53.02 15.93
N ARG G 395 18.06 -52.42 15.39
CA ARG G 395 19.28 -53.17 15.19
C ARG G 395 19.95 -53.43 16.51
N ARG G 396 19.72 -52.55 17.46
CA ARG G 396 20.29 -52.72 18.80
C ARG G 396 19.46 -53.71 19.63
N ASP G 397 18.14 -53.61 19.57
CA ASP G 397 17.27 -54.47 20.37
C ASP G 397 17.05 -55.86 19.75
N PHE G 398 17.38 -56.03 18.47
CA PHE G 398 17.16 -57.30 17.77
C PHE G 398 18.37 -57.59 16.91
N PRO G 399 19.29 -58.42 17.41
CA PRO G 399 20.54 -58.64 16.72
C PRO G 399 20.33 -59.53 15.50
N ALA G 400 19.26 -60.30 15.47
CA ALA G 400 18.82 -60.90 14.20
C ALA G 400 17.36 -60.59 13.96
N LEU G 401 17.03 -60.27 12.71
CA LEU G 401 15.70 -59.77 12.29
C LEU G 401 15.45 -60.15 10.85
N GLN G 402 14.19 -60.52 10.56
CA GLN G 402 13.76 -60.82 9.18
C GLN G 402 12.56 -59.95 8.84
N TRP G 403 12.43 -59.61 7.56
CA TRP G 403 11.31 -58.80 7.10
C TRP G 403 11.10 -59.00 5.63
N VAL G 404 9.90 -58.66 5.17
CA VAL G 404 9.53 -58.90 3.78
C VAL G 404 9.08 -57.64 3.05
N VAL G 405 9.62 -57.36 1.88
CA VAL G 405 9.25 -56.16 1.10
C VAL G 405 8.76 -56.63 -0.25
N SER G 406 7.85 -55.87 -0.84
CA SER G 406 7.32 -56.20 -2.18
C SER G 406 8.42 -56.08 -3.22
N GLU G 407 8.40 -56.97 -4.21
CA GLU G 407 9.48 -57.05 -5.19
C GLU G 407 9.77 -55.71 -5.82
N ASN G 408 8.72 -54.92 -6.04
CA ASN G 408 8.91 -53.60 -6.66
C ASN G 408 8.39 -52.52 -5.75
N ASP G 409 8.89 -52.53 -4.53
CA ASP G 409 8.71 -51.42 -3.62
C ASP G 409 9.64 -50.33 -4.09
N ALA G 410 9.22 -49.11 -3.91
CA ALA G 410 9.96 -47.95 -4.38
C ALA G 410 11.40 -47.97 -3.94
N ASN G 411 11.63 -48.26 -2.67
CA ASN G 411 12.99 -48.25 -2.14
C ASN G 411 13.43 -49.66 -1.72
N ILE G 412 13.23 -50.64 -2.61
CA ILE G 412 13.69 -51.98 -2.38
C ILE G 412 15.21 -52.01 -2.25
N ALA G 413 15.88 -51.18 -3.04
CA ALA G 413 17.34 -51.06 -2.98
C ALA G 413 17.86 -50.74 -1.58
N TRP G 414 17.08 -49.96 -0.82
CA TRP G 414 17.48 -49.49 0.51
C TRP G 414 17.47 -50.64 1.47
N HIS G 415 16.39 -51.39 1.42
CA HIS G 415 16.28 -52.60 2.21
C HIS G 415 17.43 -53.53 1.96
N PHE G 416 17.84 -53.68 0.70
CA PHE G 416 18.96 -54.60 0.36
C PHE G 416 20.21 -54.17 1.06
N ASP G 417 20.41 -52.85 1.15
CA ASP G 417 21.60 -52.33 1.76
C ASP G 417 21.61 -52.57 3.25
N LYS G 418 20.44 -52.59 3.86
CA LYS G 418 20.34 -52.83 5.30
C LYS G 418 20.37 -54.33 5.66
N SER G 419 20.18 -55.20 4.67
CA SER G 419 20.14 -56.63 4.94
C SER G 419 21.52 -57.25 4.88
N GLN G 420 21.61 -58.51 5.32
CA GLN G 420 22.79 -59.35 5.07
C GLN G 420 22.49 -60.42 4.04
N GLY G 421 21.20 -60.65 3.81
CA GLY G 421 20.77 -61.64 2.84
C GLY G 421 19.36 -61.45 2.34
N SER G 422 19.09 -61.99 1.15
CA SER G 422 17.83 -61.79 0.47
C SER G 422 17.38 -63.05 -0.27
N TYR G 423 16.06 -63.28 -0.30
CA TYR G 423 15.48 -64.36 -1.14
C TYR G 423 14.18 -63.91 -1.79
N LEU G 424 14.09 -64.06 -3.11
CA LEU G 424 12.95 -63.60 -3.87
C LEU G 424 12.06 -64.78 -4.15
N LYS G 425 10.78 -64.61 -3.91
CA LYS G 425 9.77 -65.57 -4.36
C LYS G 425 8.38 -64.93 -4.33
N GLY G 426 7.59 -65.27 -5.36
CA GLY G 426 6.23 -64.74 -5.50
C GLY G 426 6.09 -63.24 -5.36
N GLY G 427 6.98 -62.50 -6.02
CA GLY G 427 6.95 -61.06 -5.99
C GLY G 427 7.17 -60.46 -4.62
N LYS G 428 7.83 -61.19 -3.73
CA LYS G 428 8.19 -60.64 -2.44
C LYS G 428 9.63 -61.01 -2.17
N VAL G 429 10.32 -60.14 -1.44
CA VAL G 429 11.69 -60.41 -1.05
C VAL G 429 11.78 -60.61 0.46
N LEU G 430 12.29 -61.77 0.88
CA LEU G 430 12.65 -61.99 2.25
C LEU G 430 14.03 -61.35 2.47
N PHE G 431 14.12 -60.53 3.51
CA PHE G 431 15.38 -59.92 3.96
C PHE G 431 15.66 -60.33 5.39
N TRP G 432 16.93 -60.52 5.71
CA TRP G 432 17.35 -60.69 7.13
C TRP G 432 18.70 -60.16 7.40
N TYR G 433 18.96 -59.93 8.66
CA TYR G 433 20.30 -59.54 9.08
C TYR G 433 20.69 -60.28 10.31
N GLY G 434 21.99 -60.47 10.44
CA GLY G 434 22.56 -60.95 11.67
C GLY G 434 22.42 -62.42 11.93
N ILE G 435 21.90 -63.18 10.98
CA ILE G 435 21.83 -64.64 11.19
C ILE G 435 22.67 -65.35 10.17
N ASP G 436 23.97 -65.29 10.38
CA ASP G 436 24.93 -65.97 9.53
C ASP G 436 25.20 -67.43 9.99
N ASP G 437 24.22 -68.06 10.66
CA ASP G 437 24.21 -69.53 10.80
C ASP G 437 23.60 -70.18 9.56
N ILE G 438 24.46 -70.72 8.71
CA ILE G 438 24.08 -71.39 7.46
C ILE G 438 22.75 -72.10 7.53
N ASN G 439 22.47 -72.65 8.69
CA ASN G 439 21.40 -73.58 8.87
C ASN G 439 20.05 -72.91 9.16
N THR G 440 20.03 -72.00 10.13
CA THR G 440 18.81 -71.25 10.45
C THR G 440 18.36 -70.37 9.24
N ILE G 441 19.26 -70.15 8.25
CA ILE G 441 18.93 -69.45 7.00
C ILE G 441 18.00 -70.33 6.17
N SER G 442 18.38 -71.59 6.00
CA SER G 442 17.51 -72.52 5.35
C SER G 442 16.12 -72.48 6.00
N GLU G 443 16.07 -72.66 7.32
CA GLU G 443 14.80 -72.68 8.03
C GLU G 443 14.03 -71.44 7.60
N LEU G 444 14.68 -70.30 7.73
CA LEU G 444 14.08 -68.99 7.40
C LEU G 444 13.45 -68.98 6.02
N VAL G 445 14.23 -69.37 5.01
CA VAL G 445 13.80 -69.35 3.61
C VAL G 445 12.66 -70.35 3.38
N GLU G 446 12.77 -71.50 4.02
CA GLU G 446 11.81 -72.55 3.79
C GLU G 446 10.43 -72.11 4.28
N ASN G 447 10.41 -71.49 5.45
CA ASN G 447 9.16 -71.05 6.04
C ASN G 447 8.50 -69.97 5.22
N PHE G 448 9.33 -69.07 4.69
CA PHE G 448 8.88 -67.98 3.84
C PHE G 448 8.25 -68.52 2.57
N VAL G 449 8.86 -69.55 2.00
CA VAL G 449 8.35 -70.16 0.78
C VAL G 449 7.06 -70.91 1.10
N LYS G 450 7.11 -71.67 2.18
CA LYS G 450 5.96 -72.40 2.70
C LYS G 450 4.69 -71.52 2.76
N SER G 451 4.87 -70.24 3.09
CA SER G 451 3.75 -69.31 3.23
C SER G 451 3.51 -68.43 1.99
N CYS G 452 3.49 -69.06 0.82
CA CYS G 452 2.84 -68.50 -0.36
C CYS G 452 1.87 -69.67 -0.69
N ASP G 453 1.16 -70.13 0.35
CA ASP G 453 0.29 -71.31 0.32
C ASP G 453 -1.13 -71.00 -0.18
N LYS H 32 18.97 14.73 -30.11
CA LYS H 32 19.59 14.06 -31.31
C LYS H 32 21.12 13.91 -31.15
N ARG H 33 21.93 14.59 -31.99
CA ARG H 33 23.40 14.58 -31.86
C ARG H 33 23.93 15.10 -30.47
N GLU H 34 23.11 15.83 -29.72
CA GLU H 34 23.46 16.25 -28.36
C GLU H 34 23.49 15.01 -27.49
N VAL H 35 22.40 14.26 -27.54
CA VAL H 35 22.29 13.06 -26.72
C VAL H 35 23.44 12.10 -26.89
N GLU H 36 23.84 11.87 -28.12
CA GLU H 36 24.94 10.96 -28.41
C GLU H 36 26.25 11.47 -27.85
N GLN H 37 26.46 12.78 -27.92
CA GLN H 37 27.67 13.38 -27.34
C GLN H 37 27.66 13.25 -25.82
N TYR H 38 26.54 13.59 -25.21
CA TYR H 38 26.39 13.40 -23.77
C TYR H 38 26.74 11.98 -23.36
N LEU H 39 26.19 11.02 -24.08
CA LEU H 39 26.48 9.62 -23.76
C LEU H 39 27.94 9.30 -23.79
N LYS H 40 28.63 9.87 -24.78
CA LYS H 40 30.03 9.59 -24.99
C LYS H 40 30.85 10.15 -23.84
N TYR H 41 30.41 11.25 -23.27
CA TYR H 41 31.13 11.90 -22.16
C TYR H 41 30.90 11.21 -20.83
N PHE H 42 29.71 10.64 -20.67
CA PHE H 42 29.43 9.89 -19.48
C PHE H 42 30.11 8.55 -19.52
N THR H 43 30.36 8.02 -20.73
CA THR H 43 31.20 6.82 -20.77
C THR H 43 32.68 7.06 -20.50
N SER H 44 33.12 8.26 -20.83
CA SER H 44 34.56 8.64 -20.86
C SER H 44 35.29 8.61 -19.51
N VAL H 45 34.54 8.87 -18.45
CA VAL H 45 35.04 8.96 -17.06
C VAL H 45 34.98 7.58 -16.39
N SER H 46 35.83 7.37 -15.39
CA SER H 46 35.65 6.26 -14.46
C SER H 46 34.15 6.16 -14.15
N GLN H 47 33.61 4.98 -13.89
CA GLN H 47 32.14 4.88 -13.62
C GLN H 47 31.50 5.60 -12.42
N GLN H 48 32.24 5.82 -11.34
CA GLN H 48 31.68 6.47 -10.16
C GLN H 48 31.31 7.85 -10.55
N GLN H 49 32.21 8.45 -11.33
CA GLN H 49 32.20 9.86 -11.65
C GLN H 49 31.09 10.26 -12.62
N PHE H 50 30.06 9.44 -12.85
CA PHE H 50 28.95 9.88 -13.68
C PHE H 50 28.09 10.91 -12.97
N ALA H 51 27.45 10.54 -11.87
CA ALA H 51 26.56 11.46 -11.24
C ALA H 51 26.26 11.03 -9.84
N VAL H 52 25.99 12.05 -9.01
CA VAL H 52 25.41 11.88 -7.69
C VAL H 52 24.00 12.43 -7.77
N ILE H 53 23.03 11.60 -7.39
CA ILE H 53 21.62 11.99 -7.42
C ILE H 53 21.06 11.92 -5.98
N LYS H 54 20.71 13.07 -5.43
CA LYS H 54 20.06 13.11 -4.12
C LYS H 54 18.59 12.94 -4.38
N VAL H 55 18.00 11.92 -3.79
CA VAL H 55 16.59 11.67 -3.92
C VAL H 55 15.90 12.09 -2.63
N GLY H 56 14.99 13.06 -2.72
CA GLY H 56 14.16 13.45 -1.58
C GLY H 56 13.28 12.29 -1.16
N GLY H 57 13.10 12.09 0.15
CA GLY H 57 12.34 10.93 0.65
C GLY H 57 10.91 10.91 0.12
N ALA H 58 10.36 12.13 -0.02
CA ALA H 58 8.99 12.34 -0.53
C ALA H 58 8.71 11.58 -1.85
N ILE H 59 9.76 11.36 -2.64
CA ILE H 59 9.67 10.72 -3.96
C ILE H 59 9.56 9.22 -3.84
N ILE H 60 10.26 8.65 -2.84
CA ILE H 60 10.27 7.20 -2.65
C ILE H 60 8.88 6.78 -2.24
N SER H 61 8.15 7.68 -1.56
CA SER H 61 6.77 7.41 -1.16
C SER H 61 5.79 7.59 -2.32
N ASP H 62 5.96 8.66 -3.08
CA ASP H 62 4.92 9.10 -4.04
C ASP H 62 5.20 8.82 -5.52
N ASN H 63 6.39 8.34 -5.85
CA ASN H 63 6.77 8.13 -7.26
C ASN H 63 7.78 7.03 -7.46
N LEU H 64 7.66 5.97 -6.69
CA LEU H 64 8.68 4.94 -6.67
C LEU H 64 8.87 4.43 -8.09
N HIS H 65 7.77 4.27 -8.84
CA HIS H 65 7.87 3.65 -10.15
C HIS H 65 8.56 4.59 -11.11
N GLU H 66 8.04 5.81 -11.19
CA GLU H 66 8.64 6.84 -12.00
C GLU H 66 10.16 6.88 -11.77
N LEU H 67 10.55 6.98 -10.51
CA LEU H 67 11.97 7.11 -10.12
C LEU H 67 12.76 5.88 -10.49
N ALA H 68 12.28 4.71 -10.06
CA ALA H 68 13.00 3.45 -10.25
C ALA H 68 13.18 3.14 -11.72
N SER H 69 12.13 3.30 -12.52
CA SER H 69 12.24 3.00 -13.94
C SER H 69 13.28 3.91 -14.60
N CYS H 70 13.28 5.13 -14.13
CA CYS H 70 14.18 6.10 -14.68
C CYS H 70 15.66 5.81 -14.34
N LEU H 71 15.94 5.46 -13.10
CA LEU H 71 17.30 5.02 -12.72
C LEU H 71 17.65 3.77 -13.55
N ALA H 72 16.65 2.88 -13.69
CA ALA H 72 16.77 1.64 -14.44
C ALA H 72 17.28 1.88 -15.83
N PHE H 73 16.79 2.94 -16.41
CA PHE H 73 17.22 3.32 -17.74
C PHE H 73 18.71 3.67 -17.78
N LEU H 74 19.14 4.44 -16.82
CA LEU H 74 20.54 4.77 -16.73
C LEU H 74 21.35 3.49 -16.57
N TYR H 75 20.88 2.63 -15.68
CA TYR H 75 21.56 1.36 -15.45
C TYR H 75 21.67 0.58 -16.72
N HIS H 76 20.63 0.65 -17.54
CA HIS H 76 20.60 -0.14 -18.75
C HIS H 76 21.56 0.36 -19.81
N VAL H 77 21.62 1.67 -20.01
CA VAL H 77 22.60 2.22 -20.96
C VAL H 77 24.01 2.26 -20.36
N GLY H 78 24.25 1.56 -19.25
CA GLY H 78 25.60 1.39 -18.70
C GLY H 78 26.13 2.47 -17.77
N LEU H 79 25.27 3.37 -17.32
CA LEU H 79 25.68 4.41 -16.38
C LEU H 79 25.31 4.00 -14.93
N TYR H 80 26.13 4.44 -13.96
CA TYR H 80 25.99 3.99 -12.56
C TYR H 80 25.96 5.23 -11.63
N PRO H 81 24.78 5.82 -11.51
CA PRO H 81 24.64 6.92 -10.61
C PRO H 81 24.78 6.48 -9.17
N ILE H 82 25.43 7.31 -8.35
CA ILE H 82 25.43 7.11 -6.90
C ILE H 82 24.16 7.75 -6.42
N VAL H 83 23.32 6.98 -5.75
CA VAL H 83 22.03 7.49 -5.32
C VAL H 83 22.04 7.61 -3.79
N LEU H 84 21.68 8.78 -3.30
CA LEU H 84 21.67 9.06 -1.88
C LEU H 84 20.28 9.55 -1.61
N HIS H 85 19.58 8.92 -0.67
CA HIS H 85 18.22 9.35 -0.35
C HIS H 85 18.02 9.77 1.09
N GLY H 86 17.09 10.71 1.25
CA GLY H 86 16.68 11.12 2.58
C GLY H 86 15.44 10.34 2.98
N THR H 87 14.81 10.88 4.01
CA THR H 87 13.59 10.33 4.55
C THR H 87 13.01 11.45 5.40
N GLY H 88 12.31 12.38 4.77
CA GLY H 88 11.79 13.51 5.48
C GLY H 88 10.40 13.19 5.97
N PRO H 89 9.44 13.25 5.05
CA PRO H 89 8.02 13.14 5.38
C PRO H 89 7.65 11.90 6.23
N GLN H 90 8.14 10.76 5.78
CA GLN H 90 7.81 9.47 6.35
C GLN H 90 8.07 9.51 7.84
N VAL H 91 9.21 10.09 8.20
CA VAL H 91 9.70 10.14 9.57
C VAL H 91 8.82 11.10 10.35
N ASN H 92 8.53 12.25 9.75
CA ASN H 92 7.62 13.18 10.41
C ASN H 92 6.23 12.60 10.63
N GLY H 93 5.74 11.84 9.65
CA GLY H 93 4.45 11.19 9.76
C GLY H 93 4.40 10.21 10.90
N ARG H 94 5.50 9.49 11.12
CA ARG H 94 5.59 8.57 12.25
C ARG H 94 5.66 9.32 13.58
N LEU H 95 6.53 10.32 13.69
CA LEU H 95 6.67 11.05 14.94
C LEU H 95 5.32 11.63 15.35
N GLU H 96 4.53 12.06 14.38
CA GLU H 96 3.19 12.57 14.64
C GLU H 96 2.31 11.44 15.14
N ALA H 97 2.37 10.32 14.40
CA ALA H 97 1.66 9.10 14.77
C ALA H 97 1.94 8.61 16.21
N GLN H 98 3.12 8.96 16.76
CA GLN H 98 3.50 8.65 18.13
C GLN H 98 3.39 9.86 19.05
N GLY H 99 2.88 10.99 18.53
CA GLY H 99 2.68 12.21 19.34
C GLY H 99 3.96 12.90 19.79
N ILE H 100 4.94 12.92 18.92
CA ILE H 100 6.19 13.62 19.14
C ILE H 100 6.17 14.78 18.15
N GLU H 101 6.50 15.99 18.60
CA GLU H 101 6.55 17.13 17.67
C GLU H 101 7.85 17.06 16.91
N PRO H 102 7.79 16.98 15.56
CA PRO H 102 9.04 17.07 14.83
C PRO H 102 9.71 18.38 15.13
N ASP H 103 11.03 18.39 15.23
CA ASP H 103 11.73 19.50 15.87
C ASP H 103 12.99 19.89 15.16
N TYR H 104 13.01 21.16 14.70
CA TYR H 104 14.13 21.67 13.93
C TYR H 104 14.60 23.00 14.49
N ILE H 105 15.91 23.21 14.49
CA ILE H 105 16.47 24.56 14.46
C ILE H 105 17.42 24.65 13.28
N ASP H 106 17.42 25.79 12.61
CA ASP H 106 18.42 26.08 11.57
C ASP H 106 18.34 25.09 10.39
N GLY H 107 17.14 24.59 10.12
CA GLY H 107 16.94 23.63 9.05
C GLY H 107 17.49 22.26 9.34
N ILE H 108 17.96 22.02 10.56
CA ILE H 108 18.48 20.72 11.00
C ILE H 108 17.46 20.09 11.94
N ARG H 109 17.31 18.77 11.87
CA ARG H 109 16.45 18.07 12.81
C ARG H 109 17.11 17.82 14.16
N ILE H 110 16.51 18.33 15.22
CA ILE H 110 17.01 18.03 16.53
C ILE H 110 16.72 16.57 16.77
N THR H 111 17.75 15.75 16.64
CA THR H 111 17.58 14.30 16.73
C THR H 111 17.98 13.77 18.09
N ASP H 112 17.02 13.67 19.00
CA ASP H 112 17.35 13.13 20.30
C ASP H 112 17.42 11.62 20.20
N GLU H 113 17.61 10.97 21.34
CA GLU H 113 17.82 9.54 21.38
C GLU H 113 16.66 8.76 20.76
N HIS H 114 15.43 9.10 21.12
CA HIS H 114 14.29 8.38 20.57
C HIS H 114 14.07 8.66 19.15
N THR H 115 14.14 9.94 18.80
CA THR H 115 13.86 10.36 17.44
C THR H 115 14.84 9.67 16.48
N MET H 116 16.06 9.39 16.95
CA MET H 116 17.04 8.69 16.13
C MET H 116 16.53 7.32 15.81
N ALA H 117 15.94 6.66 16.79
CA ALA H 117 15.36 5.35 16.57
C ALA H 117 14.31 5.37 15.45
N VAL H 118 13.49 6.43 15.39
CA VAL H 118 12.48 6.56 14.33
C VAL H 118 13.18 6.82 12.99
N VAL H 119 14.16 7.72 13.01
CA VAL H 119 14.93 8.08 11.80
C VAL H 119 15.60 6.86 11.23
N ARG H 120 16.19 6.05 12.09
CA ARG H 120 16.99 4.94 11.63
C ARG H 120 16.09 3.92 10.95
N LYS H 121 14.96 3.60 11.59
CA LYS H 121 13.96 2.66 11.07
C LYS H 121 13.42 3.14 9.72
N CYS H 122 13.11 4.42 9.62
CA CYS H 122 12.62 4.95 8.38
C CYS H 122 13.63 4.94 7.28
N PHE H 123 14.86 5.29 7.58
CA PHE H 123 15.89 5.19 6.57
C PHE H 123 15.95 3.79 6.01
N LEU H 124 16.00 2.80 6.88
CA LEU H 124 16.25 1.45 6.41
C LEU H 124 15.09 0.95 5.56
N GLU H 125 13.87 1.35 5.92
CA GLU H 125 12.69 0.93 5.19
C GLU H 125 12.63 1.57 3.82
N GLN H 126 12.63 2.90 3.81
CA GLN H 126 12.70 3.68 2.58
C GLN H 126 13.77 3.17 1.63
N ASN H 127 14.91 2.80 2.18
CA ASN H 127 16.04 2.28 1.41
C ASN H 127 15.75 0.92 0.74
N LEU H 128 15.22 -0.06 1.46
CA LEU H 128 14.84 -1.32 0.82
C LEU H 128 13.78 -1.08 -0.21
N LYS H 129 12.86 -0.18 0.11
CA LYS H 129 11.72 0.09 -0.77
C LYS H 129 12.23 0.42 -2.17
N LEU H 130 13.23 1.30 -2.22
CA LEU H 130 13.85 1.72 -3.48
C LEU H 130 14.67 0.60 -4.10
N VAL H 131 15.46 -0.11 -3.29
CA VAL H 131 16.26 -1.21 -3.80
C VAL H 131 15.34 -2.28 -4.38
N THR H 132 14.42 -2.85 -3.59
CA THR H 132 13.39 -3.79 -4.12
C THR H 132 12.73 -3.31 -5.43
N ALA H 133 12.25 -2.08 -5.45
CA ALA H 133 11.70 -1.45 -6.67
C ALA H 133 12.60 -1.64 -7.88
N LEU H 134 13.84 -1.19 -7.75
CA LEU H 134 14.86 -1.30 -8.78
C LEU H 134 15.14 -2.74 -9.16
N GLU H 135 15.22 -3.62 -8.19
CA GLU H 135 15.46 -5.03 -8.49
C GLU H 135 14.35 -5.59 -9.35
N GLN H 136 13.10 -5.34 -8.96
CA GLN H 136 11.96 -5.72 -9.77
C GLN H 136 12.07 -5.32 -11.24
N LEU H 137 12.73 -4.20 -11.54
CA LEU H 137 12.93 -3.77 -12.93
C LEU H 137 14.25 -4.28 -13.53
N GLY H 138 14.90 -5.22 -12.86
CA GLY H 138 16.12 -5.88 -13.37
C GLY H 138 17.43 -5.17 -13.06
N VAL H 139 17.39 -4.20 -12.14
CA VAL H 139 18.56 -3.39 -11.83
C VAL H 139 19.14 -3.94 -10.55
N ARG H 140 20.42 -4.32 -10.58
CA ARG H 140 21.10 -4.74 -9.38
C ARG H 140 21.29 -3.50 -8.49
N ALA H 141 20.69 -3.52 -7.31
CA ALA H 141 20.96 -2.47 -6.33
C ALA H 141 21.58 -3.07 -5.10
N ARG H 142 22.26 -2.20 -4.40
CA ARG H 142 22.98 -2.60 -3.22
C ARG H 142 22.76 -1.57 -2.14
N PRO H 143 21.93 -1.90 -1.16
CA PRO H 143 21.74 -0.94 -0.08
C PRO H 143 23.01 -0.75 0.73
N ILE H 144 23.35 0.50 0.98
CA ILE H 144 24.58 0.87 1.72
C ILE H 144 24.16 1.82 2.83
N THR H 145 23.76 1.24 3.95
CA THR H 145 23.11 1.97 5.03
C THR H 145 24.08 2.47 6.12
N SER H 146 25.36 2.14 5.99
CA SER H 146 26.39 2.59 6.94
C SER H 146 27.76 2.38 6.35
N GLY H 147 28.75 3.07 6.91
CA GLY H 147 30.15 2.75 6.57
C GLY H 147 30.72 3.62 5.48
N VAL H 148 29.97 4.63 5.12
CA VAL H 148 30.41 5.52 4.10
C VAL H 148 30.79 6.87 4.71
N PHE H 149 29.90 7.45 5.51
CA PHE H 149 30.21 8.73 6.16
C PHE H 149 30.67 8.59 7.62
N THR H 150 31.80 9.22 7.98
CA THR H 150 32.19 9.33 9.37
C THR H 150 32.02 10.78 9.80
N ALA H 151 31.50 11.02 11.02
CA ALA H 151 31.18 12.37 11.49
C ALA H 151 31.60 12.66 12.92
N ASP H 152 31.66 13.94 13.29
CA ASP H 152 31.64 14.38 14.69
C ASP H 152 30.24 14.86 14.99
N TYR H 153 30.00 15.24 16.24
CA TYR H 153 28.73 15.85 16.52
C TYR H 153 28.78 17.25 15.94
N LEU H 154 27.68 17.69 15.36
CA LEU H 154 27.63 19.02 14.84
C LEU H 154 27.58 20.00 15.99
N ASP H 155 26.67 19.75 16.91
CA ASP H 155 26.62 20.49 18.21
C ASP H 155 25.79 19.68 19.19
N LYS H 156 26.45 19.12 20.20
CA LYS H 156 25.84 18.02 20.92
C LYS H 156 24.64 18.47 21.74
N ASP H 157 24.54 19.74 22.13
CA ASP H 157 23.39 20.19 22.99
C ASP H 157 22.33 20.92 22.16
N LYS H 158 22.73 21.47 21.02
CA LYS H 158 21.77 22.11 20.11
C LYS H 158 20.99 21.03 19.35
N TYR H 159 21.71 20.10 18.71
CA TYR H 159 21.11 19.15 17.80
C TYR H 159 21.05 17.71 18.33
N LYS H 160 21.69 17.46 19.46
CA LYS H 160 21.82 16.10 19.98
C LYS H 160 22.48 15.22 18.91
N LEU H 161 21.85 14.11 18.50
CA LEU H 161 22.50 13.12 17.62
C LEU H 161 22.54 13.49 16.13
N VAL H 162 22.86 14.74 15.80
CA VAL H 162 23.14 15.15 14.43
C VAL H 162 24.61 15.22 14.22
N GLY H 163 25.01 14.78 13.03
CA GLY H 163 26.43 14.69 12.69
C GLY H 163 26.97 15.77 11.77
N ASN H 164 28.30 15.80 11.63
CA ASN H 164 29.04 16.78 10.80
C ASN H 164 30.11 15.99 10.09
N ILE H 165 29.95 15.80 8.79
CA ILE H 165 30.74 14.80 8.13
C ILE H 165 32.21 15.20 8.09
N LYS H 166 33.05 14.38 8.65
CA LYS H 166 34.45 14.61 8.66
C LYS H 166 35.14 13.93 7.47
N SER H 167 34.55 12.83 6.96
CA SER H 167 35.10 12.14 5.77
C SER H 167 34.17 11.13 5.11
N VAL H 168 34.52 10.77 3.88
CA VAL H 168 33.73 9.85 3.06
C VAL H 168 34.61 8.66 2.70
N THR H 169 34.13 7.45 2.93
CA THR H 169 34.88 6.26 2.57
C THR H 169 34.39 5.75 1.24
N LYS H 170 35.24 5.80 0.23
CA LYS H 170 34.78 5.44 -1.13
C LYS H 170 34.48 3.94 -1.34
N GLU H 171 35.25 3.09 -0.66
CA GLU H 171 35.40 1.66 -1.04
C GLU H 171 34.07 0.93 -1.25
N PRO H 172 33.10 1.09 -0.37
CA PRO H 172 31.79 0.49 -0.56
C PRO H 172 31.10 0.89 -1.85
N ILE H 173 31.13 2.18 -2.19
CA ILE H 173 30.43 2.71 -3.36
C ILE H 173 31.12 2.21 -4.58
N GLU H 174 32.44 2.14 -4.50
CA GLU H 174 33.22 1.63 -5.62
C GLU H 174 32.99 0.12 -5.78
N ALA H 175 33.17 -0.63 -4.71
CA ALA H 175 32.93 -2.09 -4.73
C ALA H 175 31.58 -2.42 -5.36
N SER H 176 30.58 -1.60 -5.07
CA SER H 176 29.23 -1.82 -5.58
C SER H 176 29.22 -1.65 -7.09
N ILE H 177 29.72 -0.50 -7.54
CA ILE H 177 29.76 -0.20 -8.97
C ILE H 177 30.56 -1.27 -9.66
N LYS H 178 31.75 -1.55 -9.16
CA LYS H 178 32.57 -2.63 -9.71
C LYS H 178 31.82 -3.96 -9.80
N ALA H 179 31.00 -4.28 -8.81
CA ALA H 179 30.19 -5.54 -8.89
C ALA H 179 28.92 -5.38 -9.72
N GLY H 180 28.73 -4.22 -10.34
CA GLY H 180 27.64 -4.03 -11.30
C GLY H 180 26.29 -3.71 -10.68
N ALA H 181 26.34 -3.20 -9.44
CA ALA H 181 25.14 -2.80 -8.75
C ALA H 181 25.09 -1.29 -8.48
N LEU H 182 23.89 -0.70 -8.60
CA LEU H 182 23.70 0.71 -8.21
C LEU H 182 23.85 0.78 -6.72
N PRO H 183 24.66 1.72 -6.25
CA PRO H 183 24.68 1.93 -4.82
C PRO H 183 23.59 2.90 -4.37
N ILE H 184 22.84 2.51 -3.34
CA ILE H 184 21.76 3.31 -2.81
C ILE H 184 22.10 3.63 -1.34
N LEU H 185 22.63 4.83 -1.13
CA LEU H 185 23.12 5.30 0.16
C LEU H 185 22.02 5.92 0.95
N THR H 186 22.00 5.65 2.25
CA THR H 186 21.31 6.51 3.20
C THR H 186 22.27 7.61 3.64
N SER H 187 21.73 8.78 3.92
CA SER H 187 22.54 9.91 4.44
C SER H 187 22.65 9.87 5.94
N LEU H 188 23.49 8.96 6.44
CA LEU H 188 23.53 8.56 7.84
C LEU H 188 24.96 8.32 8.18
N ALA H 189 25.54 9.14 9.05
CA ALA H 189 26.98 9.07 9.38
C ALA H 189 27.20 8.28 10.63
N GLU H 190 28.45 8.21 11.07
CA GLU H 190 28.78 7.54 12.32
C GLU H 190 30.16 7.84 12.85
N THR H 191 30.22 8.13 14.14
CA THR H 191 31.44 8.49 14.83
C THR H 191 32.42 7.33 14.76
N ALA H 192 33.68 7.58 15.09
CA ALA H 192 34.66 6.51 15.11
C ALA H 192 34.21 5.41 16.06
N SER H 193 33.83 5.80 17.26
CA SER H 193 33.32 4.86 18.29
C SER H 193 32.03 4.08 17.90
N GLY H 194 31.28 4.57 16.92
CA GLY H 194 30.17 3.83 16.35
C GLY H 194 28.78 4.32 16.71
N GLN H 195 28.61 5.56 17.14
CA GLN H 195 27.27 6.08 17.31
C GLN H 195 26.84 6.62 15.98
N MET H 196 25.64 6.27 15.54
CA MET H 196 25.13 6.76 14.31
C MET H 196 24.60 8.15 14.53
N LEU H 197 24.92 9.04 13.61
CA LEU H 197 24.47 10.41 13.64
C LEU H 197 23.65 10.76 12.39
N ASN H 198 22.55 11.45 12.61
CA ASN H 198 21.70 11.96 11.54
C ASN H 198 22.37 13.15 10.86
N VAL H 199 22.30 13.18 9.54
CA VAL H 199 23.02 14.14 8.72
C VAL H 199 22.07 14.54 7.59
N ASN H 200 21.77 15.83 7.44
CA ASN H 200 20.87 16.27 6.35
C ASN H 200 21.22 15.63 4.99
N ALA H 201 20.24 15.03 4.31
CA ALA H 201 20.43 14.43 2.96
C ALA H 201 21.11 15.34 1.94
N ASP H 202 20.74 16.61 1.97
CA ASP H 202 21.32 17.58 1.05
C ASP H 202 22.80 17.82 1.35
N VAL H 203 23.20 17.75 2.62
CA VAL H 203 24.60 17.97 2.98
C VAL H 203 25.44 16.74 2.71
N ALA H 204 24.91 15.55 2.99
CA ALA H 204 25.60 14.29 2.60
C ALA H 204 25.88 14.27 1.10
N ALA H 205 24.88 14.67 0.31
CA ALA H 205 25.01 14.66 -1.14
C ALA H 205 26.18 15.52 -1.56
N GLY H 206 26.28 16.71 -0.98
CA GLY H 206 27.39 17.61 -1.28
C GLY H 206 28.72 17.01 -0.90
N GLU H 207 28.77 16.33 0.23
CA GLU H 207 30.00 15.70 0.67
C GLU H 207 30.44 14.60 -0.28
N LEU H 208 29.50 13.89 -0.86
CA LEU H 208 29.85 12.90 -1.87
C LEU H 208 30.38 13.60 -3.08
N ALA H 209 29.63 14.59 -3.54
CA ALA H 209 29.99 15.26 -4.73
C ALA H 209 31.43 15.80 -4.62
N ARG H 210 31.78 16.34 -3.47
CA ARG H 210 33.10 16.86 -3.24
C ARG H 210 34.18 15.81 -3.42
N VAL H 211 33.94 14.63 -2.90
CA VAL H 211 34.91 13.56 -2.98
C VAL H 211 34.96 12.89 -4.37
N PHE H 212 33.80 12.67 -5.00
CA PHE H 212 33.72 11.89 -6.25
C PHE H 212 33.76 12.72 -7.53
N GLU H 213 33.71 14.04 -7.40
CA GLU H 213 33.74 15.00 -8.53
C GLU H 213 32.99 14.52 -9.76
N PRO H 214 31.69 14.22 -9.59
CA PRO H 214 30.92 13.59 -10.65
C PRO H 214 30.58 14.66 -11.68
N LEU H 215 30.16 14.24 -12.88
CA LEU H 215 29.87 15.16 -13.96
C LEU H 215 28.56 15.83 -13.72
N LYS H 216 27.59 15.10 -13.21
CA LYS H 216 26.29 15.69 -12.95
C LYS H 216 25.91 15.57 -11.48
N ILE H 217 25.21 16.56 -10.97
CA ILE H 217 24.72 16.52 -9.62
C ILE H 217 23.26 16.90 -9.64
N VAL H 218 22.40 15.92 -9.46
CA VAL H 218 20.99 16.17 -9.57
C VAL H 218 20.30 16.08 -8.21
N TYR H 219 19.50 17.08 -7.90
CA TYR H 219 18.70 17.11 -6.67
C TYR H 219 17.24 16.91 -6.98
N LEU H 220 16.76 15.70 -6.83
CA LEU H 220 15.36 15.42 -7.19
C LEU H 220 14.35 15.88 -6.14
N ASN H 221 13.47 16.79 -6.51
CA ASN H 221 12.42 17.19 -5.63
C ASN H 221 11.03 17.01 -6.22
N GLU H 222 10.00 17.44 -5.48
CA GLU H 222 8.62 17.37 -5.97
C GLU H 222 8.35 18.63 -6.76
N LYS H 223 8.55 19.77 -6.11
CA LYS H 223 8.35 21.07 -6.70
C LYS H 223 8.70 21.14 -8.20
N GLY H 224 9.88 20.67 -8.59
CA GLY H 224 10.39 20.89 -9.96
C GLY H 224 11.29 22.05 -10.15
N GLY H 225 12.07 22.35 -9.16
CA GLY H 225 12.74 23.55 -9.26
C GLY H 225 12.51 24.37 -8.03
N ILE H 226 12.95 25.62 -8.13
CA ILE H 226 12.72 26.65 -7.13
C ILE H 226 11.77 27.65 -7.74
N ILE H 227 10.67 27.93 -7.03
CA ILE H 227 9.69 28.87 -7.53
C ILE H 227 9.82 30.11 -6.70
N ASN H 228 10.00 31.22 -7.41
CA ASN H 228 9.94 32.52 -6.80
C ASN H 228 8.62 32.68 -6.05
N GLY H 229 8.67 32.61 -4.72
CA GLY H 229 7.48 32.67 -3.87
C GLY H 229 6.62 33.92 -3.94
N SER H 230 7.13 35.01 -4.52
CA SER H 230 6.38 36.27 -4.62
C SER H 230 5.73 36.51 -6.00
N THR H 231 6.16 35.77 -7.03
CA THR H 231 5.52 35.86 -8.36
C THR H 231 5.25 34.50 -9.04
N GLY H 232 5.55 33.40 -8.38
CA GLY H 232 5.34 32.06 -8.96
C GLY H 232 6.22 31.75 -10.17
N GLU H 233 7.20 32.60 -10.44
CA GLU H 233 8.08 32.46 -11.62
C GLU H 233 9.09 31.36 -11.37
N LYS H 234 8.88 30.21 -11.98
CA LYS H 234 9.84 29.13 -11.83
C LYS H 234 11.26 29.66 -12.20
N ILE H 235 12.16 29.68 -11.23
CA ILE H 235 13.53 30.14 -11.46
C ILE H 235 14.29 29.05 -12.21
N SER H 236 14.64 29.27 -13.46
CA SER H 236 15.28 28.20 -14.24
C SER H 236 16.80 28.18 -14.18
N MET H 237 17.37 29.30 -13.73
CA MET H 237 18.82 29.47 -13.74
C MET H 237 19.22 30.33 -12.58
N ILE H 238 20.38 30.04 -12.02
CA ILE H 238 20.97 30.90 -11.02
C ILE H 238 22.47 30.93 -11.24
N ASN H 239 23.02 32.10 -11.59
CA ASN H 239 24.46 32.29 -11.52
C ASN H 239 24.78 32.86 -10.14
N LEU H 240 25.35 32.04 -9.26
CA LEU H 240 25.63 32.44 -7.89
C LEU H 240 26.55 33.66 -7.75
N ASP H 241 27.66 33.68 -8.47
CA ASP H 241 28.58 34.80 -8.36
C ASP H 241 27.85 36.13 -8.51
N GLU H 242 26.88 36.22 -9.42
CA GLU H 242 26.12 37.48 -9.63
C GLU H 242 24.91 37.56 -8.68
N GLU H 243 24.10 36.51 -8.64
CA GLU H 243 22.72 36.61 -8.10
C GLU H 243 22.55 36.22 -6.63
N TYR H 244 23.52 35.51 -6.08
CA TYR H 244 23.36 34.85 -4.79
C TYR H 244 22.96 35.79 -3.68
N ASP H 245 23.68 36.89 -3.57
CA ASP H 245 23.49 37.79 -2.46
C ASP H 245 22.09 38.35 -2.36
N ASP H 246 21.55 38.76 -3.51
CA ASP H 246 20.29 39.48 -3.55
C ASP H 246 19.16 38.50 -3.52
N LEU H 247 19.46 37.25 -3.84
CA LEU H 247 18.47 36.20 -3.73
C LEU H 247 18.28 35.80 -2.25
N MET H 248 19.36 35.74 -1.49
CA MET H 248 19.27 35.41 -0.07
C MET H 248 18.61 36.54 0.73
N LYS H 249 18.74 37.77 0.25
CA LYS H 249 18.09 38.92 0.87
C LYS H 249 16.56 38.92 0.73
N GLN H 250 16.00 38.07 -0.12
CA GLN H 250 14.55 38.12 -0.44
C GLN H 250 13.59 37.73 0.70
N SER H 251 12.48 38.45 0.80
CA SER H 251 11.39 38.15 1.75
C SER H 251 10.94 36.70 1.66
N TRP H 252 10.71 36.24 0.44
CA TRP H 252 10.08 34.93 0.21
C TRP H 252 10.98 33.74 0.40
N VAL H 253 12.29 33.89 0.16
CA VAL H 253 13.22 32.77 0.37
C VAL H 253 13.15 32.28 1.83
N LYS H 254 12.48 31.15 2.05
CA LYS H 254 12.34 30.57 3.40
C LYS H 254 13.67 30.06 3.95
N TYR H 255 13.72 29.81 5.25
CA TYR H 255 14.94 29.40 5.97
C TYR H 255 15.48 28.06 5.42
N GLY H 256 14.59 27.10 5.22
CA GLY H 256 14.95 25.83 4.59
C GLY H 256 15.59 25.99 3.22
N THR H 257 15.10 26.96 2.46
CA THR H 257 15.65 27.25 1.15
C THR H 257 17.03 27.87 1.31
N LYS H 258 17.13 28.92 2.12
CA LYS H 258 18.42 29.57 2.38
C LYS H 258 19.49 28.52 2.65
N LEU H 259 19.23 27.61 3.58
CA LEU H 259 20.22 26.59 3.95
C LEU H 259 20.61 25.66 2.80
N LYS H 260 19.68 25.36 1.92
CA LYS H 260 19.95 24.50 0.79
C LYS H 260 20.80 25.26 -0.23
N ILE H 261 20.37 26.45 -0.61
CA ILE H 261 21.14 27.27 -1.54
C ILE H 261 22.55 27.57 -0.99
N ARG H 262 22.65 27.80 0.32
CA ARG H 262 23.94 28.11 0.90
C ARG H 262 24.85 26.92 0.81
N GLU H 263 24.31 25.75 1.10
CA GLU H 263 25.15 24.57 1.07
C GLU H 263 25.55 24.22 -0.37
N ILE H 264 24.74 24.65 -1.35
CA ILE H 264 25.06 24.43 -2.77
C ILE H 264 26.15 25.37 -3.20
N LYS H 265 26.11 26.62 -2.73
CA LYS H 265 27.23 27.55 -2.98
C LYS H 265 28.53 27.00 -2.41
N GLU H 266 28.48 26.59 -1.16
CA GLU H 266 29.67 26.07 -0.51
C GLU H 266 30.27 24.92 -1.31
N LEU H 267 29.42 24.09 -1.87
CA LEU H 267 29.85 22.94 -2.65
C LEU H 267 30.50 23.41 -3.92
N LEU H 268 29.78 24.26 -4.67
CA LEU H 268 30.25 24.69 -5.99
C LEU H 268 31.51 25.58 -5.93
N ASP H 269 31.76 26.21 -4.79
CA ASP H 269 32.99 26.96 -4.57
C ASP H 269 34.22 26.06 -4.54
N TYR H 270 34.00 24.78 -4.31
CA TYR H 270 35.05 23.76 -4.18
C TYR H 270 35.36 23.17 -5.52
N LEU H 271 34.31 22.99 -6.32
CA LEU H 271 34.38 22.31 -7.58
C LEU H 271 34.65 23.27 -8.73
N PRO H 272 35.02 22.71 -9.89
CA PRO H 272 35.20 23.41 -11.11
C PRO H 272 34.05 24.34 -11.46
N ARG H 273 34.34 25.27 -12.37
CA ARG H 273 33.31 26.13 -12.92
C ARG H 273 32.39 25.32 -13.84
N SER H 274 32.93 24.23 -14.38
CA SER H 274 32.15 23.32 -15.21
C SER H 274 30.96 22.66 -14.50
N SER H 275 31.07 22.54 -13.19
CA SER H 275 30.08 21.79 -12.45
C SER H 275 28.87 22.61 -12.14
N SER H 276 27.78 21.91 -11.87
CA SER H 276 26.48 22.52 -11.63
C SER H 276 25.54 21.60 -10.87
N VAL H 277 24.52 22.21 -10.27
CA VAL H 277 23.53 21.47 -9.55
C VAL H 277 22.18 21.72 -10.18
N ALA H 278 21.45 20.67 -10.46
CA ALA H 278 20.17 20.76 -11.11
C ALA H 278 19.18 20.27 -10.12
N ILE H 279 18.19 21.08 -9.79
CA ILE H 279 17.12 20.65 -8.92
C ILE H 279 15.94 20.46 -9.83
N ILE H 280 15.61 19.23 -10.17
CA ILE H 280 14.50 18.93 -11.07
C ILE H 280 13.51 18.02 -10.43
N ASN H 281 12.36 17.95 -11.08
CA ASN H 281 11.34 17.01 -10.75
C ASN H 281 11.76 15.68 -11.36
N VAL H 282 11.24 14.58 -10.84
CA VAL H 282 11.71 13.27 -11.30
C VAL H 282 11.51 13.07 -12.80
N GLN H 283 10.37 13.44 -13.37
CA GLN H 283 10.10 13.11 -14.80
C GLN H 283 11.08 13.72 -15.78
N ASP H 284 11.51 14.93 -15.53
CA ASP H 284 12.47 15.56 -16.47
C ASP H 284 13.94 15.23 -16.12
N LEU H 285 14.16 14.06 -15.54
CA LEU H 285 15.48 13.62 -15.15
C LEU H 285 16.20 13.09 -16.38
N GLN H 286 15.65 12.06 -17.01
CA GLN H 286 16.19 11.52 -18.25
C GLN H 286 16.53 12.67 -19.19
N LYS H 287 15.66 13.66 -19.26
CA LYS H 287 15.93 14.88 -20.03
C LYS H 287 17.15 15.67 -19.56
N GLU H 288 17.12 16.26 -18.38
CA GLU H 288 18.24 17.09 -17.90
C GLU H 288 19.63 16.43 -17.95
N LEU H 289 19.67 15.10 -17.97
CA LEU H 289 20.97 14.41 -17.99
C LEU H 289 21.73 14.49 -19.31
N PHE H 290 21.00 14.68 -20.41
CA PHE H 290 21.63 14.72 -21.75
C PHE H 290 21.27 15.90 -22.63
N THR H 291 20.12 16.54 -22.43
CA THR H 291 19.83 17.78 -23.12
C THR H 291 20.58 18.89 -22.37
N ASP H 292 21.20 19.75 -23.16
CA ASP H 292 22.07 20.83 -22.66
C ASP H 292 21.26 21.93 -21.98
N SER H 293 19.99 22.07 -22.37
CA SER H 293 19.05 22.97 -21.71
C SER H 293 18.46 22.35 -20.44
N GLY H 294 17.53 21.42 -20.63
CA GLY H 294 16.72 20.92 -19.51
C GLY H 294 15.91 21.98 -18.80
N ALA H 295 15.42 21.66 -17.61
CA ALA H 295 14.18 22.31 -17.20
C ALA H 295 13.75 22.10 -15.75
N GLY H 296 14.61 22.36 -14.80
CA GLY H 296 14.14 22.67 -13.44
C GLY H 296 14.98 23.85 -13.07
N THR H 297 15.32 24.12 -11.80
CA THR H 297 16.30 25.15 -11.51
C THR H 297 17.63 24.55 -11.72
N MET H 298 18.48 25.29 -12.41
CA MET H 298 19.87 24.92 -12.52
C MET H 298 20.76 25.98 -11.92
N ILE H 299 21.53 25.60 -10.91
CA ILE H 299 22.40 26.51 -10.24
C ILE H 299 23.84 26.20 -10.59
N ARG H 300 24.61 27.26 -10.74
CA ARG H 300 26.05 27.16 -10.97
C ARG H 300 26.75 28.48 -10.65
N ARG H 301 28.07 28.46 -10.60
CA ARG H 301 28.78 29.60 -10.06
C ARG H 301 28.74 30.78 -10.96
N GLY H 302 28.95 30.50 -12.23
CA GLY H 302 28.89 31.52 -13.20
C GLY H 302 30.10 32.36 -13.20
N TYR H 303 29.98 33.31 -14.10
CA TYR H 303 30.76 34.50 -14.11
C TYR H 303 29.71 35.54 -14.48
N LYS H 304 30.16 36.76 -14.35
CA LYS H 304 29.28 37.89 -14.23
C LYS H 304 29.11 38.61 -15.55
N LEU H 305 27.92 39.18 -15.75
CA LEU H 305 27.60 40.01 -16.95
C LEU H 305 28.28 41.29 -16.65
N VAL H 306 28.77 41.97 -17.68
CA VAL H 306 29.60 43.15 -17.53
C VAL H 306 28.94 44.36 -18.25
N LYS H 307 28.56 45.36 -17.45
CA LYS H 307 27.74 46.46 -17.92
C LYS H 307 28.73 47.47 -18.46
N ARG H 308 28.63 47.80 -19.75
CA ARG H 308 29.53 48.78 -20.33
C ARG H 308 28.76 49.83 -21.07
N SER H 309 29.28 51.05 -21.06
CA SER H 309 28.57 52.21 -21.63
C SER H 309 29.29 52.91 -22.76
N SER H 310 30.33 52.28 -23.28
CA SER H 310 31.07 52.81 -24.40
C SER H 310 31.90 51.72 -25.04
N ILE H 311 32.05 51.76 -26.36
CA ILE H 311 32.95 50.83 -27.06
C ILE H 311 34.35 50.79 -26.42
N GLY H 312 34.76 51.92 -25.86
CA GLY H 312 36.02 52.03 -25.15
C GLY H 312 36.27 50.95 -24.12
N GLU H 313 35.21 50.58 -23.40
CA GLU H 313 35.34 49.68 -22.26
C GLU H 313 35.45 48.21 -22.69
N PHE H 314 35.05 47.90 -23.92
CA PHE H 314 35.18 46.53 -24.41
C PHE H 314 36.66 46.22 -24.62
N PRO H 315 37.11 45.04 -24.15
CA PRO H 315 38.53 44.72 -24.18
C PRO H 315 39.02 44.50 -25.60
N SER H 316 38.17 43.94 -26.45
CA SER H 316 38.46 43.85 -27.88
C SER H 316 37.27 44.39 -28.65
N ALA H 317 37.52 45.42 -29.48
CA ALA H 317 36.52 45.98 -30.39
C ALA H 317 36.24 44.95 -31.49
N ASP H 318 37.28 44.24 -31.93
CA ASP H 318 37.12 43.15 -32.90
C ASP H 318 36.27 41.99 -32.36
N ALA H 319 36.41 41.67 -31.08
CA ALA H 319 35.56 40.66 -30.45
C ALA H 319 34.08 41.07 -30.50
N LEU H 320 33.81 42.36 -30.28
CA LEU H 320 32.43 42.89 -30.33
C LEU H 320 31.89 42.73 -31.74
N ARG H 321 32.73 43.03 -32.73
CA ARG H 321 32.32 43.03 -34.11
C ARG H 321 31.90 41.59 -34.48
N LYS H 322 32.72 40.61 -34.11
CA LYS H 322 32.46 39.17 -34.36
C LYS H 322 31.14 38.74 -33.68
N ALA H 323 30.96 39.20 -32.44
CA ALA H 323 29.75 38.90 -31.68
C ALA H 323 28.47 39.37 -32.37
N LEU H 324 28.50 40.58 -32.93
CA LEU H 324 27.32 41.19 -33.56
C LEU H 324 27.02 40.63 -34.95
N GLN H 325 28.00 39.97 -35.56
CA GLN H 325 27.85 39.49 -36.95
C GLN H 325 26.88 38.33 -37.08
N ARG H 326 26.49 37.73 -35.96
CA ARG H 326 25.58 36.58 -36.00
C ARG H 326 24.12 37.01 -36.12
N ASP H 327 23.87 38.31 -36.00
CA ASP H 327 22.54 38.91 -36.13
C ASP H 327 21.83 38.51 -37.45
N ALA H 328 20.49 38.47 -37.43
CA ALA H 328 19.66 38.13 -38.60
C ALA H 328 19.61 39.28 -39.64
N GLY H 329 19.84 40.52 -39.20
CA GLY H 329 19.87 41.70 -40.08
C GLY H 329 21.24 42.33 -40.23
N ILE H 330 22.29 41.57 -39.95
CA ILE H 330 23.69 42.00 -40.21
C ILE H 330 24.51 40.90 -40.91
N SER H 331 24.26 39.62 -40.57
CA SER H 331 24.97 38.47 -41.18
C SER H 331 24.90 38.50 -42.71
N SER H 332 23.83 39.07 -43.24
CA SER H 332 23.85 39.70 -44.58
C SER H 332 22.72 40.72 -44.75
N GLY H 333 22.25 41.31 -43.64
CA GLY H 333 21.20 42.32 -43.68
C GLY H 333 21.77 43.68 -44.05
N LYS H 334 20.89 44.63 -44.33
CA LYS H 334 21.28 45.94 -44.88
C LYS H 334 21.73 46.97 -43.82
N GLU H 335 22.48 46.52 -42.81
CA GLU H 335 23.12 47.41 -41.85
C GLU H 335 24.41 46.73 -41.38
N SER H 336 25.54 47.14 -41.95
CA SER H 336 26.80 46.50 -41.62
C SER H 336 27.19 46.84 -40.19
N VAL H 337 27.75 45.86 -39.49
CA VAL H 337 28.23 46.05 -38.13
C VAL H 337 29.15 47.25 -38.05
N ALA H 338 29.96 47.41 -39.10
CA ALA H 338 30.82 48.56 -39.23
C ALA H 338 30.06 49.85 -38.91
N SER H 339 28.95 50.07 -39.62
CA SER H 339 28.24 51.34 -39.50
C SER H 339 27.43 51.39 -38.24
N TYR H 340 26.99 50.24 -37.75
CA TYR H 340 26.26 50.22 -36.49
C TYR H 340 27.13 50.70 -35.35
N LEU H 341 28.35 50.18 -35.28
CA LEU H 341 29.29 50.57 -34.22
C LEU H 341 29.70 52.05 -34.33
N ARG H 342 29.68 52.60 -35.54
CA ARG H 342 29.79 54.05 -35.71
C ARG H 342 28.71 54.78 -34.89
N TYR H 343 27.43 54.42 -35.10
CA TYR H 343 26.30 55.05 -34.37
C TYR H 343 26.39 54.88 -32.86
N LEU H 344 26.87 53.73 -32.39
CA LEU H 344 27.02 53.50 -30.95
C LEU H 344 27.97 54.48 -30.28
N GLU H 345 29.17 54.65 -30.83
CA GLU H 345 30.15 55.58 -30.25
C GLU H 345 29.52 56.91 -29.80
N ASN H 346 28.57 57.41 -30.59
CA ASN H 346 27.89 58.68 -30.33
C ASN H 346 26.46 58.40 -29.92
N SER H 347 26.30 57.80 -28.75
CA SER H 347 25.01 57.27 -28.35
C SER H 347 24.99 57.07 -26.84
N ASP H 348 23.88 57.44 -26.20
CA ASP H 348 23.62 57.11 -24.79
C ASP H 348 23.19 55.65 -24.74
N PHE H 349 24.05 54.74 -24.31
CA PHE H 349 23.71 53.32 -24.26
C PHE H 349 24.29 52.55 -23.08
N VAL H 350 23.65 51.44 -22.75
CA VAL H 350 24.11 50.49 -21.77
C VAL H 350 24.22 49.15 -22.50
N SER H 351 25.33 48.44 -22.33
CA SER H 351 25.50 47.13 -22.92
C SER H 351 25.63 46.12 -21.80
N TYR H 352 25.26 44.87 -22.03
CA TYR H 352 25.52 43.82 -21.05
C TYR H 352 26.10 42.66 -21.81
N ALA H 353 27.26 42.16 -21.41
CA ALA H 353 27.89 41.03 -22.10
C ALA H 353 28.62 40.12 -21.12
N ASP H 354 28.48 38.81 -21.29
CA ASP H 354 29.32 37.87 -20.55
C ASP H 354 30.75 37.99 -21.06
N GLU H 355 31.67 37.36 -20.37
CA GLU H 355 33.06 37.46 -20.75
C GLU H 355 33.35 36.98 -22.17
N PRO H 356 32.74 35.85 -22.57
CA PRO H 356 33.01 35.34 -23.90
C PRO H 356 32.19 36.02 -25.01
N LEU H 357 31.40 37.03 -24.69
CA LEU H 357 30.53 37.69 -25.65
C LEU H 357 29.69 36.66 -26.43
N GLU H 358 29.19 35.69 -25.69
CA GLU H 358 28.31 34.69 -26.24
C GLU H 358 26.90 35.29 -26.34
N ALA H 359 26.62 36.25 -25.45
CA ALA H 359 25.39 37.02 -25.49
C ALA H 359 25.68 38.49 -25.23
N VAL H 360 25.14 39.35 -26.08
CA VAL H 360 25.39 40.79 -25.96
C VAL H 360 24.07 41.51 -26.13
N ALA H 361 23.69 42.28 -25.09
CA ALA H 361 22.48 43.12 -25.12
C ALA H 361 22.91 44.56 -25.15
N ILE H 362 22.20 45.38 -25.92
CA ILE H 362 22.50 46.80 -26.04
C ILE H 362 21.22 47.62 -25.88
N VAL H 363 21.09 48.41 -24.81
CA VAL H 363 19.88 49.18 -24.59
C VAL H 363 20.14 50.61 -24.96
N LYS H 364 19.43 51.15 -25.96
CA LYS H 364 19.55 52.59 -26.34
C LYS H 364 18.57 53.40 -25.50
N LYS H 365 19.11 54.38 -24.77
CA LYS H 365 18.42 54.91 -23.60
C LYS H 365 17.61 56.19 -23.89
N ASP H 366 17.87 56.85 -25.02
CA ASP H 366 17.00 57.90 -25.51
C ASP H 366 15.57 57.35 -25.73
N THR H 367 14.60 58.25 -25.91
CA THR H 367 13.16 57.90 -26.00
C THR H 367 12.65 57.11 -24.80
N ASN H 368 11.80 57.73 -23.98
CA ASN H 368 11.19 57.04 -22.86
C ASN H 368 10.59 55.75 -23.40
N VAL H 369 10.70 54.70 -22.59
CA VAL H 369 10.69 53.31 -23.05
C VAL H 369 11.95 53.11 -23.89
N PRO H 370 13.05 52.77 -23.21
CA PRO H 370 14.31 52.48 -23.88
C PRO H 370 14.17 51.27 -24.77
N THR H 371 14.96 51.24 -25.83
CA THR H 371 14.95 50.16 -26.78
C THR H 371 16.11 49.22 -26.52
N LEU H 372 15.81 47.93 -26.46
CA LEU H 372 16.82 46.89 -26.51
C LEU H 372 17.13 46.83 -27.99
N ASP H 373 18.21 47.45 -28.37
CA ASP H 373 18.46 47.72 -29.76
C ASP H 373 19.04 46.51 -30.44
N LYS H 374 19.96 45.84 -29.77
CA LYS H 374 20.53 44.59 -30.23
C LYS H 374 20.48 43.60 -29.06
N PHE H 375 20.34 42.33 -29.40
CA PHE H 375 20.33 41.25 -28.43
C PHE H 375 20.82 40.07 -29.24
N VAL H 376 22.12 39.82 -29.22
CA VAL H 376 22.73 38.93 -30.18
C VAL H 376 23.40 37.82 -29.40
N CYS H 377 22.74 36.67 -29.35
CA CYS H 377 23.20 35.53 -28.56
C CYS H 377 23.35 34.29 -29.44
N SER H 378 24.46 33.58 -29.29
CA SER H 378 24.69 32.39 -30.08
C SER H 378 23.80 31.26 -29.62
N ASP H 379 23.69 30.22 -30.45
CA ASP H 379 22.74 29.12 -30.17
C ASP H 379 23.15 28.46 -28.88
N ALA H 380 24.44 28.24 -28.74
CA ALA H 380 24.97 27.79 -27.49
C ALA H 380 24.28 28.53 -26.34
N ALA H 381 24.28 29.84 -26.43
CA ALA H 381 23.73 30.68 -25.40
C ALA H 381 22.24 30.41 -25.15
N TRP H 382 21.47 30.31 -26.23
CA TRP H 382 20.02 30.04 -26.11
C TRP H 382 19.73 28.81 -25.36
N LEU H 383 20.45 27.74 -25.68
CA LEU H 383 20.23 26.46 -25.02
C LEU H 383 20.57 26.48 -23.53
N ASN H 384 21.60 27.24 -23.14
CA ASN H 384 22.04 27.29 -21.72
C ASN H 384 21.40 28.40 -20.91
N ASN H 385 20.23 28.81 -21.38
CA ASN H 385 19.63 30.06 -20.94
C ASN H 385 20.58 31.12 -20.31
N VAL H 386 21.55 31.56 -21.10
CA VAL H 386 22.27 32.78 -20.77
C VAL H 386 21.38 33.95 -21.20
N THR H 387 20.52 33.69 -22.18
CA THR H 387 19.53 34.66 -22.55
C THR H 387 18.62 35.01 -21.38
N ASP H 388 18.24 34.03 -20.56
CA ASP H 388 17.43 34.34 -19.40
C ASP H 388 18.23 35.17 -18.39
N ASN H 389 19.52 34.85 -18.23
CA ASN H 389 20.41 35.69 -17.40
C ASN H 389 20.33 37.16 -17.75
N VAL H 390 20.55 37.41 -19.02
CA VAL H 390 20.63 38.75 -19.52
C VAL H 390 19.28 39.45 -19.36
N PHE H 391 18.18 38.79 -19.67
CA PHE H 391 16.91 39.46 -19.45
C PHE H 391 16.66 39.78 -18.01
N ASN H 392 17.10 38.92 -17.12
CA ASN H 392 16.87 39.20 -15.70
C ASN H 392 17.53 40.47 -15.29
N VAL H 393 18.76 40.67 -15.75
CA VAL H 393 19.51 41.86 -15.42
C VAL H 393 18.80 43.06 -16.04
N LEU H 394 18.50 42.97 -17.33
CA LEU H 394 17.69 43.99 -18.02
C LEU H 394 16.42 44.36 -17.26
N ARG H 395 15.73 43.36 -16.75
CA ARG H 395 14.42 43.62 -16.19
C ARG H 395 14.56 44.43 -14.91
N ARG H 396 15.69 44.26 -14.24
CA ARG H 396 15.93 44.97 -13.00
C ARG H 396 16.40 46.38 -13.30
N ASP H 397 17.27 46.53 -14.28
CA ASP H 397 17.84 47.84 -14.58
C ASP H 397 16.93 48.68 -15.47
N PHE H 398 15.93 48.07 -16.09
CA PHE H 398 15.01 48.78 -16.97
C PHE H 398 13.62 48.26 -16.73
N PRO H 399 12.86 48.94 -15.91
CA PRO H 399 11.52 48.50 -15.59
C PRO H 399 10.54 48.60 -16.76
N ALA H 400 10.79 49.48 -17.73
CA ALA H 400 10.03 49.47 -18.98
C ALA H 400 11.01 49.47 -20.14
N LEU H 401 10.70 48.64 -21.14
CA LEU H 401 11.61 48.29 -22.22
C LEU H 401 10.79 47.84 -23.43
N GLN H 402 11.26 48.22 -24.60
CA GLN H 402 10.67 47.79 -25.86
C GLN H 402 11.73 47.20 -26.74
N TRP H 403 11.33 46.27 -27.58
CA TRP H 403 12.26 45.62 -28.50
C TRP H 403 11.55 44.97 -29.68
N VAL H 404 12.30 44.76 -30.76
CA VAL H 404 11.74 44.23 -32.00
C VAL H 404 12.46 42.98 -32.49
N VAL H 405 11.69 41.94 -32.75
CA VAL H 405 12.25 40.67 -33.18
C VAL H 405 11.66 40.36 -34.55
N SER H 406 12.39 39.65 -35.39
CA SER H 406 11.89 39.24 -36.70
C SER H 406 10.73 38.27 -36.56
N GLU H 407 9.73 38.38 -37.43
CA GLU H 407 8.52 37.59 -37.33
C GLU H 407 8.83 36.13 -37.19
N ASN H 408 9.89 35.66 -37.87
CA ASN H 408 10.26 34.25 -37.80
C ASN H 408 11.68 34.13 -37.32
N ASP H 409 11.92 34.69 -36.16
CA ASP H 409 13.11 34.43 -35.39
C ASP H 409 12.89 33.08 -34.75
N ALA H 410 13.97 32.34 -34.61
CA ALA H 410 13.93 30.98 -34.09
C ALA H 410 13.15 30.88 -32.84
N ASN H 411 13.44 31.76 -31.92
CA ASN H 411 12.83 31.70 -30.61
C ASN H 411 11.98 32.97 -30.38
N ILE H 412 11.15 33.28 -31.36
CA ILE H 412 10.17 34.34 -31.20
C ILE H 412 9.25 34.02 -30.00
N ALA H 413 8.93 32.75 -29.81
CA ALA H 413 8.10 32.28 -28.67
C ALA H 413 8.60 32.73 -27.34
N TRP H 414 9.91 32.75 -27.23
CA TRP H 414 10.56 33.09 -25.97
C TRP H 414 10.41 34.55 -25.65
N HIS H 415 10.65 35.39 -26.65
CA HIS H 415 10.36 36.81 -26.55
C HIS H 415 8.92 37.13 -26.17
N PHE H 416 7.95 36.40 -26.73
CA PHE H 416 6.55 36.59 -26.35
C PHE H 416 6.36 36.35 -24.87
N ASP H 417 7.02 35.31 -24.35
CA ASP H 417 6.85 34.99 -22.95
C ASP H 417 7.41 36.08 -22.02
N LYS H 418 8.46 36.76 -22.49
CA LYS H 418 9.10 37.78 -21.69
C LYS H 418 8.38 39.10 -21.84
N SER H 419 7.48 39.23 -22.81
CA SER H 419 6.76 40.52 -23.02
C SER H 419 5.46 40.63 -22.26
N GLN H 420 4.93 41.85 -22.21
CA GLN H 420 3.56 42.11 -21.71
C GLN H 420 2.64 42.48 -22.88
N GLY H 421 3.21 42.81 -24.02
CA GLY H 421 2.44 43.09 -25.21
C GLY H 421 3.22 42.97 -26.50
N SER H 422 2.50 42.73 -27.59
CA SER H 422 3.13 42.49 -28.90
C SER H 422 2.33 43.12 -30.03
N TYR H 423 3.01 43.60 -31.07
CA TYR H 423 2.36 44.08 -32.29
C TYR H 423 3.14 43.63 -33.51
N LEU H 424 2.45 42.98 -34.43
CA LEU H 424 3.09 42.48 -35.62
C LEU H 424 2.84 43.44 -36.79
N LYS H 425 3.91 43.72 -37.55
CA LYS H 425 3.76 44.45 -38.81
C LYS H 425 5.03 44.26 -39.63
N GLY H 426 4.85 44.13 -40.94
CA GLY H 426 5.96 44.06 -41.89
C GLY H 426 7.00 43.03 -41.53
N GLY H 427 6.54 41.85 -41.11
CA GLY H 427 7.45 40.78 -40.72
C GLY H 427 8.33 41.05 -39.52
N LYS H 428 7.90 41.97 -38.66
CA LYS H 428 8.62 42.24 -37.42
C LYS H 428 7.60 42.34 -36.31
N VAL H 429 8.02 41.97 -35.10
CA VAL H 429 7.12 42.05 -33.94
C VAL H 429 7.69 43.02 -32.94
N LEU H 430 6.88 44.02 -32.59
CA LEU H 430 7.21 44.93 -31.51
C LEU H 430 6.81 44.24 -30.20
N PHE H 431 7.77 44.19 -29.26
CA PHE H 431 7.54 43.69 -27.92
C PHE H 431 7.83 44.78 -26.89
N TRP H 432 7.05 44.80 -25.81
CA TRP H 432 7.39 45.62 -24.66
C TRP H 432 6.96 45.02 -23.36
N TYR H 433 7.57 45.51 -22.28
CA TYR H 433 7.14 45.15 -20.94
C TYR H 433 7.14 46.33 -20.01
N GLY H 434 6.26 46.23 -19.02
CA GLY H 434 6.21 47.22 -17.98
C GLY H 434 5.57 48.55 -18.33
N ILE H 435 4.97 48.68 -19.51
CA ILE H 435 4.20 49.89 -19.79
C ILE H 435 2.76 49.59 -20.14
N ASP H 436 1.98 49.29 -19.10
CA ASP H 436 0.54 49.07 -19.29
C ASP H 436 -0.30 50.38 -19.20
N ASP H 437 0.31 51.53 -19.54
CA ASP H 437 -0.45 52.75 -19.81
C ASP H 437 -0.94 52.70 -21.25
N ILE H 438 -2.23 52.41 -21.40
CA ILE H 438 -2.91 52.36 -22.70
C ILE H 438 -2.36 53.35 -23.72
N ASN H 439 -1.95 54.52 -23.25
CA ASN H 439 -1.62 55.67 -24.10
C ASN H 439 -0.20 55.62 -24.64
N THR H 440 0.79 55.42 -23.76
CA THR H 440 2.19 55.32 -24.20
C THR H 440 2.41 54.08 -25.08
N ILE H 441 1.45 53.15 -25.04
CA ILE H 441 1.45 52.00 -25.97
C ILE H 441 1.18 52.48 -27.41
N SER H 442 0.16 53.32 -27.58
CA SER H 442 -0.13 53.94 -28.89
C SER H 442 1.14 54.60 -29.42
N GLU H 443 1.74 55.45 -28.60
CA GLU H 443 2.97 56.13 -29.00
C GLU H 443 3.94 55.11 -29.51
N LEU H 444 4.19 54.11 -28.68
CA LEU H 444 5.14 53.06 -29.00
C LEU H 444 4.88 52.41 -30.37
N VAL H 445 3.64 51.97 -30.55
CA VAL H 445 3.23 51.27 -31.76
C VAL H 445 3.31 52.17 -32.98
N GLU H 446 2.96 53.43 -32.78
CA GLU H 446 2.88 54.35 -33.89
C GLU H 446 4.28 54.59 -34.46
N ASN H 447 5.25 54.76 -33.57
CA ASN H 447 6.63 55.00 -33.99
C ASN H 447 7.21 53.81 -34.72
N PHE H 448 6.86 52.63 -34.23
CA PHE H 448 7.29 51.37 -34.82
C PHE H 448 6.74 51.22 -36.25
N VAL H 449 5.47 51.58 -36.43
CA VAL H 449 4.85 51.46 -37.72
C VAL H 449 5.47 52.53 -38.61
N LYS H 450 5.59 53.74 -38.07
CA LYS H 450 6.19 54.87 -38.77
C LYS H 450 7.52 54.47 -39.44
N SER H 451 8.26 53.58 -38.80
CA SER H 451 9.56 53.15 -39.31
C SER H 451 9.52 51.81 -40.08
N CYS H 452 8.57 51.69 -41.04
CA CYS H 452 8.65 50.67 -42.14
C CYS H 452 8.67 51.16 -43.63
N ASP H 453 9.86 51.17 -44.26
CA ASP H 453 10.02 51.49 -45.69
C ASP H 453 10.11 52.98 -45.89
CA NLG I . -9.13 -26.37 15.44
C NLG I . -7.59 -26.12 15.21
OXT NLG I . -7.19 -26.05 14.02
O NLG I . -6.88 -26.01 16.25
CB NLG I . -9.69 -25.02 15.98
CG NLG I . -9.27 -23.86 15.02
CD NLG I . -10.33 -23.55 13.90
OE1 NLG I . -9.96 -22.93 12.86
OE2 NLG I . -11.52 -23.93 14.13
C7 NLG I . -9.59 -27.73 17.52
C8 NLG I . -10.26 -26.73 18.18
O7 NLG I . -9.41 -28.79 18.13
N2 NLG I . -9.21 -27.60 16.27
CA NLG J . 17.17 14.39 7.89
C NLG J . 15.81 14.05 8.69
OXT NLG J . 14.73 14.45 8.16
O NLG J . 15.87 13.43 9.79
CB NLG J . 17.42 13.40 6.74
CG NLG J . 16.12 13.13 5.93
CD NLG J . 15.90 14.02 4.67
OE1 NLG J . 16.47 15.15 4.60
OE2 NLG J . 15.12 13.52 3.81
C7 NLG J . 18.67 15.46 9.57
C8 NLG J . 19.88 15.45 10.28
O7 NLG J . 17.87 16.36 9.83
N2 NLG J . 18.43 14.49 8.66
#